data_5J33
#
_entry.id   5J33
#
_cell.length_a   77.200
_cell.length_b   132.868
_cell.length_c   349.426
_cell.angle_alpha   90.00
_cell.angle_beta   90.00
_cell.angle_gamma   90.00
#
_symmetry.space_group_name_H-M   'P 21 21 21'
#
loop_
_entity.id
_entity.type
_entity.pdbx_description
1 polymer '3-isopropylmalate dehydrogenase 2, chloroplastic'
2 non-polymer NICOTINAMIDE-ADENINE-DINUCLEOTIDE
3 non-polymer 'SULFATE ION'
4 non-polymer 'MAGNESIUM ION'
#
_entity_poly.entity_id   1
_entity_poly.type   'polypeptide(L)'
_entity_poly.pdbx_seq_one_letter_code
;MAAALQTNIRTVKVPATFRAVSKQSLAPFRVRCAVASPGKKRYTITLLPGDGIGPEVVSIAKNVLQQAGSLEGVEFNFRE
MPIGGAALDLVGVPLPEETISAAKESDAVLLGAIGGYKWDNNEKHLRPEKGLLQIRAALKVFANLRPATVLPQLVDASTL
KREVAEGVDLMVVRELTGGIYFGEPRGIKTNENGEEVGFNTEVYAAHEIDRIARVAFETARKRRGKLCSVDKANVLEASI
LWRKRVTALASEYPDVELSHMYVDNAAMQLVRDPKQFDTIVTNNIFGDILSDEASMITGSIGMLPSASLSDSGPGLFEPI
HGSAPDIAGQDKANPLATILSAAMLLKYGLGEEKAAKRIEDAVLVALNNGFRTGDIYSAGTKLVGCKEMGEEVLKSVDSQ
VPASV
;
_entity_poly.pdbx_strand_id   A,B,C,D,E,F,G,H
#
loop_
_chem_comp.id
_chem_comp.type
_chem_comp.name
_chem_comp.formula
MG non-polymer 'MAGNESIUM ION' 'Mg 2'
NAD non-polymer NICOTINAMIDE-ADENINE-DINUCLEOTIDE 'C21 H27 N7 O14 P2'
SO4 non-polymer 'SULFATE ION' 'O4 S -2'
#
# COMPACT_ATOMS: atom_id res chain seq x y z
N LYS A 41 -38.63 -11.92 26.70
CA LYS A 41 -37.50 -12.60 26.08
C LYS A 41 -36.55 -13.05 27.15
N ARG A 42 -35.62 -13.91 26.77
CA ARG A 42 -34.65 -14.47 27.69
C ARG A 42 -33.55 -15.12 26.87
N TYR A 43 -32.37 -14.53 26.86
CA TYR A 43 -31.27 -15.01 26.03
C TYR A 43 -30.22 -15.63 26.92
N THR A 44 -29.47 -16.58 26.37
CA THR A 44 -28.36 -17.22 27.06
C THR A 44 -27.05 -16.66 26.53
N ILE A 45 -26.26 -16.10 27.45
CA ILE A 45 -24.99 -15.46 27.13
C ILE A 45 -23.90 -16.26 27.81
N THR A 46 -22.86 -16.59 27.07
CA THR A 46 -21.70 -17.23 27.66
C THR A 46 -20.68 -16.14 27.92
N LEU A 47 -20.24 -16.01 29.15
CA LEU A 47 -19.23 -15.02 29.50
C LEU A 47 -17.89 -15.72 29.49
N LEU A 48 -16.96 -15.24 28.69
CA LEU A 48 -15.62 -15.83 28.69
C LEU A 48 -14.70 -14.75 29.22
N PRO A 49 -14.48 -14.69 30.53
CA PRO A 49 -13.76 -13.55 31.11
C PRO A 49 -12.29 -13.51 30.79
N GLY A 50 -11.73 -14.56 30.20
CA GLY A 50 -10.33 -14.59 29.89
C GLY A 50 -9.40 -14.24 31.05
N ASP A 51 -8.36 -13.48 30.74
CA ASP A 51 -7.26 -13.20 31.66
C ASP A 51 -7.01 -11.71 31.78
N GLY A 52 -5.97 -11.38 32.52
CA GLY A 52 -5.53 -10.00 32.59
C GLY A 52 -6.66 -9.12 33.09
N ILE A 53 -6.96 -8.09 32.31
CA ILE A 53 -8.07 -7.21 32.66
C ILE A 53 -9.41 -7.78 32.27
N GLY A 54 -9.41 -8.89 31.54
CA GLY A 54 -10.61 -9.51 31.06
C GLY A 54 -11.73 -9.58 32.07
N PRO A 55 -11.47 -10.18 33.21
CA PRO A 55 -12.56 -10.30 34.20
C PRO A 55 -13.23 -8.99 34.52
N GLU A 56 -12.47 -7.96 34.90
CA GLU A 56 -13.10 -6.71 35.34
C GLU A 56 -13.91 -6.07 34.22
N VAL A 57 -13.38 -6.01 33.01
CA VAL A 57 -14.11 -5.32 31.95
C VAL A 57 -15.38 -6.09 31.60
N VAL A 58 -15.33 -7.42 31.60
CA VAL A 58 -16.52 -8.18 31.29
C VAL A 58 -17.52 -8.05 32.42
N SER A 59 -17.04 -8.10 33.67
CA SER A 59 -17.91 -7.91 34.81
C SER A 59 -18.70 -6.62 34.69
N ILE A 60 -18.00 -5.54 34.36
CA ILE A 60 -18.65 -4.25 34.20
C ILE A 60 -19.63 -4.30 33.04
N ALA A 61 -19.19 -4.86 31.92
CA ALA A 61 -20.09 -4.99 30.79
C ALA A 61 -21.27 -5.87 31.11
N LYS A 62 -21.08 -6.91 31.93
CA LYS A 62 -22.19 -7.80 32.29
C LYS A 62 -23.29 -7.01 32.97
N ASN A 63 -22.90 -6.10 33.87
CA ASN A 63 -23.89 -5.27 34.52
C ASN A 63 -24.57 -4.32 33.54
N VAL A 64 -23.80 -3.69 32.63
CA VAL A 64 -24.43 -2.79 31.67
C VAL A 64 -25.33 -3.54 30.72
N LEU A 65 -24.85 -4.70 30.22
CA LEU A 65 -25.66 -5.53 29.35
C LEU A 65 -26.97 -5.90 30.02
N GLN A 66 -26.90 -6.25 31.30
CA GLN A 66 -28.07 -6.63 32.06
C GLN A 66 -29.07 -5.49 32.13
N GLN A 67 -28.63 -4.31 32.56
CA GLN A 67 -29.55 -3.20 32.76
C GLN A 67 -30.12 -2.70 31.45
N ALA A 68 -29.27 -2.54 30.43
CA ALA A 68 -29.74 -1.99 29.17
C ALA A 68 -30.76 -2.93 28.55
N GLY A 69 -30.45 -4.22 28.51
CA GLY A 69 -31.43 -5.15 28.03
C GLY A 69 -32.66 -5.19 28.92
N SER A 70 -32.45 -5.13 30.24
CA SER A 70 -33.56 -5.21 31.17
C SER A 70 -34.59 -4.13 30.94
N LEU A 71 -34.16 -2.94 30.53
CA LEU A 71 -35.12 -1.86 30.36
C LEU A 71 -36.07 -2.12 29.21
N GLU A 72 -35.63 -2.90 28.22
CA GLU A 72 -36.43 -3.22 27.04
C GLU A 72 -37.08 -4.58 27.16
N GLY A 73 -37.33 -5.02 28.39
CA GLY A 73 -38.05 -6.24 28.62
C GLY A 73 -37.27 -7.49 28.26
N VAL A 74 -35.96 -7.48 28.49
CA VAL A 74 -35.10 -8.58 28.11
C VAL A 74 -34.30 -9.05 29.33
N GLU A 75 -34.22 -10.35 29.51
CA GLU A 75 -33.48 -10.99 30.58
C GLU A 75 -32.33 -11.79 30.03
N PHE A 76 -31.38 -12.16 30.88
CA PHE A 76 -30.25 -12.94 30.40
C PHE A 76 -29.90 -14.07 31.36
N ASN A 77 -29.49 -15.21 30.79
CA ASN A 77 -28.91 -16.34 31.53
C ASN A 77 -27.41 -16.27 31.30
N PHE A 78 -26.67 -15.80 32.28
CA PHE A 78 -25.23 -15.68 32.14
C PHE A 78 -24.53 -16.95 32.63
N ARG A 79 -23.64 -17.50 31.78
CA ARG A 79 -22.94 -18.74 32.04
C ARG A 79 -21.45 -18.50 31.80
N GLU A 80 -20.64 -18.56 32.85
CA GLU A 80 -19.23 -18.24 32.76
C GLU A 80 -18.42 -19.50 32.49
N MET A 81 -17.47 -19.40 31.59
CA MET A 81 -16.65 -20.55 31.23
C MET A 81 -15.17 -20.19 31.22
N PRO A 82 -14.28 -21.17 31.41
CA PRO A 82 -12.85 -20.88 31.42
C PRO A 82 -12.32 -20.84 30.01
N ILE A 83 -11.39 -19.92 29.77
CA ILE A 83 -10.75 -19.75 28.48
C ILE A 83 -9.35 -19.22 28.71
N GLY A 84 -8.41 -19.62 27.86
CA GLY A 84 -7.07 -19.03 27.96
C GLY A 84 -6.36 -19.46 29.22
N GLY A 85 -5.72 -18.51 29.91
CA GLY A 85 -4.95 -18.83 31.09
C GLY A 85 -5.77 -19.45 32.21
N ALA A 86 -6.99 -18.98 32.39
CA ALA A 86 -7.88 -19.56 33.39
C ALA A 86 -8.06 -21.05 33.18
N ALA A 87 -8.37 -21.45 31.96
CA ALA A 87 -8.57 -22.86 31.68
C ALA A 87 -7.25 -23.63 31.77
N LEU A 88 -6.15 -23.05 31.30
CA LEU A 88 -4.88 -23.74 31.49
C LEU A 88 -4.64 -24.03 32.97
N ASP A 89 -4.97 -23.05 33.83
CA ASP A 89 -4.79 -23.24 35.26
C ASP A 89 -5.77 -24.22 35.84
N LEU A 90 -6.90 -24.45 35.16
CA LEU A 90 -7.94 -25.37 35.68
C LEU A 90 -7.76 -26.77 35.12
N VAL A 91 -8.03 -26.92 33.84
CA VAL A 91 -8.05 -28.23 33.21
C VAL A 91 -6.82 -28.50 32.39
N GLY A 92 -5.95 -27.52 32.23
CA GLY A 92 -4.68 -27.71 31.54
C GLY A 92 -4.68 -27.47 30.04
N VAL A 93 -5.77 -27.00 29.45
CA VAL A 93 -5.74 -26.64 28.04
C VAL A 93 -6.34 -25.26 27.83
N PRO A 94 -5.95 -24.55 26.77
CA PRO A 94 -6.49 -23.22 26.54
C PRO A 94 -7.97 -23.18 26.26
N LEU A 95 -8.53 -24.21 25.64
CA LEU A 95 -9.95 -24.24 25.31
C LEU A 95 -10.54 -25.60 25.65
N PRO A 96 -11.20 -25.73 26.79
CA PRO A 96 -11.79 -27.01 27.17
C PRO A 96 -12.97 -27.38 26.31
N GLU A 97 -13.15 -28.69 26.08
CA GLU A 97 -14.26 -29.14 25.25
C GLU A 97 -15.60 -28.74 25.87
N GLU A 98 -15.69 -28.73 27.20
CA GLU A 98 -16.89 -28.24 27.86
C GLU A 98 -17.14 -26.77 27.57
N THR A 99 -16.08 -25.97 27.44
CA THR A 99 -16.27 -24.56 27.13
C THR A 99 -16.86 -24.39 25.73
N ILE A 100 -16.35 -25.14 24.75
CA ILE A 100 -16.84 -24.98 23.39
C ILE A 100 -18.32 -25.29 23.33
N SER A 101 -18.73 -26.42 23.90
CA SER A 101 -20.14 -26.78 23.85
C SER A 101 -21.00 -25.72 24.50
N ALA A 102 -20.60 -25.27 25.68
CA ALA A 102 -21.37 -24.21 26.32
C ALA A 102 -21.42 -22.97 25.44
N ALA A 103 -20.36 -22.72 24.68
CA ALA A 103 -20.35 -21.54 23.83
C ALA A 103 -21.25 -21.74 22.63
N LYS A 104 -21.30 -22.96 22.11
CA LYS A 104 -22.09 -23.20 20.92
C LYS A 104 -23.57 -23.06 21.22
N GLU A 105 -24.02 -23.58 22.36
CA GLU A 105 -25.44 -23.68 22.66
C GLU A 105 -26.04 -22.40 23.20
N SER A 106 -25.24 -21.34 23.34
CA SER A 106 -25.68 -20.03 23.79
C SER A 106 -26.01 -19.13 22.61
N ASP A 107 -26.74 -18.05 22.88
CA ASP A 107 -27.14 -17.08 21.85
C ASP A 107 -26.06 -16.09 21.46
N ALA A 108 -25.16 -15.76 22.38
CA ALA A 108 -24.10 -14.82 22.12
C ALA A 108 -22.97 -15.14 23.07
N VAL A 109 -21.76 -14.82 22.67
CA VAL A 109 -20.58 -15.11 23.47
C VAL A 109 -19.91 -13.78 23.76
N LEU A 110 -19.61 -13.53 25.02
CA LEU A 110 -18.96 -12.29 25.44
C LEU A 110 -17.64 -12.65 26.08
N LEU A 111 -16.55 -12.23 25.43
CA LEU A 111 -15.20 -12.58 25.85
C LEU A 111 -14.51 -11.31 26.34
N GLY A 112 -13.57 -11.48 27.25
CA GLY A 112 -12.73 -10.39 27.68
C GLY A 112 -11.48 -10.33 26.85
N ALA A 113 -10.42 -10.94 27.36
CA ALA A 113 -9.15 -11.03 26.65
C ALA A 113 -8.47 -12.29 27.10
N ILE A 114 -7.25 -12.50 26.61
CA ILE A 114 -6.56 -13.76 26.81
C ILE A 114 -5.07 -13.50 26.96
N GLY A 115 -4.40 -14.33 27.74
CA GLY A 115 -2.96 -14.27 27.76
C GLY A 115 -2.44 -13.57 28.97
N GLY A 116 -1.20 -13.87 29.31
CA GLY A 116 -0.59 -13.34 30.52
C GLY A 116 0.80 -13.89 30.66
N TYR A 117 1.59 -13.22 31.49
CA TYR A 117 2.99 -13.58 31.63
C TYR A 117 3.15 -15.02 32.10
N LYS A 118 2.29 -15.45 33.02
CA LYS A 118 2.46 -16.75 33.67
C LYS A 118 2.58 -17.85 32.64
N TRP A 119 1.80 -17.76 31.56
CA TRP A 119 1.71 -18.80 30.57
C TRP A 119 2.53 -18.53 29.31
N ASP A 120 3.31 -17.45 29.28
CA ASP A 120 4.05 -17.12 28.07
C ASP A 120 5.11 -18.15 27.70
N ASN A 121 5.42 -19.11 28.58
CA ASN A 121 6.52 -20.03 28.32
C ASN A 121 6.07 -21.45 28.02
N ASN A 122 4.77 -21.69 27.87
CA ASN A 122 4.26 -23.03 27.58
C ASN A 122 4.68 -23.48 26.19
N GLU A 123 4.56 -24.78 25.92
CA GLU A 123 4.74 -25.28 24.57
C GLU A 123 3.69 -24.66 23.64
N LYS A 124 4.04 -24.54 22.36
CA LYS A 124 3.17 -23.84 21.42
C LYS A 124 1.75 -24.35 21.49
N HIS A 125 1.55 -25.67 21.54
CA HIS A 125 0.20 -26.21 21.68
C HIS A 125 -0.53 -25.73 22.92
N LEU A 126 0.17 -25.17 23.90
CA LEU A 126 -0.42 -24.91 25.20
C LEU A 126 -0.54 -23.43 25.54
N ARG A 127 -0.40 -22.54 24.55
CA ARG A 127 -0.45 -21.10 24.71
C ARG A 127 -1.90 -20.62 24.83
N PRO A 128 -2.19 -19.70 25.75
CA PRO A 128 -3.57 -19.24 25.89
C PRO A 128 -4.10 -18.65 24.62
N GLU A 129 -3.24 -17.94 23.89
CA GLU A 129 -3.67 -17.31 22.65
C GLU A 129 -4.25 -18.33 21.67
N LYS A 130 -3.73 -19.56 21.66
CA LYS A 130 -4.27 -20.61 20.80
C LYS A 130 -5.70 -20.92 21.12
N GLY A 131 -6.12 -20.74 22.37
CA GLY A 131 -7.51 -20.96 22.70
C GLY A 131 -8.41 -19.95 22.04
N LEU A 132 -7.94 -18.71 21.92
CA LEU A 132 -8.72 -17.72 21.21
C LEU A 132 -8.93 -18.16 19.79
N LEU A 133 -7.84 -18.54 19.11
CA LEU A 133 -7.96 -18.98 17.73
C LEU A 133 -8.90 -20.16 17.63
N GLN A 134 -8.83 -21.06 18.60
CA GLN A 134 -9.63 -22.27 18.54
C GLN A 134 -11.11 -21.96 18.71
N ILE A 135 -11.45 -21.07 19.65
CA ILE A 135 -12.86 -20.76 19.86
C ILE A 135 -13.46 -20.04 18.65
N ARG A 136 -12.65 -19.30 17.91
CA ARG A 136 -13.17 -18.65 16.70
C ARG A 136 -13.47 -19.68 15.60
N ALA A 137 -12.53 -20.59 15.35
CA ALA A 137 -12.78 -21.61 14.36
C ALA A 137 -13.92 -22.51 14.85
N ALA A 138 -13.91 -22.86 16.13
CA ALA A 138 -14.97 -23.71 16.62
C ALA A 138 -16.32 -23.07 16.39
N LEU A 139 -16.43 -21.76 16.68
CA LEU A 139 -17.66 -21.02 16.44
C LEU A 139 -17.81 -20.55 15.00
N LYS A 140 -16.80 -20.77 14.18
CA LYS A 140 -16.91 -20.46 12.76
C LYS A 140 -17.31 -19.01 12.52
N VAL A 141 -16.71 -18.10 13.28
CA VAL A 141 -16.97 -16.66 13.16
C VAL A 141 -15.92 -16.07 12.21
N PHE A 142 -16.18 -16.15 10.90
CA PHE A 142 -15.21 -15.65 9.93
C PHE A 142 -15.24 -14.14 9.79
N ALA A 143 -16.38 -13.51 10.03
CA ALA A 143 -16.56 -12.09 9.75
C ALA A 143 -16.30 -11.32 11.02
N ASN A 144 -15.23 -10.55 11.03
CA ASN A 144 -14.81 -9.76 12.18
C ASN A 144 -15.08 -8.31 11.83
N LEU A 145 -15.85 -7.62 12.65
CA LEU A 145 -16.19 -6.23 12.43
C LEU A 145 -15.59 -5.43 13.57
N ARG A 146 -14.58 -4.62 13.26
CA ARG A 146 -13.97 -3.74 14.24
C ARG A 146 -14.19 -2.30 13.83
N PRO A 147 -15.13 -1.59 14.41
CA PRO A 147 -15.41 -0.23 13.96
C PRO A 147 -14.71 0.83 14.77
N ALA A 148 -13.93 1.65 14.09
CA ALA A 148 -13.21 2.76 14.70
C ALA A 148 -13.85 4.04 14.16
N THR A 149 -14.66 4.68 15.01
CA THR A 149 -15.25 5.97 14.67
C THR A 149 -14.97 6.92 15.81
N VAL A 150 -14.51 8.12 15.48
CA VAL A 150 -14.04 9.08 16.47
C VAL A 150 -15.21 9.88 17.03
N LEU A 151 -15.40 9.78 18.30
CA LEU A 151 -16.43 10.47 19.05
C LEU A 151 -16.03 11.92 19.28
N PRO A 152 -16.99 12.85 19.31
CA PRO A 152 -16.62 14.25 19.47
C PRO A 152 -15.90 14.52 20.78
N GLN A 153 -16.23 13.77 21.84
CA GLN A 153 -15.63 14.03 23.14
C GLN A 153 -14.19 13.58 23.19
N LEU A 154 -13.82 12.61 22.38
CA LEU A 154 -12.51 12.01 22.49
C LEU A 154 -11.55 12.52 21.42
N VAL A 155 -11.91 13.60 20.72
CA VAL A 155 -11.02 14.09 19.68
C VAL A 155 -9.70 14.50 20.30
N ASP A 156 -9.77 15.18 21.44
CA ASP A 156 -8.57 15.63 22.12
C ASP A 156 -7.80 14.46 22.67
N ALA A 157 -8.44 13.31 22.80
CA ALA A 157 -7.73 12.16 23.33
C ALA A 157 -6.80 11.54 22.30
N SER A 158 -7.03 11.81 21.03
CA SER A 158 -6.15 11.25 20.02
C SER A 158 -4.80 11.93 20.02
N THR A 159 -3.82 11.25 19.44
CA THR A 159 -2.55 11.88 19.13
C THR A 159 -2.50 12.40 17.70
N LEU A 160 -3.49 12.07 16.87
CA LEU A 160 -3.58 12.73 15.59
C LEU A 160 -4.19 14.11 15.83
N LYS A 161 -3.74 15.07 15.04
CA LYS A 161 -4.24 16.43 15.15
C LYS A 161 -5.75 16.45 14.96
N ARG A 162 -6.40 17.50 15.46
CA ARG A 162 -7.85 17.56 15.41
C ARG A 162 -8.36 17.42 13.98
N GLU A 163 -7.82 18.24 13.05
CA GLU A 163 -8.38 18.23 11.70
C GLU A 163 -8.26 16.86 11.07
N VAL A 164 -7.19 16.12 11.37
CA VAL A 164 -7.01 14.80 10.80
C VAL A 164 -7.97 13.81 11.41
N ALA A 165 -8.15 13.89 12.72
CA ALA A 165 -8.83 12.84 13.45
C ALA A 165 -10.28 13.14 13.71
N GLU A 166 -10.74 14.35 13.44
CA GLU A 166 -12.11 14.71 13.73
C GLU A 166 -12.96 14.28 12.54
N GLY A 167 -14.00 13.52 12.83
CA GLY A 167 -14.88 13.01 11.82
C GLY A 167 -14.39 11.75 11.16
N VAL A 168 -13.28 11.19 11.62
CA VAL A 168 -12.84 9.89 11.14
C VAL A 168 -13.98 8.90 11.35
N ASP A 169 -14.11 7.98 10.43
CA ASP A 169 -15.14 6.97 10.54
C ASP A 169 -14.73 5.86 9.60
N LEU A 170 -14.67 4.64 10.10
CA LEU A 170 -14.26 3.54 9.23
C LEU A 170 -14.63 2.26 9.96
N MET A 171 -14.81 1.18 9.20
CA MET A 171 -15.11 -0.14 9.73
C MET A 171 -14.21 -1.15 9.08
N VAL A 172 -13.50 -1.95 9.86
CA VAL A 172 -12.59 -2.93 9.30
C VAL A 172 -13.31 -4.27 9.32
N VAL A 173 -13.40 -4.94 8.17
CA VAL A 173 -13.98 -6.27 8.06
C VAL A 173 -12.82 -7.25 7.87
N ARG A 174 -12.53 -8.05 8.88
CA ARG A 174 -11.32 -8.85 8.92
C ARG A 174 -11.67 -10.32 8.80
N GLU A 175 -10.90 -11.04 7.99
CA GLU A 175 -11.09 -12.48 7.86
C GLU A 175 -10.53 -13.17 9.09
N LEU A 176 -11.40 -13.83 9.84
CA LEU A 176 -11.04 -14.21 11.20
C LEU A 176 -10.57 -15.63 11.34
N THR A 177 -11.20 -16.56 10.63
CA THR A 177 -10.97 -17.98 10.86
C THR A 177 -10.01 -18.62 9.86
N GLY A 178 -9.63 -17.92 8.80
CA GLY A 178 -8.68 -18.44 7.84
C GLY A 178 -7.32 -17.76 7.93
N GLY A 179 -6.50 -18.04 6.93
CA GLY A 179 -5.25 -17.33 6.76
C GLY A 179 -4.11 -17.92 7.56
N ILE A 180 -3.06 -17.09 7.69
CA ILE A 180 -1.80 -17.55 8.26
C ILE A 180 -1.99 -18.00 9.70
N TYR A 181 -2.99 -17.46 10.39
CA TYR A 181 -3.26 -17.85 11.75
C TYR A 181 -3.77 -19.27 11.82
N PHE A 182 -4.34 -19.77 10.73
CA PHE A 182 -4.81 -21.15 10.67
C PHE A 182 -4.17 -22.00 9.57
N GLY A 183 -3.10 -21.54 8.94
CA GLY A 183 -2.64 -22.22 7.75
C GLY A 183 -1.78 -23.42 8.07
N GLU A 184 -2.10 -24.55 7.45
CA GLU A 184 -1.25 -25.74 7.47
C GLU A 184 -0.69 -25.81 6.05
N PRO A 185 0.58 -26.22 5.90
CA PRO A 185 1.52 -26.68 6.91
C PRO A 185 1.99 -25.56 7.80
N ARG A 186 2.51 -25.90 8.97
CA ARG A 186 3.01 -24.96 9.95
C ARG A 186 3.75 -25.75 11.00
N GLY A 187 4.74 -25.13 11.62
CA GLY A 187 5.49 -25.78 12.67
C GLY A 187 6.94 -25.34 12.65
N ILE A 188 7.72 -25.97 13.53
CA ILE A 188 9.17 -25.80 13.56
C ILE A 188 9.80 -27.16 13.37
N LYS A 189 10.47 -27.33 12.24
CA LYS A 189 11.13 -28.54 11.79
C LYS A 189 12.63 -28.31 11.83
N THR A 190 13.38 -29.31 11.40
CA THR A 190 14.82 -29.20 11.29
C THR A 190 15.29 -29.77 9.96
N ASN A 191 15.87 -28.94 9.09
CA ASN A 191 16.41 -29.43 7.82
C ASN A 191 17.69 -30.22 8.09
N GLU A 192 18.22 -30.87 7.04
CA GLU A 192 19.33 -31.80 7.26
C GLU A 192 20.56 -31.09 7.79
N ASN A 193 20.70 -29.80 7.52
CA ASN A 193 21.79 -29.10 8.16
C ASN A 193 21.46 -28.71 9.58
N GLY A 194 20.45 -29.35 10.16
CA GLY A 194 20.23 -29.26 11.59
C GLY A 194 19.76 -27.92 12.08
N GLU A 195 19.43 -27.04 11.15
CA GLU A 195 19.00 -25.70 11.50
C GLU A 195 17.53 -25.76 11.78
N GLU A 196 17.09 -25.05 12.82
CA GLU A 196 15.67 -25.05 13.08
C GLU A 196 15.07 -24.07 12.09
N VAL A 197 13.95 -24.45 11.50
CA VAL A 197 13.32 -23.64 10.48
C VAL A 197 11.85 -23.53 10.82
N GLY A 198 11.40 -22.30 11.04
CA GLY A 198 10.01 -22.05 11.40
C GLY A 198 9.23 -21.61 10.18
N PHE A 199 7.96 -21.98 10.15
CA PHE A 199 7.15 -21.70 8.98
C PHE A 199 5.67 -21.67 9.33
N ASN A 200 4.96 -20.80 8.63
CA ASN A 200 3.52 -20.81 8.58
C ASN A 200 3.11 -20.63 7.14
N THR A 201 1.88 -21.00 6.81
CA THR A 201 1.38 -20.93 5.44
C THR A 201 0.24 -19.93 5.41
N GLU A 202 0.44 -18.79 4.73
CA GLU A 202 -0.69 -17.89 4.47
C GLU A 202 -1.42 -18.45 3.26
N VAL A 203 -2.63 -18.94 3.50
CA VAL A 203 -3.42 -19.65 2.51
C VAL A 203 -4.88 -19.27 2.64
N TYR A 204 -5.50 -18.95 1.52
CA TYR A 204 -6.91 -18.69 1.48
C TYR A 204 -7.51 -19.46 0.33
N ALA A 205 -8.58 -20.19 0.63
CA ALA A 205 -9.35 -20.79 -0.44
C ALA A 205 -10.34 -19.76 -0.96
N ALA A 206 -10.81 -19.99 -2.18
CA ALA A 206 -11.62 -18.98 -2.84
C ALA A 206 -12.84 -18.63 -2.02
N HIS A 207 -13.57 -19.63 -1.51
CA HIS A 207 -14.76 -19.30 -0.74
C HIS A 207 -14.42 -18.53 0.52
N GLU A 208 -13.21 -18.72 1.06
CA GLU A 208 -12.85 -17.94 2.24
C GLU A 208 -12.88 -16.47 1.89
N ILE A 209 -12.34 -16.11 0.74
CA ILE A 209 -12.35 -14.72 0.29
C ILE A 209 -13.76 -14.27 -0.02
N ASP A 210 -14.51 -15.08 -0.77
CA ASP A 210 -15.82 -14.64 -1.25
C ASP A 210 -16.74 -14.20 -0.12
N ARG A 211 -16.90 -15.03 0.89
CA ARG A 211 -17.88 -14.75 1.93
C ARG A 211 -17.53 -13.52 2.71
N ILE A 212 -16.25 -13.30 2.94
CA ILE A 212 -15.89 -12.11 3.71
C ILE A 212 -16.04 -10.85 2.87
N ALA A 213 -15.76 -10.93 1.57
CA ALA A 213 -15.99 -9.80 0.68
C ALA A 213 -17.46 -9.46 0.68
N ARG A 214 -18.31 -10.48 0.64
CA ARG A 214 -19.74 -10.21 0.73
C ARG A 214 -20.07 -9.43 1.99
N VAL A 215 -19.51 -9.82 3.14
CA VAL A 215 -19.76 -9.08 4.36
C VAL A 215 -19.29 -7.64 4.21
N ALA A 216 -18.14 -7.45 3.56
CA ALA A 216 -17.62 -6.09 3.35
C ALA A 216 -18.56 -5.25 2.50
N PHE A 217 -18.99 -5.81 1.37
CA PHE A 217 -19.91 -5.10 0.51
C PHE A 217 -21.21 -4.80 1.22
N GLU A 218 -21.77 -5.81 1.89
CA GLU A 218 -23.03 -5.62 2.60
C GLU A 218 -22.87 -4.54 3.66
N THR A 219 -21.70 -4.52 4.32
CA THR A 219 -21.43 -3.48 5.31
C THR A 219 -21.37 -2.13 4.64
N ALA A 220 -20.69 -2.03 3.50
CA ALA A 220 -20.61 -0.74 2.84
C ALA A 220 -21.98 -0.21 2.48
N ARG A 221 -22.86 -1.04 1.92
CA ARG A 221 -24.14 -0.50 1.45
C ARG A 221 -25.00 0.05 2.59
N LYS A 222 -24.87 -0.48 3.81
CA LYS A 222 -25.53 0.15 4.95
C LYS A 222 -24.76 1.36 5.45
N ARG A 223 -23.60 1.60 4.90
CA ARG A 223 -22.64 2.57 5.43
C ARG A 223 -22.60 3.75 4.47
N ARG A 224 -21.45 4.14 3.94
CA ARG A 224 -21.34 5.24 2.99
C ARG A 224 -21.01 4.77 1.58
N GLY A 225 -21.04 3.47 1.33
CA GLY A 225 -20.91 3.01 -0.03
C GLY A 225 -19.52 3.04 -0.61
N LYS A 226 -18.50 2.90 0.20
CA LYS A 226 -17.13 2.79 -0.30
C LYS A 226 -16.50 1.55 0.31
N LEU A 227 -15.75 0.81 -0.47
CA LEU A 227 -15.08 -0.37 0.04
C LEU A 227 -13.63 -0.30 -0.38
N CYS A 228 -12.73 -0.70 0.50
CA CYS A 228 -11.32 -0.64 0.20
C CYS A 228 -10.70 -1.96 0.57
N SER A 229 -10.30 -2.73 -0.42
CA SER A 229 -9.64 -4.01 -0.20
C SER A 229 -8.15 -3.78 -0.06
N VAL A 230 -7.55 -4.34 0.99
CA VAL A 230 -6.15 -4.16 1.29
C VAL A 230 -5.45 -5.51 1.21
N ASP A 231 -4.36 -5.57 0.44
CA ASP A 231 -3.62 -6.81 0.24
C ASP A 231 -2.16 -6.48 0.02
N LYS A 232 -1.41 -7.49 -0.42
CA LYS A 232 -0.08 -7.30 -0.98
C LYS A 232 0.02 -8.09 -2.29
N ALA A 233 -0.81 -7.73 -3.27
CA ALA A 233 -0.86 -8.43 -4.56
C ALA A 233 0.33 -8.12 -5.46
N ASN A 234 1.23 -7.25 -5.06
CA ASN A 234 2.48 -7.05 -5.78
C ASN A 234 3.53 -8.08 -5.42
N VAL A 235 3.29 -8.90 -4.40
CA VAL A 235 4.24 -9.91 -3.97
C VAL A 235 3.54 -11.25 -3.73
N LEU A 236 2.36 -11.24 -3.11
CA LEU A 236 1.74 -12.46 -2.59
C LEU A 236 0.69 -13.04 -3.53
N GLU A 237 0.90 -14.29 -3.97
CA GLU A 237 -0.12 -14.99 -4.74
C GLU A 237 -1.36 -15.23 -3.90
N ALA A 238 -1.25 -15.26 -2.58
CA ALA A 238 -2.45 -15.36 -1.80
C ALA A 238 -3.32 -14.16 -2.04
N SER A 239 -2.70 -12.98 -2.01
CA SER A 239 -3.39 -11.72 -2.22
C SER A 239 -3.81 -11.52 -3.67
N ILE A 240 -3.06 -12.09 -4.62
CA ILE A 240 -3.46 -11.99 -6.02
C ILE A 240 -4.84 -12.58 -6.16
N LEU A 241 -5.02 -13.77 -5.61
CA LEU A 241 -6.34 -14.38 -5.57
C LEU A 241 -7.30 -13.56 -4.75
N TRP A 242 -6.84 -12.96 -3.64
CA TRP A 242 -7.73 -12.11 -2.86
C TRP A 242 -8.26 -11.01 -3.77
N ARG A 243 -7.37 -10.36 -4.53
CA ARG A 243 -7.79 -9.31 -5.46
C ARG A 243 -8.67 -9.85 -6.57
N LYS A 244 -8.24 -10.96 -7.19
CA LYS A 244 -9.04 -11.54 -8.24
C LYS A 244 -10.46 -11.84 -7.82
N ARG A 245 -10.64 -12.33 -6.61
CA ARG A 245 -11.97 -12.69 -6.17
C ARG A 245 -12.79 -11.48 -5.74
N VAL A 246 -12.15 -10.48 -5.15
CA VAL A 246 -12.89 -9.34 -4.65
C VAL A 246 -13.39 -8.47 -5.79
N THR A 247 -12.53 -8.22 -6.77
CA THR A 247 -12.97 -7.47 -7.93
C THR A 247 -14.12 -8.20 -8.62
N ALA A 248 -14.07 -9.54 -8.64
CA ALA A 248 -15.12 -10.33 -9.26
C ALA A 248 -16.47 -10.02 -8.64
N LEU A 249 -16.56 -10.03 -7.31
CA LEU A 249 -17.84 -9.76 -6.69
C LEU A 249 -18.28 -8.32 -6.88
N ALA A 250 -17.41 -7.44 -7.36
CA ALA A 250 -17.78 -6.04 -7.48
C ALA A 250 -18.92 -5.88 -8.45
N SER A 251 -19.01 -6.77 -9.44
CA SER A 251 -20.11 -6.71 -10.37
C SER A 251 -21.43 -6.95 -9.68
N GLU A 252 -21.44 -7.70 -8.58
CA GLU A 252 -22.67 -7.99 -7.84
C GLU A 252 -23.12 -6.84 -6.96
N TYR A 253 -22.24 -5.88 -6.69
CA TYR A 253 -22.53 -4.73 -5.82
C TYR A 253 -22.13 -3.45 -6.54
N PRO A 254 -22.95 -2.98 -7.48
CA PRO A 254 -22.67 -1.68 -8.09
C PRO A 254 -22.93 -0.56 -7.13
N ASP A 255 -23.73 -0.83 -6.10
CA ASP A 255 -24.01 0.16 -5.08
C ASP A 255 -22.77 0.58 -4.32
N VAL A 256 -21.75 -0.26 -4.29
CA VAL A 256 -20.52 -0.06 -3.52
C VAL A 256 -19.39 0.32 -4.45
N GLU A 257 -18.67 1.34 -4.09
CA GLU A 257 -17.56 1.84 -4.89
C GLU A 257 -16.31 1.19 -4.33
N LEU A 258 -15.72 0.29 -5.10
CA LEU A 258 -14.63 -0.53 -4.61
C LEU A 258 -13.30 0.01 -5.09
N SER A 259 -12.31 0.03 -4.20
CA SER A 259 -10.97 0.46 -4.50
C SER A 259 -9.97 -0.47 -3.84
N HIS A 260 -8.76 -0.54 -4.39
CA HIS A 260 -7.75 -1.44 -3.88
C HIS A 260 -6.49 -0.71 -3.45
N MET A 261 -5.92 -1.09 -2.30
CA MET A 261 -4.77 -0.40 -1.74
C MET A 261 -3.81 -1.41 -1.12
N TYR A 262 -2.50 -1.29 -1.40
CA TYR A 262 -1.56 -2.25 -0.83
C TYR A 262 -1.39 -1.98 0.66
N VAL A 263 -0.99 -3.00 1.43
CA VAL A 263 -1.08 -2.85 2.89
C VAL A 263 -0.10 -1.82 3.39
N ASP A 264 1.08 -1.69 2.79
CA ASP A 264 2.03 -0.72 3.30
C ASP A 264 1.51 0.70 3.13
N ASN A 265 0.94 1.05 1.98
CA ASN A 265 0.29 2.37 1.88
C ASN A 265 -0.86 2.46 2.87
N ALA A 266 -1.59 1.37 3.04
CA ALA A 266 -2.74 1.40 3.94
C ALA A 266 -2.33 1.85 5.32
N ALA A 267 -1.23 1.32 5.83
CA ALA A 267 -0.75 1.76 7.14
C ALA A 267 -0.42 3.25 7.12
N MET A 268 0.24 3.72 6.08
CA MET A 268 0.52 5.14 6.05
C MET A 268 -0.76 5.92 5.85
N GLN A 269 -1.74 5.34 5.17
CA GLN A 269 -2.98 6.08 4.93
C GLN A 269 -3.78 6.24 6.20
N LEU A 270 -3.81 5.24 7.05
CA LEU A 270 -4.59 5.43 8.26
C LEU A 270 -4.03 6.54 9.12
N VAL A 271 -2.82 7.02 8.83
CA VAL A 271 -2.24 8.13 9.56
C VAL A 271 -2.24 9.40 8.75
N ARG A 272 -2.08 9.29 7.42
CA ARG A 272 -2.07 10.48 6.59
C ARG A 272 -3.44 11.12 6.48
N ASP A 273 -4.43 10.36 6.01
CA ASP A 273 -5.80 10.86 5.81
C ASP A 273 -6.79 9.77 6.11
N PRO A 274 -6.99 9.45 7.39
CA PRO A 274 -7.93 8.38 7.74
C PRO A 274 -9.37 8.76 7.50
N LYS A 275 -9.70 10.04 7.37
CA LYS A 275 -11.08 10.37 7.06
C LYS A 275 -11.54 9.73 5.76
N GLN A 276 -10.62 9.25 4.93
CA GLN A 276 -11.03 8.78 3.61
C GLN A 276 -11.82 7.49 3.69
N PHE A 277 -11.42 6.56 4.56
CA PHE A 277 -11.96 5.20 4.47
C PHE A 277 -13.40 5.14 4.94
N ASP A 278 -14.19 4.34 4.24
CA ASP A 278 -15.52 3.96 4.69
C ASP A 278 -15.55 2.55 5.23
N THR A 279 -15.27 1.59 4.39
CA THR A 279 -15.22 0.23 4.84
C THR A 279 -13.95 -0.38 4.29
N ILE A 280 -13.25 -1.11 5.13
CA ILE A 280 -12.01 -1.77 4.76
C ILE A 280 -12.21 -3.26 4.97
N VAL A 281 -11.87 -4.05 3.96
CA VAL A 281 -11.86 -5.50 4.06
C VAL A 281 -10.42 -5.96 3.89
N THR A 282 -10.03 -6.96 4.68
CA THR A 282 -8.70 -7.54 4.51
C THR A 282 -8.61 -8.86 5.25
N ASN A 283 -7.44 -9.46 5.18
CA ASN A 283 -7.25 -10.82 5.67
C ASN A 283 -6.96 -10.82 7.16
N ASN A 284 -6.67 -12.00 7.71
CA ASN A 284 -6.55 -12.14 9.15
C ASN A 284 -5.43 -11.26 9.70
N ILE A 285 -4.22 -11.47 9.19
CA ILE A 285 -3.06 -10.83 9.78
C ILE A 285 -3.06 -9.34 9.49
N PHE A 286 -3.41 -8.93 8.28
CA PHE A 286 -3.45 -7.49 8.02
C PHE A 286 -4.55 -6.83 8.82
N GLY A 287 -5.65 -7.54 9.07
CA GLY A 287 -6.70 -6.99 9.91
C GLY A 287 -6.24 -6.72 11.32
N ASP A 288 -5.48 -7.66 11.91
CA ASP A 288 -4.93 -7.45 13.24
C ASP A 288 -4.14 -6.17 13.30
N ILE A 289 -3.22 -5.98 12.36
CA ILE A 289 -2.31 -4.86 12.40
C ILE A 289 -3.06 -3.56 12.20
N LEU A 290 -3.83 -3.48 11.12
CA LEU A 290 -4.49 -2.23 10.77
C LEU A 290 -5.52 -1.85 11.81
N SER A 291 -6.28 -2.82 12.30
CA SER A 291 -7.29 -2.47 13.27
C SER A 291 -6.67 -1.96 14.56
N ASP A 292 -5.50 -2.46 14.95
CA ASP A 292 -4.85 -1.89 16.14
C ASP A 292 -4.35 -0.48 15.89
N GLU A 293 -3.80 -0.23 14.71
CA GLU A 293 -3.34 1.12 14.40
C GLU A 293 -4.49 2.10 14.40
N ALA A 294 -5.58 1.72 13.76
CA ALA A 294 -6.74 2.60 13.68
C ALA A 294 -7.28 2.92 15.06
N SER A 295 -7.00 2.10 16.06
CA SER A 295 -7.57 2.33 17.39
C SER A 295 -7.11 3.67 17.94
N MET A 296 -5.83 3.98 17.77
CA MET A 296 -5.29 5.18 18.39
C MET A 296 -5.93 6.44 17.84
N ILE A 297 -6.48 6.39 16.62
CA ILE A 297 -7.21 7.52 16.08
C ILE A 297 -8.37 7.90 16.99
N THR A 298 -9.12 6.90 17.49
CA THR A 298 -10.28 7.22 18.31
C THR A 298 -9.92 7.56 19.75
N GLY A 299 -8.66 7.40 20.14
CA GLY A 299 -8.16 7.91 21.39
C GLY A 299 -7.25 6.94 22.10
N SER A 300 -7.61 5.66 22.07
CA SER A 300 -6.82 4.60 22.68
C SER A 300 -7.36 3.27 22.18
N ILE A 301 -6.57 2.21 22.39
CA ILE A 301 -7.04 0.89 22.04
C ILE A 301 -8.19 0.46 22.90
N GLY A 302 -8.42 1.15 23.98
CA GLY A 302 -9.49 0.71 24.81
C GLY A 302 -10.85 1.19 24.39
N MET A 303 -10.96 1.84 23.24
CA MET A 303 -12.24 2.32 22.76
C MET A 303 -12.86 1.40 21.73
N LEU A 304 -12.16 0.40 21.29
CA LEU A 304 -12.67 -0.28 20.12
C LEU A 304 -13.34 -1.60 20.49
N PRO A 305 -14.60 -1.78 20.11
CA PRO A 305 -15.24 -3.09 20.22
C PRO A 305 -15.00 -3.90 18.95
N SER A 306 -15.36 -5.17 19.02
CA SER A 306 -15.29 -6.04 17.85
C SER A 306 -16.39 -7.08 17.94
N ALA A 307 -17.11 -7.27 16.86
CA ALA A 307 -18.09 -8.32 16.71
C ALA A 307 -17.55 -9.31 15.70
N SER A 308 -17.63 -10.60 16.01
CA SER A 308 -17.24 -11.65 15.08
C SER A 308 -18.45 -12.51 14.78
N LEU A 309 -18.89 -12.55 13.52
CA LEU A 309 -20.18 -13.10 13.17
C LEU A 309 -20.04 -14.35 12.30
N SER A 310 -21.09 -15.19 12.34
CA SER A 310 -21.13 -16.45 11.63
C SER A 310 -22.53 -16.67 11.06
N ASP A 311 -22.62 -17.62 10.14
CA ASP A 311 -23.91 -18.06 9.62
C ASP A 311 -24.70 -18.82 10.67
N SER A 312 -25.89 -18.33 10.97
CA SER A 312 -26.78 -18.96 11.94
C SER A 312 -26.21 -19.07 13.35
N GLY A 313 -24.91 -19.28 13.47
CA GLY A 313 -24.33 -19.59 14.75
C GLY A 313 -24.19 -18.36 15.59
N PRO A 314 -24.18 -18.54 16.91
CA PRO A 314 -24.07 -17.39 17.80
C PRO A 314 -22.69 -16.75 17.67
N GLY A 315 -22.67 -15.43 17.77
CA GLY A 315 -21.47 -14.66 17.54
C GLY A 315 -20.62 -14.48 18.78
N LEU A 316 -19.36 -14.14 18.53
CA LEU A 316 -18.35 -13.99 19.57
C LEU A 316 -17.89 -12.54 19.62
N PHE A 317 -18.11 -11.90 20.77
CA PHE A 317 -17.87 -10.48 20.93
C PHE A 317 -16.78 -10.26 21.95
N GLU A 318 -15.78 -9.47 21.58
CA GLU A 318 -14.62 -9.22 22.40
C GLU A 318 -14.17 -7.82 22.13
N PRO A 319 -13.46 -7.20 23.05
CA PRO A 319 -12.78 -5.94 22.74
C PRO A 319 -11.49 -6.27 22.02
N ILE A 320 -11.06 -5.36 21.15
CA ILE A 320 -9.91 -5.69 20.30
C ILE A 320 -8.62 -5.67 21.07
N HIS A 321 -8.60 -5.05 22.25
CA HIS A 321 -7.39 -5.00 23.04
C HIS A 321 -7.04 -6.35 23.64
N GLY A 322 -5.87 -6.40 24.23
CA GLY A 322 -5.36 -7.60 24.84
C GLY A 322 -5.83 -7.70 26.29
N SER A 323 -5.12 -8.52 27.04
CA SER A 323 -5.39 -8.71 28.45
C SER A 323 -4.68 -7.71 29.32
N ALA A 324 -3.96 -6.78 28.74
CA ALA A 324 -3.22 -5.74 29.42
C ALA A 324 -2.59 -6.23 30.71
N PRO A 325 -1.60 -7.12 30.65
CA PRO A 325 -1.03 -7.60 31.89
C PRO A 325 -0.48 -6.51 32.79
N ASP A 326 -0.24 -5.30 32.28
CA ASP A 326 0.38 -4.23 33.07
C ASP A 326 -0.59 -3.43 33.91
N ILE A 327 -1.87 -3.52 33.62
CA ILE A 327 -2.82 -2.70 34.34
C ILE A 327 -3.87 -3.58 35.03
N ALA A 328 -3.58 -4.87 35.15
CA ALA A 328 -4.57 -5.82 35.62
C ALA A 328 -4.65 -5.74 37.13
N GLY A 329 -5.86 -5.69 37.66
CA GLY A 329 -6.08 -5.59 39.09
C GLY A 329 -5.74 -4.27 39.73
N GLN A 330 -5.08 -3.35 39.01
CA GLN A 330 -4.89 -1.98 39.47
C GLN A 330 -6.14 -1.13 39.29
N ASP A 331 -7.16 -1.67 38.62
CA ASP A 331 -8.41 -0.95 38.39
C ASP A 331 -8.13 0.28 37.56
N LYS A 332 -7.21 0.16 36.63
CA LYS A 332 -6.87 1.22 35.72
C LYS A 332 -7.64 1.09 34.43
N ALA A 333 -8.17 -0.10 34.16
CA ALA A 333 -8.58 -0.49 32.83
C ALA A 333 -9.69 0.39 32.27
N ASN A 334 -9.74 0.47 30.95
CA ASN A 334 -10.82 1.13 30.23
C ASN A 334 -11.87 0.09 29.87
N PRO A 335 -13.10 0.22 30.33
CA PRO A 335 -14.09 -0.81 30.06
C PRO A 335 -14.88 -0.55 28.79
N LEU A 336 -14.83 0.67 28.28
CA LEU A 336 -15.70 1.09 27.19
C LEU A 336 -15.70 0.13 26.01
N ALA A 337 -14.51 -0.27 25.56
CA ALA A 337 -14.45 -1.20 24.44
C ALA A 337 -15.33 -2.41 24.68
N THR A 338 -15.27 -2.97 25.89
CA THR A 338 -16.10 -4.13 26.22
C THR A 338 -17.55 -3.71 26.45
N ILE A 339 -17.79 -2.55 27.06
CA ILE A 339 -19.17 -2.09 27.14
C ILE A 339 -19.73 -1.93 25.75
N LEU A 340 -18.95 -1.35 24.83
CA LEU A 340 -19.41 -1.24 23.46
C LEU A 340 -19.43 -2.58 22.75
N SER A 341 -18.51 -3.50 23.10
CA SER A 341 -18.57 -4.84 22.56
C SER A 341 -19.85 -5.53 22.99
N ALA A 342 -20.35 -5.20 24.18
CA ALA A 342 -21.67 -5.63 24.58
C ALA A 342 -22.74 -4.95 23.76
N ALA A 343 -22.53 -3.70 23.35
CA ALA A 343 -23.51 -3.04 22.50
C ALA A 343 -23.67 -3.78 21.18
N MET A 344 -22.55 -4.16 20.57
CA MET A 344 -22.57 -4.90 19.32
C MET A 344 -23.28 -6.24 19.46
N LEU A 345 -23.19 -6.83 20.65
CA LEU A 345 -23.85 -8.11 20.89
C LEU A 345 -25.34 -7.98 20.77
N LEU A 346 -25.90 -6.91 21.32
CA LEU A 346 -27.35 -6.72 21.25
C LEU A 346 -27.78 -6.37 19.84
N LYS A 347 -27.06 -5.46 19.18
CA LYS A 347 -27.46 -5.02 17.84
C LYS A 347 -27.23 -6.13 16.81
N TYR A 348 -26.01 -6.65 16.74
CA TYR A 348 -25.59 -7.52 15.63
C TYR A 348 -25.87 -8.98 15.90
N GLY A 349 -25.84 -9.40 17.15
CA GLY A 349 -25.98 -10.81 17.42
C GLY A 349 -27.39 -11.21 17.80
N LEU A 350 -28.08 -10.36 18.54
CA LEU A 350 -29.41 -10.68 19.02
C LEU A 350 -30.51 -9.81 18.43
N GLY A 351 -30.16 -8.75 17.71
CA GLY A 351 -31.20 -7.96 17.11
C GLY A 351 -32.00 -7.09 18.04
N GLU A 352 -31.56 -6.92 19.30
CA GLU A 352 -32.23 -6.00 20.21
C GLU A 352 -31.60 -4.62 20.02
N GLU A 353 -32.01 -3.96 18.92
CA GLU A 353 -31.38 -2.71 18.53
C GLU A 353 -31.66 -1.61 19.54
N LYS A 354 -32.89 -1.54 20.05
CA LYS A 354 -33.26 -0.46 20.96
C LYS A 354 -32.45 -0.53 22.24
N ALA A 355 -32.33 -1.72 22.82
CA ALA A 355 -31.47 -1.89 23.99
C ALA A 355 -30.03 -1.57 23.65
N ALA A 356 -29.56 -2.02 22.49
CA ALA A 356 -28.20 -1.74 22.06
C ALA A 356 -27.92 -0.25 21.98
N LYS A 357 -28.91 0.55 21.55
CA LYS A 357 -28.65 1.98 21.51
C LYS A 357 -28.59 2.55 22.91
N ARG A 358 -29.28 1.92 23.88
CA ARG A 358 -29.19 2.36 25.27
C ARG A 358 -27.75 2.31 25.79
N ILE A 359 -27.02 1.24 25.48
CA ILE A 359 -25.63 1.17 25.91
C ILE A 359 -24.83 2.27 25.26
N GLU A 360 -24.98 2.42 23.95
CA GLU A 360 -24.22 3.43 23.23
C GLU A 360 -24.48 4.81 23.81
N ASP A 361 -25.75 5.14 24.03
CA ASP A 361 -26.10 6.46 24.54
C ASP A 361 -25.47 6.71 25.91
N ALA A 362 -25.47 5.70 26.77
CA ALA A 362 -24.95 5.86 28.12
C ALA A 362 -23.47 6.18 28.10
N VAL A 363 -22.71 5.48 27.25
CA VAL A 363 -21.30 5.79 27.11
C VAL A 363 -21.14 7.25 26.74
N LEU A 364 -22.04 7.75 25.89
CA LEU A 364 -21.99 9.16 25.55
C LEU A 364 -22.29 10.01 26.77
N VAL A 365 -23.30 9.65 27.55
CA VAL A 365 -23.64 10.44 28.74
C VAL A 365 -22.44 10.50 29.68
N ALA A 366 -21.84 9.36 29.97
CA ALA A 366 -20.69 9.39 30.87
C ALA A 366 -19.60 10.29 30.32
N LEU A 367 -19.34 10.23 29.01
CA LEU A 367 -18.28 11.06 28.45
C LEU A 367 -18.64 12.54 28.47
N ASN A 368 -19.92 12.89 28.28
CA ASN A 368 -20.32 14.29 28.39
C ASN A 368 -20.13 14.83 29.80
N ASN A 369 -20.19 13.95 30.78
CA ASN A 369 -20.02 14.32 32.17
C ASN A 369 -18.56 14.46 32.56
N GLY A 370 -17.64 14.25 31.62
CA GLY A 370 -16.22 14.49 31.79
C GLY A 370 -15.35 13.29 32.12
N PHE A 371 -15.93 12.11 32.27
CA PHE A 371 -15.24 10.94 32.82
C PHE A 371 -14.31 10.30 31.80
N ARG A 372 -13.03 10.22 32.14
CA ARG A 372 -12.08 9.51 31.32
C ARG A 372 -11.28 8.54 32.18
N THR A 373 -10.93 7.41 31.60
CA THR A 373 -9.88 6.59 32.18
C THR A 373 -8.54 7.14 31.70
N GLY A 374 -7.46 6.52 32.16
CA GLY A 374 -6.15 7.03 31.85
C GLY A 374 -5.83 7.08 30.37
N ASP A 375 -6.25 6.07 29.62
CA ASP A 375 -5.81 6.01 28.23
C ASP A 375 -6.46 7.06 27.37
N ILE A 376 -7.63 7.55 27.76
CA ILE A 376 -8.39 8.56 27.04
C ILE A 376 -8.50 9.85 27.83
N TYR A 377 -7.58 10.07 28.75
CA TYR A 377 -7.61 11.28 29.54
C TYR A 377 -7.10 12.44 28.70
N SER A 378 -7.91 13.47 28.58
CA SER A 378 -7.52 14.73 28.00
C SER A 378 -7.75 15.81 29.06
N ALA A 379 -7.02 16.91 28.92
CA ALA A 379 -6.91 17.89 29.99
C ALA A 379 -8.27 18.45 30.38
N GLY A 380 -8.45 18.62 31.68
CA GLY A 380 -9.67 19.19 32.19
C GLY A 380 -10.83 18.24 32.24
N THR A 381 -10.58 16.96 32.03
CA THR A 381 -11.58 15.95 32.27
C THR A 381 -11.36 15.36 33.67
N LYS A 382 -12.20 14.41 34.05
CA LYS A 382 -12.17 13.80 35.37
C LYS A 382 -11.60 12.39 35.23
N LEU A 383 -10.41 12.17 35.76
CA LEU A 383 -9.77 10.86 35.62
C LEU A 383 -10.42 9.84 36.55
N VAL A 384 -10.97 8.75 36.01
CA VAL A 384 -11.45 7.64 36.83
C VAL A 384 -10.77 6.35 36.38
N GLY A 385 -10.98 5.30 37.15
CA GLY A 385 -10.47 4.01 36.77
C GLY A 385 -11.55 3.16 36.15
N CYS A 386 -11.42 1.85 36.32
CA CYS A 386 -12.30 0.95 35.59
C CYS A 386 -13.63 0.84 36.28
N LYS A 387 -13.59 0.51 37.57
CA LYS A 387 -14.78 0.28 38.37
C LYS A 387 -15.72 1.48 38.44
N GLU A 388 -15.20 2.70 38.56
CA GLU A 388 -16.20 3.76 38.61
C GLU A 388 -16.69 4.16 37.22
N MET A 389 -15.78 4.30 36.23
CA MET A 389 -16.20 4.55 34.86
C MET A 389 -17.39 3.66 34.54
N GLY A 390 -17.24 2.37 34.79
CA GLY A 390 -18.36 1.46 34.63
C GLY A 390 -19.57 1.84 35.45
N GLU A 391 -19.37 2.19 36.73
CA GLU A 391 -20.53 2.63 37.51
C GLU A 391 -21.17 3.88 36.92
N GLU A 392 -20.38 4.74 36.28
CA GLU A 392 -20.91 5.98 35.77
C GLU A 392 -21.68 5.78 34.46
N VAL A 393 -21.36 4.73 33.70
CA VAL A 393 -22.21 4.31 32.59
C VAL A 393 -23.55 3.79 33.13
N LEU A 394 -23.48 2.88 34.10
CA LEU A 394 -24.68 2.38 34.75
C LEU A 394 -25.48 3.51 35.38
N LYS A 395 -24.80 4.38 36.13
CA LYS A 395 -25.42 5.58 36.69
C LYS A 395 -26.37 6.21 35.66
N SER A 396 -25.95 6.24 34.40
CA SER A 396 -26.61 6.94 33.29
C SER A 396 -27.62 6.08 32.55
N VAL A 397 -27.40 4.77 32.45
CA VAL A 397 -28.41 3.90 31.85
C VAL A 397 -29.68 3.97 32.66
N ASP A 398 -29.55 3.93 33.98
CA ASP A 398 -30.67 3.86 34.91
C ASP A 398 -31.34 5.22 35.09
N SER A 399 -30.88 6.24 34.37
CA SER A 399 -31.52 7.55 34.38
C SER A 399 -32.58 7.68 33.30
N GLN A 400 -32.64 6.77 32.35
CA GLN A 400 -33.68 6.79 31.33
C GLN A 400 -34.32 5.41 31.21
N LYS B 41 39.86 9.64 -6.10
CA LYS B 41 39.09 8.51 -5.55
C LYS B 41 37.74 8.34 -6.24
N ARG B 42 37.69 7.38 -7.16
CA ARG B 42 36.56 7.18 -8.07
C ARG B 42 35.72 5.98 -7.64
N TYR B 43 34.40 6.10 -7.76
CA TYR B 43 33.45 5.05 -7.42
C TYR B 43 32.52 4.75 -8.59
N THR B 44 32.09 3.49 -8.67
CA THR B 44 31.19 3.03 -9.72
C THR B 44 29.79 2.89 -9.13
N ILE B 45 28.87 3.75 -9.53
CA ILE B 45 27.54 3.75 -8.96
C ILE B 45 26.56 3.38 -10.07
N THR B 46 25.68 2.42 -9.79
CA THR B 46 24.64 2.01 -10.72
C THR B 46 23.33 2.68 -10.35
N LEU B 47 22.77 3.42 -11.27
CA LEU B 47 21.47 4.05 -11.05
C LEU B 47 20.40 3.18 -11.67
N LEU B 48 19.41 2.81 -10.87
CA LEU B 48 18.26 2.06 -11.35
C LEU B 48 17.08 2.99 -11.20
N PRO B 49 16.74 3.74 -12.21
CA PRO B 49 15.72 4.76 -12.07
C PRO B 49 14.36 4.15 -11.86
N GLY B 50 13.98 3.23 -12.72
CA GLY B 50 12.69 2.62 -12.49
C GLY B 50 11.54 3.28 -13.18
N ASP B 51 10.44 3.42 -12.45
CA ASP B 51 9.21 3.90 -13.01
C ASP B 51 8.66 5.00 -12.14
N GLY B 52 7.47 5.45 -12.49
CA GLY B 52 6.77 6.39 -11.65
C GLY B 52 7.60 7.63 -11.51
N ILE B 53 7.86 8.03 -10.27
CA ILE B 53 8.73 9.16 -10.03
C ILE B 53 10.19 8.75 -9.95
N GLY B 54 10.48 7.47 -10.04
CA GLY B 54 11.84 6.98 -9.90
C GLY B 54 12.86 7.79 -10.65
N PRO B 55 12.74 7.85 -11.97
CA PRO B 55 13.66 8.69 -12.74
C PRO B 55 13.70 10.10 -12.25
N GLU B 56 12.52 10.70 -11.95
CA GLU B 56 12.49 12.09 -11.53
C GLU B 56 13.39 12.28 -10.34
N VAL B 57 13.17 11.48 -9.31
CA VAL B 57 13.86 11.68 -8.05
C VAL B 57 15.33 11.30 -8.15
N VAL B 58 15.66 10.25 -8.89
CA VAL B 58 17.06 9.83 -8.91
C VAL B 58 17.93 10.84 -9.65
N SER B 59 17.44 11.38 -10.76
CA SER B 59 18.22 12.38 -11.46
C SER B 59 18.65 13.48 -10.50
N ILE B 60 17.76 13.90 -9.61
CA ILE B 60 18.09 14.92 -8.61
C ILE B 60 19.20 14.43 -7.68
N ALA B 61 19.01 13.23 -7.12
CA ALA B 61 19.99 12.72 -6.18
C ALA B 61 21.33 12.50 -6.86
N LYS B 62 21.33 12.12 -8.14
CA LYS B 62 22.59 11.92 -8.84
C LYS B 62 23.40 13.19 -8.84
N ASN B 63 22.75 14.32 -9.13
CA ASN B 63 23.43 15.60 -9.12
C ASN B 63 23.87 15.97 -7.72
N VAL B 64 23.02 15.73 -6.72
CA VAL B 64 23.43 16.02 -5.35
C VAL B 64 24.62 15.15 -4.99
N LEU B 65 24.57 13.88 -5.40
CA LEU B 65 25.68 12.96 -5.15
C LEU B 65 26.99 13.44 -5.79
N GLN B 66 26.95 13.81 -7.06
CA GLN B 66 28.18 14.21 -7.71
C GLN B 66 28.76 15.43 -7.02
N GLN B 67 27.93 16.43 -6.74
CA GLN B 67 28.45 17.65 -6.14
C GLN B 67 28.98 17.43 -4.73
N ALA B 68 28.21 16.74 -3.89
CA ALA B 68 28.65 16.56 -2.51
C ALA B 68 29.89 15.70 -2.43
N GLY B 69 29.94 14.63 -3.18
CA GLY B 69 31.13 13.83 -3.19
C GLY B 69 32.32 14.58 -3.76
N SER B 70 32.09 15.38 -4.79
CA SER B 70 33.19 16.12 -5.38
C SER B 70 33.82 17.05 -4.35
N LEU B 71 33.03 17.62 -3.44
CA LEU B 71 33.59 18.52 -2.45
C LEU B 71 34.49 17.80 -1.46
N GLU B 72 34.27 16.51 -1.24
CA GLU B 72 35.14 15.73 -0.38
C GLU B 72 36.09 14.88 -1.20
N GLY B 73 36.35 15.29 -2.44
CA GLY B 73 37.34 14.69 -3.32
C GLY B 73 37.03 13.37 -3.98
N VAL B 74 35.77 13.09 -4.30
CA VAL B 74 35.40 11.86 -5.00
C VAL B 74 34.52 12.15 -6.20
N GLU B 75 34.80 11.46 -7.31
CA GLU B 75 34.03 11.52 -8.56
C GLU B 75 33.41 10.14 -8.74
N PHE B 76 32.43 10.02 -9.62
CA PHE B 76 31.67 8.78 -9.72
C PHE B 76 31.48 8.35 -11.17
N ASN B 77 31.36 7.03 -11.36
CA ASN B 77 30.98 6.45 -12.64
C ASN B 77 29.53 6.02 -12.57
N PHE B 78 28.65 6.78 -13.20
CA PHE B 78 27.24 6.46 -13.25
C PHE B 78 26.92 5.62 -14.46
N ARG B 79 25.89 4.79 -14.32
CA ARG B 79 25.60 3.74 -15.28
C ARG B 79 24.15 3.38 -15.03
N GLU B 80 23.28 3.69 -15.98
CA GLU B 80 21.87 3.39 -15.85
C GLU B 80 21.61 2.01 -16.41
N MET B 81 20.84 1.24 -15.68
CA MET B 81 20.43 -0.08 -16.10
C MET B 81 18.95 -0.23 -15.83
N PRO B 82 18.25 -1.05 -16.61
CA PRO B 82 16.80 -1.13 -16.50
C PRO B 82 16.33 -2.04 -15.38
N ILE B 83 15.20 -1.66 -14.78
CA ILE B 83 14.58 -2.49 -13.77
C ILE B 83 13.10 -2.20 -13.77
N GLY B 84 12.32 -3.21 -13.48
CA GLY B 84 10.89 -2.98 -13.34
C GLY B 84 10.22 -2.60 -14.64
N GLY B 85 9.28 -1.66 -14.57
CA GLY B 85 8.49 -1.36 -15.74
C GLY B 85 9.37 -0.94 -16.89
N ALA B 86 10.43 -0.19 -16.58
CA ALA B 86 11.38 0.19 -17.61
C ALA B 86 11.96 -1.03 -18.30
N ALA B 87 12.46 -1.99 -17.53
CA ALA B 87 13.08 -3.15 -18.15
C ALA B 87 12.06 -3.97 -18.91
N LEU B 88 10.85 -4.06 -18.37
CA LEU B 88 9.81 -4.79 -19.07
C LEU B 88 9.58 -4.22 -20.47
N ASP B 89 9.55 -2.91 -20.59
CA ASP B 89 9.25 -2.38 -21.91
C ASP B 89 10.39 -2.56 -22.90
N LEU B 90 11.60 -2.75 -22.38
CA LEU B 90 12.81 -2.78 -23.18
C LEU B 90 13.22 -4.20 -23.55
N VAL B 91 13.47 -5.04 -22.55
CA VAL B 91 13.92 -6.41 -22.78
C VAL B 91 12.86 -7.47 -22.49
N GLY B 92 11.76 -7.13 -21.86
CA GLY B 92 10.67 -8.06 -21.62
C GLY B 92 10.69 -8.81 -20.30
N VAL B 93 11.65 -8.56 -19.42
CA VAL B 93 11.62 -9.15 -18.08
C VAL B 93 11.89 -8.05 -17.07
N PRO B 94 11.39 -8.15 -15.85
CA PRO B 94 11.62 -7.07 -14.88
C PRO B 94 13.08 -6.89 -14.47
N LEU B 95 13.91 -7.94 -14.47
CA LEU B 95 15.31 -7.80 -14.04
C LEU B 95 16.18 -8.59 -14.98
N PRO B 96 16.77 -7.96 -15.97
CA PRO B 96 17.65 -8.66 -16.90
C PRO B 96 18.95 -9.05 -16.24
N GLU B 97 19.56 -10.11 -16.76
CA GLU B 97 20.88 -10.51 -16.26
C GLU B 97 21.88 -9.38 -16.43
N GLU B 98 21.76 -8.62 -17.51
CA GLU B 98 22.71 -7.54 -17.78
C GLU B 98 22.72 -6.53 -16.64
N THR B 99 21.56 -6.31 -16.02
CA THR B 99 21.48 -5.41 -14.88
C THR B 99 22.16 -6.00 -13.66
N ILE B 100 21.94 -7.28 -13.37
CA ILE B 100 22.46 -7.84 -12.12
C ILE B 100 23.98 -7.80 -12.12
N SER B 101 24.60 -8.23 -13.20
CA SER B 101 26.05 -8.13 -13.23
C SER B 101 26.50 -6.68 -13.10
N ALA B 102 25.82 -5.76 -13.80
CA ALA B 102 26.18 -4.35 -13.68
C ALA B 102 26.08 -3.85 -12.25
N ALA B 103 25.13 -4.37 -11.48
CA ALA B 103 25.01 -3.92 -10.10
C ALA B 103 26.10 -4.54 -9.24
N LYS B 104 26.41 -5.82 -9.48
CA LYS B 104 27.42 -6.47 -8.66
C LYS B 104 28.78 -5.85 -8.88
N GLU B 105 29.11 -5.53 -10.13
CA GLU B 105 30.41 -4.94 -10.38
C GLU B 105 30.56 -3.58 -9.70
N SER B 106 29.46 -2.93 -9.40
CA SER B 106 29.50 -1.57 -8.88
C SER B 106 29.88 -1.53 -7.40
N ASP B 107 30.26 -0.33 -6.95
CA ASP B 107 30.60 -0.12 -5.55
C ASP B 107 29.34 0.02 -4.71
N ALA B 108 28.31 0.64 -5.27
CA ALA B 108 27.05 0.82 -4.58
C ALA B 108 25.98 1.10 -5.63
N VAL B 109 24.73 0.80 -5.28
CA VAL B 109 23.60 0.88 -6.19
C VAL B 109 22.55 1.81 -5.61
N LEU B 110 22.04 2.72 -6.42
CA LEU B 110 21.01 3.67 -6.00
C LEU B 110 19.76 3.42 -6.84
N LEU B 111 18.67 3.03 -6.19
CA LEU B 111 17.46 2.70 -6.93
C LEU B 111 16.43 3.77 -6.67
N GLY B 112 15.58 4.01 -7.66
CA GLY B 112 14.49 4.93 -7.46
C GLY B 112 13.29 4.18 -6.97
N ALA B 113 12.36 3.84 -7.86
CA ALA B 113 11.18 3.10 -7.45
C ALA B 113 10.77 2.19 -8.61
N ILE B 114 9.71 1.41 -8.42
CA ILE B 114 9.33 0.36 -9.37
C ILE B 114 7.83 0.17 -9.40
N GLY B 115 7.31 -0.14 -10.58
CA GLY B 115 5.90 -0.43 -10.69
C GLY B 115 5.16 0.71 -11.36
N GLY B 116 3.98 0.38 -11.87
CA GLY B 116 3.20 1.36 -12.62
C GLY B 116 1.91 0.74 -13.10
N TYR B 117 0.98 1.61 -13.50
CA TYR B 117 -0.35 1.13 -13.91
C TYR B 117 -0.29 0.23 -15.14
N LYS B 118 0.60 0.52 -16.08
CA LYS B 118 0.66 -0.22 -17.34
C LYS B 118 0.87 -1.72 -17.11
N TRP B 119 1.73 -2.07 -16.17
CA TRP B 119 2.09 -3.46 -15.92
C TRP B 119 1.34 -4.06 -14.75
N ASP B 120 0.34 -3.38 -14.21
CA ASP B 120 -0.40 -3.96 -13.10
C ASP B 120 -1.14 -5.21 -13.51
N ASN B 121 -1.26 -5.51 -14.81
CA ASN B 121 -2.10 -6.60 -15.28
C ASN B 121 -1.32 -7.79 -15.79
N ASN B 122 0.00 -7.78 -15.72
CA ASN B 122 0.84 -8.88 -16.16
C ASN B 122 0.68 -10.10 -15.25
N GLU B 123 1.22 -11.24 -15.71
CA GLU B 123 1.38 -12.41 -14.88
C GLU B 123 2.28 -12.11 -13.70
N LYS B 124 2.14 -12.90 -12.63
CA LYS B 124 2.90 -12.64 -11.42
C LYS B 124 4.40 -12.55 -11.70
N HIS B 125 4.89 -13.31 -12.67
CA HIS B 125 6.31 -13.33 -12.97
C HIS B 125 6.74 -12.10 -13.77
N LEU B 126 5.78 -11.36 -14.34
CA LEU B 126 6.03 -10.17 -15.15
C LEU B 126 5.46 -8.88 -14.55
N ARG B 127 5.13 -8.87 -13.27
CA ARG B 127 4.88 -7.60 -12.64
C ARG B 127 6.22 -6.98 -12.28
N PRO B 128 6.28 -5.66 -12.16
CA PRO B 128 7.58 -5.02 -11.92
C PRO B 128 8.13 -5.31 -10.55
N GLU B 129 7.27 -5.33 -9.55
CA GLU B 129 7.70 -5.52 -8.18
C GLU B 129 8.51 -6.79 -8.03
N LYS B 130 8.28 -7.78 -8.89
CA LYS B 130 9.07 -9.01 -8.91
C LYS B 130 10.52 -8.72 -9.25
N GLY B 131 10.80 -7.64 -9.97
CA GLY B 131 12.19 -7.30 -10.23
C GLY B 131 12.88 -6.78 -9.00
N LEU B 132 12.18 -5.98 -8.19
CA LEU B 132 12.76 -5.45 -6.98
C LEU B 132 13.14 -6.56 -6.01
N LEU B 133 12.22 -7.50 -5.78
CA LEU B 133 12.51 -8.62 -4.87
C LEU B 133 13.72 -9.39 -5.36
N GLN B 134 13.83 -9.58 -6.67
CA GLN B 134 14.94 -10.33 -7.22
C GLN B 134 16.24 -9.60 -7.02
N ILE B 135 16.25 -8.29 -7.28
CA ILE B 135 17.49 -7.55 -7.12
C ILE B 135 17.93 -7.53 -5.67
N ARG B 136 16.99 -7.60 -4.72
CA ARG B 136 17.39 -7.68 -3.32
C ARG B 136 18.05 -9.02 -3.04
N ALA B 137 17.47 -10.11 -3.55
CA ALA B 137 18.10 -11.41 -3.37
C ALA B 137 19.39 -11.47 -4.15
N ALA B 138 19.36 -11.04 -5.39
CA ALA B 138 20.53 -11.16 -6.24
C ALA B 138 21.74 -10.48 -5.61
N LEU B 139 21.53 -9.33 -5.01
CA LEU B 139 22.60 -8.62 -4.34
C LEU B 139 22.86 -9.15 -2.94
N LYS B 140 22.07 -10.12 -2.48
CA LYS B 140 22.23 -10.70 -1.15
C LYS B 140 22.17 -9.66 -0.04
N VAL B 141 21.33 -8.64 -0.19
CA VAL B 141 21.29 -7.52 0.77
C VAL B 141 20.20 -7.82 1.79
N PHE B 142 20.56 -8.58 2.81
CA PHE B 142 19.54 -9.03 3.74
C PHE B 142 19.12 -7.98 4.76
N ALA B 143 20.00 -7.10 5.16
CA ALA B 143 19.75 -6.22 6.28
C ALA B 143 19.25 -4.89 5.74
N ASN B 144 18.00 -4.55 6.05
CA ASN B 144 17.36 -3.36 5.53
C ASN B 144 17.19 -2.31 6.63
N LEU B 145 17.71 -1.10 6.41
CA LEU B 145 17.71 -0.03 7.41
C LEU B 145 16.81 1.13 6.98
N ARG B 146 15.72 1.35 7.71
CA ARG B 146 14.83 2.48 7.42
C ARG B 146 14.76 3.43 8.60
N PRO B 147 15.45 4.55 8.57
CA PRO B 147 15.44 5.43 9.74
C PRO B 147 14.42 6.51 9.62
N ALA B 148 13.49 6.57 10.55
CA ALA B 148 12.46 7.60 10.57
C ALA B 148 12.75 8.51 11.74
N THR B 149 13.27 9.71 11.46
CA THR B 149 13.55 10.69 12.51
C THR B 149 12.91 12.01 12.10
N VAL B 150 12.24 12.66 13.04
CA VAL B 150 11.48 13.88 12.78
C VAL B 150 12.42 15.07 12.86
N LEU B 151 12.52 15.81 11.76
CA LEU B 151 13.30 17.04 11.78
C LEU B 151 12.48 18.17 12.38
N PRO B 152 13.12 19.10 13.09
CA PRO B 152 12.34 20.16 13.77
C PRO B 152 11.52 20.97 12.81
N GLN B 153 11.95 21.03 11.56
CA GLN B 153 11.28 21.84 10.55
C GLN B 153 9.97 21.22 10.09
N LEU B 154 9.80 19.89 10.20
CA LEU B 154 8.64 19.20 9.66
C LEU B 154 7.63 18.83 10.72
N VAL B 155 7.76 19.34 11.93
CA VAL B 155 6.83 18.98 13.00
C VAL B 155 5.43 19.43 12.67
N ASP B 156 5.28 20.63 12.11
CA ASP B 156 3.94 21.04 11.75
C ASP B 156 3.44 20.22 10.59
N ALA B 157 4.34 19.60 9.86
CA ALA B 157 4.00 18.81 8.69
C ALA B 157 3.45 17.43 9.01
N SER B 158 3.72 16.90 10.21
CA SER B 158 3.18 15.59 10.60
C SER B 158 1.69 15.68 10.83
N THR B 159 1.04 14.53 10.90
CA THR B 159 -0.35 14.57 11.28
C THR B 159 -0.52 14.33 12.77
N LEU B 160 0.52 13.90 13.47
CA LEU B 160 0.48 13.73 14.92
C LEU B 160 0.61 15.06 15.64
N LYS B 161 -0.03 15.16 16.80
CA LYS B 161 0.09 16.35 17.63
C LYS B 161 1.57 16.62 17.85
N ARG B 162 1.92 17.90 18.11
CA ARG B 162 3.32 18.24 18.24
C ARG B 162 4.01 17.41 19.32
N GLU B 163 3.43 17.40 20.53
CA GLU B 163 4.07 16.73 21.66
C GLU B 163 4.33 15.27 21.40
N VAL B 164 3.51 14.65 20.55
CA VAL B 164 3.67 13.24 20.23
C VAL B 164 4.84 13.02 19.28
N ALA B 165 4.93 13.85 18.25
CA ALA B 165 5.81 13.55 17.13
C ALA B 165 7.12 14.32 17.17
N GLU B 166 7.28 15.27 18.08
CA GLU B 166 8.49 16.07 18.09
C GLU B 166 9.58 15.27 18.78
N GLY B 167 10.72 15.15 18.11
CA GLY B 167 11.86 14.44 18.66
C GLY B 167 11.89 12.93 18.48
N VAL B 168 10.94 12.36 17.76
CA VAL B 168 11.00 10.94 17.42
C VAL B 168 12.27 10.64 16.64
N ASP B 169 12.86 9.49 16.89
CA ASP B 169 14.09 9.10 16.21
C ASP B 169 14.29 7.61 16.29
N LEU B 170 13.63 6.85 15.44
CA LEU B 170 13.71 5.42 15.48
C LEU B 170 14.33 4.93 14.18
N MET B 171 14.85 3.71 14.24
CA MET B 171 15.47 3.06 13.10
C MET B 171 14.85 1.68 12.98
N VAL B 172 14.36 1.35 11.79
CA VAL B 172 13.73 0.06 11.53
C VAL B 172 14.73 -0.85 10.83
N VAL B 173 15.00 -1.99 11.43
CA VAL B 173 15.87 -3.02 10.87
C VAL B 173 14.97 -4.15 10.42
N ARG B 174 14.85 -4.29 9.11
CA ARG B 174 13.92 -5.18 8.45
C ARG B 174 14.69 -6.29 7.73
N GLU B 175 14.22 -7.55 7.84
CA GLU B 175 14.81 -8.65 7.07
C GLU B 175 14.30 -8.57 5.64
N LEU B 176 15.22 -8.40 4.69
CA LEU B 176 14.82 -8.01 3.35
C LEU B 176 14.79 -9.14 2.35
N THR B 177 15.72 -10.10 2.44
CA THR B 177 15.87 -11.14 1.43
C THR B 177 15.24 -12.47 1.82
N GLY B 178 14.33 -12.48 2.79
CA GLY B 178 13.70 -13.74 3.12
C GLY B 178 12.28 -13.59 3.58
N GLY B 179 11.70 -14.68 4.06
CA GLY B 179 10.38 -14.62 4.61
C GLY B 179 9.29 -14.85 3.57
N ILE B 180 8.10 -14.35 3.90
CA ILE B 180 6.93 -14.59 3.09
C ILE B 180 7.09 -14.02 1.69
N TYR B 181 7.88 -12.96 1.55
CA TYR B 181 8.11 -12.41 0.22
C TYR B 181 8.93 -13.35 -0.64
N PHE B 182 9.81 -14.12 -0.02
CA PHE B 182 10.62 -15.09 -0.74
C PHE B 182 10.30 -16.53 -0.36
N GLY B 183 9.20 -16.77 0.35
CA GLY B 183 8.97 -18.07 0.92
C GLY B 183 8.41 -19.01 -0.12
N GLU B 184 8.97 -20.22 -0.17
CA GLU B 184 8.49 -21.37 -0.93
C GLU B 184 7.93 -22.37 0.05
N PRO B 185 6.87 -23.10 -0.32
CA PRO B 185 6.07 -23.15 -1.53
C PRO B 185 5.08 -22.02 -1.59
N ARG B 186 4.76 -21.57 -2.79
CA ARG B 186 3.81 -20.49 -2.99
C ARG B 186 3.12 -20.75 -4.31
N GLY B 187 2.04 -20.02 -4.54
CA GLY B 187 1.39 -20.06 -5.83
C GLY B 187 -0.11 -20.18 -5.69
N ILE B 188 -0.77 -20.25 -6.83
CA ILE B 188 -2.19 -20.54 -6.86
C ILE B 188 -2.40 -21.76 -7.73
N LYS B 189 -2.89 -22.83 -7.12
CA LYS B 189 -3.22 -24.08 -7.76
C LYS B 189 -4.72 -24.23 -7.70
N THR B 190 -5.23 -25.28 -8.32
CA THR B 190 -6.64 -25.61 -8.21
C THR B 190 -6.73 -27.04 -7.70
N ASN B 191 -7.22 -27.21 -6.47
CA ASN B 191 -7.41 -28.54 -5.94
C ASN B 191 -8.63 -29.20 -6.59
N GLU B 192 -8.95 -30.42 -6.16
CA GLU B 192 -9.95 -31.19 -6.87
C GLU B 192 -11.30 -30.49 -6.84
N ASN B 193 -11.56 -29.67 -5.83
CA ASN B 193 -12.87 -29.03 -5.71
C ASN B 193 -13.24 -28.23 -6.95
N GLY B 194 -12.27 -27.75 -7.73
CA GLY B 194 -12.53 -26.69 -8.68
C GLY B 194 -12.43 -25.30 -8.09
N GLU B 195 -11.99 -25.20 -6.84
CA GLU B 195 -11.79 -23.95 -6.14
C GLU B 195 -10.34 -23.50 -6.26
N GLU B 196 -10.12 -22.22 -6.51
CA GLU B 196 -8.76 -21.73 -6.50
C GLU B 196 -8.34 -21.46 -5.05
N VAL B 197 -7.08 -21.74 -4.76
CA VAL B 197 -6.47 -21.52 -3.45
C VAL B 197 -5.11 -20.87 -3.65
N GLY B 198 -4.91 -19.70 -3.04
CA GLY B 198 -3.64 -19.02 -3.09
C GLY B 198 -2.86 -19.25 -1.82
N PHE B 199 -1.55 -19.34 -1.93
CA PHE B 199 -0.79 -19.64 -0.73
C PHE B 199 0.64 -19.13 -0.81
N ASN B 200 1.13 -18.60 0.29
CA ASN B 200 2.54 -18.31 0.51
C ASN B 200 2.94 -18.86 1.88
N THR B 201 4.24 -19.09 2.06
CA THR B 201 4.75 -19.63 3.31
C THR B 201 5.75 -18.65 3.91
N GLU B 202 5.41 -18.11 5.08
CA GLU B 202 6.35 -17.29 5.84
C GLU B 202 7.33 -18.24 6.51
N VAL B 203 8.58 -18.22 6.06
CA VAL B 203 9.56 -19.19 6.52
C VAL B 203 10.91 -18.50 6.71
N TYR B 204 11.53 -18.72 7.86
CA TYR B 204 12.86 -18.19 8.15
C TYR B 204 13.71 -19.30 8.75
N ALA B 205 14.90 -19.48 8.20
CA ALA B 205 15.83 -20.36 8.88
C ALA B 205 16.51 -19.59 9.98
N ALA B 206 17.13 -20.33 10.90
CA ALA B 206 17.74 -19.68 12.06
C ALA B 206 18.82 -18.70 11.62
N HIS B 207 19.71 -19.12 10.73
CA HIS B 207 20.78 -18.20 10.34
C HIS B 207 20.21 -16.95 9.72
N GLU B 208 19.05 -17.04 9.07
CA GLU B 208 18.45 -15.82 8.55
C GLU B 208 18.09 -14.88 9.67
N ILE B 209 17.49 -15.38 10.75
CA ILE B 209 17.17 -14.49 11.84
C ILE B 209 18.43 -13.99 12.53
N ASP B 210 19.40 -14.86 12.78
CA ASP B 210 20.60 -14.43 13.50
C ASP B 210 21.23 -13.20 12.86
N ARG B 211 21.45 -13.23 11.54
CA ARG B 211 22.20 -12.16 10.90
C ARG B 211 21.50 -10.82 11.02
N ILE B 212 20.17 -10.79 10.89
CA ILE B 212 19.45 -9.53 11.02
C ILE B 212 19.43 -9.09 12.47
N ALA B 213 19.43 -10.03 13.41
CA ALA B 213 19.42 -9.63 14.81
C ALA B 213 20.71 -8.91 15.18
N ARG B 214 21.86 -9.46 14.80
CA ARG B 214 23.10 -8.79 15.17
C ARG B 214 23.10 -7.36 14.66
N VAL B 215 22.70 -7.18 13.40
CA VAL B 215 22.62 -5.84 12.82
C VAL B 215 21.71 -4.95 13.65
N ALA B 216 20.62 -5.51 14.15
CA ALA B 216 19.79 -4.72 15.06
C ALA B 216 20.58 -4.34 16.29
N PHE B 217 21.25 -5.32 16.90
CA PHE B 217 22.03 -5.07 18.11
C PHE B 217 23.17 -4.11 17.86
N GLU B 218 23.95 -4.35 16.80
CA GLU B 218 25.07 -3.45 16.53
C GLU B 218 24.57 -2.04 16.35
N THR B 219 23.47 -1.89 15.60
CA THR B 219 22.88 -0.59 15.34
C THR B 219 22.30 0.01 16.61
N ALA B 220 21.54 -0.76 17.37
CA ALA B 220 20.98 -0.22 18.59
C ALA B 220 22.07 0.26 19.54
N ARG B 221 23.27 -0.33 19.48
CA ARG B 221 24.35 0.23 20.28
C ARG B 221 24.74 1.60 19.74
N LYS B 222 24.96 1.70 18.42
CA LYS B 222 25.39 2.98 17.85
C LYS B 222 24.41 4.11 18.12
N ARG B 223 23.25 3.79 18.66
CA ARG B 223 22.23 4.78 18.97
C ARG B 223 22.02 4.88 20.47
N ARG B 224 20.80 4.62 20.94
CA ARG B 224 20.47 4.82 22.34
C ARG B 224 20.47 3.54 23.14
N GLY B 225 20.94 2.44 22.57
CA GLY B 225 21.15 1.23 23.35
C GLY B 225 19.91 0.50 23.78
N LYS B 226 18.81 0.66 23.05
CA LYS B 226 17.55 -0.02 23.35
C LYS B 226 17.15 -0.72 22.07
N LEU B 227 16.72 -1.98 22.16
CA LEU B 227 16.32 -2.74 20.98
C LEU B 227 14.96 -3.39 21.22
N CYS B 228 14.12 -3.39 20.17
CA CYS B 228 12.75 -3.92 20.24
C CYS B 228 12.46 -4.85 19.06
N SER B 229 12.37 -6.15 19.36
CA SER B 229 12.02 -7.17 18.36
C SER B 229 10.51 -7.29 18.28
N VAL B 230 9.98 -7.21 17.06
CA VAL B 230 8.56 -7.22 16.79
C VAL B 230 8.23 -8.46 16.00
N ASP B 231 7.30 -9.27 16.51
CA ASP B 231 6.94 -10.52 15.87
C ASP B 231 5.47 -10.77 16.16
N LYS B 232 4.99 -11.95 15.82
CA LYS B 232 3.67 -12.40 16.26
C LYS B 232 3.83 -13.81 16.84
N ALA B 233 4.65 -13.90 17.88
CA ALA B 233 4.94 -15.17 18.51
C ALA B 233 3.79 -15.68 19.36
N ASN B 234 2.69 -14.93 19.49
CA ASN B 234 1.56 -15.53 20.17
C ASN B 234 0.78 -16.47 19.25
N VAL B 235 1.10 -16.51 17.96
CA VAL B 235 0.38 -17.34 17.01
C VAL B 235 1.30 -18.10 16.06
N LEU B 236 2.33 -17.45 15.56
CA LEU B 236 3.07 -17.95 14.41
C LEU B 236 4.34 -18.69 14.81
N GLU B 237 4.42 -19.97 14.44
CA GLU B 237 5.60 -20.76 14.70
C GLU B 237 6.85 -20.14 14.09
N ALA B 238 6.69 -19.35 13.03
CA ALA B 238 7.82 -18.58 12.54
C ALA B 238 8.23 -17.51 13.54
N SER B 239 7.27 -16.81 14.10
CA SER B 239 7.61 -15.78 15.08
C SER B 239 8.10 -16.39 16.37
N ILE B 240 7.72 -17.64 16.66
CA ILE B 240 8.27 -18.32 17.83
C ILE B 240 9.77 -18.49 17.68
N LEU B 241 10.19 -19.02 16.55
CA LEU B 241 11.61 -19.10 16.29
C LEU B 241 12.24 -17.72 16.24
N TRP B 242 11.55 -16.75 15.63
CA TRP B 242 12.09 -15.39 15.52
C TRP B 242 12.52 -14.86 16.87
N ARG B 243 11.60 -14.90 17.83
CA ARG B 243 11.93 -14.39 19.14
C ARG B 243 12.96 -15.28 19.80
N LYS B 244 12.88 -16.59 19.58
CA LYS B 244 13.78 -17.53 20.24
C LYS B 244 15.24 -17.20 19.93
N ARG B 245 15.56 -16.87 18.67
CA ARG B 245 16.94 -16.57 18.30
C ARG B 245 17.37 -15.18 18.73
N VAL B 246 16.43 -14.24 18.74
CA VAL B 246 16.74 -12.87 19.15
C VAL B 246 17.01 -12.81 20.65
N THR B 247 16.24 -13.55 21.46
CA THR B 247 16.52 -13.56 22.90
C THR B 247 17.91 -14.15 23.17
N ALA B 248 18.32 -15.11 22.35
CA ALA B 248 19.63 -15.72 22.52
C ALA B 248 20.74 -14.69 22.46
N LEU B 249 20.77 -13.88 21.41
CA LEU B 249 21.89 -12.97 21.19
C LEU B 249 21.98 -11.85 22.21
N ALA B 250 21.00 -11.68 23.09
CA ALA B 250 21.08 -10.56 24.03
C ALA B 250 22.26 -10.70 24.98
N SER B 251 22.67 -11.92 25.30
CA SER B 251 23.83 -12.13 26.16
C SER B 251 25.12 -11.64 25.52
N GLU B 252 25.18 -11.67 24.19
CA GLU B 252 26.35 -11.17 23.47
C GLU B 252 26.36 -9.67 23.39
N TYR B 253 25.21 -9.03 23.64
CA TYR B 253 25.07 -7.58 23.57
C TYR B 253 24.41 -7.09 24.85
N PRO B 254 25.13 -7.06 25.96
CA PRO B 254 24.57 -6.44 27.17
C PRO B 254 24.58 -4.92 27.11
N ASP B 255 25.46 -4.31 26.30
CA ASP B 255 25.40 -2.86 26.12
C ASP B 255 24.04 -2.45 25.59
N VAL B 256 23.32 -3.39 24.94
CA VAL B 256 22.03 -3.16 24.30
C VAL B 256 20.93 -3.80 25.15
N GLU B 257 19.86 -3.06 25.39
CA GLU B 257 18.73 -3.55 26.16
C GLU B 257 17.61 -3.97 25.23
N LEU B 258 17.28 -5.25 25.23
CA LEU B 258 16.32 -5.83 24.30
C LEU B 258 14.96 -6.00 24.95
N SER B 259 13.91 -5.73 24.18
CA SER B 259 12.54 -5.97 24.60
C SER B 259 11.75 -6.54 23.43
N HIS B 260 10.63 -7.18 23.70
CA HIS B 260 9.84 -7.80 22.64
C HIS B 260 8.42 -7.26 22.62
N MET B 261 7.91 -7.00 21.42
CA MET B 261 6.58 -6.41 21.24
C MET B 261 5.88 -7.05 20.05
N TYR B 262 4.59 -7.34 20.21
CA TYR B 262 3.82 -7.97 19.13
C TYR B 262 3.51 -6.97 18.04
N VAL B 263 3.34 -7.46 16.83
CA VAL B 263 3.24 -6.56 15.68
C VAL B 263 1.97 -5.73 15.72
N ASP B 264 0.87 -6.28 16.21
CA ASP B 264 -0.36 -5.49 16.30
C ASP B 264 -0.23 -4.38 17.32
N ASN B 265 0.41 -4.64 18.44
CA ASN B 265 0.60 -3.55 19.38
C ASN B 265 1.51 -2.51 18.79
N ALA B 266 2.59 -2.93 18.15
CA ALA B 266 3.61 -1.98 17.69
C ALA B 266 3.01 -0.94 16.76
N ALA B 267 2.13 -1.36 15.85
CA ALA B 267 1.45 -0.39 15.00
C ALA B 267 0.68 0.61 15.86
N MET B 268 0.03 0.15 16.92
CA MET B 268 -0.66 1.09 17.78
C MET B 268 0.33 1.94 18.53
N GLN B 269 1.44 1.37 18.98
CA GLN B 269 2.39 2.16 19.77
C GLN B 269 3.01 3.26 18.92
N LEU B 270 3.28 2.99 17.66
CA LEU B 270 3.89 4.00 16.80
C LEU B 270 2.99 5.22 16.65
N VAL B 271 1.74 5.13 17.08
CA VAL B 271 0.83 6.26 17.13
C VAL B 271 0.58 6.74 18.55
N ARG B 272 0.61 5.84 19.56
CA ARG B 272 0.40 6.25 20.94
C ARG B 272 1.60 7.03 21.48
N ASP B 273 2.78 6.41 21.46
CA ASP B 273 3.99 7.03 22.00
C ASP B 273 5.17 6.58 21.15
N PRO B 274 5.30 7.13 19.94
CA PRO B 274 6.34 6.65 19.04
C PRO B 274 7.71 7.01 19.50
N LYS B 275 7.83 8.00 20.38
CA LYS B 275 9.12 8.38 20.95
C LYS B 275 9.78 7.24 21.70
N GLN B 276 9.02 6.19 22.05
CA GLN B 276 9.55 5.15 22.90
C GLN B 276 10.65 4.33 22.24
N PHE B 277 10.57 4.12 20.93
CA PHE B 277 11.50 3.23 20.24
C PHE B 277 12.84 3.90 19.97
N ASP B 278 13.90 3.09 20.08
CA ASP B 278 15.22 3.39 19.57
C ASP B 278 15.45 2.63 18.27
N THR B 279 15.49 1.32 18.38
CA THR B 279 15.69 0.46 17.24
C THR B 279 14.63 -0.63 17.28
N ILE B 280 14.00 -0.90 16.14
CA ILE B 280 13.05 -1.99 16.02
C ILE B 280 13.58 -2.98 15.01
N VAL B 281 13.65 -4.25 15.38
CA VAL B 281 14.03 -5.30 14.44
C VAL B 281 12.78 -6.13 14.17
N THR B 282 12.53 -6.41 12.89
CA THR B 282 11.38 -7.24 12.56
C THR B 282 11.53 -7.75 11.14
N ASN B 283 10.59 -8.60 10.72
CA ASN B 283 10.73 -9.33 9.48
C ASN B 283 10.16 -8.57 8.31
N ASN B 284 10.22 -9.20 7.14
CA ASN B 284 9.98 -8.51 5.86
C ASN B 284 8.60 -7.88 5.85
N ILE B 285 7.55 -8.68 6.01
CA ILE B 285 6.18 -8.19 5.85
C ILE B 285 5.81 -7.24 6.97
N PHE B 286 6.43 -7.37 8.14
CA PHE B 286 6.17 -6.40 9.20
C PHE B 286 7.08 -5.19 9.04
N GLY B 287 8.28 -5.40 8.51
CA GLY B 287 9.16 -4.29 8.22
C GLY B 287 8.57 -3.37 7.18
N ASP B 288 8.01 -3.95 6.12
CA ASP B 288 7.37 -3.15 5.09
C ASP B 288 6.22 -2.32 5.68
N ILE B 289 5.31 -2.99 6.39
CA ILE B 289 4.12 -2.29 6.88
C ILE B 289 4.49 -1.24 7.90
N LEU B 290 5.21 -1.63 8.94
CA LEU B 290 5.49 -0.69 10.03
C LEU B 290 6.34 0.47 9.55
N SER B 291 7.36 0.22 8.75
CA SER B 291 8.15 1.35 8.33
C SER B 291 7.31 2.29 7.49
N ASP B 292 6.38 1.74 6.71
CA ASP B 292 5.54 2.62 5.88
C ASP B 292 4.57 3.41 6.76
N GLU B 293 4.12 2.81 7.87
CA GLU B 293 3.29 3.54 8.83
C GLU B 293 4.09 4.63 9.51
N ALA B 294 5.32 4.35 9.88
CA ALA B 294 6.15 5.31 10.59
C ALA B 294 6.44 6.55 9.79
N SER B 295 6.35 6.49 8.46
CA SER B 295 6.72 7.65 7.69
C SER B 295 5.85 8.82 8.06
N MET B 296 4.56 8.59 8.21
CA MET B 296 3.65 9.69 8.42
C MET B 296 3.97 10.45 9.70
N ILE B 297 4.85 9.92 10.55
CA ILE B 297 5.35 10.69 11.69
C ILE B 297 6.26 11.81 11.22
N THR B 298 7.20 11.51 10.31
CA THR B 298 8.16 12.53 9.96
C THR B 298 7.56 13.58 9.08
N GLY B 299 6.40 13.32 8.51
CA GLY B 299 5.76 14.33 7.71
C GLY B 299 5.18 13.78 6.45
N SER B 300 5.85 12.82 5.83
CA SER B 300 5.37 12.19 4.60
C SER B 300 6.16 10.93 4.35
N ILE B 301 5.63 10.10 3.44
CA ILE B 301 6.40 8.94 3.01
C ILE B 301 7.56 9.38 2.16
N GLY B 302 7.54 10.62 1.73
CA GLY B 302 8.63 11.06 0.90
C GLY B 302 9.84 11.53 1.65
N MET B 303 9.88 11.35 2.97
CA MET B 303 11.02 11.77 3.75
C MET B 303 11.97 10.63 4.10
N LEU B 304 11.58 9.41 3.88
CA LEU B 304 12.30 8.28 4.43
C LEU B 304 13.16 7.58 3.41
N PRO B 305 14.46 7.44 3.70
CA PRO B 305 15.37 6.72 2.80
C PRO B 305 15.57 5.30 3.29
N SER B 306 16.20 4.44 2.50
CA SER B 306 16.46 3.10 3.00
C SER B 306 17.78 2.64 2.43
N ALA B 307 18.59 2.02 3.30
CA ALA B 307 19.82 1.36 2.93
C ALA B 307 19.63 -0.12 3.12
N SER B 308 19.96 -0.89 2.10
CA SER B 308 19.86 -2.33 2.14
C SER B 308 21.27 -2.89 1.97
N LEU B 309 21.78 -3.57 2.99
CA LEU B 309 23.20 -3.91 3.08
C LEU B 309 23.45 -5.41 3.07
N SER B 310 24.66 -5.77 2.68
CA SER B 310 25.11 -7.15 2.64
C SER B 310 26.55 -7.21 3.12
N ASP B 311 26.99 -8.42 3.44
CA ASP B 311 28.40 -8.63 3.68
C ASP B 311 29.14 -8.50 2.37
N SER B 312 30.29 -7.81 2.40
CA SER B 312 31.12 -7.60 1.22
C SER B 312 30.37 -6.80 0.16
N GLY B 313 29.32 -7.42 -0.38
CA GLY B 313 28.58 -6.90 -1.49
C GLY B 313 28.26 -5.42 -1.44
N PRO B 314 28.06 -4.85 -2.61
CA PRO B 314 27.67 -3.44 -2.70
C PRO B 314 26.23 -3.27 -2.24
N GLY B 315 25.96 -2.14 -1.57
CA GLY B 315 24.68 -1.93 -0.95
C GLY B 315 23.65 -1.34 -1.89
N LEU B 316 22.38 -1.51 -1.53
CA LEU B 316 21.26 -1.05 -2.36
C LEU B 316 20.50 0.02 -1.60
N PHE B 317 20.48 1.22 -2.14
CA PHE B 317 19.92 2.38 -1.49
C PHE B 317 18.77 2.92 -2.34
N GLU B 318 17.62 3.10 -1.72
CA GLU B 318 16.38 3.44 -2.40
C GLU B 318 15.54 4.19 -1.39
N PRO B 319 14.58 4.97 -1.85
CA PRO B 319 13.57 5.50 -0.93
C PRO B 319 12.48 4.48 -0.67
N ILE B 320 11.90 4.56 0.52
CA ILE B 320 10.88 3.58 0.87
C ILE B 320 9.61 3.86 0.11
N HIS B 321 9.47 5.08 -0.41
CA HIS B 321 8.31 5.42 -1.22
C HIS B 321 8.41 4.67 -2.53
N GLY B 322 7.43 4.90 -3.35
CA GLY B 322 7.50 4.34 -4.65
C GLY B 322 6.08 4.04 -4.88
N SER B 323 5.57 4.45 -6.02
CA SER B 323 6.37 5.11 -7.04
C SER B 323 5.39 6.01 -7.67
N ALA B 324 4.66 6.67 -6.84
CA ALA B 324 3.76 7.73 -7.20
C ALA B 324 3.21 7.58 -8.60
N PRO B 325 2.50 6.51 -8.90
CA PRO B 325 1.97 6.36 -10.26
C PRO B 325 1.01 7.47 -10.62
N ASP B 326 0.43 8.14 -9.63
CA ASP B 326 -0.60 9.17 -9.77
C ASP B 326 -0.06 10.58 -9.81
N ILE B 327 1.20 10.79 -9.46
CA ILE B 327 1.82 12.09 -9.68
C ILE B 327 3.05 11.93 -10.55
N ALA B 328 3.09 10.87 -11.33
CA ALA B 328 4.19 10.64 -12.24
C ALA B 328 4.21 11.72 -13.29
N GLY B 329 5.38 12.27 -13.55
CA GLY B 329 5.55 13.26 -14.58
C GLY B 329 4.89 14.60 -14.33
N GLN B 330 4.04 14.72 -13.32
CA GLN B 330 3.45 16.01 -12.95
C GLN B 330 4.42 16.92 -12.20
N ASP B 331 5.59 16.41 -11.81
CA ASP B 331 6.59 17.20 -11.09
C ASP B 331 6.04 17.68 -9.76
N LYS B 332 5.30 16.83 -9.07
CA LYS B 332 4.82 17.16 -7.74
C LYS B 332 5.64 16.51 -6.62
N ALA B 333 6.39 15.46 -6.94
CA ALA B 333 6.91 14.54 -5.94
C ALA B 333 7.94 15.18 -4.99
N ASN B 334 8.04 14.59 -3.82
CA ASN B 334 9.06 14.98 -2.87
C ASN B 334 10.31 14.15 -3.13
N PRO B 335 11.43 14.78 -3.49
CA PRO B 335 12.67 14.06 -3.76
C PRO B 335 13.57 13.86 -2.55
N LEU B 336 13.25 14.48 -1.42
CA LEU B 336 14.15 14.40 -0.26
C LEU B 336 14.54 12.97 0.08
N ALA B 337 13.55 12.07 0.24
CA ALA B 337 13.87 10.68 0.57
C ALA B 337 14.91 10.08 -0.38
N THR B 338 14.80 10.37 -1.67
CA THR B 338 15.79 9.82 -2.58
C THR B 338 17.14 10.47 -2.37
N ILE B 339 17.16 11.77 -2.10
CA ILE B 339 18.42 12.46 -1.84
C ILE B 339 19.13 11.80 -0.65
N LEU B 340 18.37 11.54 0.42
CA LEU B 340 18.93 10.99 1.64
C LEU B 340 19.39 9.56 1.45
N SER B 341 18.77 8.83 0.53
CA SER B 341 19.28 7.53 0.18
C SER B 341 20.65 7.66 -0.43
N ALA B 342 20.90 8.74 -1.17
CA ALA B 342 22.27 9.02 -1.60
C ALA B 342 23.14 9.39 -0.40
N ALA B 343 22.55 10.08 0.58
CA ALA B 343 23.30 10.33 1.80
C ALA B 343 23.68 9.03 2.46
N MET B 344 22.69 8.14 2.66
CA MET B 344 22.94 6.83 3.24
C MET B 344 23.86 6.00 2.36
N LEU B 345 23.79 6.17 1.05
CA LEU B 345 24.71 5.46 0.18
C LEU B 345 26.14 5.81 0.52
N LEU B 346 26.41 7.09 0.73
CA LEU B 346 27.76 7.50 1.11
C LEU B 346 28.09 7.04 2.52
N LYS B 347 27.14 7.21 3.45
CA LYS B 347 27.43 6.92 4.85
C LYS B 347 27.66 5.41 5.04
N TYR B 348 26.71 4.57 4.61
CA TYR B 348 26.77 3.15 4.93
C TYR B 348 27.46 2.30 3.87
N GLY B 349 27.40 2.68 2.60
CA GLY B 349 27.92 1.81 1.56
C GLY B 349 29.33 2.14 1.13
N LEU B 350 29.67 3.44 1.09
CA LEU B 350 30.99 3.89 0.66
C LEU B 350 31.78 4.51 1.79
N GLY B 351 31.16 4.78 2.93
CA GLY B 351 31.90 5.27 4.06
C GLY B 351 32.40 6.68 3.98
N GLU B 352 31.97 7.46 2.99
CA GLU B 352 32.38 8.87 2.92
C GLU B 352 31.42 9.66 3.80
N GLU B 353 31.69 9.60 5.10
CA GLU B 353 30.78 10.15 6.08
C GLU B 353 30.66 11.65 5.92
N LYS B 354 31.77 12.32 5.61
CA LYS B 354 31.78 13.77 5.50
C LYS B 354 30.87 14.24 4.38
N ALA B 355 31.00 13.63 3.21
CA ALA B 355 30.15 14.00 2.09
C ALA B 355 28.69 13.83 2.46
N ALA B 356 28.36 12.69 3.07
CA ALA B 356 26.99 12.42 3.45
C ALA B 356 26.45 13.50 4.37
N LYS B 357 27.29 14.04 5.26
CA LYS B 357 26.78 15.09 6.12
C LYS B 357 26.47 16.34 5.34
N ARG B 358 27.22 16.60 4.28
CA ARG B 358 26.89 17.75 3.45
C ARG B 358 25.49 17.60 2.86
N ILE B 359 25.14 16.38 2.45
CA ILE B 359 23.82 16.12 1.88
C ILE B 359 22.75 16.39 2.92
N GLU B 360 22.91 15.82 4.12
CA GLU B 360 21.94 16.04 5.17
C GLU B 360 21.80 17.53 5.42
N ASP B 361 22.94 18.22 5.50
CA ASP B 361 22.94 19.64 5.83
C ASP B 361 22.19 20.44 4.79
N ALA B 362 22.35 20.10 3.53
CA ALA B 362 21.67 20.86 2.49
C ALA B 362 20.17 20.71 2.64
N VAL B 363 19.70 19.48 2.82
CA VAL B 363 18.27 19.29 3.00
C VAL B 363 17.77 20.13 4.15
N LEU B 364 18.59 20.22 5.22
CA LEU B 364 18.22 21.04 6.37
C LEU B 364 18.17 22.52 6.00
N VAL B 365 19.16 23.03 5.26
CA VAL B 365 19.12 24.43 4.83
C VAL B 365 17.87 24.66 3.98
N ALA B 366 17.66 23.80 2.98
CA ALA B 366 16.52 23.98 2.10
C ALA B 366 15.23 24.09 2.89
N LEU B 367 15.05 23.24 3.88
CA LEU B 367 13.83 23.27 4.69
C LEU B 367 13.79 24.49 5.59
N ASN B 368 14.96 24.92 6.09
CA ASN B 368 14.98 26.13 6.89
C ASN B 368 14.58 27.31 6.05
N ASN B 369 14.83 27.25 4.76
CA ASN B 369 14.45 28.37 3.93
C ASN B 369 12.98 28.34 3.60
N GLY B 370 12.25 27.34 4.06
CA GLY B 370 10.82 27.31 3.87
C GLY B 370 10.31 26.46 2.72
N PHE B 371 11.17 25.78 1.98
CA PHE B 371 10.78 25.07 0.76
C PHE B 371 10.12 23.72 1.07
N ARG B 372 8.86 23.57 0.75
CA ARG B 372 8.20 22.30 0.97
C ARG B 372 7.60 21.81 -0.34
N THR B 373 7.68 20.52 -0.58
CA THR B 373 6.86 19.98 -1.65
C THR B 373 5.46 19.73 -1.11
N GLY B 374 4.57 19.23 -1.96
CA GLY B 374 3.15 19.15 -1.60
C GLY B 374 2.88 18.32 -0.35
N ASP B 375 3.57 17.22 -0.20
CA ASP B 375 3.26 16.34 0.92
C ASP B 375 3.73 16.86 2.27
N ILE B 376 4.70 17.77 2.28
CA ILE B 376 5.24 18.24 3.54
C ILE B 376 4.92 19.71 3.71
N TYR B 377 3.84 20.16 3.07
CA TYR B 377 3.44 21.57 3.12
C TYR B 377 2.79 21.90 4.43
N SER B 378 3.29 22.95 5.07
CA SER B 378 2.75 23.47 6.31
C SER B 378 2.30 24.89 6.07
N ALA B 379 1.48 25.42 6.97
CA ALA B 379 0.97 26.76 6.76
C ALA B 379 2.14 27.76 6.73
N GLY B 380 2.12 28.70 5.80
CA GLY B 380 3.20 29.65 5.86
C GLY B 380 4.54 29.16 5.37
N THR B 381 4.60 28.02 4.70
CA THR B 381 5.79 27.60 3.99
C THR B 381 5.65 27.93 2.51
N LYS B 382 6.66 27.54 1.74
CA LYS B 382 6.68 27.75 0.28
C LYS B 382 6.57 26.41 -0.46
N LEU B 383 5.46 26.18 -1.14
CA LEU B 383 5.15 24.93 -1.84
C LEU B 383 5.89 24.81 -3.18
N VAL B 384 6.99 24.07 -3.25
CA VAL B 384 7.69 23.84 -4.51
C VAL B 384 7.29 22.47 -5.04
N GLY B 385 7.74 22.16 -6.25
CA GLY B 385 7.59 20.86 -6.83
C GLY B 385 8.89 20.08 -6.70
N CYS B 386 9.17 19.27 -7.71
CA CYS B 386 10.30 18.38 -7.51
C CYS B 386 11.62 18.95 -8.04
N LYS B 387 11.68 19.34 -9.31
CA LYS B 387 12.93 19.91 -9.82
C LYS B 387 13.31 21.15 -9.05
N GLU B 388 12.31 21.97 -8.75
CA GLU B 388 12.39 23.30 -8.15
C GLU B 388 12.75 23.27 -6.69
N MET B 389 12.81 22.09 -6.09
CA MET B 389 13.37 21.79 -4.79
C MET B 389 14.77 21.21 -4.93
N GLY B 390 14.94 20.20 -5.77
CA GLY B 390 16.27 19.67 -6.01
C GLY B 390 17.26 20.74 -6.39
N GLU B 391 16.84 21.72 -7.20
CA GLU B 391 17.75 22.80 -7.55
C GLU B 391 18.19 23.58 -6.32
N GLU B 392 17.24 24.05 -5.51
CA GLU B 392 17.60 24.91 -4.39
C GLU B 392 17.99 24.10 -3.17
N VAL B 393 17.92 22.77 -3.25
CA VAL B 393 18.74 21.91 -2.39
C VAL B 393 20.18 21.96 -2.84
N LEU B 394 20.39 21.75 -4.14
CA LEU B 394 21.72 21.87 -4.73
C LEU B 394 22.30 23.26 -4.56
N LYS B 395 21.47 24.28 -4.37
CA LYS B 395 22.02 25.58 -4.00
C LYS B 395 22.79 25.47 -2.71
N SER B 396 22.26 24.69 -1.75
CA SER B 396 22.84 24.60 -0.43
C SER B 396 24.09 23.74 -0.41
N VAL B 397 24.13 22.67 -1.19
CA VAL B 397 25.35 21.91 -1.34
C VAL B 397 26.45 22.80 -1.88
N ASP B 398 26.13 23.60 -2.90
CA ASP B 398 27.07 24.42 -3.65
C ASP B 398 27.48 25.69 -2.92
N SER B 399 26.76 26.07 -1.87
CA SER B 399 27.17 27.22 -1.09
C SER B 399 28.02 26.74 0.08
N LYS C 41 7.31 60.96 -8.14
CA LYS C 41 5.85 60.91 -8.22
C LYS C 41 5.24 60.04 -7.14
N ARG C 42 4.20 60.54 -6.48
CA ARG C 42 3.67 59.96 -5.25
C ARG C 42 2.21 59.54 -5.46
N TYR C 43 1.97 58.21 -5.44
CA TYR C 43 0.69 57.61 -5.83
C TYR C 43 0.00 56.90 -4.67
N THR C 44 -1.32 56.98 -4.68
CA THR C 44 -2.16 56.46 -3.61
C THR C 44 -2.97 55.31 -4.14
N ILE C 45 -2.66 54.11 -3.67
CA ILE C 45 -3.26 52.86 -4.13
C ILE C 45 -4.04 52.26 -2.98
N THR C 46 -5.27 51.85 -3.23
CA THR C 46 -6.06 51.16 -2.23
C THR C 46 -5.97 49.68 -2.52
N LEU C 47 -5.50 48.89 -1.55
CA LEU C 47 -5.46 47.44 -1.67
C LEU C 47 -6.71 46.87 -1.05
N LEU C 48 -7.50 46.13 -1.83
CA LEU C 48 -8.67 45.44 -1.31
C LEU C 48 -8.40 43.95 -1.46
N PRO C 49 -7.73 43.32 -0.49
CA PRO C 49 -7.25 41.97 -0.72
C PRO C 49 -8.36 40.95 -0.78
N GLY C 50 -9.58 41.33 -0.43
CA GLY C 50 -10.68 40.38 -0.42
C GLY C 50 -10.41 39.11 0.36
N ASP C 51 -10.87 37.98 -0.20
CA ASP C 51 -10.88 36.72 0.54
C ASP C 51 -10.14 35.62 -0.20
N GLY C 52 -10.15 34.45 0.41
CA GLY C 52 -9.60 33.26 -0.23
C GLY C 52 -8.15 33.44 -0.57
N ILE C 53 -7.83 33.23 -1.84
CA ILE C 53 -6.46 33.43 -2.29
C ILE C 53 -6.18 34.88 -2.61
N GLY C 54 -7.19 35.74 -2.52
CA GLY C 54 -7.04 37.14 -2.79
C GLY C 54 -5.81 37.74 -2.14
N PRO C 55 -5.76 37.69 -0.82
CA PRO C 55 -4.60 38.27 -0.13
C PRO C 55 -3.24 37.80 -0.63
N GLU C 56 -3.00 36.49 -0.77
CA GLU C 56 -1.67 36.04 -1.18
C GLU C 56 -1.29 36.61 -2.55
N VAL C 57 -2.20 36.57 -3.51
CA VAL C 57 -1.80 37.11 -4.81
C VAL C 57 -1.67 38.62 -4.72
N VAL C 58 -2.52 39.28 -3.93
CA VAL C 58 -2.45 40.73 -3.83
C VAL C 58 -1.16 41.14 -3.12
N SER C 59 -0.75 40.41 -2.08
CA SER C 59 0.55 40.71 -1.50
C SER C 59 1.65 40.68 -2.54
N ILE C 60 1.68 39.64 -3.38
CA ILE C 60 2.71 39.57 -4.40
C ILE C 60 2.50 40.70 -5.41
N ALA C 61 1.26 40.97 -5.75
CA ALA C 61 1.00 42.05 -6.70
C ALA C 61 1.49 43.38 -6.15
N LYS C 62 1.30 43.63 -4.85
CA LYS C 62 1.80 44.86 -4.24
C LYS C 62 3.32 44.93 -4.30
N ASN C 63 3.98 43.83 -3.94
CA ASN C 63 5.43 43.82 -3.95
C ASN C 63 5.98 43.96 -5.36
N VAL C 64 5.37 43.28 -6.33
CA VAL C 64 5.84 43.40 -7.70
C VAL C 64 5.57 44.81 -8.22
N LEU C 65 4.42 45.38 -7.88
CA LEU C 65 4.12 46.75 -8.28
C LEU C 65 5.13 47.72 -7.69
N GLN C 66 5.40 47.59 -6.39
CA GLN C 66 6.31 48.52 -5.72
C GLN C 66 7.70 48.49 -6.31
N GLN C 67 8.29 47.31 -6.42
CA GLN C 67 9.65 47.22 -6.93
C GLN C 67 9.71 47.66 -8.39
N ALA C 68 8.69 47.34 -9.18
CA ALA C 68 8.66 47.74 -10.57
C ALA C 68 8.54 49.24 -10.73
N GLY C 69 7.67 49.88 -9.94
CA GLY C 69 7.51 51.33 -10.03
C GLY C 69 8.74 52.12 -9.61
N SER C 70 9.42 51.69 -8.55
CA SER C 70 10.60 52.40 -8.07
C SER C 70 11.67 52.51 -9.14
N LEU C 71 11.77 51.52 -10.02
CA LEU C 71 12.78 51.59 -11.07
C LEU C 71 12.48 52.69 -12.08
N GLU C 72 11.22 53.12 -12.18
CA GLU C 72 10.87 54.27 -12.98
C GLU C 72 10.59 55.50 -12.12
N GLY C 73 11.11 55.53 -10.90
CA GLY C 73 10.93 56.71 -10.07
C GLY C 73 9.52 56.94 -9.61
N VAL C 74 8.76 55.88 -9.36
CA VAL C 74 7.38 56.00 -8.97
C VAL C 74 7.22 55.36 -7.60
N GLU C 75 6.60 56.09 -6.69
CA GLU C 75 6.38 55.56 -5.36
C GLU C 75 4.88 55.49 -5.10
N PHE C 76 4.51 54.68 -4.10
CA PHE C 76 3.12 54.44 -3.78
C PHE C 76 2.97 54.48 -2.27
N ASN C 77 1.84 55.01 -1.82
CA ASN C 77 1.43 54.87 -0.44
C ASN C 77 0.29 53.87 -0.45
N PHE C 78 0.56 52.68 0.06
CA PHE C 78 -0.44 51.63 0.05
C PHE C 78 -1.32 51.69 1.29
N ARG C 79 -2.54 51.17 1.13
CA ARG C 79 -3.56 51.30 2.15
C ARG C 79 -4.52 50.12 1.98
N GLU C 80 -4.42 49.13 2.83
CA GLU C 80 -5.33 48.01 2.79
C GLU C 80 -6.66 48.41 3.43
N MET C 81 -7.75 48.02 2.80
CA MET C 81 -9.07 48.23 3.39
C MET C 81 -9.89 46.96 3.25
N PRO C 82 -10.83 46.72 4.16
CA PRO C 82 -11.59 45.46 4.09
C PRO C 82 -12.73 45.54 3.08
N ILE C 83 -12.95 44.42 2.40
CA ILE C 83 -14.01 44.27 1.43
C ILE C 83 -14.49 42.85 1.52
N GLY C 84 -15.78 42.64 1.28
CA GLY C 84 -16.27 41.27 1.15
C GLY C 84 -16.21 40.49 2.45
N GLY C 85 -15.71 39.26 2.35
CA GLY C 85 -15.67 38.41 3.52
C GLY C 85 -14.90 39.02 4.66
N ALA C 86 -13.79 39.68 4.36
CA ALA C 86 -13.07 40.40 5.39
C ALA C 86 -13.99 41.41 6.08
N ALA C 87 -14.73 42.19 5.29
CA ALA C 87 -15.59 43.22 5.85
C ALA C 87 -16.80 42.64 6.58
N LEU C 88 -17.37 41.56 6.05
CA LEU C 88 -18.47 40.91 6.77
C LEU C 88 -18.05 40.51 8.17
N ASP C 89 -16.83 40.00 8.32
CA ASP C 89 -16.32 39.60 9.61
C ASP C 89 -15.96 40.77 10.52
N LEU C 90 -15.69 41.94 9.94
CA LEU C 90 -15.24 43.09 10.73
C LEU C 90 -16.42 43.99 11.12
N VAL C 91 -17.07 44.62 10.15
CA VAL C 91 -18.17 45.53 10.45
C VAL C 91 -19.54 44.99 10.13
N GLY C 92 -19.63 43.83 9.49
CA GLY C 92 -20.92 43.21 9.25
C GLY C 92 -21.58 43.55 7.93
N VAL C 93 -20.91 44.27 7.05
CA VAL C 93 -21.42 44.49 5.70
C VAL C 93 -20.32 44.14 4.72
N PRO C 94 -20.68 43.80 3.49
CA PRO C 94 -19.65 43.48 2.54
C PRO C 94 -18.76 44.66 2.20
N LEU C 95 -19.29 45.88 2.24
CA LEU C 95 -18.55 47.08 1.83
C LEU C 95 -18.73 48.19 2.85
N PRO C 96 -17.75 48.36 3.73
CA PRO C 96 -17.85 49.40 4.76
C PRO C 96 -17.78 50.78 4.15
N GLU C 97 -18.39 51.75 4.83
CA GLU C 97 -18.27 53.12 4.33
C GLU C 97 -16.82 53.53 4.28
N GLU C 98 -16.03 53.07 5.26
CA GLU C 98 -14.62 53.40 5.33
C GLU C 98 -13.87 52.94 4.10
N THR C 99 -14.27 51.81 3.53
CA THR C 99 -13.59 51.27 2.34
C THR C 99 -13.88 52.08 1.08
N ILE C 100 -15.13 52.49 0.89
CA ILE C 100 -15.47 53.21 -0.33
C ILE C 100 -14.69 54.51 -0.40
N SER C 101 -14.78 55.33 0.65
CA SER C 101 -14.10 56.63 0.65
C SER C 101 -12.61 56.42 0.54
N ALA C 102 -12.09 55.40 1.20
CA ALA C 102 -10.68 55.08 1.03
C ALA C 102 -10.39 54.79 -0.43
N ALA C 103 -11.36 54.19 -1.13
CA ALA C 103 -11.17 53.87 -2.53
C ALA C 103 -11.42 55.07 -3.44
N LYS C 104 -12.43 55.87 -3.15
CA LYS C 104 -12.75 56.97 -4.04
C LYS C 104 -11.66 58.03 -4.04
N GLU C 105 -11.06 58.30 -2.88
CA GLU C 105 -10.01 59.29 -2.80
C GLU C 105 -8.68 58.76 -3.31
N SER C 106 -8.62 57.51 -3.71
CA SER C 106 -7.36 56.93 -4.12
C SER C 106 -7.11 57.21 -5.59
N ASP C 107 -5.87 57.01 -6.02
CA ASP C 107 -5.61 57.16 -7.45
C ASP C 107 -6.05 55.91 -8.19
N ALA C 108 -5.86 54.75 -7.58
CA ALA C 108 -6.16 53.48 -8.20
C ALA C 108 -6.40 52.44 -7.10
N VAL C 109 -7.17 51.42 -7.43
CA VAL C 109 -7.57 50.39 -6.46
C VAL C 109 -7.12 49.04 -7.01
N LEU C 110 -6.47 48.23 -6.18
CA LEU C 110 -6.01 46.90 -6.57
C LEU C 110 -6.75 45.86 -5.75
N LEU C 111 -7.51 45.00 -6.41
CA LEU C 111 -8.39 44.08 -5.73
C LEU C 111 -7.93 42.64 -5.88
N GLY C 112 -8.23 41.85 -4.88
CA GLY C 112 -7.99 40.43 -4.97
C GLY C 112 -9.18 39.66 -5.47
N ALA C 113 -9.98 39.14 -4.54
CA ALA C 113 -11.19 38.39 -4.87
C ALA C 113 -12.21 38.54 -3.76
N ILE C 114 -13.30 37.84 -3.86
CA ILE C 114 -14.36 37.99 -2.87
C ILE C 114 -15.03 36.65 -2.65
N GLY C 115 -15.46 36.40 -1.43
CA GLY C 115 -16.26 35.22 -1.27
C GLY C 115 -15.49 34.06 -0.65
N GLY C 116 -16.24 33.14 -0.10
CA GLY C 116 -15.67 32.02 0.62
C GLY C 116 -16.85 31.21 1.07
N TYR C 117 -16.57 29.97 1.48
CA TYR C 117 -17.66 29.08 1.86
C TYR C 117 -18.41 29.61 3.07
N LYS C 118 -17.73 30.27 4.01
CA LYS C 118 -18.37 30.71 5.25
C LYS C 118 -19.62 31.57 5.00
N TRP C 119 -19.52 32.52 4.08
CA TRP C 119 -20.56 33.52 3.91
C TRP C 119 -21.57 33.16 2.85
N ASP C 120 -21.50 31.94 2.32
CA ASP C 120 -22.41 31.50 1.27
C ASP C 120 -23.85 31.43 1.73
N ASN C 121 -24.13 31.51 3.02
CA ASN C 121 -25.49 31.33 3.50
C ASN C 121 -26.13 32.62 3.98
N ASN C 122 -25.47 33.77 3.80
CA ASN C 122 -26.08 34.99 4.28
C ASN C 122 -27.32 35.32 3.47
N GLU C 123 -28.09 36.25 3.99
CA GLU C 123 -29.11 36.91 3.20
C GLU C 123 -28.41 37.61 2.03
N LYS C 124 -29.18 37.88 0.97
CA LYS C 124 -28.56 38.34 -0.27
C LYS C 124 -27.77 39.63 -0.06
N HIS C 125 -28.41 40.65 0.51
CA HIS C 125 -27.71 41.89 0.87
C HIS C 125 -26.49 41.70 1.75
N LEU C 126 -26.29 40.50 2.27
CA LEU C 126 -25.16 40.23 3.14
C LEU C 126 -24.16 39.27 2.51
N ARG C 127 -24.39 38.83 1.27
CA ARG C 127 -23.42 38.01 0.58
C ARG C 127 -22.18 38.83 0.31
N PRO C 128 -20.99 38.25 0.41
CA PRO C 128 -19.78 39.02 0.11
C PRO C 128 -19.81 39.57 -1.29
N GLU C 129 -20.26 38.75 -2.24
CA GLU C 129 -20.28 39.13 -3.63
C GLU C 129 -21.09 40.41 -3.89
N LYS C 130 -22.11 40.68 -3.05
CA LYS C 130 -22.86 41.92 -3.14
C LYS C 130 -21.98 43.15 -2.91
N GLY C 131 -20.91 43.00 -2.14
CA GLY C 131 -19.97 44.10 -1.96
C GLY C 131 -19.14 44.39 -3.19
N LEU C 132 -18.79 43.35 -3.94
CA LEU C 132 -18.04 43.57 -5.17
C LEU C 132 -18.83 44.41 -6.15
N LEU C 133 -20.10 44.06 -6.33
CA LEU C 133 -20.91 44.81 -7.27
C LEU C 133 -21.05 46.26 -6.85
N GLN C 134 -21.22 46.52 -5.55
CA GLN C 134 -21.45 47.90 -5.12
C GLN C 134 -20.19 48.75 -5.22
N ILE C 135 -19.02 48.20 -4.82
CA ILE C 135 -17.80 48.97 -4.99
C ILE C 135 -17.60 49.26 -6.46
N ARG C 136 -18.06 48.37 -7.34
CA ARG C 136 -18.02 48.67 -8.75
C ARG C 136 -18.99 49.79 -9.09
N ALA C 137 -20.21 49.70 -8.57
CA ALA C 137 -21.18 50.74 -8.88
C ALA C 137 -20.75 52.08 -8.30
N ALA C 138 -20.29 52.08 -7.06
CA ALA C 138 -19.89 53.32 -6.41
C ALA C 138 -18.78 54.01 -7.17
N LEU C 139 -17.83 53.25 -7.67
CA LEU C 139 -16.74 53.87 -8.41
C LEU C 139 -17.10 54.25 -9.83
N LYS C 140 -18.31 53.95 -10.30
CA LYS C 140 -18.76 54.31 -11.65
C LYS C 140 -17.79 53.79 -12.70
N VAL C 141 -17.29 52.57 -12.47
CA VAL C 141 -16.35 51.91 -13.38
C VAL C 141 -17.20 51.12 -14.37
N PHE C 142 -17.68 51.82 -15.38
CA PHE C 142 -18.55 51.14 -16.33
C PHE C 142 -17.78 50.30 -17.34
N ALA C 143 -16.54 50.63 -17.63
CA ALA C 143 -15.83 50.00 -18.73
C ALA C 143 -14.95 48.88 -18.21
N ASN C 144 -15.23 47.65 -18.61
CA ASN C 144 -14.48 46.48 -18.13
C ASN C 144 -13.62 45.92 -19.26
N LEU C 145 -12.31 45.88 -19.04
CA LEU C 145 -11.36 45.38 -20.04
C LEU C 145 -10.66 44.13 -19.50
N ARG C 146 -10.95 42.99 -20.12
CA ARG C 146 -10.32 41.71 -19.80
C ARG C 146 -9.63 41.20 -21.05
N PRO C 147 -8.33 41.25 -21.12
CA PRO C 147 -7.63 40.87 -22.36
C PRO C 147 -7.14 39.45 -22.39
N ALA C 148 -7.49 38.69 -23.41
CA ALA C 148 -7.06 37.31 -23.56
C ALA C 148 -6.09 37.19 -24.73
N THR C 149 -4.80 37.06 -24.46
CA THR C 149 -3.82 36.81 -25.51
C THR C 149 -2.91 35.68 -25.07
N VAL C 150 -2.65 34.75 -25.98
CA VAL C 150 -1.93 33.53 -25.62
C VAL C 150 -0.42 33.79 -25.65
N LEU C 151 0.21 33.63 -24.51
CA LEU C 151 1.65 33.82 -24.53
C LEU C 151 2.32 32.59 -25.11
N PRO C 152 3.37 32.76 -25.91
CA PRO C 152 3.96 31.60 -26.55
C PRO C 152 4.44 30.60 -25.54
N GLN C 153 4.78 31.05 -24.34
CA GLN C 153 5.26 30.10 -23.36
C GLN C 153 4.15 29.25 -22.79
N LEU C 154 2.91 29.72 -22.85
CA LEU C 154 1.79 28.97 -22.28
C LEU C 154 1.01 28.25 -23.36
N VAL C 155 1.57 28.14 -24.56
CA VAL C 155 0.83 27.55 -25.67
C VAL C 155 0.47 26.11 -25.36
N ASP C 156 1.43 25.36 -24.85
CA ASP C 156 1.16 23.96 -24.58
C ASP C 156 0.21 23.81 -23.41
N ALA C 157 0.15 24.82 -22.57
CA ALA C 157 -0.71 24.74 -21.41
C ALA C 157 -2.15 24.89 -21.79
N SER C 158 -2.43 25.46 -22.95
CA SER C 158 -3.82 25.61 -23.32
C SER C 158 -4.40 24.24 -23.56
N THR C 159 -5.72 24.12 -23.46
CA THR C 159 -6.31 22.85 -23.82
C THR C 159 -6.74 22.83 -25.28
N LEU C 160 -6.77 23.97 -25.93
CA LEU C 160 -6.99 23.97 -27.36
C LEU C 160 -5.72 23.51 -28.07
N LYS C 161 -5.87 22.86 -29.21
CA LYS C 161 -4.69 22.45 -29.95
C LYS C 161 -3.82 23.67 -30.23
N ARG C 162 -2.54 23.44 -30.51
CA ARG C 162 -1.62 24.54 -30.75
C ARG C 162 -2.15 25.45 -31.83
N GLU C 163 -2.42 24.88 -33.00
CA GLU C 163 -2.85 25.67 -34.15
C GLU C 163 -4.11 26.46 -33.89
N VAL C 164 -4.99 25.99 -33.02
CA VAL C 164 -6.22 26.73 -32.73
C VAL C 164 -5.91 27.95 -31.86
N ALA C 165 -5.09 27.77 -30.84
CA ALA C 165 -4.90 28.79 -29.81
C ALA C 165 -3.61 29.55 -29.94
N GLU C 166 -2.73 29.21 -30.87
CA GLU C 166 -1.46 29.92 -30.98
C GLU C 166 -1.72 31.22 -31.73
N GLY C 167 -1.34 32.32 -31.13
CA GLY C 167 -1.55 33.60 -31.75
C GLY C 167 -2.88 34.23 -31.47
N VAL C 168 -3.70 33.62 -30.63
CA VAL C 168 -4.90 34.30 -30.15
C VAL C 168 -4.50 35.62 -29.54
N ASP C 169 -5.34 36.64 -29.73
CA ASP C 169 -5.09 37.96 -29.17
C ASP C 169 -6.35 38.79 -29.13
N LEU C 170 -7.24 38.55 -28.19
CA LEU C 170 -8.48 39.30 -28.18
C LEU C 170 -8.64 40.05 -26.86
N MET C 171 -9.50 41.05 -26.92
CA MET C 171 -9.84 41.91 -25.79
C MET C 171 -11.35 41.97 -25.64
N VAL C 172 -11.83 41.72 -24.43
CA VAL C 172 -13.26 41.71 -24.14
C VAL C 172 -13.61 42.97 -23.37
N VAL C 173 -14.57 43.74 -23.90
CA VAL C 173 -15.05 44.95 -23.25
C VAL C 173 -16.46 44.73 -22.75
N ARG C 174 -16.60 44.75 -21.43
CA ARG C 174 -17.83 44.41 -20.74
C ARG C 174 -18.43 45.61 -20.04
N GLU C 175 -19.74 45.78 -20.18
CA GLU C 175 -20.42 46.79 -19.39
C GLU C 175 -20.51 46.28 -17.97
N LEU C 176 -19.90 46.98 -17.03
CA LEU C 176 -19.81 46.47 -15.69
C LEU C 176 -20.83 47.06 -14.74
N THR C 177 -21.19 48.32 -14.90
CA THR C 177 -21.98 49.04 -13.93
C THR C 177 -23.47 49.10 -14.28
N GLY C 178 -23.95 48.18 -15.09
CA GLY C 178 -25.37 48.19 -15.40
C GLY C 178 -25.93 46.80 -15.66
N GLY C 179 -27.15 46.72 -16.16
CA GLY C 179 -27.69 45.45 -16.61
C GLY C 179 -28.36 44.62 -15.54
N ILE C 180 -28.47 43.32 -15.84
CA ILE C 180 -29.20 42.41 -14.97
C ILE C 180 -28.57 42.36 -13.59
N TYR C 181 -27.26 42.59 -13.51
CA TYR C 181 -26.62 42.57 -12.21
C TYR C 181 -27.09 43.73 -11.34
N PHE C 182 -27.47 44.84 -11.95
CA PHE C 182 -27.93 45.99 -11.18
C PHE C 182 -29.39 46.34 -11.44
N GLY C 183 -30.12 45.52 -12.18
CA GLY C 183 -31.40 45.94 -12.72
C GLY C 183 -32.54 45.82 -11.73
N GLU C 184 -33.39 46.85 -11.71
CA GLU C 184 -34.59 46.80 -10.90
C GLU C 184 -35.77 46.64 -11.84
N PRO C 185 -36.82 45.94 -11.40
CA PRO C 185 -37.05 45.33 -10.09
C PRO C 185 -36.28 44.05 -9.91
N ARG C 186 -36.29 43.51 -8.69
CA ARG C 186 -35.58 42.28 -8.36
C ARG C 186 -36.15 41.76 -7.04
N GLY C 187 -35.79 40.53 -6.71
CA GLY C 187 -36.16 39.94 -5.45
C GLY C 187 -36.82 38.60 -5.62
N ILE C 188 -37.19 38.01 -4.48
CA ILE C 188 -37.93 36.76 -4.45
C ILE C 188 -39.21 37.00 -3.67
N LYS C 189 -40.35 36.86 -4.33
CA LYS C 189 -41.67 37.09 -3.72
C LYS C 189 -42.43 35.77 -3.58
N THR C 190 -43.61 35.89 -2.99
CA THR C 190 -44.53 34.78 -2.80
C THR C 190 -45.87 35.15 -3.41
N ASN C 191 -46.28 34.42 -4.44
CA ASN C 191 -47.58 34.68 -5.04
C ASN C 191 -48.70 34.17 -4.13
N GLU C 192 -49.87 33.90 -4.73
CA GLU C 192 -51.03 33.42 -4.00
C GLU C 192 -50.95 31.93 -3.65
N ASN C 193 -50.27 31.14 -4.49
CA ASN C 193 -50.20 29.70 -4.29
C ASN C 193 -49.32 29.30 -3.11
N GLY C 194 -48.64 30.27 -2.49
CA GLY C 194 -47.62 29.97 -1.52
C GLY C 194 -46.32 29.49 -2.10
N GLU C 195 -46.20 29.47 -3.42
CA GLU C 195 -44.93 29.12 -4.04
C GLU C 195 -44.21 30.41 -4.42
N GLU C 196 -42.90 30.41 -4.27
CA GLU C 196 -42.07 31.57 -4.49
C GLU C 196 -41.86 31.89 -5.97
N VAL C 197 -41.60 33.17 -6.24
CA VAL C 197 -41.27 33.65 -7.56
C VAL C 197 -40.00 34.49 -7.44
N GLY C 198 -38.97 34.10 -8.16
CA GLY C 198 -37.73 34.85 -8.19
C GLY C 198 -37.64 35.61 -9.51
N PHE C 199 -37.09 36.82 -9.45
CA PHE C 199 -37.05 37.65 -10.64
C PHE C 199 -35.92 38.67 -10.56
N ASN C 200 -35.24 38.87 -11.67
CA ASN C 200 -34.30 39.98 -11.84
C ASN C 200 -34.60 40.66 -13.17
N THR C 201 -34.14 41.90 -13.31
CA THR C 201 -34.42 42.70 -14.51
C THR C 201 -33.15 43.05 -15.26
N GLU C 202 -33.02 42.55 -16.49
CA GLU C 202 -31.99 43.00 -17.42
C GLU C 202 -32.48 44.27 -18.09
N VAL C 203 -31.85 45.40 -17.78
CA VAL C 203 -32.32 46.71 -18.23
C VAL C 203 -31.13 47.56 -18.66
N TYR C 204 -31.23 48.16 -19.85
CA TYR C 204 -30.21 49.06 -20.35
C TYR C 204 -30.85 50.31 -20.95
N ALA C 205 -30.39 51.48 -20.51
CA ALA C 205 -30.74 52.75 -21.13
C ALA C 205 -29.74 53.08 -22.24
N ALA C 206 -30.14 54.00 -23.12
CA ALA C 206 -29.36 54.29 -24.31
C ALA C 206 -27.95 54.78 -23.98
N HIS C 207 -27.82 55.80 -23.14
CA HIS C 207 -26.50 56.34 -22.86
C HIS C 207 -25.60 55.28 -22.24
N GLU C 208 -26.19 54.29 -21.58
CA GLU C 208 -25.41 53.20 -21.00
C GLU C 208 -24.66 52.42 -22.08
N ILE C 209 -25.34 52.13 -23.20
CA ILE C 209 -24.69 51.47 -24.31
C ILE C 209 -23.66 52.38 -24.98
N ASP C 210 -23.99 53.67 -25.17
CA ASP C 210 -23.09 54.59 -25.88
C ASP C 210 -21.69 54.48 -25.34
N ARG C 211 -21.60 54.67 -24.03
CA ARG C 211 -20.33 54.81 -23.34
C ARG C 211 -19.52 53.53 -23.39
N ILE C 212 -20.16 52.38 -23.25
CA ILE C 212 -19.34 51.18 -23.35
C ILE C 212 -18.96 50.93 -24.80
N ALA C 213 -19.85 51.27 -25.73
CA ALA C 213 -19.52 51.09 -27.14
C ALA C 213 -18.34 51.95 -27.54
N ARG C 214 -18.34 53.22 -27.13
CA ARG C 214 -17.21 54.07 -27.47
C ARG C 214 -15.92 53.46 -26.93
N VAL C 215 -15.93 52.99 -25.69
CA VAL C 215 -14.74 52.33 -25.16
C VAL C 215 -14.36 51.14 -26.03
N ALA C 216 -15.34 50.39 -26.49
CA ALA C 216 -15.01 49.28 -27.37
C ALA C 216 -14.38 49.79 -28.66
N PHE C 217 -15.02 50.78 -29.28
CA PHE C 217 -14.49 51.34 -30.52
C PHE C 217 -13.12 51.95 -30.31
N GLU C 218 -12.96 52.75 -29.25
CA GLU C 218 -11.66 53.34 -28.97
C GLU C 218 -10.62 52.24 -28.82
N THR C 219 -11.01 51.12 -28.19
CA THR C 219 -10.11 50.00 -28.01
C THR C 219 -9.78 49.37 -29.36
N ALA C 220 -10.80 49.10 -30.17
CA ALA C 220 -10.55 48.49 -31.46
C ALA C 220 -9.63 49.35 -32.28
N ARG C 221 -9.83 50.67 -32.21
CA ARG C 221 -9.00 51.65 -32.88
C ARG C 221 -7.52 51.38 -32.63
N LYS C 222 -7.17 51.06 -31.40
CA LYS C 222 -5.76 50.92 -31.06
C LYS C 222 -5.20 49.55 -31.33
N ARG C 223 -6.02 48.58 -31.77
CA ARG C 223 -5.51 47.22 -32.00
C ARG C 223 -5.46 46.84 -33.47
N ARG C 224 -6.16 45.78 -33.85
CA ARG C 224 -6.19 45.31 -35.22
C ARG C 224 -7.40 45.85 -35.95
N GLY C 225 -8.11 46.78 -35.33
CA GLY C 225 -9.17 47.52 -35.99
C GLY C 225 -10.44 46.77 -36.29
N LYS C 226 -10.76 45.73 -35.53
CA LYS C 226 -11.99 44.99 -35.75
C LYS C 226 -12.77 44.95 -34.46
N LEU C 227 -14.08 45.12 -34.55
CA LEU C 227 -14.94 45.08 -33.39
C LEU C 227 -16.08 44.11 -33.64
N CYS C 228 -16.48 43.41 -32.58
CA CYS C 228 -17.56 42.43 -32.61
C CYS C 228 -18.49 42.70 -31.45
N SER C 229 -19.73 43.11 -31.74
CA SER C 229 -20.74 43.27 -30.72
C SER C 229 -21.46 41.95 -30.50
N VAL C 230 -21.67 41.57 -29.25
CA VAL C 230 -22.30 40.30 -28.92
C VAL C 230 -23.59 40.59 -28.16
N ASP C 231 -24.70 40.07 -28.67
CA ASP C 231 -25.98 40.25 -27.99
C ASP C 231 -26.85 39.04 -28.32
N LYS C 232 -28.09 39.08 -27.89
CA LYS C 232 -29.10 38.10 -28.28
C LYS C 232 -30.30 38.87 -28.79
N ALA C 233 -30.05 39.66 -29.84
CA ALA C 233 -31.05 40.56 -30.37
C ALA C 233 -32.14 39.83 -31.12
N ASN C 234 -32.03 38.52 -31.20
CA ASN C 234 -33.07 37.73 -31.81
C ASN C 234 -34.22 37.46 -30.87
N VAL C 235 -34.03 37.69 -29.58
CA VAL C 235 -35.03 37.28 -28.60
C VAL C 235 -35.31 38.40 -27.62
N LEU C 236 -34.24 39.03 -27.13
CA LEU C 236 -34.29 39.97 -26.02
C LEU C 236 -34.23 41.36 -26.63
N GLU C 237 -35.38 42.04 -26.68
CA GLU C 237 -35.45 43.39 -27.22
C GLU C 237 -34.64 44.41 -26.41
N ALA C 238 -34.25 44.10 -25.17
CA ALA C 238 -33.23 44.92 -24.54
C ALA C 238 -31.95 44.81 -25.35
N SER C 239 -31.63 43.60 -25.80
CA SER C 239 -30.48 43.39 -26.66
C SER C 239 -30.70 43.98 -28.04
N ILE C 240 -31.94 44.14 -28.47
CA ILE C 240 -32.19 44.84 -29.73
C ILE C 240 -31.69 46.27 -29.61
N LEU C 241 -32.06 46.94 -28.52
CA LEU C 241 -31.56 48.28 -28.28
C LEU C 241 -30.04 48.30 -28.23
N TRP C 242 -29.42 47.26 -27.67
CA TRP C 242 -27.97 47.22 -27.69
C TRP C 242 -27.47 47.32 -29.11
N ARG C 243 -27.97 46.43 -29.97
CA ARG C 243 -27.50 46.39 -31.35
C ARG C 243 -27.93 47.63 -32.12
N LYS C 244 -29.15 48.11 -31.88
CA LYS C 244 -29.58 49.31 -32.55
C LYS C 244 -28.61 50.44 -32.25
N ARG C 245 -28.23 50.57 -30.99
CA ARG C 245 -27.41 51.69 -30.57
C ARG C 245 -25.93 51.52 -30.87
N VAL C 246 -25.42 50.29 -30.90
CA VAL C 246 -24.02 50.13 -31.25
C VAL C 246 -23.81 50.40 -32.73
N THR C 247 -24.72 49.89 -33.57
CA THR C 247 -24.60 50.08 -35.00
C THR C 247 -24.62 51.56 -35.36
N ALA C 248 -25.43 52.35 -34.65
CA ALA C 248 -25.50 53.78 -34.92
C ALA C 248 -24.13 54.41 -34.86
N LEU C 249 -23.40 54.13 -33.79
CA LEU C 249 -22.13 54.80 -33.54
C LEU C 249 -21.06 54.40 -34.55
N ALA C 250 -21.31 53.39 -35.38
CA ALA C 250 -20.28 52.92 -36.30
C ALA C 250 -19.88 54.01 -37.27
N SER C 251 -20.80 54.92 -37.59
CA SER C 251 -20.48 56.00 -38.50
C SER C 251 -19.40 56.91 -37.94
N GLU C 252 -19.33 57.04 -36.61
CA GLU C 252 -18.34 57.92 -36.01
C GLU C 252 -16.96 57.29 -36.00
N TYR C 253 -16.89 55.98 -36.19
CA TYR C 253 -15.63 55.25 -36.30
C TYR C 253 -15.68 54.37 -37.55
N PRO C 254 -15.57 54.98 -38.73
CA PRO C 254 -15.48 54.16 -39.96
C PRO C 254 -14.17 53.43 -40.04
N ASP C 255 -13.20 53.90 -39.25
CA ASP C 255 -11.92 53.21 -39.14
C ASP C 255 -12.10 51.79 -38.65
N VAL C 256 -13.17 51.54 -37.92
CA VAL C 256 -13.39 50.28 -37.22
C VAL C 256 -14.35 49.44 -38.03
N GLU C 257 -14.03 48.16 -38.19
CA GLU C 257 -14.88 47.25 -38.94
C GLU C 257 -15.78 46.58 -37.91
N LEU C 258 -17.06 46.92 -37.93
CA LEU C 258 -18.00 46.45 -36.92
C LEU C 258 -18.76 45.27 -37.48
N SER C 259 -18.89 44.24 -36.67
CA SER C 259 -19.66 43.06 -37.02
C SER C 259 -20.42 42.61 -35.78
N HIS C 260 -21.49 41.89 -36.00
CA HIS C 260 -22.36 41.49 -34.91
C HIS C 260 -22.52 39.97 -34.86
N MET C 261 -22.50 39.42 -33.65
CA MET C 261 -22.56 37.99 -33.45
C MET C 261 -23.42 37.69 -32.24
N TYR C 262 -24.27 36.67 -32.34
CA TYR C 262 -25.16 36.31 -31.23
C TYR C 262 -24.37 35.60 -30.15
N VAL C 263 -24.86 35.68 -28.91
CA VAL C 263 -24.04 35.20 -27.80
C VAL C 263 -23.91 33.68 -27.86
N ASP C 264 -24.93 32.95 -28.29
CA ASP C 264 -24.78 31.50 -28.42
C ASP C 264 -23.78 31.16 -29.53
N ASN C 265 -23.83 31.86 -30.66
CA ASN C 265 -22.80 31.67 -31.69
C ASN C 265 -21.45 32.10 -31.16
N ALA C 266 -21.41 33.20 -30.42
CA ALA C 266 -20.15 33.74 -29.94
C ALA C 266 -19.42 32.74 -29.08
N ALA C 267 -20.13 32.10 -28.16
CA ALA C 267 -19.51 31.13 -27.27
C ALA C 267 -18.88 29.98 -28.06
N MET C 268 -19.58 29.48 -29.07
CA MET C 268 -18.97 28.42 -29.84
C MET C 268 -17.77 28.93 -30.59
N GLN C 269 -17.87 30.13 -31.14
CA GLN C 269 -16.78 30.62 -31.97
C GLN C 269 -15.50 30.79 -31.17
N LEU C 270 -15.61 31.22 -29.91
CA LEU C 270 -14.41 31.39 -29.10
C LEU C 270 -13.66 30.08 -28.91
N VAL C 271 -14.28 28.97 -29.25
CA VAL C 271 -13.63 27.67 -29.24
C VAL C 271 -13.36 27.15 -30.64
N ARG C 272 -14.17 27.52 -31.63
CA ARG C 272 -13.91 27.07 -32.99
C ARG C 272 -12.70 27.78 -33.55
N ASP C 273 -12.72 29.11 -33.53
CA ASP C 273 -11.65 29.92 -34.11
C ASP C 273 -11.49 31.19 -33.31
N PRO C 274 -10.83 31.11 -32.14
CA PRO C 274 -10.66 32.31 -31.36
C PRO C 274 -9.71 33.30 -31.99
N LYS C 275 -8.86 32.84 -32.92
CA LYS C 275 -8.00 33.81 -33.61
C LYS C 275 -8.80 34.82 -34.41
N GLN C 276 -10.09 34.59 -34.65
CA GLN C 276 -10.79 35.56 -35.47
C GLN C 276 -10.95 36.89 -34.75
N PHE C 277 -11.11 36.87 -33.45
CA PHE C 277 -11.50 38.08 -32.74
C PHE C 277 -10.37 39.05 -32.56
N ASP C 278 -10.72 40.34 -32.69
CA ASP C 278 -9.87 41.44 -32.26
C ASP C 278 -10.46 42.00 -30.98
N THR C 279 -11.64 42.58 -31.04
CA THR C 279 -12.28 43.16 -29.88
C THR C 279 -13.74 42.75 -29.85
N ILE C 280 -14.20 42.35 -28.69
CA ILE C 280 -15.56 41.92 -28.47
C ILE C 280 -16.14 42.85 -27.43
N VAL C 281 -17.37 43.28 -27.64
CA VAL C 281 -18.09 44.05 -26.64
C VAL C 281 -19.44 43.42 -26.39
N THR C 282 -19.85 43.40 -25.14
CA THR C 282 -21.10 42.76 -24.79
C THR C 282 -21.54 43.26 -23.42
N ASN C 283 -22.70 42.80 -22.96
CA ASN C 283 -23.27 43.40 -21.76
C ASN C 283 -22.66 42.74 -20.54
N ASN C 284 -23.18 43.04 -19.35
CA ASN C 284 -22.53 42.59 -18.12
C ASN C 284 -22.41 41.07 -18.06
N ILE C 285 -23.53 40.36 -18.08
CA ILE C 285 -23.48 38.93 -17.81
C ILE C 285 -22.78 38.19 -18.94
N PHE C 286 -23.18 38.44 -20.18
CA PHE C 286 -22.54 37.78 -21.31
C PHE C 286 -21.04 38.01 -21.28
N GLY C 287 -20.62 39.17 -20.79
CA GLY C 287 -19.20 39.37 -20.57
C GLY C 287 -18.67 38.43 -19.51
N ASP C 288 -19.42 38.28 -18.40
CA ASP C 288 -18.99 37.38 -17.33
C ASP C 288 -18.73 35.99 -17.89
N ILE C 289 -19.69 35.46 -18.64
CA ILE C 289 -19.57 34.10 -19.13
C ILE C 289 -18.44 34.00 -20.13
N LEU C 290 -18.50 34.82 -21.15
CA LEU C 290 -17.55 34.69 -22.25
C LEU C 290 -16.13 34.97 -21.79
N SER C 291 -15.94 36.00 -20.98
CA SER C 291 -14.58 36.31 -20.56
C SER C 291 -13.98 35.17 -19.76
N ASP C 292 -14.79 34.42 -19.01
CA ASP C 292 -14.29 33.24 -18.31
C ASP C 292 -13.98 32.12 -19.28
N GLU C 293 -14.81 31.95 -20.31
CA GLU C 293 -14.57 30.88 -21.28
C GLU C 293 -13.27 31.10 -22.02
N ALA C 294 -13.04 32.32 -22.46
CA ALA C 294 -11.82 32.62 -23.19
C ALA C 294 -10.58 32.42 -22.34
N SER C 295 -10.72 32.45 -21.01
CA SER C 295 -9.56 32.36 -20.16
C SER C 295 -8.78 31.09 -20.42
N MET C 296 -9.49 29.97 -20.59
CA MET C 296 -8.82 28.69 -20.78
C MET C 296 -7.95 28.68 -22.01
N ILE C 297 -8.19 29.58 -22.96
CA ILE C 297 -7.32 29.65 -24.12
C ILE C 297 -5.91 29.96 -23.70
N THR C 298 -5.75 30.90 -22.76
CA THR C 298 -4.42 31.33 -22.33
C THR C 298 -3.69 30.22 -21.61
N GLY C 299 -4.40 29.36 -20.92
CA GLY C 299 -3.75 28.35 -20.12
C GLY C 299 -4.49 28.14 -18.83
N SER C 300 -5.04 29.23 -18.31
CA SER C 300 -5.76 29.16 -17.06
C SER C 300 -6.62 30.38 -16.91
N ILE C 301 -7.57 30.29 -15.97
CA ILE C 301 -8.32 31.47 -15.55
C ILE C 301 -7.44 32.32 -14.66
N GLY C 302 -6.32 31.77 -14.25
CA GLY C 302 -5.28 32.37 -13.45
C GLY C 302 -4.28 33.18 -14.22
N MET C 303 -4.59 33.51 -15.47
CA MET C 303 -3.71 34.30 -16.32
C MET C 303 -4.28 35.65 -16.70
N LEU C 304 -5.52 35.95 -16.35
CA LEU C 304 -6.14 37.09 -17.01
C LEU C 304 -6.37 38.23 -16.05
N PRO C 305 -5.96 39.43 -16.41
CA PRO C 305 -6.21 40.58 -15.55
C PRO C 305 -7.42 41.31 -16.05
N SER C 306 -7.99 42.23 -15.28
CA SER C 306 -9.18 42.95 -15.74
C SER C 306 -9.08 44.36 -15.24
N ALA C 307 -9.36 45.31 -16.11
CA ALA C 307 -9.39 46.71 -15.73
C ALA C 307 -10.83 47.21 -15.79
N SER C 308 -11.25 47.91 -14.74
CA SER C 308 -12.55 48.54 -14.68
C SER C 308 -12.31 50.04 -14.59
N LEU C 309 -12.69 50.77 -15.64
CA LEU C 309 -12.26 52.15 -15.80
C LEU C 309 -13.47 53.06 -15.71
N SER C 310 -13.21 54.31 -15.37
CA SER C 310 -14.25 55.30 -15.16
C SER C 310 -13.85 56.62 -15.80
N ASP C 311 -14.83 57.51 -15.99
CA ASP C 311 -14.58 58.85 -16.51
C ASP C 311 -13.81 59.67 -15.49
N SER C 312 -12.49 59.80 -15.70
CA SER C 312 -11.57 60.56 -14.87
C SER C 312 -11.50 60.08 -13.42
N GLY C 313 -12.43 59.20 -13.02
CA GLY C 313 -12.48 58.66 -11.69
C GLY C 313 -11.47 57.53 -11.57
N PRO C 314 -11.09 57.14 -10.34
CA PRO C 314 -10.03 56.13 -10.18
C PRO C 314 -10.51 54.78 -10.62
N GLY C 315 -9.58 53.99 -11.16
CA GLY C 315 -9.92 52.67 -11.68
C GLY C 315 -9.80 51.54 -10.67
N LEU C 316 -10.50 50.43 -10.95
CA LEU C 316 -10.52 49.27 -10.08
C LEU C 316 -9.93 48.09 -10.81
N PHE C 317 -8.80 47.59 -10.33
CA PHE C 317 -8.06 46.58 -11.07
C PHE C 317 -7.98 45.29 -10.28
N GLU C 318 -8.44 44.21 -10.91
CA GLU C 318 -8.67 42.94 -10.25
C GLU C 318 -8.43 41.84 -11.25
N PRO C 319 -8.07 40.65 -10.80
CA PRO C 319 -8.08 39.47 -11.67
C PRO C 319 -9.47 38.88 -11.78
N ILE C 320 -9.75 38.26 -12.93
CA ILE C 320 -11.09 37.76 -13.20
C ILE C 320 -11.42 36.52 -12.39
N HIS C 321 -10.43 35.84 -11.84
CA HIS C 321 -10.76 34.67 -11.03
C HIS C 321 -11.41 35.07 -9.71
N GLY C 322 -11.95 34.06 -9.03
CA GLY C 322 -12.66 34.19 -7.77
C GLY C 322 -11.75 34.06 -6.57
N SER C 323 -12.37 33.76 -5.42
CA SER C 323 -11.61 33.47 -4.22
C SER C 323 -10.75 32.24 -4.33
N ALA C 324 -11.10 31.35 -5.26
CA ALA C 324 -10.57 29.99 -5.34
C ALA C 324 -10.50 29.39 -3.94
N PRO C 325 -11.63 29.24 -3.25
CA PRO C 325 -11.57 28.72 -1.87
C PRO C 325 -11.04 27.33 -1.82
N ASP C 326 -11.16 26.58 -2.90
CA ASP C 326 -10.65 25.23 -2.96
C ASP C 326 -9.15 25.18 -2.81
N ILE C 327 -8.45 26.29 -3.06
CA ILE C 327 -6.99 26.33 -2.96
C ILE C 327 -6.51 27.48 -2.09
N ALA C 328 -7.41 28.09 -1.33
CA ALA C 328 -6.99 29.14 -0.42
C ALA C 328 -6.14 28.55 0.70
N GLY C 329 -5.03 29.21 1.02
CA GLY C 329 -4.12 28.73 2.03
C GLY C 329 -3.28 27.58 1.59
N GLN C 330 -3.53 27.02 0.41
CA GLN C 330 -2.70 25.96 -0.10
C GLN C 330 -1.40 26.46 -0.66
N ASP C 331 -1.28 27.76 -0.93
CA ASP C 331 -0.13 28.32 -1.62
C ASP C 331 -0.02 27.70 -3.02
N LYS C 332 -1.14 27.37 -3.62
CA LYS C 332 -1.14 26.81 -4.96
C LYS C 332 -1.49 27.83 -6.03
N ALA C 333 -2.13 28.93 -5.62
CA ALA C 333 -2.81 29.82 -6.53
C ALA C 333 -1.85 30.40 -7.57
N ASN C 334 -2.42 30.84 -8.68
CA ASN C 334 -1.65 31.53 -9.70
C ASN C 334 -1.78 33.03 -9.51
N PRO C 335 -0.70 33.74 -9.28
CA PRO C 335 -0.81 35.18 -9.03
C PRO C 335 -0.74 36.01 -10.29
N LEU C 336 -0.24 35.40 -11.36
CA LEU C 336 0.12 36.15 -12.56
C LEU C 336 -1.00 37.08 -12.99
N ALA C 337 -2.23 36.58 -13.03
CA ALA C 337 -3.35 37.46 -13.34
C ALA C 337 -3.35 38.69 -12.44
N THR C 338 -3.10 38.50 -11.15
CA THR C 338 -3.09 39.67 -10.27
C THR C 338 -1.87 40.54 -10.53
N ILE C 339 -0.71 39.93 -10.76
CA ILE C 339 0.46 40.73 -11.12
C ILE C 339 0.16 41.52 -12.38
N LEU C 340 -0.42 40.87 -13.37
CA LEU C 340 -0.74 41.61 -14.58
C LEU C 340 -1.86 42.60 -14.35
N SER C 341 -2.75 42.38 -13.37
CA SER C 341 -3.73 43.42 -13.08
C SER C 341 -3.03 44.67 -12.61
N ALA C 342 -1.92 44.49 -11.87
CA ALA C 342 -1.14 45.66 -11.47
C ALA C 342 -0.48 46.31 -12.67
N ALA C 343 -0.02 45.53 -13.64
CA ALA C 343 0.49 46.16 -14.86
C ALA C 343 -0.60 46.97 -15.53
N MET C 344 -1.81 46.42 -15.61
CA MET C 344 -2.91 47.21 -16.13
C MET C 344 -3.19 48.42 -15.26
N LEU C 345 -2.91 48.33 -13.96
CA LEU C 345 -3.11 49.48 -13.08
C LEU C 345 -2.21 50.64 -13.48
N LEU C 346 -0.95 50.34 -13.79
CA LEU C 346 -0.04 51.39 -14.24
C LEU C 346 -0.37 51.83 -15.66
N LYS C 347 -0.64 50.88 -16.55
CA LYS C 347 -0.84 51.23 -17.95
C LYS C 347 -2.15 51.96 -18.15
N TYR C 348 -3.27 51.42 -17.68
CA TYR C 348 -4.55 52.03 -18.03
C TYR C 348 -5.03 53.06 -17.03
N GLY C 349 -4.70 52.88 -15.76
CA GLY C 349 -5.26 53.70 -14.70
C GLY C 349 -4.41 54.85 -14.24
N LEU C 350 -3.09 54.68 -14.27
CA LEU C 350 -2.17 55.72 -13.85
C LEU C 350 -1.28 56.24 -14.97
N GLY C 351 -1.29 55.61 -16.13
CA GLY C 351 -0.51 56.15 -17.23
C GLY C 351 0.99 56.00 -17.16
N GLU C 352 1.52 55.21 -16.22
CA GLU C 352 2.96 54.96 -16.15
C GLU C 352 3.33 53.77 -17.04
N GLU C 353 3.34 53.99 -18.34
CA GLU C 353 3.47 52.86 -19.24
C GLU C 353 4.85 52.19 -19.16
N LYS C 354 5.92 52.94 -19.00
CA LYS C 354 7.23 52.32 -19.02
C LYS C 354 7.39 51.34 -17.86
N ALA C 355 6.93 51.73 -16.68
CA ALA C 355 6.98 50.82 -15.53
C ALA C 355 6.14 49.58 -15.76
N ALA C 356 4.91 49.76 -16.23
CA ALA C 356 4.00 48.65 -16.47
C ALA C 356 4.66 47.64 -17.38
N LYS C 357 5.49 48.11 -18.31
CA LYS C 357 6.19 47.18 -19.16
C LYS C 357 7.25 46.41 -18.39
N ARG C 358 7.82 47.01 -17.34
CA ARG C 358 8.74 46.23 -16.50
C ARG C 358 8.02 45.04 -15.90
N ILE C 359 6.78 45.24 -15.46
CA ILE C 359 6.00 44.13 -14.94
C ILE C 359 5.78 43.09 -16.02
N GLU C 360 5.24 43.50 -17.16
CA GLU C 360 4.98 42.54 -18.22
C GLU C 360 6.25 41.80 -18.60
N ASP C 361 7.32 42.53 -18.81
CA ASP C 361 8.56 41.91 -19.25
C ASP C 361 9.03 40.89 -18.24
N ALA C 362 8.90 41.18 -16.97
CA ALA C 362 9.40 40.24 -15.97
C ALA C 362 8.60 38.95 -16.01
N VAL C 363 7.26 39.04 -16.08
CA VAL C 363 6.43 37.85 -16.15
C VAL C 363 6.86 36.95 -17.30
N LEU C 364 7.21 37.54 -18.43
CA LEU C 364 7.69 36.71 -19.53
C LEU C 364 8.99 36.02 -19.17
N VAL C 365 9.89 36.71 -18.48
CA VAL C 365 11.16 36.08 -18.07
C VAL C 365 10.89 34.89 -17.16
N ALA C 366 10.07 35.10 -16.13
CA ALA C 366 9.78 34.01 -15.21
C ALA C 366 9.25 32.81 -15.95
N LEU C 367 8.36 33.05 -16.92
CA LEU C 367 7.78 31.93 -17.66
C LEU C 367 8.82 31.28 -18.55
N ASN C 368 9.71 32.05 -19.14
CA ASN C 368 10.75 31.45 -19.95
C ASN C 368 11.71 30.63 -19.12
N ASN C 369 11.82 30.91 -17.84
CA ASN C 369 12.67 30.00 -17.09
C ASN C 369 11.92 28.75 -16.67
N GLY C 370 10.65 28.60 -17.04
CA GLY C 370 9.91 27.38 -16.81
C GLY C 370 8.96 27.35 -15.62
N PHE C 371 8.87 28.40 -14.84
CA PHE C 371 8.11 28.30 -13.61
C PHE C 371 6.64 28.36 -13.95
N ARG C 372 5.93 27.29 -13.69
CA ARG C 372 4.50 27.32 -13.89
C ARG C 372 3.86 26.92 -12.59
N THR C 373 2.77 27.58 -12.23
CA THR C 373 1.99 27.04 -11.14
C THR C 373 1.19 25.85 -11.68
N GLY C 374 0.48 25.15 -10.80
CA GLY C 374 -0.17 23.92 -11.23
C GLY C 374 -1.11 24.14 -12.40
N ASP C 375 -1.78 25.27 -12.43
CA ASP C 375 -2.78 25.47 -13.46
C ASP C 375 -2.17 25.71 -14.83
N ILE C 376 -0.91 26.12 -14.90
CA ILE C 376 -0.30 26.35 -16.21
C ILE C 376 0.90 25.44 -16.44
N TYR C 377 0.88 24.25 -15.83
CA TYR C 377 1.98 23.30 -15.94
C TYR C 377 1.92 22.51 -17.24
N SER C 378 3.03 22.48 -17.96
CA SER C 378 3.20 21.70 -19.18
C SER C 378 4.38 20.79 -18.95
N ALA C 379 4.52 19.80 -19.82
CA ALA C 379 5.59 18.84 -19.65
C ALA C 379 6.94 19.56 -19.67
N GLY C 380 7.83 19.20 -18.75
CA GLY C 380 9.16 19.76 -18.70
C GLY C 380 9.28 21.14 -18.08
N THR C 381 8.23 21.64 -17.44
CA THR C 381 8.31 22.90 -16.73
C THR C 381 8.63 22.65 -15.26
N LYS C 382 8.74 23.73 -14.49
CA LYS C 382 9.11 23.73 -13.07
C LYS C 382 7.90 24.14 -12.24
N LEU C 383 7.33 23.22 -11.49
CA LEU C 383 6.12 23.51 -10.75
C LEU C 383 6.44 24.28 -9.48
N VAL C 384 5.94 25.51 -9.34
CA VAL C 384 6.11 26.28 -8.12
C VAL C 384 4.74 26.66 -7.59
N GLY C 385 4.72 27.19 -6.39
CA GLY C 385 3.47 27.62 -5.81
C GLY C 385 3.24 29.10 -6.01
N CYS C 386 2.56 29.73 -5.06
CA CYS C 386 2.19 31.13 -5.28
C CYS C 386 3.28 32.04 -4.80
N LYS C 387 3.70 31.86 -3.56
CA LYS C 387 4.78 32.64 -3.00
C LYS C 387 6.03 32.47 -3.84
N GLU C 388 6.34 31.25 -4.21
CA GLU C 388 7.64 30.93 -4.79
C GLU C 388 7.71 31.30 -6.23
N MET C 389 6.56 31.59 -6.83
CA MET C 389 6.44 32.13 -8.17
C MET C 389 6.67 33.63 -8.16
N GLY C 390 5.87 34.35 -7.37
CA GLY C 390 6.11 35.78 -7.23
C GLY C 390 7.51 36.06 -6.74
N GLU C 391 7.97 35.33 -5.70
CA GLU C 391 9.33 35.56 -5.24
C GLU C 391 10.30 35.38 -6.38
N GLU C 392 9.98 34.53 -7.33
CA GLU C 392 10.84 34.27 -8.45
C GLU C 392 10.46 35.13 -9.69
N VAL C 393 9.37 35.89 -9.60
CA VAL C 393 9.03 36.95 -10.57
C VAL C 393 9.64 38.28 -10.17
N LEU C 394 9.44 38.66 -8.91
CA LEU C 394 10.06 39.89 -8.40
C LEU C 394 11.57 39.86 -8.61
N LYS C 395 12.19 38.71 -8.36
CA LYS C 395 13.59 38.49 -8.71
C LYS C 395 13.89 38.93 -10.14
N SER C 396 12.93 38.75 -11.05
CA SER C 396 13.13 39.17 -12.43
C SER C 396 12.95 40.67 -12.61
N VAL C 397 12.05 41.30 -11.84
CA VAL C 397 11.95 42.78 -11.87
C VAL C 397 13.26 43.40 -11.43
N ASP C 398 13.88 42.87 -10.38
CA ASP C 398 15.06 43.51 -9.81
C ASP C 398 16.31 43.30 -10.65
N SER C 399 16.19 42.63 -11.80
CA SER C 399 17.27 42.57 -12.76
C SER C 399 17.23 43.77 -13.71
N ARG D 42 -16.55 35.80 59.94
CA ARG D 42 -15.85 35.78 58.66
C ARG D 42 -14.38 35.88 58.92
N TYR D 43 -13.65 34.85 58.53
CA TYR D 43 -12.19 34.86 58.64
C TYR D 43 -11.58 35.18 57.29
N THR D 44 -10.35 35.66 57.33
CA THR D 44 -9.63 36.07 56.14
C THR D 44 -8.52 35.07 55.87
N ILE D 45 -8.64 34.32 54.77
CA ILE D 45 -7.69 33.27 54.41
C ILE D 45 -6.94 33.70 53.17
N THR D 46 -5.62 33.56 53.21
CA THR D 46 -4.78 33.82 52.07
C THR D 46 -4.42 32.47 51.48
N LEU D 47 -4.81 32.23 50.22
CA LEU D 47 -4.55 30.97 49.53
C LEU D 47 -3.32 31.14 48.67
N LEU D 48 -2.33 30.28 48.86
CA LEU D 48 -1.10 30.31 48.07
C LEU D 48 -0.96 29.03 47.26
N PRO D 49 -1.48 28.97 46.04
CA PRO D 49 -1.55 27.68 45.34
C PRO D 49 -0.20 27.13 44.93
N GLY D 50 0.88 27.89 45.01
CA GLY D 50 2.14 27.33 44.59
C GLY D 50 2.13 26.74 43.19
N ASP D 51 2.75 25.57 43.04
CA ASP D 51 2.98 25.00 41.72
C ASP D 51 2.50 23.56 41.65
N GLY D 52 2.63 22.97 40.47
CA GLY D 52 2.35 21.56 40.33
C GLY D 52 0.98 21.12 40.77
N ILE D 53 1.01 20.34 41.84
CA ILE D 53 -0.20 19.83 42.43
C ILE D 53 -0.91 20.88 43.28
N GLY D 54 -0.21 21.94 43.64
CA GLY D 54 -0.78 22.97 44.47
C GLY D 54 -2.12 23.50 44.01
N PRO D 55 -2.15 24.10 42.81
CA PRO D 55 -3.40 24.73 42.35
C PRO D 55 -4.61 23.82 42.43
N GLU D 56 -4.52 22.62 41.86
CA GLU D 56 -5.67 21.72 41.88
C GLU D 56 -6.06 21.35 43.30
N VAL D 57 -5.09 20.98 44.16
CA VAL D 57 -5.46 20.52 45.49
C VAL D 57 -6.03 21.66 46.33
N VAL D 58 -5.49 22.87 46.16
CA VAL D 58 -5.96 24.01 46.93
C VAL D 58 -7.35 24.41 46.48
N SER D 59 -7.59 24.34 45.16
CA SER D 59 -8.94 24.54 44.65
C SER D 59 -9.93 23.61 45.33
N ILE D 60 -9.55 22.34 45.52
CA ILE D 60 -10.43 21.39 46.17
C ILE D 60 -10.59 21.72 47.66
N ALA D 61 -9.48 22.00 48.35
CA ALA D 61 -9.53 22.29 49.78
C ALA D 61 -10.31 23.56 50.09
N LYS D 62 -10.25 24.57 49.21
CA LYS D 62 -11.05 25.77 49.40
C LYS D 62 -12.54 25.45 49.37
N ASN D 63 -12.98 24.67 48.38
CA ASN D 63 -14.39 24.34 48.31
C ASN D 63 -14.81 23.51 49.51
N VAL D 64 -13.94 22.58 49.95
CA VAL D 64 -14.25 21.74 51.12
C VAL D 64 -14.36 22.59 52.38
N LEU D 65 -13.43 23.52 52.56
CA LEU D 65 -13.46 24.41 53.72
C LEU D 65 -14.75 25.21 53.74
N GLN D 66 -15.15 25.76 52.59
CA GLN D 66 -16.35 26.59 52.54
C GLN D 66 -17.55 25.80 53.02
N GLN D 67 -17.76 24.63 52.45
CA GLN D 67 -18.96 23.86 52.74
C GLN D 67 -18.99 23.42 54.19
N ALA D 68 -17.85 23.01 54.73
CA ALA D 68 -17.84 22.60 56.13
C ALA D 68 -18.07 23.79 57.05
N GLY D 69 -17.42 24.91 56.78
CA GLY D 69 -17.59 26.06 57.65
C GLY D 69 -19.00 26.62 57.63
N SER D 70 -19.61 26.69 56.45
CA SER D 70 -20.95 27.24 56.34
C SER D 70 -21.95 26.45 57.19
N LEU D 71 -21.75 25.14 57.34
CA LEU D 71 -22.69 24.35 58.12
C LEU D 71 -22.63 24.73 59.60
N GLU D 72 -21.49 25.23 60.06
CA GLU D 72 -21.35 25.71 61.42
C GLU D 72 -21.42 27.23 61.49
N GLY D 73 -21.99 27.87 60.49
CA GLY D 73 -22.15 29.31 60.55
C GLY D 73 -20.90 30.15 60.40
N VAL D 74 -19.95 29.73 59.55
CA VAL D 74 -18.71 30.46 59.33
C VAL D 74 -18.54 30.74 57.84
N GLU D 75 -18.24 31.99 57.49
CA GLU D 75 -17.95 32.35 56.10
C GLU D 75 -16.52 32.86 56.00
N PHE D 76 -16.03 32.94 54.75
CA PHE D 76 -14.64 33.22 54.44
C PHE D 76 -14.46 34.27 53.37
N ASN D 77 -13.36 34.99 53.54
CA ASN D 77 -12.82 35.95 52.58
C ASN D 77 -11.59 35.28 51.98
N PHE D 78 -11.70 34.80 50.75
CA PHE D 78 -10.56 34.17 50.11
C PHE D 78 -9.77 35.16 49.26
N ARG D 79 -8.44 34.99 49.24
CA ARG D 79 -7.58 35.77 48.35
C ARG D 79 -6.44 34.90 47.86
N GLU D 80 -6.42 34.60 46.56
CA GLU D 80 -5.28 33.93 45.97
C GLU D 80 -4.12 34.90 45.89
N MET D 81 -2.93 34.46 46.31
CA MET D 81 -1.72 35.24 46.19
C MET D 81 -0.62 34.32 45.68
N PRO D 82 0.36 34.84 44.94
CA PRO D 82 1.43 33.99 44.38
C PRO D 82 2.61 33.78 45.31
N ILE D 83 3.18 32.57 45.26
CA ILE D 83 4.38 32.23 46.03
C ILE D 83 5.16 31.18 45.25
N GLY D 84 6.48 31.21 45.40
CA GLY D 84 7.28 30.18 44.77
C GLY D 84 7.31 30.33 43.26
N GLY D 85 7.21 29.21 42.55
CA GLY D 85 7.34 29.26 41.10
C GLY D 85 6.31 30.14 40.43
N ALA D 86 5.08 30.10 40.94
CA ALA D 86 4.03 30.96 40.39
C ALA D 86 4.44 32.42 40.41
N ALA D 87 4.93 32.91 41.56
CA ALA D 87 5.30 34.31 41.67
C ALA D 87 6.54 34.63 40.84
N LEU D 88 7.51 33.72 40.81
CA LEU D 88 8.72 33.92 40.02
C LEU D 88 8.40 34.21 38.56
N ASP D 89 7.40 33.51 38.01
CA ASP D 89 6.97 33.72 36.64
C ASP D 89 6.28 35.05 36.45
N LEU D 90 5.73 35.60 37.54
CA LEU D 90 4.94 36.83 37.47
C LEU D 90 5.83 38.03 37.74
N VAL D 91 6.33 38.14 38.97
CA VAL D 91 7.08 39.28 39.42
C VAL D 91 8.57 39.00 39.56
N GLY D 92 9.01 37.77 39.38
CA GLY D 92 10.43 37.51 39.39
C GLY D 92 11.06 37.16 40.73
N VAL D 93 10.28 36.96 41.78
CA VAL D 93 10.84 36.49 43.05
C VAL D 93 10.04 35.31 43.60
N PRO D 94 10.66 34.46 44.41
CA PRO D 94 9.88 33.37 45.04
C PRO D 94 8.81 33.86 45.99
N LEU D 95 9.05 34.97 46.69
CA LEU D 95 8.11 35.50 47.67
C LEU D 95 8.03 37.02 47.52
N PRO D 96 7.01 37.55 46.84
CA PRO D 96 6.85 39.00 46.78
C PRO D 96 6.36 39.58 48.09
N GLU D 97 6.78 40.83 48.36
CA GLU D 97 6.35 41.50 49.58
C GLU D 97 4.84 41.64 49.65
N GLU D 98 4.16 41.82 48.52
CA GLU D 98 2.71 41.93 48.56
C GLU D 98 2.09 40.68 49.14
N THR D 99 2.73 39.51 48.93
CA THR D 99 2.22 38.26 49.47
C THR D 99 2.33 38.21 50.98
N ILE D 100 3.49 38.62 51.51
CA ILE D 100 3.72 38.56 52.94
C ILE D 100 2.72 39.45 53.66
N SER D 101 2.57 40.68 53.19
CA SER D 101 1.58 41.55 53.81
C SER D 101 0.20 40.93 53.69
N ALA D 102 -0.12 40.36 52.54
CA ALA D 102 -1.40 39.69 52.40
C ALA D 102 -1.54 38.53 53.38
N ALA D 103 -0.43 37.86 53.69
CA ALA D 103 -0.51 36.74 54.61
C ALA D 103 -0.59 37.21 56.06
N LYS D 104 0.23 38.20 56.45
CA LYS D 104 0.26 38.58 57.85
C LYS D 104 -1.07 39.18 58.28
N GLU D 105 -1.69 39.96 57.39
CA GLU D 105 -3.02 40.49 57.66
C GLU D 105 -3.96 39.35 57.99
N SER D 106 -4.02 38.37 57.11
CA SER D 106 -5.05 37.35 57.15
C SER D 106 -4.97 36.49 58.42
N ASP D 107 -6.07 35.83 58.75
CA ASP D 107 -6.16 35.03 59.97
C ASP D 107 -5.43 33.72 59.87
N ALA D 108 -5.41 33.11 58.69
CA ALA D 108 -4.79 31.83 58.50
C ALA D 108 -4.44 31.69 57.03
N VAL D 109 -3.40 30.93 56.73
CA VAL D 109 -2.87 30.80 55.38
C VAL D 109 -2.86 29.33 54.98
N LEU D 110 -3.40 29.02 53.81
CA LEU D 110 -3.45 27.67 53.28
C LEU D 110 -2.59 27.60 52.03
N LEU D 111 -1.55 26.79 52.08
CA LEU D 111 -0.58 26.68 51.01
C LEU D 111 -0.68 25.31 50.37
N GLY D 112 -0.37 25.27 49.08
CA GLY D 112 -0.29 24.00 48.38
C GLY D 112 1.12 23.43 48.37
N ALA D 113 1.85 23.67 47.29
CA ALA D 113 3.19 23.15 47.19
C ALA D 113 4.04 24.14 46.42
N ILE D 114 5.29 23.79 46.20
CA ILE D 114 6.23 24.76 45.65
C ILE D 114 7.25 24.04 44.80
N GLY D 115 7.67 24.71 43.73
CA GLY D 115 8.77 24.19 42.97
C GLY D 115 8.31 23.52 41.70
N GLY D 116 9.23 23.36 40.79
CA GLY D 116 8.90 22.78 39.51
C GLY D 116 10.15 22.66 38.70
N TYR D 117 10.07 21.83 37.66
CA TYR D 117 11.24 21.58 36.83
C TYR D 117 11.73 22.89 36.24
N LYS D 118 10.79 23.76 35.89
CA LYS D 118 11.09 24.99 35.17
C LYS D 118 12.09 25.85 35.93
N TRP D 119 11.90 26.04 37.22
CA TRP D 119 12.74 26.97 37.97
C TRP D 119 13.82 26.27 38.77
N ASP D 120 13.97 24.97 38.63
CA ASP D 120 14.96 24.26 39.42
C ASP D 120 16.38 24.72 39.13
N ASN D 121 16.60 25.57 38.12
CA ASN D 121 17.95 25.99 37.73
C ASN D 121 18.29 27.43 38.08
N ASN D 122 17.42 28.14 38.79
CA ASN D 122 17.73 29.52 39.13
C ASN D 122 18.90 29.61 40.11
N GLU D 123 19.43 30.82 40.27
CA GLU D 123 20.31 31.11 41.38
C GLU D 123 19.56 30.86 42.68
N LYS D 124 20.30 30.60 43.76
CA LYS D 124 19.66 30.08 44.97
C LYS D 124 18.59 31.05 45.49
N HIS D 125 18.94 32.33 45.67
CA HIS D 125 17.97 33.31 46.16
C HIS D 125 16.72 33.39 45.30
N LEU D 126 16.75 32.74 44.14
CA LEU D 126 15.69 32.81 43.15
C LEU D 126 14.95 31.49 42.97
N ARG D 127 15.11 30.54 43.93
CA ARG D 127 14.42 29.27 43.75
C ARG D 127 13.10 29.27 44.51
N PRO D 128 12.10 28.56 44.02
CA PRO D 128 10.79 28.59 44.67
C PRO D 128 10.85 28.14 46.11
N GLU D 129 11.64 27.12 46.41
CA GLU D 129 11.70 26.65 47.77
C GLU D 129 12.16 27.74 48.74
N LYS D 130 13.03 28.67 48.30
CA LYS D 130 13.45 29.72 49.22
C LYS D 130 12.28 30.60 49.62
N GLY D 131 11.30 30.76 48.74
CA GLY D 131 10.12 31.53 49.10
C GLY D 131 9.32 30.85 50.18
N LEU D 132 9.31 29.51 50.18
CA LEU D 132 8.68 28.76 51.25
C LEU D 132 9.41 28.99 52.56
N LEU D 133 10.74 28.88 52.53
CA LEU D 133 11.53 29.16 53.71
C LEU D 133 11.32 30.59 54.16
N GLN D 134 11.18 31.51 53.22
CA GLN D 134 11.05 32.90 53.60
C GLN D 134 9.74 33.17 54.31
N ILE D 135 8.62 32.75 53.73
CA ILE D 135 7.35 33.00 54.40
C ILE D 135 7.28 32.25 55.72
N ARG D 136 8.03 31.17 55.88
CA ARG D 136 8.02 30.47 57.16
C ARG D 136 8.64 31.32 58.25
N ALA D 137 9.82 31.90 57.98
CA ALA D 137 10.44 32.76 58.98
C ALA D 137 9.63 34.04 59.16
N ALA D 138 9.17 34.63 58.05
CA ALA D 138 8.40 35.87 58.10
C ALA D 138 7.12 35.71 58.91
N LEU D 139 6.44 34.59 58.77
CA LEU D 139 5.25 34.37 59.58
C LEU D 139 5.60 33.92 61.00
N LYS D 140 6.90 33.73 61.26
CA LYS D 140 7.40 33.38 62.58
C LYS D 140 6.71 32.12 63.10
N VAL D 141 6.48 31.16 62.21
CA VAL D 141 5.73 29.92 62.57
C VAL D 141 6.77 28.85 62.90
N PHE D 142 7.22 28.86 64.16
CA PHE D 142 8.29 27.92 64.49
C PHE D 142 7.77 26.51 64.74
N ALA D 143 6.54 26.36 65.18
CA ALA D 143 6.04 25.06 65.59
C ALA D 143 5.26 24.48 64.43
N ASN D 144 5.79 23.38 63.88
CA ASN D 144 5.21 22.66 62.76
C ASN D 144 4.69 21.31 63.24
N LEU D 145 3.42 21.04 63.00
CA LEU D 145 2.80 19.83 63.51
C LEU D 145 2.41 18.92 62.34
N ARG D 146 3.11 17.81 62.18
CA ARG D 146 2.79 16.87 61.11
C ARG D 146 2.31 15.59 61.75
N PRO D 147 1.01 15.31 61.74
CA PRO D 147 0.48 14.14 62.43
C PRO D 147 0.30 12.95 61.52
N ALA D 148 0.88 11.81 61.87
CA ALA D 148 0.77 10.56 61.12
C ALA D 148 -0.10 9.59 61.91
N THR D 149 -1.37 9.42 61.50
CA THR D 149 -2.28 8.52 62.16
C THR D 149 -2.91 7.61 61.12
N VAL D 150 -2.90 6.32 61.37
CA VAL D 150 -3.34 5.36 60.36
C VAL D 150 -4.84 5.20 60.47
N LEU D 151 -5.55 5.55 59.42
CA LEU D 151 -6.98 5.37 59.40
C LEU D 151 -7.33 3.91 59.14
N PRO D 152 -8.43 3.41 59.71
CA PRO D 152 -8.75 1.99 59.53
C PRO D 152 -8.94 1.59 58.08
N GLN D 153 -9.37 2.52 57.24
CA GLN D 153 -9.64 2.26 55.83
C GLN D 153 -8.38 2.13 55.00
N LEU D 154 -7.25 2.65 55.49
CA LEU D 154 -6.02 2.66 54.72
C LEU D 154 -5.01 1.64 55.21
N VAL D 155 -5.44 0.67 56.01
CA VAL D 155 -4.48 -0.27 56.59
C VAL D 155 -3.77 -1.05 55.49
N ASP D 156 -4.52 -1.53 54.51
CA ASP D 156 -3.94 -2.28 53.40
C ASP D 156 -3.23 -1.36 52.42
N ALA D 157 -3.52 -0.07 52.48
CA ALA D 157 -2.92 0.88 51.56
C ALA D 157 -1.46 1.12 51.88
N SER D 158 -1.04 0.83 53.09
CA SER D 158 0.34 0.98 53.51
C SER D 158 1.21 -0.11 52.88
N THR D 159 2.51 0.03 53.03
CA THR D 159 3.41 -1.07 52.71
C THR D 159 3.83 -1.87 53.94
N LEU D 160 3.53 -1.41 55.15
CA LEU D 160 3.80 -2.21 56.33
C LEU D 160 2.74 -3.28 56.53
N LYS D 161 3.15 -4.43 57.08
CA LYS D 161 2.18 -5.47 57.38
C LYS D 161 1.10 -4.88 58.27
N ARG D 162 -0.09 -5.47 58.21
CA ARG D 162 -1.21 -4.92 58.95
C ARG D 162 -0.86 -4.78 60.43
N GLU D 163 -0.35 -5.83 61.06
CA GLU D 163 -0.13 -5.76 62.50
C GLU D 163 0.82 -4.63 62.89
N VAL D 164 1.79 -4.31 62.03
CA VAL D 164 2.74 -3.27 62.40
C VAL D 164 2.13 -1.88 62.27
N ALA D 165 1.34 -1.65 61.24
CA ALA D 165 0.90 -0.32 60.91
C ALA D 165 -0.48 0.01 61.40
N GLU D 166 -1.20 -0.94 61.98
CA GLU D 166 -2.57 -0.68 62.39
C GLU D 166 -2.59 0.05 63.71
N GLY D 167 -3.31 1.16 63.74
CA GLY D 167 -3.42 1.92 64.96
C GLY D 167 -2.25 2.84 65.24
N VAL D 168 -1.29 2.96 64.33
CA VAL D 168 -0.23 3.94 64.50
C VAL D 168 -0.86 5.31 64.68
N ASP D 169 -0.30 6.09 65.58
CA ASP D 169 -0.86 7.42 65.86
C ASP D 169 0.18 8.26 66.56
N LEU D 170 1.08 8.84 65.78
CA LEU D 170 2.18 9.64 66.26
C LEU D 170 2.04 11.05 65.72
N MET D 171 2.71 11.99 66.38
CA MET D 171 2.73 13.38 65.96
C MET D 171 4.16 13.87 65.95
N VAL D 172 4.60 14.41 64.83
CA VAL D 172 5.96 14.91 64.73
C VAL D 172 5.89 16.40 64.91
N VAL D 173 6.59 16.91 65.92
CA VAL D 173 6.66 18.34 66.20
C VAL D 173 8.04 18.81 65.79
N ARG D 174 8.09 19.57 64.72
CA ARG D 174 9.31 19.93 64.03
C ARG D 174 9.58 21.42 64.17
N GLU D 175 10.81 21.76 64.51
CA GLU D 175 11.23 23.15 64.58
C GLU D 175 11.40 23.67 63.15
N LEU D 176 10.61 24.66 62.77
CA LEU D 176 10.44 25.03 61.37
C LEU D 176 11.27 26.21 60.91
N THR D 177 11.50 27.20 61.77
CA THR D 177 12.11 28.47 61.41
C THR D 177 13.59 28.59 61.69
N GLY D 178 14.16 27.70 62.50
CA GLY D 178 15.57 27.71 62.79
C GLY D 178 16.32 26.56 62.13
N GLY D 179 17.54 26.35 62.60
CA GLY D 179 18.31 25.20 62.20
C GLY D 179 19.19 25.41 60.99
N ILE D 180 19.63 24.30 60.41
CA ILE D 180 20.61 24.37 59.32
C ILE D 180 20.04 25.10 58.12
N TYR D 181 18.71 25.07 57.96
CA TYR D 181 18.08 25.72 56.81
C TYR D 181 18.27 27.21 56.83
N PHE D 182 18.36 27.82 58.00
CA PHE D 182 18.45 29.27 58.19
C PHE D 182 19.76 29.69 58.82
N GLY D 183 20.75 28.80 58.87
CA GLY D 183 21.94 29.05 59.64
C GLY D 183 22.98 29.81 58.85
N GLU D 184 23.55 30.83 59.47
CA GLU D 184 24.68 31.52 58.89
C GLU D 184 25.88 31.17 59.74
N PRO D 185 27.08 31.12 59.15
CA PRO D 185 27.48 31.39 57.78
C PRO D 185 27.16 30.28 56.82
N ARG D 186 26.73 30.61 55.61
CA ARG D 186 26.46 29.64 54.57
C ARG D 186 26.97 30.17 53.24
N GLY D 187 27.05 29.29 52.26
CA GLY D 187 27.42 29.67 50.92
C GLY D 187 28.48 28.76 50.37
N ILE D 188 28.87 29.03 49.13
CA ILE D 188 29.92 28.28 48.44
C ILE D 188 31.03 29.25 48.14
N LYS D 189 32.14 29.08 48.79
CA LYS D 189 33.27 29.95 48.57
C LYS D 189 34.33 29.11 47.88
N THR D 190 35.44 29.76 47.56
CA THR D 190 36.59 29.09 46.97
C THR D 190 37.81 29.37 47.85
N ASN D 191 38.34 28.31 48.45
CA ASN D 191 39.57 28.47 49.21
C ASN D 191 40.70 28.70 48.22
N GLU D 192 41.90 28.97 48.72
CA GLU D 192 42.94 29.49 47.85
C GLU D 192 43.35 28.51 46.75
N ASN D 193 43.04 27.22 46.91
CA ASN D 193 43.47 26.20 45.95
C ASN D 193 42.44 25.94 44.86
N GLY D 194 41.65 26.95 44.50
CA GLY D 194 40.75 26.82 43.36
C GLY D 194 39.72 25.72 43.49
N GLU D 195 39.66 25.11 44.66
CA GLU D 195 38.67 24.08 44.94
C GLU D 195 37.51 24.70 45.68
N GLU D 196 36.30 24.39 45.25
CA GLU D 196 35.15 24.99 45.90
C GLU D 196 34.92 24.28 47.23
N VAL D 197 34.41 25.03 48.21
CA VAL D 197 34.06 24.49 49.51
C VAL D 197 32.64 24.94 49.81
N GLY D 198 31.74 23.99 49.96
CA GLY D 198 30.35 24.29 50.29
C GLY D 198 30.12 24.03 51.76
N PHE D 199 29.36 24.93 52.40
CA PHE D 199 29.18 24.85 53.84
C PHE D 199 27.88 25.49 54.26
N ASN D 200 27.20 24.85 55.21
CA ASN D 200 26.07 25.41 55.92
C ASN D 200 26.33 25.27 57.39
N THR D 201 25.61 26.04 58.17
CA THR D 201 25.78 26.03 59.61
C THR D 201 24.46 25.62 60.25
N GLU D 202 24.47 24.49 60.94
CA GLU D 202 23.38 24.06 61.82
C GLU D 202 23.59 24.73 63.18
N VAL D 203 22.72 25.66 63.54
CA VAL D 203 22.92 26.45 64.76
C VAL D 203 21.59 26.63 65.46
N TYR D 204 21.57 26.38 66.77
CA TYR D 204 20.40 26.61 67.59
C TYR D 204 20.78 27.37 68.84
N ALA D 205 20.08 28.46 69.10
CA ALA D 205 20.16 29.15 70.37
C ALA D 205 19.17 28.56 71.34
N ALA D 206 19.38 28.83 72.62
CA ALA D 206 18.56 28.22 73.64
C ALA D 206 17.08 28.55 73.47
N HIS D 207 16.76 29.82 73.19
CA HIS D 207 15.34 30.19 73.17
C HIS D 207 14.55 29.43 72.11
N GLU D 208 15.18 29.08 70.98
CA GLU D 208 14.47 28.32 69.95
C GLU D 208 14.12 26.92 70.42
N ILE D 209 15.08 26.24 71.06
CA ILE D 209 14.86 24.87 71.53
C ILE D 209 13.80 24.85 72.59
N ASP D 210 13.86 25.79 73.54
CA ASP D 210 12.88 25.81 74.62
C ASP D 210 11.46 25.89 74.08
N ARG D 211 11.19 26.87 73.22
CA ARG D 211 9.82 27.09 72.76
C ARG D 211 9.28 25.92 71.95
N ILE D 212 10.13 25.27 71.14
CA ILE D 212 9.64 24.14 70.35
C ILE D 212 9.40 22.96 71.27
N ALA D 213 10.20 22.82 72.32
CA ALA D 213 9.96 21.77 73.29
C ALA D 213 8.67 22.04 74.05
N ARG D 214 8.44 23.28 74.47
CA ARG D 214 7.19 23.56 75.14
C ARG D 214 6.01 23.17 74.29
N VAL D 215 6.06 23.49 73.00
CA VAL D 215 4.96 23.11 72.13
C VAL D 215 4.75 21.61 72.16
N ALA D 216 5.84 20.86 72.16
CA ALA D 216 5.73 19.40 72.20
C ALA D 216 5.11 18.91 73.49
N PHE D 217 5.65 19.36 74.63
CA PHE D 217 5.15 18.90 75.92
C PHE D 217 3.66 19.21 76.02
N GLU D 218 3.26 20.40 75.58
CA GLU D 218 1.85 20.74 75.61
C GLU D 218 1.05 19.77 74.75
N THR D 219 1.55 19.51 73.54
CA THR D 219 0.85 18.58 72.65
C THR D 219 0.94 17.17 73.18
N ALA D 220 2.11 16.77 73.68
CA ALA D 220 2.19 15.45 74.27
C ALA D 220 1.21 15.30 75.42
N ARG D 221 1.00 16.37 76.21
CA ARG D 221 0.01 16.31 77.28
C ARG D 221 -1.39 16.15 76.73
N LYS D 222 -1.67 16.76 75.59
CA LYS D 222 -3.00 16.64 75.02
C LYS D 222 -3.27 15.25 74.43
N ARG D 223 -2.25 14.39 74.35
CA ARG D 223 -2.42 13.08 73.73
C ARG D 223 -2.28 11.96 74.76
N ARG D 224 -1.27 11.11 74.59
CA ARG D 224 -1.13 9.97 75.47
C ARG D 224 -0.05 10.19 76.51
N GLY D 225 0.47 11.40 76.61
CA GLY D 225 1.42 11.73 77.66
C GLY D 225 2.81 11.19 77.51
N LYS D 226 3.26 10.98 76.27
CA LYS D 226 4.59 10.42 75.99
C LYS D 226 5.30 11.31 74.99
N LEU D 227 6.59 11.55 75.22
CA LEU D 227 7.40 12.39 74.32
C LEU D 227 8.73 11.72 74.00
N CYS D 228 9.20 11.89 72.77
CA CYS D 228 10.48 11.35 72.31
C CYS D 228 11.22 12.46 71.59
N SER D 229 12.33 12.91 72.16
CA SER D 229 13.18 13.89 71.47
C SER D 229 14.15 13.09 70.60
N VAL D 230 14.32 13.50 69.35
CA VAL D 230 15.20 12.83 68.41
C VAL D 230 16.33 13.78 68.05
N ASP D 231 17.56 13.37 68.30
CA ASP D 231 18.67 14.24 68.06
C ASP D 231 19.87 13.38 67.75
N LYS D 232 21.04 13.98 67.65
CA LYS D 232 22.29 13.25 67.48
C LYS D 232 23.29 13.77 68.51
N ALA D 233 22.94 13.58 69.77
CA ALA D 233 23.77 14.11 70.83
C ALA D 233 25.07 13.33 71.04
N ASN D 234 25.29 12.23 70.32
CA ASN D 234 26.57 11.57 70.33
C ASN D 234 27.57 12.18 69.36
N VAL D 235 27.12 13.05 68.45
CA VAL D 235 28.07 13.58 67.49
C VAL D 235 27.96 15.10 67.37
N LEU D 236 26.75 15.62 67.27
CA LEU D 236 26.59 17.04 66.96
C LEU D 236 26.31 17.78 68.25
N GLU D 237 27.27 18.60 68.68
CA GLU D 237 26.98 19.38 69.86
C GLU D 237 25.92 20.43 69.62
N ALA D 238 25.38 20.52 68.40
CA ALA D 238 24.15 21.27 68.23
C ALA D 238 23.01 20.57 68.92
N SER D 239 22.86 19.27 68.66
CA SER D 239 21.84 18.49 69.31
C SER D 239 22.14 18.26 70.77
N ILE D 240 23.41 18.35 71.18
CA ILE D 240 23.75 18.24 72.61
C ILE D 240 23.01 19.32 73.36
N LEU D 241 23.12 20.56 72.89
CA LEU D 241 22.37 21.66 73.49
C LEU D 241 20.88 21.42 73.37
N TRP D 242 20.44 20.85 72.24
CA TRP D 242 19.03 20.50 72.08
C TRP D 242 18.57 19.60 73.23
N ARG D 243 19.33 18.55 73.49
CA ARG D 243 18.92 17.59 74.51
C ARG D 243 18.97 18.20 75.90
N LYS D 244 20.00 18.99 76.18
CA LYS D 244 20.13 19.61 77.49
C LYS D 244 18.92 20.47 77.80
N ARG D 245 18.46 21.22 76.81
CA ARG D 245 17.37 22.16 77.06
C ARG D 245 16.03 21.43 77.18
N VAL D 246 15.84 20.37 76.39
CA VAL D 246 14.59 19.65 76.45
C VAL D 246 14.52 18.85 77.74
N THR D 247 15.64 18.25 78.11
CA THR D 247 15.68 17.54 79.37
C THR D 247 15.41 18.50 80.52
N ALA D 248 15.91 19.73 80.40
CA ALA D 248 15.68 20.73 81.43
C ALA D 248 14.20 20.93 81.67
N LEU D 249 13.45 21.13 80.59
CA LEU D 249 12.04 21.42 80.71
C LEU D 249 11.22 20.26 81.22
N ALA D 250 11.82 19.08 81.36
CA ALA D 250 11.02 17.91 81.72
C ALA D 250 10.40 18.03 83.10
N SER D 251 11.07 18.72 84.03
CA SER D 251 10.52 18.90 85.37
C SER D 251 9.24 19.73 85.36
N GLU D 252 9.07 20.61 84.38
CA GLU D 252 7.89 21.46 84.34
C GLU D 252 6.66 20.72 83.86
N TYR D 253 6.87 19.57 83.24
CA TYR D 253 5.79 18.71 82.76
C TYR D 253 6.10 17.30 83.24
N PRO D 254 5.86 17.00 84.52
CA PRO D 254 6.02 15.62 84.97
C PRO D 254 4.96 14.72 84.41
N ASP D 255 3.88 15.31 83.91
CA ASP D 255 2.78 14.58 83.30
C ASP D 255 3.21 13.75 82.09
N VAL D 256 4.26 14.17 81.42
CA VAL D 256 4.70 13.61 80.14
C VAL D 256 6.00 12.84 80.30
N GLU D 257 6.10 11.69 79.63
CA GLU D 257 7.29 10.85 79.70
C GLU D 257 8.29 11.25 78.64
N LEU D 258 9.42 11.81 79.04
CA LEU D 258 10.41 12.30 78.08
C LEU D 258 11.51 11.27 77.92
N SER D 259 11.86 10.98 76.66
CA SER D 259 12.96 10.11 76.32
C SER D 259 13.67 10.67 75.09
N HIS D 260 14.92 10.27 74.92
CA HIS D 260 15.77 10.78 73.86
C HIS D 260 16.22 9.63 72.99
N MET D 261 16.16 9.82 71.68
CA MET D 261 16.45 8.75 70.74
C MET D 261 17.31 9.31 69.64
N TYR D 262 18.32 8.56 69.22
CA TYR D 262 19.18 9.07 68.16
C TYR D 262 18.42 8.97 66.85
N VAL D 263 18.75 9.86 65.92
CA VAL D 263 17.90 9.97 64.73
C VAL D 263 18.00 8.72 63.88
N ASP D 264 19.18 8.13 63.81
CA ASP D 264 19.30 6.92 63.02
C ASP D 264 18.44 5.81 63.61
N ASN D 265 18.46 5.67 64.94
CA ASN D 265 17.56 4.73 65.59
C ASN D 265 16.13 5.14 65.34
N ALA D 266 15.85 6.42 65.41
CA ALA D 266 14.50 6.87 65.16
C ALA D 266 14.05 6.51 63.75
N ALA D 267 14.94 6.66 62.77
CA ALA D 267 14.57 6.31 61.40
C ALA D 267 14.14 4.87 61.30
N MET D 268 14.85 3.97 61.98
CA MET D 268 14.41 2.59 62.04
C MET D 268 13.08 2.46 62.75
N GLN D 269 13.02 2.95 63.98
CA GLN D 269 11.88 2.67 64.84
C GLN D 269 10.57 2.99 64.15
N LEU D 270 10.53 4.01 63.29
CA LEU D 270 9.31 4.31 62.56
C LEU D 270 8.92 3.20 61.61
N VAL D 271 9.83 2.25 61.33
CA VAL D 271 9.55 1.10 60.50
C VAL D 271 9.43 -0.18 61.34
N ARG D 272 10.27 -0.36 62.36
CA ARG D 272 10.19 -1.54 63.20
C ARG D 272 8.92 -1.53 64.02
N ASP D 273 8.72 -0.49 64.81
CA ASP D 273 7.58 -0.41 65.72
C ASP D 273 7.09 1.01 65.80
N PRO D 274 6.44 1.51 64.76
CA PRO D 274 5.97 2.90 64.79
C PRO D 274 4.82 3.08 65.75
N LYS D 275 4.13 2.00 66.10
CA LYS D 275 3.05 2.08 67.07
C LYS D 275 3.52 2.59 68.42
N GLN D 276 4.84 2.56 68.66
CA GLN D 276 5.39 2.93 69.97
C GLN D 276 5.30 4.44 70.23
N PHE D 277 5.47 5.28 69.22
CA PHE D 277 5.61 6.70 69.45
C PHE D 277 4.28 7.36 69.75
N ASP D 278 4.33 8.35 70.64
CA ASP D 278 3.21 9.28 70.82
C ASP D 278 3.57 10.61 70.19
N THR D 279 4.54 11.29 70.73
CA THR D 279 4.94 12.56 70.14
C THR D 279 6.44 12.58 69.96
N ILE D 280 6.87 13.09 68.83
CA ILE D 280 8.27 13.21 68.50
C ILE D 280 8.56 14.69 68.35
N VAL D 281 9.66 15.13 68.94
CA VAL D 281 10.14 16.49 68.76
C VAL D 281 11.56 16.42 68.27
N THR D 282 11.87 17.19 67.24
CA THR D 282 13.21 17.16 66.68
C THR D 282 13.42 18.45 65.91
N ASN D 283 14.61 18.60 65.33
CA ASN D 283 14.98 19.88 64.76
C ASN D 283 14.41 19.99 63.35
N ASN D 284 14.80 21.03 62.62
CA ASN D 284 14.22 21.28 61.31
C ASN D 284 14.48 20.14 60.37
N ILE D 285 15.75 19.72 60.24
CA ILE D 285 16.11 18.79 59.18
C ILE D 285 15.83 17.34 59.55
N PHE D 286 15.75 16.98 60.82
CA PHE D 286 15.26 15.65 61.14
C PHE D 286 13.74 15.59 61.04
N GLY D 287 13.06 16.69 61.34
CA GLY D 287 11.64 16.73 61.11
C GLY D 287 11.33 16.56 59.65
N ASP D 288 12.11 17.20 58.78
CA ASP D 288 11.92 17.07 57.34
C ASP D 288 11.93 15.61 56.94
N ILE D 289 13.01 14.91 57.29
CA ILE D 289 13.19 13.54 56.83
C ILE D 289 12.17 12.63 57.48
N LEU D 290 12.16 12.62 58.81
CA LEU D 290 11.39 11.62 59.52
C LEU D 290 9.91 11.74 59.20
N SER D 291 9.40 12.95 59.09
CA SER D 291 7.99 13.07 58.78
C SER D 291 7.70 12.54 57.40
N ASP D 292 8.61 12.75 56.45
CA ASP D 292 8.36 12.27 55.09
C ASP D 292 8.35 10.75 55.06
N GLU D 293 9.26 10.14 55.81
CA GLU D 293 9.27 8.69 55.98
C GLU D 293 8.02 8.23 56.70
N ALA D 294 7.63 8.96 57.73
CA ALA D 294 6.48 8.54 58.48
C ALA D 294 5.26 8.50 57.62
N SER D 295 5.28 9.23 56.52
CA SER D 295 4.09 9.33 55.71
C SER D 295 3.64 7.97 55.19
N MET D 296 4.58 7.13 54.77
CA MET D 296 4.23 5.89 54.07
C MET D 296 3.39 4.95 54.92
N ILE D 297 3.53 4.97 56.25
CA ILE D 297 2.66 4.15 57.10
C ILE D 297 1.19 4.41 56.79
N THR D 298 0.81 5.68 56.62
CA THR D 298 -0.58 6.05 56.45
C THR D 298 -1.11 5.55 55.13
N GLY D 299 -0.23 5.34 54.16
CA GLY D 299 -0.60 4.84 52.85
C GLY D 299 0.22 5.43 51.74
N SER D 300 0.50 6.71 51.81
CA SER D 300 1.34 7.42 50.85
C SER D 300 1.60 8.80 51.41
N ILE D 301 2.47 9.54 50.74
CA ILE D 301 2.71 10.90 51.20
C ILE D 301 1.51 11.80 51.04
N GLY D 302 0.49 11.34 50.33
CA GLY D 302 -0.66 12.17 50.09
C GLY D 302 -1.68 12.20 51.19
N MET D 303 -1.37 11.65 52.36
CA MET D 303 -2.31 11.64 53.47
C MET D 303 -1.93 12.55 54.63
N LEU D 304 -0.67 13.01 54.71
CA LEU D 304 -0.21 13.77 55.87
C LEU D 304 -0.54 15.24 55.70
N PRO D 305 -1.17 15.86 56.68
CA PRO D 305 -1.32 17.31 56.65
C PRO D 305 -0.32 17.94 57.60
N SER D 306 -0.18 19.26 57.57
CA SER D 306 0.74 19.93 58.48
C SER D 306 0.16 21.28 58.84
N ALA D 307 0.25 21.62 60.12
CA ALA D 307 -0.03 22.95 60.62
C ALA D 307 1.29 23.54 61.06
N SER D 308 1.55 24.78 60.66
CA SER D 308 2.75 25.51 61.07
C SER D 308 2.28 26.70 61.90
N LEU D 309 2.64 26.69 63.18
CA LEU D 309 2.02 27.61 64.12
C LEU D 309 2.99 28.61 64.72
N SER D 310 2.43 29.74 65.11
CA SER D 310 3.14 30.75 65.86
C SER D 310 2.15 31.25 66.88
N ASP D 311 2.70 31.83 67.94
CA ASP D 311 1.97 32.57 68.95
C ASP D 311 1.55 33.95 68.44
N SER D 312 0.34 34.36 68.80
CA SER D 312 -0.21 35.65 68.41
C SER D 312 -0.43 35.78 66.91
N GLY D 313 0.44 35.15 66.12
CA GLY D 313 0.42 35.21 64.69
C GLY D 313 -0.48 34.22 63.98
N PRO D 314 -0.88 34.56 62.76
CA PRO D 314 -1.68 33.64 61.95
C PRO D 314 -0.81 32.49 61.44
N GLY D 315 -1.42 31.30 61.37
CA GLY D 315 -0.72 30.10 60.99
C GLY D 315 -0.72 29.79 59.50
N LEU D 316 0.21 28.93 59.10
CA LEU D 316 0.40 28.47 57.72
C LEU D 316 0.14 26.97 57.64
N PHE D 317 -0.87 26.58 56.87
CA PHE D 317 -1.32 25.20 56.81
C PHE D 317 -1.09 24.66 55.41
N GLU D 318 -0.38 23.53 55.31
CA GLU D 318 0.05 22.97 54.04
C GLU D 318 0.16 21.46 54.18
N PRO D 319 0.04 20.72 53.09
CA PRO D 319 0.39 19.31 53.11
C PRO D 319 1.89 19.17 52.96
N ILE D 320 2.44 18.11 53.55
CA ILE D 320 3.89 17.96 53.58
C ILE D 320 4.46 17.52 52.25
N HIS D 321 3.60 17.06 51.34
CA HIS D 321 4.10 16.66 50.05
C HIS D 321 4.61 17.86 49.27
N GLY D 322 5.27 17.56 48.17
CA GLY D 322 5.89 18.56 47.34
C GLY D 322 5.03 18.94 46.15
N SER D 323 5.65 19.68 45.23
CA SER D 323 4.97 20.06 44.01
C SER D 323 4.54 18.87 43.20
N ALA D 324 5.02 17.67 43.52
CA ALA D 324 4.78 16.44 42.79
C ALA D 324 4.73 16.80 41.33
N PRO D 325 5.84 17.28 40.79
CA PRO D 325 5.80 17.82 39.44
C PRO D 325 5.44 16.81 38.40
N ASP D 326 5.74 15.53 38.66
CA ASP D 326 5.52 14.50 37.68
C ASP D 326 4.05 14.30 37.35
N ILE D 327 3.15 14.51 38.30
CA ILE D 327 1.75 14.24 37.99
C ILE D 327 0.92 15.52 37.91
N ALA D 328 1.56 16.62 37.53
CA ALA D 328 0.82 17.87 37.46
C ALA D 328 -0.12 17.86 36.27
N GLY D 329 -1.37 18.25 36.48
CA GLY D 329 -2.35 18.31 35.41
C GLY D 329 -2.76 16.97 34.88
N GLN D 330 -2.09 15.90 35.30
CA GLN D 330 -2.50 14.55 34.98
C GLN D 330 -3.70 14.16 35.81
N ASP D 331 -4.07 15.02 36.75
CA ASP D 331 -5.27 14.83 37.54
C ASP D 331 -5.22 13.54 38.32
N LYS D 332 -4.01 13.24 38.77
CA LYS D 332 -3.74 12.08 39.58
C LYS D 332 -3.64 12.39 41.07
N ALA D 333 -3.40 13.63 41.43
CA ALA D 333 -2.92 13.93 42.77
C ALA D 333 -3.88 13.46 43.84
N ASN D 334 -3.34 13.17 45.01
CA ASN D 334 -4.18 12.84 46.15
C ASN D 334 -4.45 14.13 46.89
N PRO D 335 -5.67 14.56 46.99
CA PRO D 335 -5.96 15.89 47.56
C PRO D 335 -6.14 15.88 49.06
N LEU D 336 -6.36 14.68 49.62
CA LEU D 336 -6.73 14.53 51.02
C LEU D 336 -5.79 15.28 51.95
N ALA D 337 -4.48 15.11 51.78
CA ALA D 337 -3.52 15.82 52.62
C ALA D 337 -3.84 17.31 52.70
N THR D 338 -4.17 17.92 51.56
CA THR D 338 -4.53 19.34 51.62
C THR D 338 -5.89 19.55 52.28
N ILE D 339 -6.87 18.71 51.97
CA ILE D 339 -8.16 18.82 52.64
C ILE D 339 -7.99 18.67 54.13
N LEU D 340 -7.20 17.68 54.56
CA LEU D 340 -6.97 17.52 56.00
C LEU D 340 -6.11 18.64 56.54
N SER D 341 -5.25 19.23 55.71
CA SER D 341 -4.51 20.42 56.14
C SER D 341 -5.44 21.61 56.36
N ALA D 342 -6.49 21.74 55.55
CA ALA D 342 -7.51 22.74 55.81
C ALA D 342 -8.31 22.40 57.05
N ALA D 343 -8.49 21.12 57.31
CA ALA D 343 -9.14 20.70 58.56
C ALA D 343 -8.34 21.19 59.75
N MET D 344 -7.02 21.01 59.71
CA MET D 344 -6.17 21.53 60.77
C MET D 344 -6.29 23.04 60.90
N LEU D 345 -6.61 23.73 59.79
CA LEU D 345 -6.76 25.17 59.84
C LEU D 345 -7.90 25.60 60.74
N LEU D 346 -9.07 24.95 60.64
CA LEU D 346 -10.18 25.33 61.51
C LEU D 346 -9.90 24.88 62.93
N LYS D 347 -9.42 23.65 63.09
CA LYS D 347 -9.20 23.08 64.42
C LYS D 347 -8.06 23.79 65.13
N TYR D 348 -6.90 23.92 64.45
CA TYR D 348 -5.70 24.40 65.11
C TYR D 348 -5.50 25.90 64.99
N GLY D 349 -5.89 26.50 63.89
CA GLY D 349 -5.56 27.90 63.69
C GLY D 349 -6.64 28.87 64.09
N LEU D 350 -7.90 28.51 63.87
CA LEU D 350 -9.03 29.39 64.10
C LEU D 350 -9.90 28.94 65.26
N GLY D 351 -9.69 27.75 65.81
CA GLY D 351 -10.46 27.26 66.95
C GLY D 351 -11.87 26.83 66.64
N GLU D 352 -12.26 26.77 65.37
CA GLU D 352 -13.58 26.28 64.99
C GLU D 352 -13.50 24.77 64.85
N GLU D 353 -13.51 24.10 66.01
CA GLU D 353 -13.26 22.66 66.02
C GLU D 353 -14.37 21.88 65.31
N LYS D 354 -15.63 22.24 65.55
CA LYS D 354 -16.72 21.44 65.00
C LYS D 354 -16.72 21.47 63.49
N ALA D 355 -16.50 22.65 62.90
CA ALA D 355 -16.40 22.70 61.46
C ALA D 355 -15.30 21.78 60.96
N ALA D 356 -14.14 21.79 61.61
CA ALA D 356 -13.04 20.92 61.23
C ALA D 356 -13.42 19.45 61.29
N LYS D 357 -14.23 19.05 62.27
CA LYS D 357 -14.61 17.65 62.34
C LYS D 357 -15.54 17.27 61.20
N ARG D 358 -16.36 18.22 60.72
CA ARG D 358 -17.17 17.96 59.55
C ARG D 358 -16.28 17.57 58.36
N ILE D 359 -15.11 18.20 58.24
CA ILE D 359 -14.16 17.82 57.18
C ILE D 359 -13.72 16.38 57.40
N GLU D 360 -13.23 16.09 58.60
CA GLU D 360 -12.74 14.76 58.90
C GLU D 360 -13.82 13.71 58.69
N ASP D 361 -15.02 13.97 59.20
CA ASP D 361 -16.12 13.00 59.07
C ASP D 361 -16.39 12.73 57.60
N ALA D 362 -16.28 13.76 56.75
CA ALA D 362 -16.53 13.63 55.32
C ALA D 362 -15.45 12.81 54.63
N VAL D 363 -14.19 13.12 54.90
CA VAL D 363 -13.10 12.34 54.29
C VAL D 363 -13.26 10.88 54.64
N LEU D 364 -13.68 10.57 55.86
CA LEU D 364 -13.88 9.18 56.20
C LEU D 364 -15.00 8.60 55.35
N VAL D 365 -16.10 9.34 55.18
CA VAL D 365 -17.21 8.84 54.37
C VAL D 365 -16.70 8.52 52.97
N ALA D 366 -15.99 9.46 52.36
CA ALA D 366 -15.47 9.24 51.02
C ALA D 366 -14.64 7.96 50.98
N LEU D 367 -13.79 7.74 51.98
CA LEU D 367 -13.00 6.52 51.95
C LEU D 367 -13.85 5.28 52.19
N ASN D 368 -14.89 5.39 53.03
CA ASN D 368 -15.75 4.24 53.26
C ASN D 368 -16.41 3.80 51.97
N ASN D 369 -16.57 4.73 51.04
CA ASN D 369 -17.15 4.37 49.76
C ASN D 369 -16.10 3.77 48.84
N GLY D 370 -14.86 3.68 49.29
CA GLY D 370 -13.85 2.97 48.57
C GLY D 370 -12.98 3.80 47.66
N PHE D 371 -13.20 5.10 47.60
CA PHE D 371 -12.55 5.90 46.59
C PHE D 371 -11.10 6.13 46.98
N ARG D 372 -10.18 5.58 46.20
CA ARG D 372 -8.75 5.77 46.46
C ARG D 372 -8.09 6.39 45.24
N THR D 373 -7.13 7.26 45.48
CA THR D 373 -6.25 7.69 44.40
C THR D 373 -5.15 6.67 44.20
N GLY D 374 -4.33 6.89 43.18
CA GLY D 374 -3.34 5.89 42.79
C GLY D 374 -2.39 5.52 43.91
N ASP D 375 -1.99 6.50 44.71
CA ASP D 375 -0.97 6.26 45.74
C ASP D 375 -1.50 5.46 46.92
N ILE D 376 -2.81 5.46 47.13
CA ILE D 376 -3.41 4.77 48.25
C ILE D 376 -4.33 3.67 47.74
N TYR D 377 -4.01 3.10 46.59
CA TYR D 377 -4.88 2.07 46.05
C TYR D 377 -4.60 0.74 46.75
N SER D 378 -5.63 0.12 47.29
CA SER D 378 -5.59 -1.22 47.81
C SER D 378 -6.63 -2.06 47.09
N ALA D 379 -6.49 -3.38 47.19
CA ALA D 379 -7.25 -4.29 46.36
C ALA D 379 -8.76 -4.11 46.52
N GLY D 380 -9.45 -4.09 45.39
CA GLY D 380 -10.88 -4.02 45.42
C GLY D 380 -11.46 -2.66 45.71
N THR D 381 -10.65 -1.62 45.67
CA THR D 381 -11.14 -0.26 45.82
C THR D 381 -11.43 0.36 44.45
N LYS D 382 -11.81 1.63 44.44
CA LYS D 382 -12.17 2.37 43.24
C LYS D 382 -11.08 3.40 42.93
N LEU D 383 -10.36 3.26 41.82
CA LEU D 383 -9.27 4.19 41.50
C LEU D 383 -9.82 5.50 40.93
N VAL D 384 -9.57 6.64 41.60
CA VAL D 384 -9.96 7.96 41.10
C VAL D 384 -8.78 8.93 41.09
N GLY D 385 -9.01 10.10 40.49
CA GLY D 385 -8.06 11.20 40.47
C GLY D 385 -8.44 12.24 41.50
N CYS D 386 -7.99 13.48 41.30
CA CYS D 386 -8.17 14.46 42.37
C CYS D 386 -9.48 15.21 42.24
N LYS D 387 -9.84 15.63 41.04
CA LYS D 387 -11.13 16.29 40.84
C LYS D 387 -12.25 15.36 41.32
N GLU D 388 -12.22 14.11 40.88
CA GLU D 388 -13.28 13.19 41.26
C GLU D 388 -13.22 12.78 42.72
N MET D 389 -12.03 12.57 43.27
CA MET D 389 -11.99 12.29 44.70
C MET D 389 -12.53 13.48 45.47
N GLY D 390 -11.99 14.66 45.22
CA GLY D 390 -12.52 15.86 45.84
C GLY D 390 -14.01 16.03 45.60
N GLU D 391 -14.47 15.85 44.36
CA GLU D 391 -15.90 15.94 44.12
C GLU D 391 -16.67 14.95 44.98
N GLU D 392 -16.29 13.68 44.92
CA GLU D 392 -17.02 12.69 45.72
C GLU D 392 -16.72 12.85 47.20
N VAL D 393 -15.68 13.63 47.55
CA VAL D 393 -15.47 14.05 48.94
C VAL D 393 -16.49 15.11 49.33
N LEU D 394 -16.63 16.14 48.49
CA LEU D 394 -17.57 17.21 48.79
C LEU D 394 -18.96 16.67 49.02
N LYS D 395 -19.44 15.78 48.13
CA LYS D 395 -20.80 15.26 48.21
C LYS D 395 -21.15 14.94 49.66
N SER D 396 -20.17 14.38 50.38
CA SER D 396 -20.46 13.94 51.74
C SER D 396 -20.56 15.12 52.70
N VAL D 397 -19.80 16.20 52.49
CA VAL D 397 -19.90 17.32 53.41
C VAL D 397 -21.32 17.86 53.44
N ASP D 398 -21.88 18.19 52.28
CA ASP D 398 -23.23 18.72 52.26
C ASP D 398 -24.28 17.63 52.28
N SER D 399 -23.92 16.43 52.69
CA SER D 399 -24.94 15.47 53.03
C SER D 399 -25.66 16.01 54.26
N LYS E 41 28.14 -4.66 -33.08
CA LYS E 41 26.72 -4.86 -32.79
C LYS E 41 26.61 -5.78 -31.60
N ARG E 42 25.43 -5.81 -30.97
CA ARG E 42 25.13 -6.77 -29.90
C ARG E 42 23.66 -7.12 -29.94
N TYR E 43 23.35 -8.42 -29.77
CA TYR E 43 22.01 -8.92 -29.97
C TYR E 43 21.53 -9.71 -28.76
N THR E 44 20.23 -9.65 -28.50
CA THR E 44 19.61 -10.38 -27.41
C THR E 44 18.94 -11.62 -27.96
N ILE E 45 19.46 -12.80 -27.57
CA ILE E 45 19.02 -14.12 -28.04
C ILE E 45 18.33 -14.83 -26.90
N THR E 46 17.13 -15.32 -27.16
CA THR E 46 16.37 -16.07 -26.19
C THR E 46 16.60 -17.53 -26.51
N LEU E 47 17.07 -18.27 -25.52
CA LEU E 47 17.28 -19.70 -25.63
C LEU E 47 16.08 -20.44 -25.06
N LEU E 48 15.51 -21.35 -25.83
CA LEU E 48 14.48 -22.23 -25.33
C LEU E 48 15.06 -23.64 -25.40
N PRO E 49 15.74 -24.13 -24.34
CA PRO E 49 16.44 -25.40 -24.49
C PRO E 49 15.52 -26.58 -24.52
N GLY E 50 14.25 -26.40 -24.22
CA GLY E 50 13.29 -27.49 -24.21
C GLY E 50 13.68 -28.72 -23.43
N ASP E 51 13.37 -29.88 -23.99
CA ASP E 51 13.48 -31.11 -23.23
C ASP E 51 14.33 -32.10 -23.99
N GLY E 52 14.48 -33.28 -23.40
CA GLY E 52 15.18 -34.36 -24.08
C GLY E 52 16.59 -33.98 -24.43
N ILE E 53 16.96 -34.16 -25.68
CA ILE E 53 18.33 -33.80 -26.02
C ILE E 53 18.47 -32.31 -26.24
N GLY E 54 17.34 -31.60 -26.23
CA GLY E 54 17.36 -30.19 -26.48
C GLY E 54 18.47 -29.49 -25.73
N PRO E 55 18.43 -29.56 -24.41
CA PRO E 55 19.42 -28.83 -23.62
C PRO E 55 20.86 -29.08 -24.03
N GLU E 56 21.30 -30.34 -24.12
CA GLU E 56 22.69 -30.58 -24.47
C GLU E 56 23.02 -30.01 -25.84
N VAL E 57 22.15 -30.21 -26.82
CA VAL E 57 22.48 -29.72 -28.15
C VAL E 57 22.41 -28.19 -28.21
N VAL E 58 21.45 -27.58 -27.52
CA VAL E 58 21.39 -26.11 -27.52
C VAL E 58 22.56 -25.55 -26.75
N SER E 59 22.94 -26.21 -25.66
CA SER E 59 24.15 -25.81 -24.98
C SER E 59 25.33 -25.78 -25.94
N ILE E 60 25.48 -26.80 -26.77
CA ILE E 60 26.59 -26.79 -27.70
C ILE E 60 26.46 -25.67 -28.71
N ALA E 61 25.25 -25.47 -29.25
CA ALA E 61 25.10 -24.44 -30.27
C ALA E 61 25.37 -23.04 -29.73
N LYS E 62 24.93 -22.75 -28.50
CA LYS E 62 25.10 -21.41 -27.94
C LYS E 62 26.56 -21.02 -27.83
N ASN E 63 27.40 -21.93 -27.34
CA ASN E 63 28.84 -21.66 -27.25
C ASN E 63 29.43 -21.44 -28.63
N VAL E 64 29.00 -22.23 -29.62
CA VAL E 64 29.49 -22.04 -30.98
C VAL E 64 29.04 -20.69 -31.51
N LEU E 65 27.79 -20.33 -31.23
CA LEU E 65 27.32 -19.03 -31.68
C LEU E 65 28.20 -17.92 -31.10
N GLN E 66 28.58 -18.03 -29.83
CA GLN E 66 29.47 -17.04 -29.22
C GLN E 66 30.79 -16.97 -29.94
N GLN E 67 31.42 -18.11 -30.16
CA GLN E 67 32.77 -18.12 -30.72
C GLN E 67 32.79 -17.59 -32.13
N ALA E 68 31.81 -17.99 -32.95
CA ALA E 68 31.76 -17.50 -34.32
C ALA E 68 31.44 -16.02 -34.36
N GLY E 69 30.47 -15.58 -33.58
CA GLY E 69 30.16 -14.17 -33.53
C GLY E 69 31.35 -13.34 -33.07
N SER E 70 32.11 -13.86 -32.10
CA SER E 70 33.30 -13.17 -31.63
C SER E 70 34.27 -12.89 -32.76
N LEU E 71 34.39 -13.82 -33.69
CA LEU E 71 35.37 -13.65 -34.75
C LEU E 71 35.01 -12.49 -35.67
N GLU E 72 33.73 -12.18 -35.77
CA GLU E 72 33.29 -11.06 -36.58
C GLU E 72 32.88 -9.88 -35.73
N GLY E 73 33.39 -9.78 -34.51
CA GLY E 73 33.05 -8.61 -33.75
C GLY E 73 31.61 -8.56 -33.33
N VAL E 74 31.02 -9.72 -32.99
CA VAL E 74 29.61 -9.81 -32.65
C VAL E 74 29.47 -10.42 -31.27
N GLU E 75 28.69 -9.77 -30.43
CA GLU E 75 28.41 -10.19 -29.07
C GLU E 75 26.93 -10.50 -28.92
N PHE E 76 26.57 -11.22 -27.85
CA PHE E 76 25.19 -11.67 -27.65
C PHE E 76 24.75 -11.52 -26.20
N ASN E 77 23.46 -11.27 -26.01
CA ASN E 77 22.81 -11.32 -24.69
C ASN E 77 21.91 -12.54 -24.65
N PHE E 78 22.36 -13.62 -24.01
CA PHE E 78 21.59 -14.85 -23.97
C PHE E 78 20.67 -14.87 -22.76
N ARG E 79 19.47 -15.42 -22.95
CA ARG E 79 18.44 -15.37 -21.93
C ARG E 79 17.62 -16.66 -22.02
N GLU E 80 17.89 -17.63 -21.13
CA GLU E 80 17.24 -18.93 -21.17
C GLU E 80 15.84 -18.86 -20.61
N MET E 81 14.87 -19.44 -21.32
CA MET E 81 13.52 -19.42 -20.82
C MET E 81 12.90 -20.82 -20.90
N PRO E 82 11.97 -21.15 -20.01
CA PRO E 82 11.44 -22.50 -20.02
C PRO E 82 10.35 -22.61 -21.06
N ILE E 83 10.28 -23.78 -21.71
CA ILE E 83 9.22 -24.08 -22.68
C ILE E 83 8.94 -25.58 -22.63
N GLY E 84 7.68 -25.94 -22.88
CA GLY E 84 7.33 -27.34 -23.01
C GLY E 84 7.39 -28.07 -21.69
N GLY E 85 7.96 -29.27 -21.70
CA GLY E 85 8.00 -30.05 -20.48
C GLY E 85 8.74 -29.35 -19.35
N ALA E 86 9.87 -28.72 -19.66
CA ALA E 86 10.61 -27.96 -18.66
C ALA E 86 9.75 -26.91 -18.00
N ALA E 87 9.00 -26.17 -18.79
CA ALA E 87 8.11 -25.17 -18.24
C ALA E 87 6.98 -25.82 -17.47
N LEU E 88 6.47 -26.93 -18.00
CA LEU E 88 5.39 -27.63 -17.34
C LEU E 88 5.76 -27.94 -15.90
N ASP E 89 7.00 -28.37 -15.69
CA ASP E 89 7.51 -28.71 -14.38
C ASP E 89 7.76 -27.46 -13.52
N LEU E 90 7.93 -26.30 -14.14
CA LEU E 90 8.24 -25.08 -13.40
C LEU E 90 6.96 -24.33 -13.04
N VAL E 91 6.25 -23.84 -14.05
CA VAL E 91 5.05 -23.05 -13.83
C VAL E 91 3.75 -23.80 -14.15
N GLY E 92 3.82 -24.99 -14.70
CA GLY E 92 2.57 -25.70 -14.91
C GLY E 92 1.89 -25.46 -16.24
N VAL E 93 2.54 -24.77 -17.18
CA VAL E 93 2.04 -24.62 -18.54
C VAL E 93 3.15 -24.93 -19.53
N PRO E 94 2.82 -25.35 -20.76
CA PRO E 94 3.87 -25.57 -21.76
C PRO E 94 4.59 -24.30 -22.19
N LEU E 95 3.91 -23.15 -22.20
CA LEU E 95 4.49 -21.88 -22.62
C LEU E 95 4.11 -20.81 -21.62
N PRO E 96 4.97 -20.53 -20.65
CA PRO E 96 4.66 -19.50 -19.67
C PRO E 96 4.69 -18.13 -20.32
N GLU E 97 3.88 -17.22 -19.78
CA GLU E 97 3.86 -15.87 -20.34
C GLU E 97 5.22 -15.19 -20.30
N GLU E 98 6.01 -15.46 -19.28
CA GLU E 98 7.34 -14.87 -19.19
C GLU E 98 8.22 -15.25 -20.37
N THR E 99 8.04 -16.46 -20.91
CA THR E 99 8.85 -16.87 -22.06
C THR E 99 8.51 -16.08 -23.31
N ILE E 100 7.22 -15.89 -23.59
CA ILE E 100 6.83 -15.18 -24.80
C ILE E 100 7.33 -13.74 -24.77
N SER E 101 7.04 -13.04 -23.67
CA SER E 101 7.44 -11.64 -23.60
C SER E 101 8.95 -11.50 -23.74
N ALA E 102 9.72 -12.31 -23.02
CA ALA E 102 11.18 -12.24 -23.16
C ALA E 102 11.61 -12.55 -24.58
N ALA E 103 10.86 -13.39 -25.27
CA ALA E 103 11.22 -13.74 -26.64
C ALA E 103 10.81 -12.65 -27.62
N LYS E 104 9.66 -12.01 -27.41
CA LYS E 104 9.20 -11.02 -28.39
C LYS E 104 10.09 -9.80 -28.43
N GLU E 105 10.75 -9.45 -27.34
CA GLU E 105 11.59 -8.27 -27.38
C GLU E 105 13.01 -8.59 -27.81
N SER E 106 13.30 -9.82 -28.16
CA SER E 106 14.64 -10.28 -28.46
C SER E 106 14.92 -10.29 -29.96
N ASP E 107 16.19 -10.40 -30.32
CA ASP E 107 16.52 -10.31 -31.73
C ASP E 107 16.19 -11.59 -32.49
N ALA E 108 16.44 -12.74 -31.89
CA ALA E 108 16.17 -14.01 -32.55
C ALA E 108 16.07 -15.07 -31.47
N VAL E 109 15.30 -16.13 -31.74
CA VAL E 109 15.04 -17.17 -30.75
C VAL E 109 15.55 -18.52 -31.24
N LEU E 110 16.32 -19.19 -30.40
CA LEU E 110 16.90 -20.49 -30.69
C LEU E 110 16.28 -21.53 -29.75
N LEU E 111 15.58 -22.50 -30.33
CA LEU E 111 14.87 -23.51 -29.56
C LEU E 111 15.56 -24.84 -29.76
N GLY E 112 15.49 -25.67 -28.73
CA GLY E 112 16.00 -27.03 -28.81
C GLY E 112 14.95 -28.01 -29.26
N ALA E 113 14.28 -28.60 -28.30
CA ALA E 113 13.22 -29.53 -28.64
C ALA E 113 12.15 -29.43 -27.58
N ILE E 114 11.14 -30.25 -27.70
CA ILE E 114 9.98 -30.14 -26.85
C ILE E 114 9.44 -31.54 -26.63
N GLY E 115 8.88 -31.79 -25.45
CA GLY E 115 8.19 -33.05 -25.27
C GLY E 115 9.06 -34.09 -24.57
N GLY E 116 8.41 -35.05 -23.97
CA GLY E 116 9.14 -36.04 -23.21
C GLY E 116 8.14 -37.01 -22.64
N TYR E 117 8.65 -38.16 -22.21
CA TYR E 117 7.72 -39.17 -21.76
C TYR E 117 6.89 -38.69 -20.58
N LYS E 118 7.51 -37.97 -19.64
CA LYS E 118 6.83 -37.66 -18.38
C LYS E 118 5.48 -37.01 -18.60
N TRP E 119 5.39 -36.13 -19.60
CA TRP E 119 4.22 -35.29 -19.82
C TRP E 119 3.30 -35.79 -20.91
N ASP E 120 3.55 -36.99 -21.44
CA ASP E 120 2.74 -37.44 -22.55
C ASP E 120 1.27 -37.63 -22.19
N ASN E 121 0.90 -37.70 -20.92
CA ASN E 121 -0.48 -38.02 -20.60
C ASN E 121 -1.26 -36.84 -20.08
N ASN E 122 -0.68 -35.65 -20.09
CA ASN E 122 -1.41 -34.52 -19.57
C ASN E 122 -2.61 -34.25 -20.46
N GLU E 123 -3.52 -33.43 -19.97
CA GLU E 123 -4.59 -33.01 -20.85
C GLU E 123 -3.98 -32.38 -22.09
N LYS E 124 -4.73 -32.42 -23.20
CA LYS E 124 -4.19 -31.94 -24.47
C LYS E 124 -3.68 -30.50 -24.37
N HIS E 125 -4.42 -29.61 -23.71
CA HIS E 125 -3.97 -28.24 -23.51
C HIS E 125 -2.70 -28.12 -22.69
N LEU E 126 -2.28 -29.17 -21.99
CA LEU E 126 -1.10 -29.09 -21.16
C LEU E 126 0.01 -30.01 -21.65
N ARG E 127 -0.01 -30.33 -22.83
CA ARG E 127 1.09 -31.13 -23.33
C ARG E 127 2.20 -30.23 -23.85
N PRO E 128 3.46 -30.62 -23.66
CA PRO E 128 4.55 -29.76 -24.14
C PRO E 128 4.45 -29.42 -25.60
N GLU E 129 4.12 -30.37 -26.46
CA GLU E 129 4.01 -30.06 -27.88
C GLU E 129 3.00 -28.93 -28.15
N LYS E 130 1.98 -28.80 -27.31
CA LYS E 130 1.09 -27.67 -27.46
C LYS E 130 1.83 -26.35 -27.28
N GLY E 131 2.92 -26.35 -26.50
CA GLY E 131 3.68 -25.12 -26.34
C GLY E 131 4.43 -24.68 -27.60
N LEU E 132 4.97 -25.63 -28.35
CA LEU E 132 5.63 -25.25 -29.60
C LEU E 132 4.63 -24.63 -30.55
N LEU E 133 3.45 -25.21 -30.66
CA LEU E 133 2.43 -24.61 -31.52
C LEU E 133 2.07 -23.19 -31.06
N GLN E 134 2.01 -22.96 -29.75
CA GLN E 134 1.56 -21.65 -29.29
C GLN E 134 2.59 -20.59 -29.62
N ILE E 135 3.86 -20.82 -29.25
CA ILE E 135 4.87 -19.80 -29.45
C ILE E 135 5.04 -19.48 -30.92
N ARG E 136 4.80 -20.44 -31.79
CA ARG E 136 4.91 -20.20 -33.21
C ARG E 136 3.86 -19.22 -33.69
N ALA E 137 2.61 -19.39 -33.26
CA ALA E 137 1.59 -18.41 -33.61
C ALA E 137 1.89 -17.09 -32.92
N ALA E 138 2.26 -17.15 -31.64
CA ALA E 138 2.52 -15.95 -30.87
C ALA E 138 3.61 -15.10 -31.52
N LEU E 139 4.67 -15.73 -31.99
CA LEU E 139 5.72 -15.02 -32.68
C LEU E 139 5.36 -14.77 -34.13
N LYS E 140 4.22 -15.27 -34.59
CA LYS E 140 3.73 -15.07 -35.96
C LYS E 140 4.75 -15.49 -37.00
N VAL E 141 5.45 -16.60 -36.77
CA VAL E 141 6.49 -17.06 -37.70
C VAL E 141 5.81 -18.01 -38.70
N PHE E 142 5.16 -17.42 -39.73
CA PHE E 142 4.34 -18.23 -40.65
C PHE E 142 5.17 -18.97 -41.72
N ALA E 143 6.35 -18.48 -42.05
CA ALA E 143 7.15 -19.09 -43.10
C ALA E 143 8.24 -19.93 -42.46
N ASN E 144 8.23 -21.25 -42.70
CA ASN E 144 9.21 -22.18 -42.17
C ASN E 144 10.11 -22.70 -43.29
N LEU E 145 11.43 -22.56 -43.11
CA LEU E 145 12.45 -22.95 -44.10
C LEU E 145 13.32 -24.09 -43.57
N ARG E 146 13.20 -25.28 -44.15
CA ARG E 146 14.01 -26.42 -43.75
C ARG E 146 14.88 -26.88 -44.92
N PRO E 147 16.15 -26.58 -44.93
CA PRO E 147 16.97 -26.91 -46.08
C PRO E 147 17.69 -28.23 -45.93
N ALA E 148 17.41 -29.13 -46.85
CA ALA E 148 18.03 -30.44 -46.89
C ALA E 148 18.93 -30.44 -48.10
N THR E 149 20.23 -30.30 -47.88
CA THR E 149 21.21 -30.41 -48.95
C THR E 149 22.26 -31.41 -48.49
N VAL E 150 22.64 -32.32 -49.35
CA VAL E 150 23.54 -33.39 -48.97
C VAL E 150 24.98 -32.93 -49.12
N LEU E 151 25.75 -32.93 -47.98
CA LEU E 151 27.18 -32.61 -47.98
C LEU E 151 27.98 -33.78 -48.55
N PRO E 152 29.02 -33.49 -49.30
CA PRO E 152 29.78 -34.57 -49.92
C PRO E 152 30.35 -35.52 -48.89
N GLN E 153 30.66 -35.02 -47.69
CA GLN E 153 31.25 -35.88 -46.68
C GLN E 153 30.25 -36.85 -46.09
N LEU E 154 28.95 -36.56 -46.17
CA LEU E 154 27.90 -37.40 -45.61
C LEU E 154 27.16 -38.19 -46.67
N VAL E 155 27.72 -38.35 -47.86
CA VAL E 155 26.99 -39.09 -48.88
C VAL E 155 26.80 -40.52 -48.44
N ASP E 156 27.86 -41.13 -47.91
CA ASP E 156 27.82 -42.53 -47.50
C ASP E 156 26.94 -42.75 -46.30
N ALA E 157 26.64 -41.69 -45.57
CA ALA E 157 25.74 -41.79 -44.45
C ALA E 157 24.30 -41.89 -44.91
N SER E 158 24.00 -41.50 -46.13
CA SER E 158 22.63 -41.64 -46.52
C SER E 158 22.30 -43.10 -46.68
N THR E 159 21.01 -43.41 -46.64
CA THR E 159 20.62 -44.76 -46.96
C THR E 159 20.33 -44.90 -48.44
N LEU E 160 20.23 -43.79 -49.16
CA LEU E 160 20.08 -43.85 -50.59
C LEU E 160 21.43 -44.14 -51.24
N LYS E 161 21.36 -44.77 -52.40
CA LYS E 161 22.57 -44.98 -53.18
C LYS E 161 23.20 -43.64 -53.54
N ARG E 162 24.49 -43.69 -53.83
CA ARG E 162 25.19 -42.45 -54.14
C ARG E 162 24.52 -41.74 -55.30
N GLU E 163 24.29 -42.44 -56.41
CA GLU E 163 23.78 -41.74 -57.59
C GLU E 163 22.46 -41.06 -57.29
N VAL E 164 21.65 -41.64 -56.40
CA VAL E 164 20.38 -41.03 -56.06
C VAL E 164 20.59 -39.83 -55.15
N ALA E 165 21.49 -39.94 -54.17
CA ALA E 165 21.52 -38.99 -53.07
C ALA E 165 22.55 -37.89 -53.23
N GLU E 166 23.44 -37.99 -54.19
CA GLU E 166 24.53 -37.04 -54.31
C GLU E 166 24.09 -35.81 -55.07
N GLY E 167 24.38 -34.66 -54.48
CA GLY E 167 24.06 -33.38 -55.05
C GLY E 167 22.66 -32.91 -54.79
N VAL E 168 21.86 -33.67 -54.05
CA VAL E 168 20.56 -33.19 -53.67
C VAL E 168 20.73 -31.85 -52.99
N ASP E 169 19.84 -30.94 -53.28
CA ASP E 169 19.92 -29.59 -52.78
C ASP E 169 18.54 -28.96 -52.88
N LEU E 170 17.68 -29.31 -51.96
CA LEU E 170 16.31 -28.85 -52.00
C LEU E 170 16.00 -28.08 -50.74
N MET E 171 14.97 -27.25 -50.84
CA MET E 171 14.49 -26.44 -49.73
C MET E 171 12.99 -26.65 -49.59
N VAL E 172 12.56 -27.01 -48.39
CA VAL E 172 11.16 -27.26 -48.09
C VAL E 172 10.62 -26.03 -47.38
N VAL E 173 9.60 -25.40 -47.97
CA VAL E 173 9.00 -24.19 -47.42
C VAL E 173 7.64 -24.56 -46.86
N ARG E 174 7.50 -24.49 -45.55
CA ARG E 174 6.30 -24.99 -44.88
C ARG E 174 5.51 -23.86 -44.26
N GLU E 175 4.22 -23.83 -44.55
CA GLU E 175 3.34 -22.90 -43.89
C GLU E 175 3.16 -23.38 -42.47
N LEU E 176 3.59 -22.57 -41.50
CA LEU E 176 3.76 -23.09 -40.16
C LEU E 176 2.64 -22.69 -39.19
N THR E 177 2.10 -21.48 -39.27
CA THR E 177 1.19 -20.98 -38.24
C THR E 177 -0.28 -21.11 -38.60
N GLY E 178 -0.63 -22.00 -39.51
CA GLY E 178 -2.03 -22.19 -39.82
C GLY E 178 -2.35 -23.62 -40.18
N GLY E 179 -3.57 -23.87 -40.66
CA GLY E 179 -3.89 -25.19 -41.13
C GLY E 179 -4.44 -26.12 -40.08
N ILE E 180 -4.26 -27.42 -40.32
CA ILE E 180 -4.87 -28.43 -39.46
C ILE E 180 -4.37 -28.34 -38.03
N TYR E 181 -3.10 -27.94 -37.82
CA TYR E 181 -2.57 -27.92 -36.46
C TYR E 181 -3.21 -26.82 -35.61
N PHE E 182 -3.64 -25.72 -36.22
CA PHE E 182 -4.29 -24.63 -35.52
C PHE E 182 -5.74 -24.46 -35.96
N GLY E 183 -6.29 -25.42 -36.69
CA GLY E 183 -7.57 -25.21 -37.35
C GLY E 183 -8.73 -25.47 -36.40
N GLU E 184 -9.69 -24.55 -36.41
CA GLU E 184 -10.92 -24.71 -35.64
C GLU E 184 -12.14 -24.94 -36.52
N PRO E 185 -13.14 -25.66 -36.01
CA PRO E 185 -13.33 -26.33 -34.71
C PRO E 185 -12.61 -27.68 -34.59
N ARG E 186 -12.18 -28.00 -33.37
CA ARG E 186 -11.37 -29.17 -33.09
C ARG E 186 -11.72 -29.67 -31.70
N GLY E 187 -11.56 -30.96 -31.47
CA GLY E 187 -11.90 -31.54 -30.18
C GLY E 187 -12.34 -32.98 -30.31
N ILE E 188 -12.71 -33.54 -29.15
CA ILE E 188 -13.29 -34.88 -29.04
C ILE E 188 -14.64 -34.75 -28.35
N LYS E 189 -15.71 -35.08 -29.06
CA LYS E 189 -17.05 -35.02 -28.48
C LYS E 189 -17.64 -36.40 -28.35
N THR E 190 -18.80 -36.45 -27.70
CA THR E 190 -19.53 -37.69 -27.50
C THR E 190 -20.90 -37.48 -28.11
N ASN E 191 -21.18 -38.20 -29.19
CA ASN E 191 -22.43 -38.06 -29.91
C ASN E 191 -23.58 -38.62 -29.08
N GLU E 192 -24.76 -38.70 -29.69
CA GLU E 192 -25.93 -39.21 -28.99
C GLU E 192 -25.84 -40.69 -28.70
N ASN E 193 -24.89 -41.41 -29.31
CA ASN E 193 -24.69 -42.82 -29.06
C ASN E 193 -23.75 -43.10 -27.88
N GLY E 194 -23.08 -42.09 -27.36
CA GLY E 194 -22.09 -42.32 -26.34
C GLY E 194 -20.73 -42.75 -26.84
N GLU E 195 -20.51 -42.77 -28.16
CA GLU E 195 -19.21 -43.08 -28.74
C GLU E 195 -18.46 -41.79 -29.01
N GLU E 196 -17.15 -41.79 -28.78
CA GLU E 196 -16.36 -40.58 -28.97
C GLU E 196 -16.13 -40.31 -30.45
N VAL E 197 -16.09 -39.02 -30.80
CA VAL E 197 -15.85 -38.57 -32.16
C VAL E 197 -14.77 -37.51 -32.12
N GLY E 198 -13.65 -37.76 -32.80
CA GLY E 198 -12.57 -36.80 -32.89
C GLY E 198 -12.63 -36.09 -34.23
N PHE E 199 -12.36 -34.80 -34.23
CA PHE E 199 -12.49 -34.02 -35.45
C PHE E 199 -11.53 -32.84 -35.36
N ASN E 200 -10.80 -32.61 -36.45
CA ASN E 200 -9.97 -31.44 -36.56
C ASN E 200 -10.28 -30.79 -37.90
N THR E 201 -9.96 -29.52 -38.02
CA THR E 201 -10.31 -28.76 -39.21
C THR E 201 -9.06 -28.27 -39.92
N GLU E 202 -8.82 -28.80 -41.11
CA GLU E 202 -7.79 -28.27 -42.00
C GLU E 202 -8.40 -27.09 -42.75
N VAL E 203 -7.93 -25.88 -42.47
CA VAL E 203 -8.53 -24.66 -43.01
C VAL E 203 -7.45 -23.67 -43.41
N TYR E 204 -7.62 -23.05 -44.58
CA TYR E 204 -6.72 -21.97 -44.98
C TYR E 204 -7.51 -20.80 -45.58
N ALA E 205 -7.24 -19.59 -45.09
CA ALA E 205 -7.69 -18.39 -45.79
C ALA E 205 -6.63 -17.98 -46.80
N ALA E 206 -7.05 -17.20 -47.80
CA ALA E 206 -6.18 -16.92 -48.93
C ALA E 206 -4.88 -16.23 -48.52
N HIS E 207 -4.95 -15.22 -47.67
CA HIS E 207 -3.71 -14.52 -47.35
C HIS E 207 -2.70 -15.45 -46.70
N GLU E 208 -3.16 -16.50 -46.01
CA GLU E 208 -2.24 -17.49 -45.44
C GLU E 208 -1.48 -18.21 -46.55
N ILE E 209 -2.21 -18.64 -47.57
CA ILE E 209 -1.57 -19.28 -48.71
C ILE E 209 -0.75 -18.27 -49.47
N ASP E 210 -1.30 -17.07 -49.69
CA ASP E 210 -0.61 -16.08 -50.48
C ASP E 210 0.75 -15.77 -49.88
N ARG E 211 0.79 -15.52 -48.57
CA ARG E 211 2.05 -15.09 -47.96
C ARG E 211 3.11 -16.18 -48.04
N ILE E 212 2.73 -17.45 -47.88
CA ILE E 212 3.77 -18.47 -48.01
C ILE E 212 4.17 -18.69 -49.45
N ALA E 213 3.24 -18.56 -50.38
CA ALA E 213 3.63 -18.70 -51.77
C ALA E 213 4.66 -17.65 -52.15
N ARG E 214 4.44 -16.41 -51.71
CA ARG E 214 5.44 -15.39 -51.98
C ARG E 214 6.78 -15.78 -51.38
N VAL E 215 6.78 -16.27 -50.13
CA VAL E 215 8.03 -16.67 -49.50
C VAL E 215 8.70 -17.80 -50.29
N ALA E 216 7.92 -18.78 -50.74
CA ALA E 216 8.49 -19.85 -51.54
C ALA E 216 9.00 -19.32 -52.86
N PHE E 217 8.17 -18.51 -53.55
CA PHE E 217 8.57 -17.93 -54.82
C PHE E 217 9.84 -17.10 -54.67
N GLU E 218 9.91 -16.26 -53.64
CA GLU E 218 11.10 -15.46 -53.45
C GLU E 218 12.31 -16.34 -53.31
N THR E 219 12.19 -17.42 -52.52
CA THR E 219 13.31 -18.29 -52.28
C THR E 219 13.75 -18.99 -53.55
N ALA E 220 12.78 -19.43 -54.36
CA ALA E 220 13.13 -20.07 -55.61
C ALA E 220 14.02 -19.14 -56.42
N ARG E 221 13.72 -17.85 -56.43
CA ARG E 221 14.50 -16.92 -57.23
C ARG E 221 15.96 -16.93 -56.82
N LYS E 222 16.24 -17.08 -55.54
CA LYS E 222 17.61 -17.02 -55.04
C LYS E 222 18.33 -18.38 -55.14
N ARG E 223 17.65 -19.42 -55.61
CA ARG E 223 18.30 -20.70 -55.81
C ARG E 223 18.37 -21.02 -57.30
N ARG E 224 17.76 -22.11 -57.69
CA ARG E 224 17.79 -22.54 -59.08
C ARG E 224 16.50 -22.20 -59.80
N GLY E 225 15.63 -21.39 -59.19
CA GLY E 225 14.50 -20.86 -59.92
C GLY E 225 13.40 -21.82 -60.28
N LYS E 226 13.26 -22.91 -59.54
CA LYS E 226 12.18 -23.84 -59.80
C LYS E 226 11.45 -24.04 -58.49
N LEU E 227 10.13 -24.05 -58.55
CA LEU E 227 9.32 -24.21 -57.37
C LEU E 227 8.30 -25.30 -57.64
N CYS E 228 8.05 -26.13 -56.63
CA CYS E 228 7.13 -27.25 -56.76
C CYS E 228 6.15 -27.19 -55.60
N SER E 229 4.88 -26.91 -55.91
CA SER E 229 3.82 -26.85 -54.92
C SER E 229 3.26 -28.25 -54.71
N VAL E 230 3.08 -28.65 -53.45
CA VAL E 230 2.62 -29.97 -53.08
C VAL E 230 1.30 -29.88 -52.32
N ASP E 231 0.29 -30.60 -52.79
CA ASP E 231 -1.01 -30.57 -52.13
C ASP E 231 -1.73 -31.88 -52.40
N LYS E 232 -3.01 -31.92 -52.02
CA LYS E 232 -3.93 -33.01 -52.40
C LYS E 232 -5.20 -32.39 -52.96
N ALA E 233 -5.02 -31.67 -54.06
CA ALA E 233 -6.14 -31.04 -54.73
C ALA E 233 -7.00 -32.06 -55.46
N ASN E 234 -6.67 -33.35 -55.35
CA ASN E 234 -7.56 -34.36 -55.90
C ASN E 234 -8.76 -34.56 -55.03
N VAL E 235 -8.69 -34.17 -53.76
CA VAL E 235 -9.73 -34.52 -52.82
C VAL E 235 -10.14 -33.35 -51.93
N LEU E 236 -9.17 -32.58 -51.49
CA LEU E 236 -9.37 -31.63 -50.40
C LEU E 236 -9.67 -30.24 -50.95
N GLU E 237 -10.88 -29.71 -50.66
CA GLU E 237 -11.18 -28.35 -51.07
C GLU E 237 -10.22 -27.33 -50.48
N ALA E 238 -9.58 -27.63 -49.35
CA ALA E 238 -8.55 -26.73 -48.87
C ALA E 238 -7.39 -26.69 -49.84
N SER E 239 -6.95 -27.86 -50.31
CA SER E 239 -5.87 -27.89 -51.27
C SER E 239 -6.32 -27.37 -52.63
N ILE E 240 -7.61 -27.42 -52.94
CA ILE E 240 -8.08 -26.79 -54.17
C ILE E 240 -7.77 -25.31 -54.13
N LEU E 241 -8.14 -24.67 -53.04
CA LEU E 241 -7.83 -23.25 -52.88
C LEU E 241 -6.33 -23.02 -52.88
N TRP E 242 -5.57 -23.92 -52.26
CA TRP E 242 -4.12 -23.77 -52.20
C TRP E 242 -3.51 -23.62 -53.59
N ARG E 243 -3.81 -24.57 -54.49
CA ARG E 243 -3.24 -24.45 -55.82
C ARG E 243 -3.83 -23.27 -56.57
N LYS E 244 -5.12 -22.97 -56.37
CA LYS E 244 -5.72 -21.83 -57.06
C LYS E 244 -4.95 -20.56 -56.76
N ARG E 245 -4.64 -20.33 -55.48
CA ARG E 245 -3.97 -19.10 -55.11
C ARG E 245 -2.51 -19.13 -55.50
N VAL E 246 -1.90 -20.32 -55.45
CA VAL E 246 -0.48 -20.41 -55.77
C VAL E 246 -0.25 -20.18 -57.25
N THR E 247 -1.07 -20.80 -58.11
CA THR E 247 -0.92 -20.58 -59.54
C THR E 247 -1.18 -19.12 -59.91
N ALA E 248 -2.07 -18.46 -59.18
CA ALA E 248 -2.32 -17.05 -59.45
C ALA E 248 -1.04 -16.24 -59.39
N LEU E 249 -0.30 -16.34 -58.28
CA LEU E 249 0.87 -15.49 -58.08
C LEU E 249 2.04 -15.84 -58.98
N ALA E 250 1.97 -16.94 -59.71
CA ALA E 250 3.10 -17.28 -60.56
C ALA E 250 3.31 -16.21 -61.63
N SER E 251 2.23 -15.51 -62.01
CA SER E 251 2.36 -14.43 -62.98
C SER E 251 3.25 -13.33 -62.44
N GLU E 252 3.30 -13.17 -61.11
CA GLU E 252 4.16 -12.17 -60.50
C GLU E 252 5.63 -12.61 -60.46
N TYR E 253 5.90 -13.90 -60.61
CA TYR E 253 7.27 -14.42 -60.61
C TYR E 253 7.48 -15.31 -61.83
N PRO E 254 7.61 -14.69 -63.01
CA PRO E 254 7.94 -15.47 -64.22
C PRO E 254 9.38 -15.91 -64.26
N ASP E 255 10.25 -15.26 -63.49
CA ASP E 255 11.61 -15.74 -63.34
C ASP E 255 11.63 -17.17 -62.77
N VAL E 256 10.55 -17.54 -62.05
CA VAL E 256 10.43 -18.80 -61.32
C VAL E 256 9.53 -19.75 -62.10
N GLU E 257 9.96 -20.98 -62.26
CA GLU E 257 9.21 -21.99 -62.98
C GLU E 257 8.45 -22.85 -61.98
N LEU E 258 7.14 -22.72 -61.98
CA LEU E 258 6.30 -23.40 -61.01
C LEU E 258 5.61 -24.61 -61.60
N SER E 259 5.53 -25.68 -60.80
CA SER E 259 4.80 -26.90 -61.13
C SER E 259 4.07 -27.36 -59.90
N HIS E 260 3.06 -28.18 -60.10
CA HIS E 260 2.26 -28.67 -58.98
C HIS E 260 2.29 -30.19 -58.92
N MET E 261 2.43 -30.72 -57.70
CA MET E 261 2.63 -32.14 -57.51
C MET E 261 1.80 -32.66 -56.34
N TYR E 262 1.19 -33.83 -56.50
CA TYR E 262 0.38 -34.41 -55.45
C TYR E 262 1.24 -34.96 -54.34
N VAL E 263 0.70 -34.98 -53.11
CA VAL E 263 1.57 -35.30 -51.99
C VAL E 263 1.96 -36.77 -52.00
N ASP E 264 1.06 -37.66 -52.41
CA ASP E 264 1.46 -39.05 -52.45
C ASP E 264 2.55 -39.22 -53.47
N ASN E 265 2.41 -38.56 -54.61
CA ASN E 265 3.47 -38.63 -55.59
C ASN E 265 4.76 -38.03 -55.06
N ALA E 266 4.67 -36.86 -54.45
CA ALA E 266 5.87 -36.16 -54.02
C ALA E 266 6.66 -36.97 -53.02
N ALA E 267 5.97 -37.62 -52.07
CA ALA E 267 6.69 -38.42 -51.09
C ALA E 267 7.54 -39.48 -51.77
N MET E 268 7.01 -40.14 -52.80
CA MET E 268 7.79 -41.15 -53.50
C MET E 268 8.90 -40.53 -54.33
N GLN E 269 8.66 -39.34 -54.84
CA GLN E 269 9.68 -38.69 -55.64
C GLN E 269 10.89 -38.37 -54.78
N LEU E 270 10.67 -37.99 -53.53
CA LEU E 270 11.78 -37.67 -52.64
C LEU E 270 12.66 -38.87 -52.39
N VAL E 271 12.18 -40.07 -52.72
CA VAL E 271 12.97 -41.29 -52.64
C VAL E 271 13.34 -41.79 -54.02
N ARG E 272 12.49 -41.57 -55.02
CA ARG E 272 12.82 -41.97 -56.39
C ARG E 272 13.92 -41.10 -56.97
N ASP E 273 13.70 -39.79 -56.97
CA ASP E 273 14.66 -38.83 -57.53
C ASP E 273 14.63 -37.51 -56.80
N PRO E 274 15.29 -37.42 -55.65
CA PRO E 274 15.28 -36.16 -54.92
C PRO E 274 16.14 -35.09 -55.59
N LYS E 275 17.05 -35.47 -56.46
CA LYS E 275 17.81 -34.46 -57.16
C LYS E 275 16.92 -33.53 -57.95
N GLN E 276 15.66 -33.89 -58.17
CA GLN E 276 14.79 -33.11 -59.03
C GLN E 276 14.37 -31.80 -58.39
N PHE E 277 14.16 -31.78 -57.08
CA PHE E 277 13.57 -30.61 -56.47
C PHE E 277 14.54 -29.47 -56.23
N ASP E 278 14.04 -28.24 -56.44
CA ASP E 278 14.69 -27.03 -55.96
C ASP E 278 13.94 -26.46 -54.77
N THR E 279 12.71 -26.04 -54.93
CA THR E 279 11.96 -25.54 -53.80
C THR E 279 10.59 -26.22 -53.79
N ILE E 280 10.16 -26.62 -52.61
CA ILE E 280 8.88 -27.23 -52.39
C ILE E 280 8.14 -26.35 -51.44
N VAL E 281 6.97 -25.88 -51.82
CA VAL E 281 6.11 -25.14 -50.91
C VAL E 281 4.90 -26.01 -50.64
N THR E 282 4.56 -26.15 -49.37
CA THR E 282 3.42 -26.97 -49.02
C THR E 282 2.92 -26.54 -47.66
N ASN E 283 1.87 -27.18 -47.21
CA ASN E 283 1.19 -26.73 -46.02
C ASN E 283 1.85 -27.34 -44.81
N ASN E 284 1.25 -27.11 -43.65
CA ASN E 284 1.88 -27.47 -42.40
C ASN E 284 2.12 -28.97 -42.32
N ILE E 285 1.03 -29.73 -42.30
CA ILE E 285 1.14 -31.14 -41.99
C ILE E 285 1.97 -31.82 -43.06
N PHE E 286 1.72 -31.49 -44.32
CA PHE E 286 2.52 -32.12 -45.36
C PHE E 286 3.96 -31.67 -45.26
N GLY E 287 4.21 -30.45 -44.78
CA GLY E 287 5.58 -30.03 -44.56
C GLY E 287 6.27 -30.87 -43.51
N ASP E 288 5.59 -31.12 -42.38
CA ASP E 288 6.14 -31.96 -41.33
C ASP E 288 6.57 -33.31 -41.88
N ILE E 289 5.70 -33.93 -42.66
CA ILE E 289 5.95 -35.29 -43.16
C ILE E 289 7.11 -35.30 -44.12
N LEU E 290 7.04 -34.46 -45.14
CA LEU E 290 8.03 -34.48 -46.22
C LEU E 290 9.38 -34.04 -45.72
N SER E 291 9.44 -33.01 -44.89
CA SER E 291 10.73 -32.55 -44.42
C SER E 291 11.41 -33.59 -43.53
N ASP E 292 10.65 -34.34 -42.74
CA ASP E 292 11.24 -35.41 -41.95
C ASP E 292 11.73 -36.55 -42.85
N GLU E 293 10.94 -36.89 -43.87
CA GLU E 293 11.37 -37.90 -44.83
C GLU E 293 12.63 -37.48 -45.53
N ALA E 294 12.66 -36.25 -46.00
CA ALA E 294 13.82 -35.79 -46.72
C ALA E 294 15.05 -35.74 -45.85
N SER E 295 14.87 -35.68 -44.53
CA SER E 295 16.03 -35.56 -43.67
C SER E 295 16.98 -36.71 -43.93
N MET E 296 16.45 -37.92 -44.11
CA MET E 296 17.24 -39.13 -44.30
C MET E 296 18.02 -39.12 -45.62
N ILE E 297 17.69 -38.22 -46.55
CA ILE E 297 18.52 -38.03 -47.74
C ILE E 297 19.90 -37.60 -47.31
N THR E 298 19.96 -36.61 -46.40
CA THR E 298 21.22 -36.01 -45.99
C THR E 298 22.01 -36.87 -45.04
N GLY E 299 21.46 -38.00 -44.61
CA GLY E 299 22.17 -38.85 -43.67
C GLY E 299 21.45 -39.06 -42.36
N SER E 300 20.77 -38.03 -41.86
CA SER E 300 20.04 -38.19 -40.61
C SER E 300 19.07 -37.05 -40.37
N ILE E 301 18.16 -37.29 -39.45
CA ILE E 301 17.27 -36.24 -39.02
C ILE E 301 18.03 -35.26 -38.17
N GLY E 302 19.20 -35.63 -37.72
CA GLY E 302 20.05 -34.80 -36.89
C GLY E 302 20.91 -33.87 -37.68
N MET E 303 20.65 -33.74 -38.97
CA MET E 303 21.43 -32.86 -39.82
C MET E 303 20.63 -31.64 -40.27
N LEU E 304 19.33 -31.65 -40.11
CA LEU E 304 18.47 -30.62 -40.68
C LEU E 304 18.18 -29.52 -39.67
N PRO E 305 18.41 -28.27 -40.06
CA PRO E 305 18.00 -27.13 -39.24
C PRO E 305 16.72 -26.52 -39.76
N SER E 306 16.13 -25.58 -39.05
CA SER E 306 14.93 -24.93 -39.54
C SER E 306 14.85 -23.50 -39.06
N ALA E 307 14.56 -22.58 -39.96
CA ALA E 307 14.29 -21.21 -39.60
C ALA E 307 12.82 -20.95 -39.83
N SER E 308 12.16 -20.44 -38.82
CA SER E 308 10.75 -20.06 -38.92
C SER E 308 10.68 -18.56 -38.75
N LEU E 309 10.28 -17.88 -39.81
CA LEU E 309 10.45 -16.43 -39.91
C LEU E 309 9.11 -15.72 -39.95
N SER E 310 9.17 -14.46 -39.57
CA SER E 310 8.00 -13.62 -39.55
C SER E 310 8.39 -12.27 -40.10
N ASP E 311 7.36 -11.50 -40.46
CA ASP E 311 7.57 -10.11 -40.81
C ASP E 311 7.88 -9.30 -39.55
N SER E 312 9.00 -8.56 -39.59
CA SER E 312 9.45 -7.72 -38.49
C SER E 312 9.73 -8.51 -37.21
N GLY E 313 8.96 -9.55 -36.94
CA GLY E 313 9.09 -10.21 -35.67
C GLY E 313 10.32 -11.08 -35.69
N PRO E 314 10.86 -11.36 -34.51
CA PRO E 314 12.11 -12.13 -34.44
C PRO E 314 11.87 -13.54 -34.91
N GLY E 315 12.90 -14.11 -35.49
CA GLY E 315 12.76 -15.44 -36.04
C GLY E 315 13.04 -16.53 -35.00
N LEU E 316 12.48 -17.71 -35.25
CA LEU E 316 12.58 -18.82 -34.31
C LEU E 316 13.33 -19.95 -35.00
N PHE E 317 14.46 -20.34 -34.43
CA PHE E 317 15.37 -21.28 -35.06
C PHE E 317 15.50 -22.54 -34.23
N GLU E 318 15.25 -23.67 -34.85
CA GLU E 318 15.19 -24.96 -34.19
C GLU E 318 15.63 -26.00 -35.17
N PRO E 319 16.20 -27.09 -34.71
CA PRO E 319 16.42 -28.23 -35.60
C PRO E 319 15.13 -29.00 -35.74
N ILE E 320 14.97 -29.67 -36.89
CA ILE E 320 13.66 -30.23 -37.17
C ILE E 320 13.34 -31.45 -36.30
N HIS E 321 14.34 -32.10 -35.72
CA HIS E 321 14.10 -33.24 -34.86
C HIS E 321 13.39 -32.79 -33.59
N GLY E 322 13.04 -33.75 -32.75
CA GLY E 322 12.30 -33.42 -31.53
C GLY E 322 13.12 -33.77 -30.30
N SER E 323 12.54 -34.43 -29.31
CA SER E 323 13.23 -34.54 -28.04
C SER E 323 14.14 -35.74 -27.94
N ALA E 324 14.18 -36.58 -28.96
CA ALA E 324 14.88 -37.85 -28.98
C ALA E 324 14.87 -38.47 -27.59
N PRO E 325 13.70 -38.73 -26.99
CA PRO E 325 13.67 -39.23 -25.62
C PRO E 325 14.40 -40.53 -25.46
N ASP E 326 14.57 -41.26 -26.55
CA ASP E 326 15.24 -42.54 -26.53
C ASP E 326 16.75 -42.39 -26.42
N ILE E 327 17.28 -41.18 -26.49
CA ILE E 327 18.72 -41.02 -26.38
C ILE E 327 19.07 -39.98 -25.33
N ALA E 328 18.14 -39.69 -24.44
CA ALA E 328 18.37 -38.58 -23.53
C ALA E 328 19.45 -38.94 -22.51
N GLY E 329 20.41 -38.05 -22.31
CA GLY E 329 21.48 -38.31 -21.38
C GLY E 329 22.43 -39.40 -21.81
N GLN E 330 22.08 -40.20 -22.83
CA GLN E 330 23.03 -41.16 -23.38
C GLN E 330 24.07 -40.45 -24.20
N ASP E 331 23.77 -39.19 -24.55
CA ASP E 331 24.71 -38.27 -25.15
C ASP E 331 25.18 -38.74 -26.51
N LYS E 332 24.24 -39.27 -27.30
CA LYS E 332 24.55 -39.68 -28.66
C LYS E 332 24.07 -38.66 -29.68
N ALA E 333 23.25 -37.70 -29.24
CA ALA E 333 22.49 -36.82 -30.12
C ALA E 333 23.38 -36.09 -31.11
N ASN E 334 22.80 -35.64 -32.21
CA ASN E 334 23.56 -34.88 -33.18
C ASN E 334 23.30 -33.40 -32.94
N PRO E 335 24.30 -32.62 -32.65
CA PRO E 335 24.01 -31.22 -32.35
C PRO E 335 24.01 -30.42 -33.63
N LEU E 336 24.61 -31.01 -34.67
CA LEU E 336 24.85 -30.31 -35.93
C LEU E 336 23.58 -29.66 -36.46
N ALA E 337 22.48 -30.39 -36.48
CA ALA E 337 21.23 -29.76 -36.87
C ALA E 337 20.98 -28.51 -36.04
N THR E 338 21.18 -28.61 -34.72
CA THR E 338 20.99 -27.42 -33.90
C THR E 338 22.11 -26.42 -34.09
N ILE E 339 23.34 -26.87 -34.27
CA ILE E 339 24.41 -25.92 -34.60
C ILE E 339 24.09 -25.16 -35.87
N LEU E 340 23.66 -25.86 -36.90
CA LEU E 340 23.35 -25.18 -38.14
C LEU E 340 22.09 -24.34 -38.04
N SER E 341 21.17 -24.66 -37.12
CA SER E 341 20.07 -23.75 -36.87
C SER E 341 20.56 -22.44 -36.28
N ALA E 342 21.65 -22.47 -35.52
CA ALA E 342 22.20 -21.19 -35.09
C ALA E 342 22.77 -20.44 -36.27
N ALA E 343 23.39 -21.15 -37.22
CA ALA E 343 23.85 -20.50 -38.44
C ALA E 343 22.70 -19.90 -39.22
N MET E 344 21.60 -20.63 -39.36
CA MET E 344 20.43 -20.05 -39.98
C MET E 344 19.94 -18.83 -39.21
N LEU E 345 20.14 -18.81 -37.90
CA LEU E 345 19.78 -17.64 -37.11
C LEU E 345 20.61 -16.44 -37.50
N LEU E 346 21.91 -16.64 -37.66
CA LEU E 346 22.72 -15.50 -38.06
C LEU E 346 22.41 -15.12 -39.49
N LYS E 347 22.36 -16.09 -40.39
CA LYS E 347 22.20 -15.76 -41.79
C LYS E 347 20.83 -15.13 -42.07
N TYR E 348 19.76 -15.80 -41.66
CA TYR E 348 18.40 -15.42 -42.06
C TYR E 348 17.75 -14.48 -41.07
N GLY E 349 18.13 -14.53 -39.82
CA GLY E 349 17.47 -13.79 -38.78
C GLY E 349 18.15 -12.49 -38.36
N LEU E 350 19.48 -12.47 -38.38
CA LEU E 350 20.24 -11.29 -37.98
C LEU E 350 21.04 -10.67 -39.10
N GLY E 351 21.11 -11.29 -40.26
CA GLY E 351 21.84 -10.69 -41.35
C GLY E 351 23.33 -10.73 -41.19
N GLU E 352 23.86 -11.48 -40.22
CA GLU E 352 25.30 -11.66 -40.07
C GLU E 352 25.82 -12.81 -40.92
N GLU E 353 25.87 -12.58 -42.23
CA GLU E 353 26.23 -13.67 -43.12
C GLU E 353 27.66 -14.12 -42.90
N LYS E 354 28.58 -13.21 -42.63
CA LYS E 354 29.96 -13.63 -42.44
C LYS E 354 30.10 -14.54 -41.23
N ALA E 355 29.43 -14.20 -40.11
CA ALA E 355 29.47 -15.05 -38.93
C ALA E 355 28.88 -16.43 -39.22
N ALA E 356 27.74 -16.47 -39.90
CA ALA E 356 27.13 -17.75 -40.21
C ALA E 356 28.06 -18.62 -41.03
N LYS E 357 28.75 -18.05 -42.00
CA LYS E 357 29.60 -18.91 -42.78
C LYS E 357 30.77 -19.41 -41.96
N ARG E 358 31.17 -18.66 -40.94
CA ARG E 358 32.16 -19.22 -40.03
C ARG E 358 31.63 -20.51 -39.42
N ILE E 359 30.37 -20.50 -39.00
CA ILE E 359 29.81 -21.70 -38.38
C ILE E 359 29.78 -22.84 -39.39
N GLU E 360 29.19 -22.59 -40.57
CA GLU E 360 29.09 -23.63 -41.58
C GLU E 360 30.46 -24.18 -41.94
N ASP E 361 31.44 -23.30 -42.15
CA ASP E 361 32.79 -23.77 -42.49
C ASP E 361 33.35 -24.66 -41.41
N ALA E 362 33.06 -24.35 -40.15
CA ALA E 362 33.61 -25.15 -39.08
C ALA E 362 33.02 -26.54 -39.07
N VAL E 363 31.71 -26.63 -39.22
CA VAL E 363 31.07 -27.94 -39.27
C VAL E 363 31.73 -28.79 -40.35
N LEU E 364 32.03 -28.17 -41.48
CA LEU E 364 32.72 -28.88 -42.55
C LEU E 364 34.08 -29.34 -42.09
N VAL E 365 34.80 -28.49 -41.33
CA VAL E 365 36.09 -28.92 -40.83
C VAL E 365 35.92 -30.17 -39.99
N ALA E 366 34.98 -30.13 -39.05
CA ALA E 366 34.76 -31.28 -38.19
C ALA E 366 34.47 -32.52 -39.01
N LEU E 367 33.61 -32.39 -40.01
CA LEU E 367 33.28 -33.58 -40.77
C LEU E 367 34.47 -34.06 -41.58
N ASN E 368 35.26 -33.15 -42.11
CA ASN E 368 36.43 -33.55 -42.86
C ASN E 368 37.45 -34.21 -41.96
N ASN E 369 37.39 -33.99 -40.66
CA ASN E 369 38.31 -34.75 -39.83
C ASN E 369 37.78 -36.15 -39.49
N GLY E 370 36.57 -36.50 -39.92
CA GLY E 370 36.05 -37.84 -39.75
C GLY E 370 35.08 -38.00 -38.60
N PHE E 371 34.76 -36.96 -37.88
CA PHE E 371 33.98 -37.09 -36.67
C PHE E 371 32.53 -37.27 -37.04
N ARG E 372 31.94 -38.39 -36.66
CA ARG E 372 30.52 -38.59 -36.84
C ARG E 372 29.86 -39.01 -35.53
N THR E 373 28.66 -38.48 -35.28
CA THR E 373 27.85 -39.10 -34.26
C THR E 373 27.29 -40.39 -34.84
N GLY E 374 26.54 -41.13 -34.03
CA GLY E 374 26.07 -42.44 -34.47
C GLY E 374 25.21 -42.40 -35.72
N ASP E 375 24.35 -41.40 -35.83
CA ASP E 375 23.39 -41.38 -36.92
C ASP E 375 24.05 -41.07 -38.25
N ILE E 376 25.25 -40.49 -38.25
CA ILE E 376 25.89 -40.20 -39.53
C ILE E 376 27.18 -41.00 -39.70
N TYR E 377 27.30 -42.12 -38.99
CA TYR E 377 28.52 -42.89 -39.08
C TYR E 377 28.52 -43.65 -40.39
N SER E 378 29.58 -43.51 -41.15
CA SER E 378 29.88 -44.33 -42.31
C SER E 378 31.25 -44.96 -42.10
N ALA E 379 31.57 -45.95 -42.93
CA ALA E 379 32.77 -46.73 -42.70
C ALA E 379 34.03 -45.86 -42.70
N GLY E 380 34.91 -46.11 -41.74
CA GLY E 380 36.18 -45.42 -41.67
C GLY E 380 36.14 -44.02 -41.10
N THR E 381 35.04 -43.62 -40.49
CA THR E 381 34.99 -42.35 -39.80
C THR E 381 35.30 -42.55 -38.31
N LYS E 382 35.21 -41.47 -37.53
CA LYS E 382 35.47 -41.50 -36.09
C LYS E 382 34.16 -41.32 -35.35
N LEU E 383 33.71 -42.35 -34.65
CA LEU E 383 32.46 -42.28 -33.92
C LEU E 383 32.71 -41.42 -32.69
N VAL E 384 31.96 -40.34 -32.53
CA VAL E 384 31.99 -39.56 -31.32
C VAL E 384 30.57 -39.40 -30.78
N GLY E 385 30.47 -38.81 -29.60
CA GLY E 385 29.19 -38.47 -29.01
C GLY E 385 28.86 -37.04 -29.27
N CYS E 386 27.92 -36.50 -28.51
CA CYS E 386 27.57 -35.15 -28.94
C CYS E 386 28.42 -34.16 -28.20
N LYS E 387 28.64 -34.42 -26.92
CA LYS E 387 29.48 -33.53 -26.16
C LYS E 387 30.80 -33.38 -26.89
N GLU E 388 31.47 -34.47 -27.23
CA GLU E 388 32.72 -34.35 -27.95
C GLU E 388 32.58 -34.41 -29.42
N MET E 389 31.40 -34.14 -29.96
CA MET E 389 31.34 -33.65 -31.34
C MET E 389 31.53 -32.15 -31.35
N GLY E 390 30.68 -31.42 -30.60
CA GLY E 390 30.80 -29.98 -30.51
C GLY E 390 32.17 -29.47 -30.09
N GLU E 391 32.78 -30.09 -29.08
CA GLU E 391 34.12 -29.65 -28.72
C GLU E 391 35.06 -29.78 -29.91
N GLU E 392 35.13 -30.96 -30.49
CA GLU E 392 35.98 -31.18 -31.67
C GLU E 392 35.33 -30.64 -32.95
N VAL E 393 34.27 -29.82 -32.84
CA VAL E 393 33.74 -28.91 -33.87
C VAL E 393 34.12 -27.49 -33.51
N LEU E 394 33.61 -27.03 -32.37
CA LEU E 394 33.89 -25.70 -31.88
C LEU E 394 35.38 -25.49 -31.65
N LYS E 395 36.14 -26.56 -31.47
CA LYS E 395 37.58 -26.45 -31.46
C LYS E 395 38.08 -25.82 -32.76
N SER E 396 37.35 -26.02 -33.86
CA SER E 396 37.82 -25.50 -35.13
C SER E 396 37.43 -24.04 -35.37
N VAL E 397 36.25 -23.58 -34.90
CA VAL E 397 35.95 -22.14 -34.97
C VAL E 397 37.00 -21.36 -34.20
N ASP E 398 37.40 -21.85 -33.03
CA ASP E 398 38.34 -21.10 -32.19
C ASP E 398 39.70 -21.02 -32.87
N SER E 399 39.96 -21.97 -33.76
CA SER E 399 41.10 -21.95 -34.67
C SER E 399 40.84 -20.96 -35.80
N LYS F 41 49.20 -17.44 53.15
CA LYS F 41 48.80 -16.05 53.30
C LYS F 41 48.42 -15.74 54.75
N ARG F 42 49.13 -14.79 55.35
CA ARG F 42 49.00 -14.44 56.77
C ARG F 42 48.65 -12.96 56.88
N TYR F 43 47.47 -12.66 57.41
CA TYR F 43 46.95 -11.31 57.48
C TYR F 43 46.83 -10.86 58.93
N THR F 44 47.27 -9.63 59.21
CA THR F 44 47.31 -9.11 60.57
C THR F 44 46.05 -8.28 60.80
N ILE F 45 45.14 -8.79 61.61
CA ILE F 45 43.86 -8.15 61.79
C ILE F 45 43.71 -7.65 63.21
N THR F 46 43.29 -6.40 63.33
CA THR F 46 43.07 -5.74 64.61
C THR F 46 41.61 -5.86 64.99
N LEU F 47 41.35 -6.47 66.12
CA LEU F 47 40.00 -6.62 66.62
C LEU F 47 39.75 -5.51 67.62
N LEU F 48 38.70 -4.75 67.38
CA LEU F 48 38.26 -3.68 68.26
C LEU F 48 36.89 -4.06 68.79
N PRO F 49 36.81 -4.73 69.92
CA PRO F 49 35.54 -5.30 70.35
C PRO F 49 34.56 -4.20 70.64
N GLY F 50 34.92 -3.31 71.54
CA GLY F 50 34.07 -2.20 71.85
C GLY F 50 33.28 -2.32 73.14
N ASP F 51 32.03 -1.88 73.12
CA ASP F 51 31.24 -1.85 74.32
C ASP F 51 29.91 -2.52 74.05
N GLY F 52 29.10 -2.62 75.10
CA GLY F 52 27.76 -3.17 74.99
C GLY F 52 27.83 -4.58 74.46
N ILE F 53 27.11 -4.81 73.36
CA ILE F 53 27.12 -6.12 72.71
C ILE F 53 28.32 -6.32 71.80
N GLY F 54 29.15 -5.30 71.63
CA GLY F 54 30.31 -5.38 70.78
C GLY F 54 31.17 -6.61 70.97
N PRO F 55 31.71 -6.78 72.17
CA PRO F 55 32.62 -7.91 72.40
C PRO F 55 32.06 -9.27 72.00
N GLU F 56 30.83 -9.62 72.42
CA GLU F 56 30.31 -10.95 72.11
C GLU F 56 30.24 -11.16 70.60
N VAL F 57 29.74 -10.17 69.86
CA VAL F 57 29.55 -10.35 68.44
C VAL F 57 30.89 -10.44 67.71
N VAL F 58 31.91 -9.71 68.18
CA VAL F 58 33.21 -9.75 67.52
C VAL F 58 33.90 -11.08 67.77
N SER F 59 33.82 -11.60 68.98
CA SER F 59 34.37 -12.91 69.25
C SER F 59 33.81 -13.94 68.29
N ILE F 60 32.48 -13.92 68.09
CA ILE F 60 31.87 -14.85 67.17
C ILE F 60 32.37 -14.60 65.76
N ALA F 61 32.42 -13.33 65.34
CA ALA F 61 32.91 -13.03 64.00
C ALA F 61 34.37 -13.42 63.86
N LYS F 62 35.16 -13.26 64.92
CA LYS F 62 36.55 -13.69 64.84
C LYS F 62 36.63 -15.18 64.56
N ASN F 63 35.81 -15.96 65.26
CA ASN F 63 35.84 -17.40 65.08
C ASN F 63 35.45 -17.79 63.67
N VAL F 64 34.40 -17.16 63.13
CA VAL F 64 33.95 -17.48 61.77
C VAL F 64 35.02 -17.07 60.76
N LEU F 65 35.64 -15.92 60.95
CA LEU F 65 36.71 -15.51 60.05
C LEU F 65 37.83 -16.53 60.04
N GLN F 66 38.27 -16.94 61.23
CA GLN F 66 39.42 -17.83 61.31
C GLN F 66 39.14 -19.15 60.62
N GLN F 67 38.00 -19.77 60.93
CA GLN F 67 37.72 -21.08 60.36
C GLN F 67 37.56 -20.98 58.85
N ALA F 68 36.82 -19.97 58.38
CA ALA F 68 36.60 -19.81 56.95
C ALA F 68 37.89 -19.46 56.23
N GLY F 69 38.68 -18.56 56.79
CA GLY F 69 39.97 -18.26 56.18
C GLY F 69 40.91 -19.44 56.22
N SER F 70 40.97 -20.14 57.36
CA SER F 70 41.86 -21.28 57.47
C SER F 70 41.54 -22.33 56.42
N LEU F 71 40.28 -22.47 56.06
CA LEU F 71 39.90 -23.44 55.06
C LEU F 71 40.42 -23.07 53.68
N GLU F 72 40.66 -21.79 53.41
CA GLU F 72 41.23 -21.37 52.14
C GLU F 72 42.71 -21.06 52.25
N GLY F 73 43.38 -21.61 53.25
CA GLY F 73 44.80 -21.39 53.40
C GLY F 73 45.21 -20.01 53.86
N VAL F 74 44.41 -19.38 54.72
CA VAL F 74 44.66 -18.03 55.22
C VAL F 74 44.66 -18.07 56.74
N GLU F 75 45.70 -17.53 57.34
CA GLU F 75 45.87 -17.52 58.78
C GLU F 75 45.81 -16.09 59.28
N PHE F 76 45.66 -15.92 60.59
CA PHE F 76 45.51 -14.58 61.12
C PHE F 76 46.33 -14.33 62.38
N ASN F 77 46.77 -13.08 62.51
CA ASN F 77 47.38 -12.53 63.73
C ASN F 77 46.32 -11.62 64.34
N PHE F 78 45.58 -12.11 65.30
CA PHE F 78 44.53 -11.30 65.90
C PHE F 78 45.07 -10.50 67.07
N ARG F 79 44.63 -9.25 67.17
CA ARG F 79 45.03 -8.39 68.26
C ARG F 79 43.83 -7.55 68.65
N GLU F 80 43.53 -7.47 69.94
CA GLU F 80 42.41 -6.70 70.44
C GLU F 80 42.96 -5.40 71.02
N MET F 81 42.34 -4.30 70.66
CA MET F 81 42.83 -3.02 71.15
C MET F 81 41.68 -2.27 71.79
N PRO F 82 41.96 -1.36 72.72
CA PRO F 82 40.87 -0.69 73.44
C PRO F 82 40.32 0.44 72.61
N ILE F 83 39.00 0.61 72.68
CA ILE F 83 38.31 1.65 71.93
C ILE F 83 37.04 2.01 72.67
N GLY F 84 36.65 3.27 72.58
CA GLY F 84 35.35 3.64 73.09
C GLY F 84 35.29 3.48 74.59
N GLY F 85 34.18 2.92 75.05
CA GLY F 85 34.00 2.79 76.49
C GLY F 85 35.07 1.93 77.11
N ALA F 86 35.47 0.89 76.39
CA ALA F 86 36.57 0.05 76.84
C ALA F 86 37.84 0.87 77.05
N ALA F 87 38.21 1.67 76.06
CA ALA F 87 39.43 2.45 76.20
C ALA F 87 39.27 3.56 77.24
N LEU F 88 38.09 4.15 77.36
CA LEU F 88 37.90 5.20 78.35
C LEU F 88 38.27 4.72 79.75
N ASP F 89 37.77 3.54 80.12
CA ASP F 89 38.01 3.01 81.46
C ASP F 89 39.43 2.52 81.65
N LEU F 90 40.16 2.27 80.56
CA LEU F 90 41.50 1.71 80.61
C LEU F 90 42.54 2.82 80.66
N VAL F 91 42.63 3.61 79.58
CA VAL F 91 43.60 4.68 79.48
C VAL F 91 42.99 6.06 79.61
N GLY F 92 41.67 6.19 79.63
CA GLY F 92 41.08 7.50 79.83
C GLY F 92 40.82 8.33 78.60
N VAL F 93 41.05 7.79 77.40
CA VAL F 93 40.70 8.48 76.16
C VAL F 93 39.92 7.54 75.26
N PRO F 94 39.02 8.04 74.41
CA PRO F 94 38.24 7.13 73.57
C PRO F 94 39.06 6.35 72.58
N LEU F 95 40.16 6.89 72.08
CA LEU F 95 40.99 6.20 71.10
C LEU F 95 42.45 6.41 71.44
N PRO F 96 43.08 5.47 72.12
CA PRO F 96 44.50 5.61 72.41
C PRO F 96 45.35 5.47 71.17
N GLU F 97 46.51 6.13 71.20
CA GLU F 97 47.45 6.06 70.08
C GLU F 97 47.91 4.64 69.81
N GLU F 98 48.03 3.82 70.85
CA GLU F 98 48.38 2.42 70.63
C GLU F 98 47.33 1.73 69.79
N THR F 99 46.06 2.09 69.98
CA THR F 99 45.02 1.52 69.15
C THR F 99 45.16 1.98 67.71
N ILE F 100 45.39 3.27 67.50
CA ILE F 100 45.44 3.79 66.13
C ILE F 100 46.59 3.16 65.38
N SER F 101 47.80 3.19 65.96
CA SER F 101 48.95 2.62 65.26
C SER F 101 48.78 1.13 65.02
N ALA F 102 48.32 0.39 66.03
CA ALA F 102 48.06 -1.02 65.81
C ALA F 102 47.03 -1.21 64.72
N ALA F 103 46.10 -0.27 64.59
CA ALA F 103 45.11 -0.40 63.53
C ALA F 103 45.72 -0.09 62.19
N LYS F 104 46.62 0.90 62.16
CA LYS F 104 47.26 1.33 60.94
C LYS F 104 48.27 0.30 60.45
N GLU F 105 49.03 -0.31 61.36
CA GLU F 105 49.85 -1.46 60.99
C GLU F 105 49.04 -2.58 60.35
N SER F 106 47.78 -2.75 60.76
CA SER F 106 47.08 -4.00 60.46
C SER F 106 46.74 -4.11 58.99
N ASP F 107 46.46 -5.33 58.57
CA ASP F 107 46.06 -5.53 57.19
C ASP F 107 44.60 -5.13 57.02
N ALA F 108 43.79 -5.33 58.05
CA ALA F 108 42.37 -5.03 58.04
C ALA F 108 41.91 -4.88 59.47
N VAL F 109 40.85 -4.10 59.67
CA VAL F 109 40.34 -3.79 61.01
C VAL F 109 38.86 -4.15 61.10
N LEU F 110 38.51 -4.91 62.13
CA LEU F 110 37.16 -5.39 62.42
C LEU F 110 36.67 -4.81 63.74
N LEU F 111 35.59 -4.03 63.67
CA LEU F 111 35.09 -3.33 64.84
C LEU F 111 33.74 -3.91 65.25
N GLY F 112 33.47 -3.86 66.54
CA GLY F 112 32.16 -4.27 67.00
C GLY F 112 31.23 -3.10 67.02
N ALA F 113 31.03 -2.49 68.18
CA ALA F 113 30.21 -1.30 68.31
C ALA F 113 30.81 -0.47 69.43
N ILE F 114 30.24 0.71 69.69
CA ILE F 114 30.86 1.64 70.61
C ILE F 114 29.79 2.44 71.33
N GLY F 115 30.02 2.73 72.59
CA GLY F 115 29.16 3.59 73.36
C GLY F 115 28.31 2.80 74.32
N GLY F 116 27.86 3.47 75.37
CA GLY F 116 27.14 2.79 76.42
C GLY F 116 26.72 3.77 77.50
N TYR F 117 25.78 3.32 78.32
CA TYR F 117 25.15 4.18 79.30
C TYR F 117 26.17 4.77 80.26
N LYS F 118 27.22 4.03 80.57
CA LYS F 118 28.18 4.49 81.56
C LYS F 118 28.73 5.84 81.16
N TRP F 119 29.10 5.99 79.90
CA TRP F 119 29.80 7.16 79.43
C TRP F 119 28.86 8.13 78.75
N ASP F 120 27.56 7.88 78.79
CA ASP F 120 26.63 8.83 78.19
C ASP F 120 26.68 10.17 78.89
N ASN F 121 27.40 10.26 80.01
CA ASN F 121 27.51 11.51 80.72
C ASN F 121 28.87 12.16 80.59
N ASN F 122 29.80 11.57 79.86
CA ASN F 122 31.09 12.25 79.81
C ASN F 122 30.98 13.53 79.00
N GLU F 123 31.97 14.38 79.18
CA GLU F 123 32.13 15.56 78.34
C GLU F 123 32.36 15.15 76.90
N LYS F 124 31.87 15.98 75.98
CA LYS F 124 31.74 15.61 74.57
C LYS F 124 33.00 14.99 74.03
N HIS F 125 34.16 15.52 74.40
CA HIS F 125 35.41 15.02 73.86
C HIS F 125 35.84 13.70 74.48
N LEU F 126 35.13 13.28 75.53
CA LEU F 126 35.34 12.00 76.18
C LEU F 126 34.13 11.08 76.08
N ARG F 127 33.22 11.36 75.14
CA ARG F 127 32.22 10.35 74.86
C ARG F 127 32.81 9.29 73.96
N PRO F 128 32.46 8.02 74.14
CA PRO F 128 33.07 6.97 73.31
C PRO F 128 32.92 7.25 71.83
N GLU F 129 31.74 7.72 71.43
CA GLU F 129 31.43 7.89 70.02
C GLU F 129 32.46 8.77 69.29
N LYS F 130 33.04 9.74 69.98
CA LYS F 130 34.09 10.54 69.36
C LYS F 130 35.30 9.69 69.01
N GLY F 131 35.49 8.58 69.73
CA GLY F 131 36.57 7.68 69.37
C GLY F 131 36.33 6.99 68.06
N LEU F 132 35.09 6.61 67.79
CA LEU F 132 34.78 6.04 66.49
C LEU F 132 35.01 7.06 65.39
N LEU F 133 34.51 8.28 65.57
CA LEU F 133 34.72 9.30 64.56
C LEU F 133 36.20 9.57 64.35
N GLN F 134 37.00 9.49 65.40
CA GLN F 134 38.42 9.73 65.25
C GLN F 134 39.11 8.60 64.50
N ILE F 135 38.79 7.35 64.85
CA ILE F 135 39.46 6.23 64.16
C ILE F 135 39.10 6.21 62.69
N ARG F 136 37.90 6.65 62.34
CA ARG F 136 37.55 6.73 60.94
C ARG F 136 38.43 7.76 60.23
N ALA F 137 38.60 8.93 60.85
CA ALA F 137 39.46 9.94 60.25
C ALA F 137 40.90 9.47 60.20
N ALA F 138 41.39 8.89 61.29
CA ALA F 138 42.79 8.47 61.33
C ALA F 138 43.10 7.47 60.23
N LEU F 139 42.18 6.56 59.97
CA LEU F 139 42.34 5.56 58.94
C LEU F 139 41.99 6.07 57.55
N LYS F 140 41.51 7.30 57.44
CA LYS F 140 41.15 7.89 56.16
C LYS F 140 40.21 7.02 55.35
N VAL F 141 39.29 6.36 56.04
CA VAL F 141 38.31 5.48 55.38
C VAL F 141 37.10 6.35 55.07
N PHE F 142 37.17 7.07 53.97
CA PHE F 142 36.10 7.97 53.60
C PHE F 142 34.91 7.24 52.99
N ALA F 143 35.12 6.09 52.37
CA ALA F 143 34.07 5.41 51.62
C ALA F 143 33.46 4.32 52.50
N ASN F 144 32.18 4.49 52.83
CA ASN F 144 31.44 3.56 53.66
C ASN F 144 30.42 2.84 52.80
N LEU F 145 30.46 1.52 52.83
CA LEU F 145 29.60 0.67 52.02
C LEU F 145 28.62 -0.05 52.92
N ARG F 146 27.35 0.33 52.85
CA ARG F 146 26.31 -0.35 53.62
C ARG F 146 25.32 -0.98 52.67
N PRO F 147 25.43 -2.31 52.43
CA PRO F 147 24.54 -2.97 51.47
C PRO F 147 23.35 -3.62 52.15
N ALA F 148 22.16 -3.24 51.77
CA ALA F 148 20.97 -3.85 52.32
C ALA F 148 20.35 -4.65 51.20
N THR F 149 20.46 -5.98 51.28
CA THR F 149 19.84 -6.90 50.35
C THR F 149 19.06 -7.92 51.16
N VAL F 150 17.85 -8.23 50.70
CA VAL F 150 16.93 -9.07 51.46
C VAL F 150 17.20 -10.53 51.18
N LEU F 151 17.50 -11.29 52.23
CA LEU F 151 17.64 -12.70 51.95
C LEU F 151 16.27 -13.35 51.82
N PRO F 152 16.10 -14.32 50.92
CA PRO F 152 14.78 -14.95 50.74
C PRO F 152 14.27 -15.58 52.01
N GLN F 153 15.18 -15.97 52.92
CA GLN F 153 14.79 -16.61 54.16
C GLN F 153 14.21 -15.64 55.17
N LEU F 154 14.59 -14.36 55.06
CA LEU F 154 14.23 -13.33 56.01
C LEU F 154 13.11 -12.43 55.51
N VAL F 155 12.46 -12.82 54.41
CA VAL F 155 11.44 -11.98 53.82
C VAL F 155 10.30 -11.77 54.82
N ASP F 156 9.94 -12.81 55.55
CA ASP F 156 8.89 -12.70 56.53
C ASP F 156 9.33 -11.91 57.75
N ALA F 157 10.65 -11.72 57.91
CA ALA F 157 11.16 -10.97 59.05
C ALA F 157 11.03 -9.48 58.89
N SER F 158 10.94 -8.97 57.68
CA SER F 158 10.73 -7.54 57.51
C SER F 158 9.33 -7.18 57.96
N THR F 159 9.12 -5.89 58.22
CA THR F 159 7.78 -5.39 58.49
C THR F 159 7.10 -4.87 57.23
N LEU F 160 7.83 -4.76 56.12
CA LEU F 160 7.19 -4.50 54.83
C LEU F 160 6.60 -5.78 54.24
N LYS F 161 5.48 -5.61 53.55
CA LYS F 161 4.80 -6.72 52.92
C LYS F 161 5.72 -7.47 51.96
N ARG F 162 5.42 -8.75 51.74
CA ARG F 162 6.28 -9.60 50.92
C ARG F 162 6.55 -8.98 49.57
N GLU F 163 5.50 -8.54 48.88
CA GLU F 163 5.67 -7.98 47.55
C GLU F 163 6.56 -6.74 47.56
N VAL F 164 6.50 -5.98 48.65
CA VAL F 164 7.30 -4.76 48.71
C VAL F 164 8.76 -5.07 48.93
N ALA F 165 9.06 -5.98 49.86
CA ALA F 165 10.41 -6.12 50.37
C ALA F 165 11.17 -7.28 49.76
N GLU F 166 10.55 -8.13 48.97
CA GLU F 166 11.29 -9.28 48.49
C GLU F 166 12.13 -8.86 47.31
N GLY F 167 13.39 -9.25 47.34
CA GLY F 167 14.26 -8.96 46.22
C GLY F 167 14.88 -7.60 46.25
N VAL F 168 14.68 -6.84 47.32
CA VAL F 168 15.44 -5.62 47.51
C VAL F 168 16.92 -5.96 47.47
N ASP F 169 17.72 -5.09 46.86
CA ASP F 169 19.15 -5.35 46.77
C ASP F 169 19.90 -4.05 46.50
N LEU F 170 19.60 -3.02 47.27
CA LEU F 170 20.22 -1.72 47.09
C LEU F 170 21.45 -1.61 47.96
N MET F 171 22.33 -0.70 47.61
CA MET F 171 23.52 -0.43 48.41
C MET F 171 23.68 1.05 48.63
N VAL F 172 23.91 1.45 49.88
CA VAL F 172 24.07 2.84 50.28
C VAL F 172 25.54 3.13 50.41
N VAL F 173 26.00 4.15 49.69
CA VAL F 173 27.37 4.61 49.69
C VAL F 173 27.43 5.92 50.45
N ARG F 174 28.08 5.90 51.61
CA ARG F 174 28.08 6.98 52.57
C ARG F 174 29.45 7.62 52.64
N GLU F 175 29.50 8.94 52.57
CA GLU F 175 30.76 9.67 52.78
C GLU F 175 31.06 9.66 54.25
N LEU F 176 32.17 9.06 54.63
CA LEU F 176 32.37 8.72 56.04
C LEU F 176 33.18 9.75 56.80
N THR F 177 34.26 10.26 56.20
CA THR F 177 35.20 11.18 56.86
C THR F 177 34.97 12.57 56.26
N GLY F 178 34.01 13.29 56.82
CA GLY F 178 33.75 14.65 56.43
C GLY F 178 32.31 15.01 56.74
N GLY F 179 31.98 16.26 56.46
CA GLY F 179 30.62 16.70 56.66
C GLY F 179 30.39 17.20 58.07
N ILE F 180 29.11 17.24 58.44
CA ILE F 180 28.72 17.86 59.69
C ILE F 180 29.33 17.16 60.88
N TYR F 181 29.62 15.87 60.76
CA TYR F 181 30.19 15.14 61.90
C TYR F 181 31.61 15.59 62.19
N PHE F 182 32.34 16.02 61.16
CA PHE F 182 33.72 16.45 61.31
C PHE F 182 33.88 17.93 60.99
N GLY F 183 32.78 18.66 60.85
CA GLY F 183 32.85 20.00 60.30
C GLY F 183 33.22 21.03 61.33
N GLU F 184 34.16 21.90 60.98
CA GLU F 184 34.53 23.08 61.75
C GLU F 184 33.96 24.24 60.98
N PRO F 185 33.60 25.31 61.67
CA PRO F 185 33.69 25.65 63.08
C PRO F 185 32.65 24.99 63.94
N ARG F 186 33.05 24.56 65.13
CA ARG F 186 32.23 23.74 65.99
C ARG F 186 32.39 24.15 67.43
N GLY F 187 31.28 24.24 68.16
CA GLY F 187 31.32 24.38 69.61
C GLY F 187 29.98 24.82 70.14
N ILE F 188 29.95 25.04 71.45
CA ILE F 188 28.83 25.67 72.14
C ILE F 188 29.37 26.91 72.84
N LYS F 189 28.86 28.07 72.44
CA LYS F 189 29.23 29.34 73.01
C LYS F 189 28.06 29.97 73.76
N THR F 190 28.34 31.09 74.40
CA THR F 190 27.35 31.86 75.14
C THR F 190 27.37 33.26 74.55
N ASN F 191 26.25 33.71 74.00
CA ASN F 191 26.19 35.06 73.44
C ASN F 191 26.22 36.10 74.56
N GLU F 192 26.20 37.38 74.17
CA GLU F 192 26.17 38.41 75.18
C GLU F 192 24.81 38.53 75.86
N ASN F 193 23.84 37.68 75.50
CA ASN F 193 22.61 37.59 76.26
C ASN F 193 22.70 36.66 77.44
N GLY F 194 23.66 35.74 77.44
CA GLY F 194 23.80 34.75 78.49
C GLY F 194 23.14 33.42 78.21
N GLU F 195 22.57 33.24 77.03
CA GLU F 195 22.04 31.96 76.61
C GLU F 195 23.05 31.26 75.72
N GLU F 196 23.18 29.94 75.86
CA GLU F 196 24.15 29.19 75.10
C GLU F 196 23.67 28.96 73.67
N VAL F 197 24.64 28.80 72.77
CA VAL F 197 24.37 28.54 71.36
C VAL F 197 25.20 27.33 70.92
N GLY F 198 24.54 26.33 70.36
CA GLY F 198 25.23 25.20 69.74
C GLY F 198 25.22 25.33 68.23
N PHE F 199 26.31 24.94 67.59
CA PHE F 199 26.41 25.17 66.16
C PHE F 199 27.32 24.18 65.47
N ASN F 200 26.87 23.60 64.35
CA ASN F 200 27.69 22.70 63.56
C ASN F 200 27.78 23.14 62.10
N THR F 201 28.86 22.69 61.47
CA THR F 201 29.15 23.06 60.09
C THR F 201 29.15 21.81 59.23
N GLU F 202 28.18 21.71 58.33
CA GLU F 202 28.18 20.72 57.27
C GLU F 202 29.00 21.32 56.12
N VAL F 203 30.16 20.74 55.84
CA VAL F 203 31.09 21.31 54.88
C VAL F 203 31.71 20.21 54.05
N TYR F 204 31.70 20.40 52.74
CA TYR F 204 32.33 19.46 51.82
C TYR F 204 33.16 20.24 50.82
N ALA F 205 34.40 19.80 50.65
CA ALA F 205 35.25 20.28 49.59
C ALA F 205 34.99 19.47 48.32
N ALA F 206 35.44 20.03 47.20
CA ALA F 206 35.19 19.40 45.91
C ALA F 206 35.82 18.02 45.87
N HIS F 207 37.09 17.91 46.27
CA HIS F 207 37.72 16.60 46.22
C HIS F 207 37.04 15.62 47.16
N GLU F 208 36.42 16.10 48.24
CA GLU F 208 35.71 15.17 49.11
C GLU F 208 34.56 14.48 48.37
N ILE F 209 33.74 15.26 47.68
CA ILE F 209 32.62 14.68 46.94
C ILE F 209 33.11 13.84 45.77
N ASP F 210 34.16 14.30 45.09
CA ASP F 210 34.62 13.64 43.88
C ASP F 210 34.94 12.17 44.13
N ARG F 211 35.75 11.88 45.15
CA ARG F 211 36.19 10.51 45.40
C ARG F 211 35.03 9.61 45.83
N ILE F 212 34.09 10.12 46.62
CA ILE F 212 32.93 9.33 47.04
C ILE F 212 31.99 9.11 45.87
N ALA F 213 31.90 10.08 44.96
CA ALA F 213 31.11 9.87 43.77
C ALA F 213 31.72 8.77 42.93
N ARG F 214 33.03 8.82 42.74
CA ARG F 214 33.71 7.76 42.01
C ARG F 214 33.50 6.40 42.68
N VAL F 215 33.60 6.32 44.00
CA VAL F 215 33.28 5.07 44.68
C VAL F 215 31.85 4.65 44.34
N ALA F 216 30.94 5.61 44.28
CA ALA F 216 29.55 5.28 43.94
C ALA F 216 29.42 4.77 42.51
N PHE F 217 29.99 5.50 41.54
CA PHE F 217 29.85 5.11 40.15
C PHE F 217 30.49 3.75 39.90
N GLU F 218 31.69 3.53 40.43
CA GLU F 218 32.34 2.23 40.30
C GLU F 218 31.49 1.13 40.92
N THR F 219 30.86 1.41 42.07
CA THR F 219 30.01 0.40 42.71
C THR F 219 28.76 0.12 41.89
N ALA F 220 28.07 1.16 41.45
CA ALA F 220 26.92 0.88 40.62
C ALA F 220 27.35 0.16 39.35
N ARG F 221 28.57 0.43 38.88
CA ARG F 221 29.12 -0.22 37.69
C ARG F 221 29.23 -1.73 37.90
N LYS F 222 29.58 -2.16 39.10
CA LYS F 222 29.60 -3.58 39.40
C LYS F 222 28.21 -4.15 39.66
N ARG F 223 27.18 -3.33 39.66
CA ARG F 223 25.83 -3.82 39.98
C ARG F 223 24.92 -3.61 38.78
N ARG F 224 23.82 -2.87 38.94
CA ARG F 224 22.81 -2.71 37.91
C ARG F 224 22.94 -1.42 37.12
N GLY F 225 24.03 -0.69 37.29
CA GLY F 225 24.23 0.47 36.46
C GLY F 225 23.31 1.64 36.76
N LYS F 226 22.83 1.74 37.99
CA LYS F 226 21.96 2.83 38.40
C LYS F 226 22.58 3.46 39.63
N LEU F 227 22.63 4.80 39.66
CA LEU F 227 23.14 5.57 40.80
C LEU F 227 22.16 6.67 41.13
N CYS F 228 21.94 6.89 42.42
CA CYS F 228 20.99 7.90 42.86
C CYS F 228 21.67 8.73 43.92
N SER F 229 21.91 10.00 43.62
CA SER F 229 22.51 10.91 44.58
C SER F 229 21.43 11.48 45.46
N VAL F 230 21.62 11.40 46.77
CA VAL F 230 20.62 11.88 47.71
C VAL F 230 21.19 13.07 48.44
N ASP F 231 20.51 14.19 48.35
CA ASP F 231 20.98 15.42 48.95
C ASP F 231 19.76 16.28 49.26
N LYS F 232 20.02 17.51 49.71
CA LYS F 232 18.97 18.49 49.97
C LYS F 232 19.35 19.78 49.27
N ALA F 233 19.45 19.72 47.94
CA ALA F 233 19.87 20.86 47.14
C ALA F 233 18.80 21.92 46.96
N ASN F 234 17.59 21.69 47.43
CA ASN F 234 16.63 22.77 47.40
C ASN F 234 16.88 23.77 48.52
N VAL F 235 17.78 23.46 49.46
CA VAL F 235 18.02 24.38 50.56
C VAL F 235 19.49 24.64 50.84
N LEU F 236 20.30 23.61 50.85
CA LEU F 236 21.63 23.70 51.43
C LEU F 236 22.65 23.99 50.35
N GLU F 237 23.39 25.08 50.53
CA GLU F 237 24.46 25.34 49.59
C GLU F 237 25.45 24.17 49.59
N ALA F 238 25.53 23.46 50.71
CA ALA F 238 26.37 22.28 50.75
C ALA F 238 25.86 21.20 49.80
N SER F 239 24.55 20.94 49.81
CA SER F 239 24.06 19.93 48.90
C SER F 239 24.15 20.38 47.45
N ILE F 240 24.13 21.69 47.20
CA ILE F 240 24.26 22.17 45.83
C ILE F 240 25.63 21.83 45.27
N LEU F 241 26.69 22.11 46.02
CA LEU F 241 28.01 21.70 45.55
C LEU F 241 28.04 20.19 45.36
N TRP F 242 27.36 19.45 46.24
CA TRP F 242 27.28 18.00 46.12
C TRP F 242 26.72 17.59 44.76
N ARG F 243 25.56 18.11 44.40
CA ARG F 243 24.95 17.67 43.16
C ARG F 243 25.77 18.12 41.96
N LYS F 244 26.30 19.35 42.01
CA LYS F 244 27.12 19.87 40.92
C LYS F 244 28.33 18.97 40.63
N ARG F 245 29.04 18.55 41.68
CA ARG F 245 30.22 17.74 41.40
C ARG F 245 29.82 16.34 40.97
N VAL F 246 28.70 15.83 41.50
CA VAL F 246 28.27 14.50 41.10
C VAL F 246 27.74 14.51 39.67
N THR F 247 26.90 15.49 39.33
CA THR F 247 26.37 15.54 37.97
C THR F 247 27.50 15.68 36.97
N ALA F 248 28.54 16.41 37.35
CA ALA F 248 29.70 16.56 36.49
C ALA F 248 30.30 15.21 36.17
N LEU F 249 30.58 14.41 37.20
CA LEU F 249 31.32 13.17 37.00
C LEU F 249 30.53 12.14 36.22
N ALA F 250 29.23 12.36 36.02
CA ALA F 250 28.39 11.35 35.38
C ALA F 250 28.78 11.10 33.93
N SER F 251 29.35 12.11 33.26
CA SER F 251 29.81 11.93 31.88
C SER F 251 30.93 10.92 31.79
N GLU F 252 31.71 10.77 32.86
CA GLU F 252 32.79 9.79 32.85
C GLU F 252 32.29 8.37 33.01
N TYR F 253 31.05 8.20 33.47
CA TYR F 253 30.46 6.89 33.71
C TYR F 253 29.15 6.84 32.95
N PRO F 254 29.21 6.69 31.64
CA PRO F 254 27.99 6.51 30.87
C PRO F 254 27.38 5.13 31.09
N ASP F 255 28.17 4.17 31.56
CA ASP F 255 27.58 2.87 31.87
C ASP F 255 26.50 3.01 32.92
N VAL F 256 26.59 4.03 33.77
CA VAL F 256 25.73 4.18 34.93
C VAL F 256 24.68 5.24 34.65
N GLU F 257 23.42 4.94 34.99
CA GLU F 257 22.32 5.87 34.81
C GLU F 257 22.14 6.63 36.10
N LEU F 258 22.40 7.93 36.08
CA LEU F 258 22.39 8.74 37.30
C LEU F 258 21.09 9.52 37.44
N SER F 259 20.58 9.57 38.67
CA SER F 259 19.41 10.36 39.04
C SER F 259 19.68 11.04 40.36
N HIS F 260 18.94 12.12 40.64
CA HIS F 260 19.15 12.88 41.88
C HIS F 260 17.86 12.91 42.68
N MET F 261 17.97 12.66 43.98
CA MET F 261 16.78 12.56 44.81
C MET F 261 17.00 13.28 46.14
N TYR F 262 16.00 14.06 46.54
CA TYR F 262 16.09 14.82 47.76
C TYR F 262 15.97 13.87 48.94
N VAL F 263 16.54 14.26 50.07
CA VAL F 263 16.62 13.28 51.12
C VAL F 263 15.25 13.00 51.72
N ASP F 264 14.37 14.00 51.80
CA ASP F 264 13.07 13.71 52.36
C ASP F 264 12.29 12.75 51.48
N ASN F 265 12.40 12.88 50.18
CA ASN F 265 11.76 11.91 49.30
C ASN F 265 12.43 10.56 49.51
N ALA F 266 13.75 10.54 49.54
CA ALA F 266 14.47 9.27 49.61
C ALA F 266 14.02 8.46 50.80
N ALA F 267 13.85 9.11 51.95
CA ALA F 267 13.32 8.42 53.12
C ALA F 267 11.93 7.86 52.85
N MET F 268 11.07 8.62 52.19
CA MET F 268 9.75 8.09 51.90
C MET F 268 9.83 7.00 50.87
N GLN F 269 10.82 7.08 49.98
CA GLN F 269 10.91 6.12 48.90
C GLN F 269 11.42 4.77 49.40
N LEU F 270 12.39 4.76 50.30
CA LEU F 270 12.88 3.49 50.77
C LEU F 270 11.79 2.69 51.45
N VAL F 271 10.64 3.31 51.72
CA VAL F 271 9.48 2.58 52.22
C VAL F 271 8.38 2.44 51.16
N ARG F 272 8.23 3.42 50.26
CA ARG F 272 7.23 3.28 49.22
C ARG F 272 7.61 2.15 48.28
N ASP F 273 8.78 2.24 47.67
CA ASP F 273 9.24 1.24 46.71
C ASP F 273 10.74 1.07 46.80
N PRO F 274 11.23 0.36 47.79
CA PRO F 274 12.67 0.22 47.94
C PRO F 274 13.30 -0.63 46.85
N LYS F 275 12.54 -1.47 46.16
CA LYS F 275 13.16 -2.22 45.07
C LYS F 275 13.73 -1.30 44.01
N GLN F 276 13.33 -0.02 44.02
CA GLN F 276 13.74 0.85 42.93
C GLN F 276 15.23 1.11 42.94
N PHE F 277 15.86 1.17 44.10
CA PHE F 277 17.26 1.60 44.15
C PHE F 277 18.22 0.44 43.83
N ASP F 278 19.27 0.77 43.09
CA ASP F 278 20.43 -0.08 42.98
C ASP F 278 21.50 0.43 43.90
N THR F 279 22.00 1.62 43.59
CA THR F 279 23.07 2.22 44.38
C THR F 279 22.66 3.62 44.75
N ILE F 280 22.91 3.97 46.00
CA ILE F 280 22.63 5.30 46.52
C ILE F 280 23.92 5.87 47.08
N VAL F 281 24.22 7.10 46.71
CA VAL F 281 25.36 7.79 47.26
C VAL F 281 24.89 9.03 48.00
N THR F 282 25.48 9.28 49.16
CA THR F 282 25.08 10.43 49.97
C THR F 282 26.18 10.76 50.97
N ASN F 283 25.94 11.79 51.77
CA ASN F 283 26.94 12.30 52.70
C ASN F 283 26.85 11.59 54.04
N ASN F 284 27.66 12.04 55.00
CA ASN F 284 27.76 11.31 56.26
C ASN F 284 26.42 11.21 56.96
N ILE F 285 25.79 12.34 57.25
CA ILE F 285 24.60 12.30 58.09
C ILE F 285 23.42 11.67 57.37
N PHE F 286 23.25 11.93 56.07
CA PHE F 286 22.19 11.25 55.34
C PHE F 286 22.48 9.76 55.19
N GLY F 287 23.75 9.38 55.16
CA GLY F 287 24.04 7.97 55.18
C GLY F 287 23.56 7.30 56.44
N ASP F 288 23.90 7.87 57.60
CA ASP F 288 23.50 7.25 58.86
C ASP F 288 21.98 7.05 58.94
N ILE F 289 21.22 8.10 58.68
CA ILE F 289 19.77 8.00 58.87
C ILE F 289 19.18 6.99 57.90
N LEU F 290 19.52 7.10 56.63
CA LEU F 290 18.86 6.22 55.65
C LEU F 290 19.27 4.76 55.81
N SER F 291 20.57 4.48 55.94
CA SER F 291 20.99 3.09 56.04
C SER F 291 20.42 2.45 57.28
N ASP F 292 20.27 3.22 58.35
CA ASP F 292 19.64 2.69 59.55
C ASP F 292 18.16 2.42 59.28
N GLU F 293 17.53 3.25 58.44
CA GLU F 293 16.15 2.99 58.04
C GLU F 293 16.07 1.80 57.11
N ALA F 294 16.98 1.72 56.14
CA ALA F 294 16.91 0.63 55.19
C ALA F 294 17.09 -0.72 55.84
N SER F 295 17.71 -0.78 57.01
CA SER F 295 17.98 -2.08 57.59
C SER F 295 16.68 -2.81 57.85
N MET F 296 15.66 -2.11 58.31
CA MET F 296 14.42 -2.78 58.63
C MET F 296 13.84 -3.51 57.41
N ILE F 297 14.31 -3.21 56.21
CA ILE F 297 13.84 -3.97 55.05
C ILE F 297 14.34 -5.39 55.14
N THR F 298 15.61 -5.58 55.47
CA THR F 298 16.21 -6.90 55.50
C THR F 298 15.84 -7.67 56.74
N GLY F 299 14.90 -7.14 57.55
CA GLY F 299 14.35 -7.86 58.69
C GLY F 299 14.75 -7.32 60.05
N SER F 300 15.98 -6.83 60.21
CA SER F 300 16.45 -6.32 61.49
C SER F 300 17.70 -5.50 61.29
N ILE F 301 18.05 -4.71 62.31
CA ILE F 301 19.31 -3.99 62.23
C ILE F 301 20.47 -4.93 62.39
N GLY F 302 20.22 -6.11 62.91
CA GLY F 302 21.33 -6.98 63.14
C GLY F 302 21.77 -7.69 61.92
N MET F 303 21.24 -7.32 60.77
CA MET F 303 21.65 -7.96 59.53
C MET F 303 22.64 -7.12 58.73
N LEU F 304 22.54 -5.79 58.77
CA LEU F 304 23.34 -4.96 57.88
C LEU F 304 24.79 -4.92 58.30
N PRO F 305 25.72 -5.22 57.40
CA PRO F 305 27.14 -5.03 57.68
C PRO F 305 27.67 -3.80 57.00
N SER F 306 28.88 -3.34 57.33
CA SER F 306 29.38 -2.14 56.69
C SER F 306 30.89 -2.21 56.53
N ALA F 307 31.37 -1.82 55.36
CA ALA F 307 32.79 -1.72 55.07
C ALA F 307 33.17 -0.26 54.92
N SER F 308 34.28 0.13 55.53
CA SER F 308 34.81 1.48 55.41
C SER F 308 36.20 1.40 54.79
N LEU F 309 36.37 1.95 53.60
CA LEU F 309 37.57 1.72 52.79
C LEU F 309 38.32 3.02 52.50
N SER F 310 39.62 2.88 52.23
CA SER F 310 40.51 4.02 51.98
C SER F 310 41.43 3.69 50.82
N ASP F 311 42.05 4.73 50.27
CA ASP F 311 43.11 4.52 49.28
C ASP F 311 44.37 4.02 49.94
N SER F 312 44.86 2.86 49.51
CA SER F 312 46.15 2.32 49.94
C SER F 312 46.27 2.23 51.47
N GLY F 313 45.21 1.78 52.12
CA GLY F 313 45.18 1.74 53.57
C GLY F 313 44.21 0.68 54.08
N PRO F 314 44.44 0.20 55.29
CA PRO F 314 43.59 -0.86 55.83
C PRO F 314 42.20 -0.34 56.13
N GLY F 315 41.22 -1.13 55.80
CA GLY F 315 39.85 -0.75 55.93
C GLY F 315 39.27 -1.11 57.27
N LEU F 316 38.15 -0.50 57.59
CA LEU F 316 37.48 -0.70 58.87
C LEU F 316 36.12 -1.34 58.64
N PHE F 317 35.93 -2.55 59.16
CA PHE F 317 34.70 -3.28 58.91
C PHE F 317 33.95 -3.48 60.21
N GLU F 318 32.70 -3.06 60.22
CA GLU F 318 31.91 -3.09 61.44
C GLU F 318 30.47 -3.27 61.04
N PRO F 319 29.64 -3.77 61.93
CA PRO F 319 28.20 -3.78 61.67
C PRO F 319 27.61 -2.40 61.93
N ILE F 320 26.53 -2.09 61.22
CA ILE F 320 26.04 -0.73 61.34
C ILE F 320 25.34 -0.47 62.65
N HIS F 321 24.91 -1.51 63.37
CA HIS F 321 24.17 -1.27 64.59
C HIS F 321 25.07 -0.75 65.69
N GLY F 322 24.43 -0.30 66.78
CA GLY F 322 25.14 0.26 67.92
C GLY F 322 25.56 -0.79 68.92
N SER F 323 25.95 -0.33 70.09
CA SER F 323 26.34 -1.29 71.11
C SER F 323 25.16 -1.81 71.88
N ALA F 324 23.97 -1.50 71.41
CA ALA F 324 22.73 -2.04 71.94
C ALA F 324 22.73 -2.28 73.44
N PRO F 325 22.82 -1.25 74.27
CA PRO F 325 22.80 -1.49 75.71
C PRO F 325 21.50 -2.07 76.19
N ASP F 326 20.41 -1.96 75.44
CA ASP F 326 19.14 -2.49 75.91
C ASP F 326 19.12 -4.00 75.98
N ILE F 327 20.10 -4.70 75.44
CA ILE F 327 20.04 -6.15 75.34
C ILE F 327 21.40 -6.68 75.72
N ALA F 328 22.29 -5.80 76.16
CA ALA F 328 23.68 -6.17 76.31
C ALA F 328 23.84 -7.16 77.47
N GLY F 329 24.60 -8.23 77.22
CA GLY F 329 24.82 -9.27 78.19
C GLY F 329 23.67 -10.21 78.42
N GLN F 330 22.50 -9.95 77.85
CA GLN F 330 21.35 -10.84 77.87
C GLN F 330 21.43 -11.93 76.82
N ASP F 331 22.44 -11.93 75.96
CA ASP F 331 22.61 -12.96 74.95
C ASP F 331 21.43 -12.97 74.00
N LYS F 332 20.89 -11.79 73.73
CA LYS F 332 19.82 -11.59 72.77
C LYS F 332 20.35 -11.15 71.41
N ALA F 333 21.61 -10.73 71.34
CA ALA F 333 22.13 -10.03 70.18
C ALA F 333 22.04 -10.88 68.92
N ASN F 334 22.00 -10.20 67.78
CA ASN F 334 22.11 -10.85 66.48
C ASN F 334 23.54 -10.72 66.00
N PRO F 335 24.28 -11.82 65.80
CA PRO F 335 25.67 -11.72 65.40
C PRO F 335 25.87 -11.66 63.90
N LEU F 336 24.82 -11.90 63.12
CA LEU F 336 25.00 -12.00 61.68
C LEU F 336 25.68 -10.77 61.10
N ALA F 337 25.15 -9.57 61.39
CA ALA F 337 25.72 -8.35 60.83
C ALA F 337 27.22 -8.26 61.05
N THR F 338 27.68 -8.60 62.24
CA THR F 338 29.13 -8.57 62.42
C THR F 338 29.78 -9.67 61.60
N ILE F 339 29.18 -10.87 61.58
CA ILE F 339 29.73 -11.96 60.79
C ILE F 339 29.81 -11.58 59.32
N LEU F 340 28.75 -10.97 58.79
CA LEU F 340 28.78 -10.57 57.40
C LEU F 340 29.78 -9.45 57.19
N SER F 341 30.04 -8.66 58.23
CA SER F 341 31.12 -7.69 58.13
C SER F 341 32.48 -8.35 58.02
N ALA F 342 32.68 -9.50 58.67
CA ALA F 342 33.94 -10.22 58.44
C ALA F 342 34.00 -10.70 57.00
N ALA F 343 32.84 -11.03 56.42
CA ALA F 343 32.80 -11.35 55.01
C ALA F 343 33.26 -10.17 54.19
N MET F 344 32.72 -8.98 54.50
CA MET F 344 33.15 -7.78 53.82
C MET F 344 34.63 -7.53 54.03
N LEU F 345 35.16 -7.94 55.18
CA LEU F 345 36.59 -7.78 55.43
C LEU F 345 37.41 -8.63 54.47
N LEU F 346 37.01 -9.88 54.26
CA LEU F 346 37.76 -10.72 53.31
C LEU F 346 37.52 -10.31 51.87
N LYS F 347 36.27 -9.99 51.51
CA LYS F 347 35.98 -9.68 50.12
C LYS F 347 36.64 -8.37 49.71
N TYR F 348 36.36 -7.29 50.43
CA TYR F 348 36.75 -5.93 50.03
C TYR F 348 38.09 -5.50 50.60
N GLY F 349 38.49 -6.05 51.74
CA GLY F 349 39.68 -5.57 52.38
C GLY F 349 40.90 -6.40 52.04
N LEU F 350 40.72 -7.71 51.90
CA LEU F 350 41.81 -8.63 51.60
C LEU F 350 41.68 -9.34 50.26
N GLY F 351 40.55 -9.25 49.58
CA GLY F 351 40.41 -9.87 48.30
C GLY F 351 40.29 -11.37 48.33
N GLU F 352 40.08 -11.96 49.51
CA GLU F 352 39.87 -13.40 49.63
C GLU F 352 38.38 -13.67 49.46
N GLU F 353 37.89 -13.62 48.22
CA GLU F 353 36.44 -13.73 48.06
C GLU F 353 35.93 -15.11 48.39
N LYS F 354 36.67 -16.16 48.04
CA LYS F 354 36.16 -17.49 48.37
C LYS F 354 35.97 -17.63 49.87
N ALA F 355 36.94 -17.18 50.64
CA ALA F 355 36.76 -17.16 52.08
C ALA F 355 35.53 -16.34 52.44
N ALA F 356 35.36 -15.18 51.82
CA ALA F 356 34.17 -14.39 52.08
C ALA F 356 32.91 -15.13 51.67
N LYS F 357 32.92 -15.81 50.52
CA LYS F 357 31.72 -16.53 50.14
C LYS F 357 31.52 -17.72 51.03
N ARG F 358 32.60 -18.30 51.54
CA ARG F 358 32.43 -19.37 52.51
C ARG F 358 31.64 -18.89 53.72
N ILE F 359 31.97 -17.70 54.24
CA ILE F 359 31.23 -17.13 55.35
C ILE F 359 29.81 -16.80 54.93
N GLU F 360 29.66 -16.13 53.79
CA GLU F 360 28.31 -15.81 53.34
C GLU F 360 27.47 -17.06 53.22
N ASP F 361 28.02 -18.12 52.64
CA ASP F 361 27.26 -19.34 52.47
C ASP F 361 26.80 -19.92 53.80
N ALA F 362 27.64 -19.83 54.82
CA ALA F 362 27.28 -20.39 56.11
C ALA F 362 26.09 -19.67 56.73
N VAL F 363 26.09 -18.34 56.70
CA VAL F 363 24.95 -17.62 57.23
C VAL F 363 23.68 -18.03 56.49
N LEU F 364 23.78 -18.22 55.17
CA LEU F 364 22.63 -18.69 54.41
C LEU F 364 22.18 -20.06 54.89
N VAL F 365 23.14 -20.94 55.13
CA VAL F 365 22.81 -22.27 55.61
C VAL F 365 22.07 -22.17 56.94
N ALA F 366 22.65 -21.43 57.88
CA ALA F 366 22.11 -21.40 59.23
C ALA F 366 20.65 -20.97 59.23
N LEU F 367 20.33 -19.94 58.46
CA LEU F 367 18.95 -19.49 58.37
C LEU F 367 18.09 -20.52 57.64
N ASN F 368 18.68 -21.31 56.74
CA ASN F 368 17.88 -22.37 56.14
C ASN F 368 17.47 -23.40 57.17
N ASN F 369 18.34 -23.68 58.15
CA ASN F 369 18.01 -24.68 59.16
C ASN F 369 17.03 -24.18 60.20
N GLY F 370 16.51 -22.95 60.08
CA GLY F 370 15.47 -22.41 60.93
C GLY F 370 15.92 -21.48 62.04
N PHE F 371 17.22 -21.24 62.15
CA PHE F 371 17.79 -20.52 63.27
C PHE F 371 17.56 -19.03 63.09
N ARG F 372 16.81 -18.41 63.97
CA ARG F 372 16.65 -16.97 63.98
C ARG F 372 16.91 -16.48 65.37
N THR F 373 17.55 -15.34 65.48
CA THR F 373 17.49 -14.67 66.77
C THR F 373 16.16 -13.92 66.86
N GLY F 374 15.91 -13.34 68.01
CA GLY F 374 14.64 -12.69 68.24
C GLY F 374 14.33 -11.57 67.25
N ASP F 375 15.35 -10.84 66.82
CA ASP F 375 15.09 -9.67 65.99
C ASP F 375 14.65 -10.06 64.59
N ILE F 376 15.00 -11.26 64.14
CA ILE F 376 14.66 -11.78 62.82
C ILE F 376 13.80 -13.03 62.94
N TYR F 377 13.07 -13.15 64.04
CA TYR F 377 12.18 -14.29 64.21
C TYR F 377 10.91 -14.10 63.41
N SER F 378 10.61 -15.07 62.54
CA SER F 378 9.35 -15.16 61.82
C SER F 378 8.69 -16.45 62.25
N ALA F 379 7.41 -16.57 61.92
CA ALA F 379 6.64 -17.71 62.41
C ALA F 379 7.23 -19.04 61.95
N GLY F 380 7.33 -19.98 62.88
CA GLY F 380 7.82 -21.31 62.62
C GLY F 380 9.33 -21.46 62.53
N THR F 381 10.09 -20.46 62.89
CA THR F 381 11.51 -20.68 62.95
C THR F 381 11.92 -21.06 64.35
N LYS F 382 13.21 -21.24 64.54
CA LYS F 382 13.75 -21.66 65.83
C LYS F 382 14.46 -20.49 66.49
N LEU F 383 13.86 -19.99 67.57
CA LEU F 383 14.37 -18.81 68.26
C LEU F 383 15.62 -19.21 69.01
N VAL F 384 16.71 -18.52 68.72
CA VAL F 384 17.98 -18.74 69.37
C VAL F 384 18.51 -17.43 69.95
N GLY F 385 19.59 -17.51 70.71
CA GLY F 385 20.28 -16.36 71.24
C GLY F 385 21.47 -16.04 70.37
N CYS F 386 22.54 -15.54 70.99
CA CYS F 386 23.70 -15.13 70.20
C CYS F 386 24.77 -16.22 70.12
N LYS F 387 25.25 -16.68 71.28
CA LYS F 387 26.24 -17.74 71.28
C LYS F 387 25.66 -18.96 70.62
N GLU F 388 24.41 -19.26 70.91
CA GLU F 388 23.71 -20.32 70.20
C GLU F 388 23.84 -20.16 68.70
N MET F 389 23.37 -19.03 68.17
CA MET F 389 23.36 -18.82 66.72
C MET F 389 24.76 -18.90 66.13
N GLY F 390 25.70 -18.12 66.67
CA GLY F 390 27.07 -18.23 66.22
C GLY F 390 27.60 -19.65 66.29
N GLU F 391 27.26 -20.38 67.34
CA GLU F 391 27.64 -21.78 67.41
C GLU F 391 27.07 -22.54 66.24
N GLU F 392 25.75 -22.62 66.16
CA GLU F 392 25.14 -23.47 65.15
C GLU F 392 25.16 -22.77 63.75
N VAL F 393 25.87 -21.62 63.64
CA VAL F 393 26.46 -21.16 62.37
C VAL F 393 27.84 -21.78 62.16
N LEU F 394 28.69 -21.72 63.18
CA LEU F 394 30.03 -22.27 63.04
C LEU F 394 30.04 -23.73 62.60
N LYS F 395 29.00 -24.51 62.93
CA LYS F 395 28.90 -25.83 62.29
C LYS F 395 28.80 -25.67 60.78
N SER F 396 27.96 -24.74 60.34
CA SER F 396 27.72 -24.62 58.91
C SER F 396 29.01 -24.34 58.16
N VAL F 397 29.90 -23.53 58.72
CA VAL F 397 31.19 -23.32 58.07
C VAL F 397 31.92 -24.64 57.95
N ASP F 398 31.86 -25.45 59.03
CA ASP F 398 32.57 -26.72 59.17
C ASP F 398 31.84 -27.89 58.51
N SER F 399 31.29 -27.67 57.30
CA SER F 399 30.65 -28.75 56.52
C SER F 399 31.27 -28.80 55.14
N LYS G 41 -16.97 -73.69 -61.09
CA LYS G 41 -17.08 -72.63 -60.11
C LYS G 41 -16.86 -71.27 -60.77
N ARG G 42 -17.96 -70.55 -60.97
CA ARG G 42 -17.95 -69.31 -61.74
C ARG G 42 -18.00 -68.12 -60.80
N TYR G 43 -17.22 -67.07 -61.12
CA TYR G 43 -17.19 -65.84 -60.33
C TYR G 43 -17.46 -64.62 -61.20
N THR G 44 -18.21 -63.66 -60.66
CA THR G 44 -18.59 -62.45 -61.37
C THR G 44 -17.64 -61.34 -60.98
N ILE G 45 -16.82 -60.89 -61.93
CA ILE G 45 -15.80 -59.89 -61.69
C ILE G 45 -16.18 -58.64 -62.49
N THR G 46 -16.14 -57.49 -61.82
CA THR G 46 -16.40 -56.20 -62.44
C THR G 46 -15.07 -55.55 -62.75
N LEU G 47 -14.86 -55.21 -64.01
CA LEU G 47 -13.64 -54.52 -64.40
C LEU G 47 -13.91 -53.03 -64.50
N LEU G 48 -13.15 -52.24 -63.76
CA LEU G 48 -13.24 -50.78 -63.82
C LEU G 48 -11.92 -50.30 -64.41
N PRO G 49 -11.79 -50.21 -65.71
CA PRO G 49 -10.48 -49.92 -66.29
C PRO G 49 -10.07 -48.51 -65.98
N GLY G 50 -10.98 -47.57 -66.13
CA GLY G 50 -10.65 -46.18 -65.88
C GLY G 50 -9.84 -45.49 -66.96
N ASP G 51 -8.87 -44.69 -66.55
CA ASP G 51 -8.18 -43.78 -67.45
C ASP G 51 -6.67 -44.01 -67.38
N GLY G 52 -5.93 -43.22 -68.14
CA GLY G 52 -4.47 -43.30 -68.09
C GLY G 52 -3.96 -44.67 -68.49
N ILE G 53 -3.14 -45.29 -67.66
CA ILE G 53 -2.72 -46.63 -68.01
C ILE G 53 -3.72 -47.67 -67.57
N GLY G 54 -4.74 -47.29 -66.82
CA GLY G 54 -5.69 -48.23 -66.25
C GLY G 54 -6.11 -49.30 -67.23
N PRO G 55 -6.70 -48.88 -68.34
CA PRO G 55 -7.05 -49.85 -69.37
C PRO G 55 -5.91 -50.78 -69.76
N GLU G 56 -4.71 -50.25 -69.96
CA GLU G 56 -3.59 -51.08 -70.40
C GLU G 56 -3.33 -52.21 -69.43
N VAL G 57 -3.17 -51.87 -68.15
CA VAL G 57 -2.78 -52.86 -67.14
C VAL G 57 -3.92 -53.78 -66.78
N VAL G 58 -5.15 -53.27 -66.75
CA VAL G 58 -6.26 -54.12 -66.36
C VAL G 58 -6.46 -55.21 -67.41
N SER G 59 -6.32 -54.87 -68.69
CA SER G 59 -6.42 -55.88 -69.74
C SER G 59 -5.45 -57.03 -69.49
N ILE G 60 -4.21 -56.71 -69.13
CA ILE G 60 -3.22 -57.74 -68.87
C ILE G 60 -3.58 -58.55 -67.64
N ALA G 61 -3.98 -57.89 -66.57
CA ALA G 61 -4.39 -58.62 -65.39
C ALA G 61 -5.63 -59.45 -65.68
N LYS G 62 -6.52 -58.96 -66.53
CA LYS G 62 -7.71 -59.72 -66.85
C LYS G 62 -7.32 -61.06 -67.46
N ASN G 63 -6.37 -61.05 -68.38
CA ASN G 63 -5.93 -62.29 -68.99
C ASN G 63 -5.24 -63.19 -67.98
N VAL G 64 -4.41 -62.63 -67.10
CA VAL G 64 -3.71 -63.44 -66.11
C VAL G 64 -4.70 -64.08 -65.15
N LEU G 65 -5.70 -63.32 -64.73
CA LEU G 65 -6.72 -63.87 -63.86
C LEU G 65 -7.40 -65.08 -64.49
N GLN G 66 -7.86 -64.95 -65.74
CA GLN G 66 -8.61 -66.04 -66.36
C GLN G 66 -7.74 -67.29 -66.45
N GLN G 67 -6.50 -67.14 -66.91
CA GLN G 67 -5.63 -68.29 -67.08
C GLN G 67 -5.30 -68.93 -65.75
N ALA G 68 -4.94 -68.13 -64.75
CA ALA G 68 -4.57 -68.70 -63.47
C ALA G 68 -5.77 -69.39 -62.84
N GLY G 69 -6.92 -68.71 -62.83
CA GLY G 69 -8.11 -69.30 -62.25
C GLY G 69 -8.59 -70.54 -63.00
N SER G 70 -8.49 -70.50 -64.32
CA SER G 70 -8.87 -71.67 -65.08
C SER G 70 -8.07 -72.89 -64.64
N LEU G 71 -6.79 -72.69 -64.30
CA LEU G 71 -5.95 -73.80 -63.88
C LEU G 71 -6.39 -74.39 -62.54
N GLU G 72 -7.06 -73.62 -61.69
CA GLU G 72 -7.62 -74.15 -60.47
C GLU G 72 -9.12 -74.34 -60.59
N GLY G 73 -9.61 -74.48 -61.81
CA GLY G 73 -11.01 -74.79 -62.07
C GLY G 73 -12.02 -73.69 -61.82
N VAL G 74 -11.67 -72.44 -62.05
CA VAL G 74 -12.62 -71.34 -61.91
C VAL G 74 -12.60 -70.49 -63.16
N GLU G 75 -13.79 -70.14 -63.63
CA GLU G 75 -13.99 -69.28 -64.78
C GLU G 75 -14.65 -68.01 -64.28
N PHE G 76 -14.65 -66.97 -65.11
CA PHE G 76 -15.11 -65.65 -64.66
C PHE G 76 -16.04 -64.99 -65.67
N ASN G 77 -17.00 -64.24 -65.12
CA ASN G 77 -17.89 -63.37 -65.88
C ASN G 77 -17.37 -61.96 -65.74
N PHE G 78 -16.74 -61.46 -66.79
CA PHE G 78 -16.18 -60.13 -66.75
C PHE G 78 -17.22 -59.13 -67.23
N ARG G 79 -17.18 -57.94 -66.65
CA ARG G 79 -18.15 -56.92 -67.00
C ARG G 79 -17.44 -55.60 -66.78
N GLU G 80 -17.24 -54.82 -67.83
CA GLU G 80 -16.62 -53.52 -67.73
C GLU G 80 -17.67 -52.46 -67.42
N MET G 81 -17.35 -51.56 -66.51
CA MET G 81 -18.26 -50.47 -66.22
C MET G 81 -17.46 -49.18 -66.20
N PRO G 82 -18.09 -48.04 -66.48
CA PRO G 82 -17.31 -46.81 -66.58
C PRO G 82 -17.05 -46.22 -65.21
N ILE G 83 -15.87 -45.62 -65.06
CA ILE G 83 -15.53 -44.90 -63.84
C ILE G 83 -14.54 -43.81 -64.19
N GLY G 84 -14.62 -42.69 -63.46
CA GLY G 84 -13.62 -41.64 -63.61
C GLY G 84 -13.76 -40.95 -64.95
N GLY G 85 -12.60 -40.70 -65.58
CA GLY G 85 -12.63 -39.97 -66.84
C GLY G 85 -13.44 -40.67 -67.90
N ALA G 86 -13.36 -42.00 -67.95
CA ALA G 86 -14.18 -42.78 -68.86
C ALA G 86 -15.65 -42.48 -68.65
N ALA G 87 -16.11 -42.54 -67.39
CA ALA G 87 -17.51 -42.32 -67.13
C ALA G 87 -17.92 -40.86 -67.38
N LEU G 88 -17.05 -39.90 -67.03
CA LEU G 88 -17.36 -38.51 -67.32
C LEU G 88 -17.57 -38.27 -68.82
N ASP G 89 -16.75 -38.89 -69.67
CA ASP G 89 -16.91 -38.71 -71.11
C ASP G 89 -18.14 -39.43 -71.65
N LEU G 90 -18.59 -40.47 -70.99
CA LEU G 90 -19.71 -41.26 -71.46
C LEU G 90 -21.02 -40.74 -70.86
N VAL G 91 -21.16 -40.81 -69.54
CA VAL G 91 -22.40 -40.41 -68.87
C VAL G 91 -22.30 -39.09 -68.11
N GLY G 92 -21.14 -38.45 -68.02
CA GLY G 92 -21.08 -37.12 -67.44
C GLY G 92 -20.94 -37.04 -65.94
N VAL G 93 -20.82 -38.17 -65.24
CA VAL G 93 -20.52 -38.15 -63.81
C VAL G 93 -19.38 -39.16 -63.61
N PRO G 94 -18.53 -38.96 -62.61
CA PRO G 94 -17.43 -39.92 -62.38
C PRO G 94 -17.90 -41.30 -61.99
N LEU G 95 -19.05 -41.41 -61.32
CA LEU G 95 -19.53 -42.71 -60.85
C LEU G 95 -21.01 -42.88 -61.14
N PRO G 96 -21.35 -43.58 -62.21
CA PRO G 96 -22.76 -43.83 -62.53
C PRO G 96 -23.40 -44.80 -61.55
N GLU G 97 -24.71 -44.62 -61.36
CA GLU G 97 -25.42 -45.59 -60.55
C GLU G 97 -25.34 -46.98 -61.15
N GLU G 98 -25.32 -47.08 -62.48
CA GLU G 98 -25.25 -48.38 -63.13
C GLU G 98 -23.99 -49.11 -62.72
N THR G 99 -22.90 -48.36 -62.52
CA THR G 99 -21.63 -48.96 -62.11
C THR G 99 -21.70 -49.49 -60.70
N ILE G 100 -22.28 -48.71 -59.78
CA ILE G 100 -22.28 -49.11 -58.38
C ILE G 100 -23.06 -50.40 -58.19
N SER G 101 -24.29 -50.45 -58.72
CA SER G 101 -25.09 -51.66 -58.61
C SER G 101 -24.40 -52.81 -59.32
N ALA G 102 -23.81 -52.54 -60.49
CA ALA G 102 -23.02 -53.56 -61.16
C ALA G 102 -21.86 -54.03 -60.28
N ALA G 103 -21.33 -53.12 -59.47
CA ALA G 103 -20.22 -53.48 -58.59
C ALA G 103 -20.69 -54.24 -57.36
N LYS G 104 -21.82 -53.85 -56.77
CA LYS G 104 -22.27 -54.56 -55.59
C LYS G 104 -22.68 -55.99 -55.92
N GLU G 105 -23.33 -56.21 -57.09
CA GLU G 105 -23.83 -57.55 -57.43
C GLU G 105 -22.72 -58.55 -57.67
N SER G 106 -21.52 -58.09 -58.06
CA SER G 106 -20.40 -58.95 -58.41
C SER G 106 -19.71 -59.53 -57.17
N ASP G 107 -18.88 -60.55 -57.40
CA ASP G 107 -18.13 -61.23 -56.35
C ASP G 107 -16.87 -60.48 -55.93
N ALA G 108 -16.21 -59.80 -56.87
CA ALA G 108 -15.01 -59.03 -56.57
C ALA G 108 -14.83 -58.01 -57.69
N VAL G 109 -14.18 -56.90 -57.38
CA VAL G 109 -14.03 -55.77 -58.31
C VAL G 109 -12.56 -55.47 -58.52
N LEU G 110 -12.16 -55.34 -59.78
CA LEU G 110 -10.77 -55.06 -60.15
C LEU G 110 -10.68 -53.73 -60.89
N LEU G 111 -10.00 -52.78 -60.29
CA LEU G 111 -9.92 -51.43 -60.82
C LEU G 111 -8.51 -51.15 -61.31
N GLY G 112 -8.41 -50.32 -62.35
CA GLY G 112 -7.13 -49.90 -62.84
C GLY G 112 -6.69 -48.66 -62.12
N ALA G 113 -6.95 -47.51 -62.72
CA ALA G 113 -6.63 -46.25 -62.09
C ALA G 113 -7.63 -45.19 -62.57
N ILE G 114 -7.45 -43.97 -62.09
CA ILE G 114 -8.45 -42.94 -62.34
C ILE G 114 -7.76 -41.60 -62.48
N GLY G 115 -8.33 -40.74 -63.32
CA GLY G 115 -7.89 -39.37 -63.42
C GLY G 115 -7.03 -39.13 -64.64
N GLY G 116 -6.99 -37.89 -65.06
CA GLY G 116 -6.27 -37.55 -66.27
C GLY G 116 -6.32 -36.06 -66.48
N TYR G 117 -5.40 -35.60 -67.33
CA TYR G 117 -5.28 -34.17 -67.58
C TYR G 117 -6.59 -33.58 -68.07
N LYS G 118 -7.33 -34.33 -68.89
CA LYS G 118 -8.53 -33.79 -69.53
C LYS G 118 -9.49 -33.22 -68.50
N TRP G 119 -9.69 -33.92 -67.41
CA TRP G 119 -10.68 -33.54 -66.43
C TRP G 119 -10.11 -32.79 -65.25
N ASP G 120 -8.83 -32.43 -65.29
CA ASP G 120 -8.22 -31.75 -64.14
C ASP G 120 -8.82 -30.38 -63.86
N ASN G 121 -9.62 -29.83 -64.77
CA ASN G 121 -10.14 -28.48 -64.61
C ASN G 121 -11.62 -28.46 -64.28
N ASN G 122 -12.23 -29.62 -64.11
CA ASN G 122 -13.66 -29.66 -63.85
C ASN G 122 -13.94 -29.09 -62.48
N GLU G 123 -15.22 -28.85 -62.21
CA GLU G 123 -15.63 -28.55 -60.85
C GLU G 123 -15.29 -29.73 -59.93
N LYS G 124 -15.14 -29.43 -58.64
CA LYS G 124 -14.73 -30.43 -57.68
C LYS G 124 -15.64 -31.66 -57.71
N HIS G 125 -16.94 -31.48 -57.98
CA HIS G 125 -17.84 -32.63 -57.99
C HIS G 125 -17.74 -33.45 -59.26
N LEU G 126 -17.08 -32.95 -60.28
CA LEU G 126 -16.91 -33.67 -61.52
C LEU G 126 -15.46 -34.05 -61.81
N ARG G 127 -14.55 -33.92 -60.83
CA ARG G 127 -13.21 -34.44 -61.06
C ARG G 127 -13.23 -35.96 -60.93
N PRO G 128 -12.41 -36.68 -61.73
CA PRO G 128 -12.51 -38.15 -61.74
C PRO G 128 -12.23 -38.80 -60.40
N GLU G 129 -11.24 -38.27 -59.69
CA GLU G 129 -10.85 -38.82 -58.39
C GLU G 129 -12.02 -38.88 -57.42
N LYS G 130 -12.97 -37.97 -57.55
CA LYS G 130 -14.17 -38.01 -56.73
C LYS G 130 -14.94 -39.30 -56.95
N GLY G 131 -14.83 -39.90 -58.14
CA GLY G 131 -15.49 -41.16 -58.36
C GLY G 131 -14.86 -42.29 -57.58
N LEU G 132 -13.53 -42.30 -57.49
CA LEU G 132 -12.85 -43.36 -56.76
C LEU G 132 -13.22 -43.33 -55.29
N LEU G 133 -13.24 -42.14 -54.70
CA LEU G 133 -13.68 -42.04 -53.30
C LEU G 133 -15.10 -42.53 -53.14
N GLN G 134 -15.97 -42.26 -54.12
CA GLN G 134 -17.35 -42.67 -54.00
C GLN G 134 -17.48 -44.18 -54.05
N ILE G 135 -16.79 -44.80 -55.00
CA ILE G 135 -16.88 -46.24 -55.13
C ILE G 135 -16.32 -46.91 -53.88
N ARG G 136 -15.33 -46.28 -53.20
CA ARG G 136 -14.79 -46.86 -51.97
C ARG G 136 -15.84 -46.87 -50.87
N ALA G 137 -16.50 -45.73 -50.67
CA ALA G 137 -17.56 -45.67 -49.68
C ALA G 137 -18.74 -46.53 -50.12
N ALA G 138 -19.11 -46.46 -51.40
CA ALA G 138 -20.30 -47.18 -51.88
C ALA G 138 -20.20 -48.66 -51.57
N LEU G 139 -19.04 -49.25 -51.78
CA LEU G 139 -18.80 -50.65 -51.48
C LEU G 139 -18.54 -50.88 -50.01
N LYS G 140 -18.50 -49.82 -49.21
CA LYS G 140 -18.26 -49.92 -47.78
C LYS G 140 -16.97 -50.71 -47.49
N VAL G 141 -15.95 -50.45 -48.30
CA VAL G 141 -14.65 -51.17 -48.17
C VAL G 141 -13.75 -50.29 -47.31
N PHE G 142 -13.92 -50.41 -45.99
CA PHE G 142 -13.20 -49.50 -45.11
C PHE G 142 -11.74 -49.88 -44.94
N ALA G 143 -11.41 -51.17 -45.05
CA ALA G 143 -10.09 -51.66 -44.69
C ALA G 143 -9.23 -51.86 -45.94
N ASN G 144 -8.17 -51.06 -46.04
CA ASN G 144 -7.30 -51.04 -47.20
C ASN G 144 -5.97 -51.67 -46.84
N LEU G 145 -5.56 -52.66 -47.63
CA LEU G 145 -4.32 -53.37 -47.39
C LEU G 145 -3.36 -53.07 -48.52
N ARG G 146 -2.24 -52.42 -48.20
CA ARG G 146 -1.17 -52.19 -49.17
C ARG G 146 0.14 -52.82 -48.72
N PRO G 147 0.53 -53.97 -49.29
CA PRO G 147 1.71 -54.68 -48.82
C PRO G 147 2.94 -54.40 -49.65
N ALA G 148 3.98 -53.87 -49.02
CA ALA G 148 5.25 -53.55 -49.68
C ALA G 148 6.32 -54.50 -49.19
N THR G 149 6.68 -55.48 -50.03
CA THR G 149 7.74 -56.45 -49.73
C THR G 149 8.68 -56.49 -50.92
N VAL G 150 9.97 -56.44 -50.62
CA VAL G 150 11.02 -56.34 -51.63
C VAL G 150 11.37 -57.74 -52.13
N LEU G 151 11.18 -57.97 -53.40
CA LEU G 151 11.55 -59.23 -54.00
C LEU G 151 13.06 -59.25 -54.28
N PRO G 152 13.73 -60.38 -54.09
CA PRO G 152 15.19 -60.42 -54.26
C PRO G 152 15.66 -59.99 -55.62
N GLN G 153 14.81 -60.11 -56.63
CA GLN G 153 15.22 -59.76 -57.97
C GLN G 153 15.31 -58.24 -58.15
N LEU G 154 14.55 -57.49 -57.37
CA LEU G 154 14.45 -56.05 -57.57
C LEU G 154 15.27 -55.25 -56.59
N VAL G 155 16.17 -55.89 -55.86
CA VAL G 155 16.92 -55.12 -54.88
C VAL G 155 17.80 -54.11 -55.59
N ASP G 156 18.39 -54.47 -56.73
CA ASP G 156 19.21 -53.48 -57.40
C ASP G 156 18.35 -52.37 -57.96
N ALA G 157 17.08 -52.61 -58.18
CA ALA G 157 16.20 -51.61 -58.76
C ALA G 157 15.78 -50.57 -57.78
N SER G 158 15.84 -50.85 -56.49
CA SER G 158 15.47 -49.84 -55.52
C SER G 158 16.54 -48.76 -55.50
N THR G 159 16.18 -47.62 -54.91
CA THR G 159 17.10 -46.52 -54.69
C THR G 159 17.79 -46.54 -53.34
N LEU G 160 17.29 -47.31 -52.38
CA LEU G 160 17.96 -47.50 -51.10
C LEU G 160 19.11 -48.48 -51.24
N LYS G 161 20.14 -48.25 -50.42
CA LYS G 161 21.29 -49.12 -50.40
C LYS G 161 20.84 -50.56 -50.21
N ARG G 162 21.65 -51.52 -50.67
CA ARG G 162 21.21 -52.91 -50.61
C ARG G 162 20.86 -53.31 -49.19
N GLU G 163 21.79 -53.09 -48.27
CA GLU G 163 21.60 -53.51 -46.88
C GLU G 163 20.38 -52.87 -46.24
N VAL G 164 19.99 -51.68 -46.68
CA VAL G 164 18.80 -51.06 -46.13
C VAL G 164 17.56 -51.74 -46.67
N ALA G 165 17.54 -52.06 -47.94
CA ALA G 165 16.28 -52.42 -48.55
C ALA G 165 16.07 -53.91 -48.68
N GLU G 166 17.09 -54.70 -48.49
CA GLU G 166 16.94 -56.11 -48.77
C GLU G 166 16.20 -56.76 -47.61
N GLY G 167 15.16 -57.50 -47.93
CA GLY G 167 14.41 -58.17 -46.91
C GLY G 167 13.28 -57.39 -46.30
N VAL G 168 12.97 -56.21 -46.82
CA VAL G 168 11.78 -55.51 -46.35
C VAL G 168 10.54 -56.38 -46.53
N ASP G 169 9.62 -56.29 -45.57
CA ASP G 169 8.35 -56.98 -45.65
C ASP G 169 7.32 -56.41 -44.71
N LEU G 170 6.69 -55.30 -45.10
CA LEU G 170 5.68 -54.64 -44.27
C LEU G 170 4.35 -54.58 -45.01
N MET G 171 3.31 -54.41 -44.22
CA MET G 171 1.94 -54.32 -44.69
C MET G 171 1.27 -53.12 -44.08
N VAL G 172 0.68 -52.28 -44.91
CA VAL G 172 0.02 -51.06 -44.47
C VAL G 172 -1.48 -51.28 -44.45
N VAL G 173 -2.09 -51.05 -43.30
CA VAL G 173 -3.53 -51.13 -43.15
C VAL G 173 -4.06 -49.72 -42.98
N ARG G 174 -4.76 -49.23 -43.98
CA ARG G 174 -5.18 -47.85 -44.11
C ARG G 174 -6.70 -47.76 -44.02
N GLU G 175 -7.21 -46.86 -43.20
CA GLU G 175 -8.65 -46.66 -43.18
C GLU G 175 -9.07 -45.94 -44.45
N LEU G 176 -9.95 -46.54 -45.21
CA LEU G 176 -10.19 -46.02 -46.55
C LEU G 176 -11.46 -45.19 -46.67
N THR G 177 -12.54 -45.54 -45.95
CA THR G 177 -13.83 -44.87 -46.11
C THR G 177 -14.10 -43.84 -45.03
N GLY G 178 -13.07 -43.29 -44.40
CA GLY G 178 -13.31 -42.26 -43.42
C GLY G 178 -12.23 -41.19 -43.40
N GLY G 179 -12.29 -40.28 -42.46
CA GLY G 179 -11.24 -39.31 -42.31
C GLY G 179 -11.41 -38.09 -43.21
N ILE G 180 -10.31 -37.37 -43.37
CA ILE G 180 -10.37 -36.06 -44.02
C ILE G 180 -10.86 -36.19 -45.44
N TYR G 181 -10.64 -37.33 -46.07
CA TYR G 181 -11.10 -37.47 -47.45
C TYR G 181 -12.61 -37.50 -47.55
N PHE G 182 -13.30 -37.95 -46.49
CA PHE G 182 -14.75 -37.99 -46.45
C PHE G 182 -15.35 -37.06 -45.41
N GLY G 183 -14.56 -36.16 -44.84
CA GLY G 183 -14.99 -35.44 -43.67
C GLY G 183 -15.88 -34.28 -44.02
N GLU G 184 -16.96 -34.14 -43.28
CA GLU G 184 -17.83 -32.98 -43.30
C GLU G 184 -17.66 -32.23 -41.99
N PRO G 185 -17.82 -30.90 -42.02
CA PRO G 185 -18.15 -30.03 -43.13
C PRO G 185 -16.93 -29.75 -43.96
N ARG G 186 -17.12 -29.37 -45.22
CA ARG G 186 -16.00 -29.05 -46.09
C ARG G 186 -16.47 -28.04 -47.13
N GLY G 187 -15.50 -27.40 -47.78
CA GLY G 187 -15.80 -26.58 -48.93
C GLY G 187 -14.95 -25.34 -49.01
N ILE G 188 -15.21 -24.51 -50.02
CA ILE G 188 -14.59 -23.19 -50.12
C ILE G 188 -15.71 -22.18 -50.11
N LYS G 189 -15.74 -21.37 -49.06
CA LYS G 189 -16.72 -20.30 -48.91
C LYS G 189 -15.99 -18.98 -48.97
N THR G 190 -16.77 -17.90 -48.93
CA THR G 190 -16.22 -16.57 -48.88
C THR G 190 -16.85 -15.90 -47.68
N ASN G 191 -16.05 -15.61 -46.66
CA ASN G 191 -16.54 -14.92 -45.48
C ASN G 191 -16.70 -13.44 -45.83
N GLU G 192 -17.06 -12.63 -44.83
CA GLU G 192 -17.40 -11.23 -45.06
C GLU G 192 -16.23 -10.43 -45.64
N ASN G 193 -15.00 -10.83 -45.32
CA ASN G 193 -13.84 -10.05 -45.74
C ASN G 193 -13.72 -9.92 -47.25
N GLY G 194 -14.35 -10.81 -48.02
CA GLY G 194 -14.04 -10.93 -49.42
C GLY G 194 -12.91 -11.88 -49.72
N GLU G 195 -12.41 -12.60 -48.71
CA GLU G 195 -11.36 -13.60 -48.81
C GLU G 195 -11.93 -15.00 -48.93
N GLU G 196 -11.34 -15.83 -49.78
CA GLU G 196 -11.78 -17.20 -49.88
C GLU G 196 -11.13 -18.03 -48.78
N VAL G 197 -11.87 -19.00 -48.25
CA VAL G 197 -11.38 -19.90 -47.21
C VAL G 197 -11.75 -21.33 -47.57
N GLY G 198 -10.76 -22.19 -47.69
CA GLY G 198 -10.97 -23.62 -47.96
C GLY G 198 -10.74 -24.46 -46.71
N PHE G 199 -11.56 -25.49 -46.56
CA PHE G 199 -11.52 -26.24 -45.32
C PHE G 199 -12.02 -27.68 -45.50
N ASN G 200 -11.33 -28.61 -44.84
CA ASN G 200 -11.79 -29.98 -44.67
C ASN G 200 -11.68 -30.31 -43.21
N THR G 201 -12.45 -31.30 -42.77
CA THR G 201 -12.44 -31.69 -41.36
C THR G 201 -12.07 -33.16 -41.26
N GLU G 202 -10.91 -33.43 -40.66
CA GLU G 202 -10.47 -34.80 -40.42
C GLU G 202 -11.25 -35.28 -39.20
N VAL G 203 -12.16 -36.24 -39.41
CA VAL G 203 -13.10 -36.71 -38.39
C VAL G 203 -13.20 -38.22 -38.44
N TYR G 204 -13.10 -38.86 -37.28
CA TYR G 204 -13.27 -40.29 -37.13
C TYR G 204 -14.17 -40.58 -35.95
N ALA G 205 -15.19 -41.40 -36.17
CA ALA G 205 -15.96 -41.88 -35.04
C ALA G 205 -15.23 -43.06 -34.42
N ALA G 206 -15.61 -43.39 -33.20
CA ALA G 206 -14.88 -44.42 -32.48
C ALA G 206 -14.95 -45.74 -33.22
N HIS G 207 -16.15 -46.14 -33.66
CA HIS G 207 -16.28 -47.42 -34.35
C HIS G 207 -15.47 -47.44 -35.63
N GLU G 208 -15.25 -46.28 -36.26
CA GLU G 208 -14.43 -46.23 -37.46
C GLU G 208 -13.00 -46.67 -37.18
N ILE G 209 -12.42 -46.18 -36.08
CA ILE G 209 -11.05 -46.54 -35.73
C ILE G 209 -11.00 -48.00 -35.32
N ASP G 210 -12.00 -48.44 -34.55
CA ASP G 210 -12.02 -49.79 -34.02
C ASP G 210 -11.89 -50.80 -35.15
N ARG G 211 -12.75 -50.68 -36.15
CA ARG G 211 -12.82 -51.72 -37.16
C ARG G 211 -11.52 -51.80 -37.93
N ILE G 212 -10.89 -50.66 -38.21
CA ILE G 212 -9.61 -50.69 -38.90
C ILE G 212 -8.52 -51.19 -37.95
N ALA G 213 -8.67 -50.91 -36.66
CA ALA G 213 -7.69 -51.42 -35.72
C ALA G 213 -7.71 -52.96 -35.65
N ARG G 214 -8.89 -53.58 -35.62
CA ARG G 214 -8.91 -55.03 -35.55
C ARG G 214 -8.26 -55.65 -36.78
N VAL G 215 -8.61 -55.17 -37.96
CA VAL G 215 -8.02 -55.72 -39.18
C VAL G 215 -6.50 -55.69 -39.10
N ALA G 216 -5.95 -54.59 -38.58
CA ALA G 216 -4.51 -54.49 -38.44
C ALA G 216 -3.97 -55.54 -37.48
N PHE G 217 -4.62 -55.67 -36.33
CA PHE G 217 -4.18 -56.67 -35.35
C PHE G 217 -4.29 -58.08 -35.92
N GLU G 218 -5.44 -58.42 -36.51
CA GLU G 218 -5.62 -59.74 -37.09
C GLU G 218 -4.58 -59.96 -38.17
N THR G 219 -4.28 -58.90 -38.93
CA THR G 219 -3.24 -58.98 -39.95
C THR G 219 -1.90 -59.19 -39.29
N ALA G 220 -1.64 -58.44 -38.24
CA ALA G 220 -0.36 -58.54 -37.54
C ALA G 220 -0.10 -59.95 -37.06
N ARG G 221 -1.15 -60.66 -36.67
CA ARG G 221 -0.98 -62.00 -36.17
C ARG G 221 -0.64 -62.94 -37.32
N LYS G 222 -1.26 -62.75 -38.47
CA LYS G 222 -0.92 -63.64 -39.56
C LYS G 222 0.51 -63.42 -40.03
N ARG G 223 1.18 -62.37 -39.54
CA ARG G 223 2.53 -62.04 -39.98
C ARG G 223 3.58 -62.24 -38.89
N ARG G 224 4.29 -61.18 -38.51
CA ARG G 224 5.35 -61.33 -37.52
C ARG G 224 4.91 -60.88 -36.14
N GLY G 225 3.63 -60.61 -35.95
CA GLY G 225 3.20 -60.36 -34.60
C GLY G 225 3.67 -59.06 -34.02
N LYS G 226 3.90 -58.05 -34.87
CA LYS G 226 4.27 -56.70 -34.47
C LYS G 226 3.32 -55.75 -35.18
N LEU G 227 2.77 -54.77 -34.46
CA LEU G 227 1.85 -53.79 -35.03
C LEU G 227 2.29 -52.40 -34.61
N CYS G 228 2.17 -51.43 -35.53
CA CYS G 228 2.59 -50.05 -35.27
C CYS G 228 1.49 -49.11 -35.71
N SER G 229 0.84 -48.43 -34.76
CA SER G 229 -0.18 -47.43 -35.09
C SER G 229 0.48 -46.08 -35.32
N VAL G 230 0.13 -45.42 -36.41
CA VAL G 230 0.75 -44.16 -36.78
C VAL G 230 -0.28 -43.03 -36.74
N ASP G 231 0.02 -41.98 -35.99
CA ASP G 231 -0.90 -40.87 -35.85
C ASP G 231 -0.09 -39.61 -35.61
N LYS G 232 -0.79 -38.53 -35.30
CA LYS G 232 -0.17 -37.30 -34.83
C LYS G 232 -0.85 -36.90 -33.53
N ALA G 233 -0.74 -37.78 -32.55
CA ALA G 233 -1.44 -37.51 -31.29
C ALA G 233 -0.73 -36.49 -30.45
N ASN G 234 0.41 -35.95 -30.88
CA ASN G 234 0.94 -34.82 -30.16
C ASN G 234 0.26 -33.51 -30.53
N VAL G 235 -0.58 -33.49 -31.57
CA VAL G 235 -1.22 -32.27 -32.03
C VAL G 235 -2.71 -32.43 -32.28
N LEU G 236 -3.10 -33.55 -32.87
CA LEU G 236 -4.43 -33.70 -33.46
C LEU G 236 -5.40 -34.43 -32.52
N GLU G 237 -6.51 -33.77 -32.17
CA GLU G 237 -7.56 -34.42 -31.38
C GLU G 237 -8.17 -35.62 -32.07
N ALA G 238 -8.12 -35.69 -33.39
CA ALA G 238 -8.49 -36.92 -34.07
C ALA G 238 -7.49 -38.01 -33.78
N SER G 239 -6.20 -37.70 -33.86
CA SER G 239 -5.21 -38.73 -33.59
C SER G 239 -5.17 -39.11 -32.11
N ILE G 240 -5.57 -38.21 -31.21
CA ILE G 240 -5.66 -38.57 -29.79
C ILE G 240 -6.64 -39.72 -29.61
N LEU G 241 -7.83 -39.56 -30.16
CA LEU G 241 -8.81 -40.62 -30.18
C LEU G 241 -8.30 -41.82 -30.95
N TRP G 242 -7.61 -41.57 -32.06
CA TRP G 242 -7.10 -42.68 -32.86
C TRP G 242 -6.29 -43.60 -31.99
N ARG G 243 -5.32 -43.02 -31.29
CA ARG G 243 -4.46 -43.77 -30.40
C ARG G 243 -5.24 -44.33 -29.22
N LYS G 244 -6.20 -43.57 -28.71
CA LYS G 244 -6.97 -44.02 -27.57
C LYS G 244 -7.67 -45.33 -27.88
N ARG G 245 -8.25 -45.45 -29.07
CA ARG G 245 -8.98 -46.65 -29.39
C ARG G 245 -8.05 -47.81 -29.75
N VAL G 246 -6.91 -47.51 -30.38
CA VAL G 246 -6.01 -48.59 -30.74
C VAL G 246 -5.37 -49.18 -29.51
N THR G 247 -4.95 -48.34 -28.56
CA THR G 247 -4.39 -48.89 -27.34
C THR G 247 -5.41 -49.75 -26.62
N ALA G 248 -6.68 -49.38 -26.71
CA ALA G 248 -7.72 -50.18 -26.06
C ALA G 248 -7.67 -51.63 -26.54
N LEU G 249 -7.66 -51.85 -27.86
CA LEU G 249 -7.77 -53.21 -28.39
C LEU G 249 -6.55 -54.08 -28.14
N ALA G 250 -5.46 -53.53 -27.62
CA ALA G 250 -4.25 -54.34 -27.45
C ALA G 250 -4.44 -55.46 -26.44
N SER G 251 -5.30 -55.29 -25.43
CA SER G 251 -5.52 -56.39 -24.51
C SER G 251 -6.20 -57.56 -25.20
N GLU G 252 -6.99 -57.29 -26.23
CA GLU G 252 -7.69 -58.36 -26.91
C GLU G 252 -6.77 -59.14 -27.83
N TYR G 253 -5.61 -58.59 -28.17
CA TYR G 253 -4.65 -59.26 -29.04
C TYR G 253 -3.28 -59.23 -28.38
N PRO G 254 -3.08 -60.00 -27.32
CA PRO G 254 -1.74 -60.12 -26.77
C PRO G 254 -0.78 -60.90 -27.63
N ASP G 255 -1.25 -61.72 -28.58
CA ASP G 255 -0.29 -62.33 -29.51
C ASP G 255 0.48 -61.26 -30.27
N VAL G 256 -0.12 -60.06 -30.41
CA VAL G 256 0.41 -58.96 -31.22
C VAL G 256 1.05 -57.95 -30.29
N GLU G 257 2.25 -57.54 -30.63
CA GLU G 257 3.00 -56.57 -29.86
C GLU G 257 2.83 -55.18 -30.49
N LEU G 258 2.17 -54.27 -29.78
CA LEU G 258 1.77 -52.97 -30.32
C LEU G 258 2.73 -51.86 -29.93
N SER G 259 3.02 -50.98 -30.89
CA SER G 259 3.78 -49.75 -30.68
C SER G 259 3.15 -48.62 -31.47
N HIS G 260 3.45 -47.38 -31.05
CA HIS G 260 2.91 -46.16 -31.64
C HIS G 260 4.03 -45.25 -32.12
N MET G 261 3.83 -44.63 -33.26
CA MET G 261 4.84 -43.77 -33.86
C MET G 261 4.19 -42.59 -34.54
N TYR G 262 4.77 -41.42 -34.42
CA TYR G 262 4.17 -40.25 -35.06
C TYR G 262 4.37 -40.24 -36.57
N VAL G 263 3.46 -39.58 -37.28
CA VAL G 263 3.46 -39.71 -38.74
C VAL G 263 4.69 -39.10 -39.32
N ASP G 264 5.22 -38.06 -38.70
CA ASP G 264 6.44 -37.46 -39.20
C ASP G 264 7.63 -38.40 -39.02
N ASN G 265 7.72 -39.09 -37.88
CA ASN G 265 8.81 -40.03 -37.68
C ASN G 265 8.71 -41.22 -38.60
N ALA G 266 7.48 -41.72 -38.81
CA ALA G 266 7.32 -42.89 -39.66
C ALA G 266 7.91 -42.65 -41.03
N ALA G 267 7.64 -41.48 -41.60
CA ALA G 267 8.19 -41.15 -42.90
C ALA G 267 9.70 -41.27 -42.89
N MET G 268 10.33 -40.77 -41.83
CA MET G 268 11.78 -40.89 -41.75
C MET G 268 12.20 -42.33 -41.53
N GLN G 269 11.43 -43.09 -40.77
CA GLN G 269 11.87 -44.44 -40.47
C GLN G 269 11.76 -45.31 -41.70
N LEU G 270 10.75 -45.10 -42.54
CA LEU G 270 10.62 -45.88 -43.77
C LEU G 270 11.81 -45.71 -44.69
N VAL G 271 12.69 -44.76 -44.42
CA VAL G 271 13.92 -44.62 -45.16
C VAL G 271 15.15 -44.97 -44.33
N ARG G 272 15.12 -44.76 -43.00
CA ARG G 272 16.27 -45.09 -42.17
C ARG G 272 16.43 -46.60 -42.07
N ASP G 273 15.41 -47.27 -41.59
CA ASP G 273 15.44 -48.70 -41.34
C ASP G 273 14.05 -49.23 -41.59
N PRO G 274 13.67 -49.37 -42.86
CA PRO G 274 12.31 -49.80 -43.15
C PRO G 274 12.09 -51.20 -42.74
N LYS G 275 13.17 -51.95 -42.54
CA LYS G 275 13.04 -53.33 -42.11
C LYS G 275 12.33 -53.46 -40.77
N GLN G 276 12.23 -52.38 -40.00
CA GLN G 276 11.68 -52.52 -38.65
C GLN G 276 10.20 -52.83 -38.66
N PHE G 277 9.45 -52.37 -39.64
CA PHE G 277 8.01 -52.50 -39.59
C PHE G 277 7.57 -53.91 -39.99
N ASP G 278 6.57 -54.40 -39.27
CA ASP G 278 5.82 -55.57 -39.67
C ASP G 278 4.52 -55.11 -40.29
N THR G 279 3.63 -54.54 -39.48
CA THR G 279 2.37 -54.04 -39.97
C THR G 279 2.17 -52.65 -39.39
N ILE G 280 1.69 -51.73 -40.23
CA ILE G 280 1.42 -50.36 -39.86
C ILE G 280 -0.06 -50.08 -40.05
N VAL G 281 -0.70 -49.55 -39.02
CA VAL G 281 -2.09 -49.09 -39.14
C VAL G 281 -2.12 -47.57 -38.93
N THR G 282 -2.95 -46.90 -39.72
CA THR G 282 -3.07 -45.44 -39.67
C THR G 282 -4.26 -45.04 -40.52
N ASN G 283 -4.54 -43.74 -40.56
CA ASN G 283 -5.74 -43.24 -41.20
C ASN G 283 -5.54 -42.93 -42.69
N ASN G 284 -6.60 -42.41 -43.31
CA ASN G 284 -6.66 -42.28 -44.76
C ASN G 284 -5.53 -41.43 -45.28
N ILE G 285 -5.48 -40.16 -44.88
CA ILE G 285 -4.52 -39.26 -45.49
C ILE G 285 -3.09 -39.72 -45.22
N PHE G 286 -2.85 -40.36 -44.07
CA PHE G 286 -1.51 -40.82 -43.79
C PHE G 286 -1.21 -42.11 -44.51
N GLY G 287 -2.24 -42.94 -44.72
CA GLY G 287 -2.05 -44.14 -45.51
C GLY G 287 -1.64 -43.89 -46.96
N ASP G 288 -2.31 -42.94 -47.64
CA ASP G 288 -1.97 -42.60 -49.02
C ASP G 288 -0.52 -42.19 -49.15
N ILE G 289 -0.06 -41.33 -48.23
CA ILE G 289 1.27 -40.76 -48.32
C ILE G 289 2.32 -41.83 -48.07
N LEU G 290 2.23 -42.51 -46.94
CA LEU G 290 3.30 -43.43 -46.54
C LEU G 290 3.40 -44.61 -47.51
N SER G 291 2.26 -45.17 -47.91
CA SER G 291 2.31 -46.32 -48.79
C SER G 291 2.93 -45.92 -50.10
N ASP G 292 2.63 -44.70 -50.53
CA ASP G 292 3.19 -44.22 -51.79
C ASP G 292 4.69 -43.96 -51.60
N GLU G 293 5.09 -43.50 -50.42
CA GLU G 293 6.52 -43.40 -50.13
C GLU G 293 7.17 -44.76 -50.06
N ALA G 294 6.50 -45.73 -49.41
CA ALA G 294 7.03 -47.06 -49.20
C ALA G 294 7.28 -47.81 -50.49
N SER G 295 6.58 -47.43 -51.56
CA SER G 295 6.67 -48.15 -52.83
C SER G 295 8.09 -48.14 -53.35
N MET G 296 8.78 -47.00 -53.25
CA MET G 296 10.09 -46.90 -53.83
C MET G 296 11.10 -47.76 -53.09
N ILE G 297 10.74 -48.37 -51.96
CA ILE G 297 11.62 -49.37 -51.38
C ILE G 297 11.72 -50.57 -52.32
N THR G 298 10.56 -51.07 -52.77
CA THR G 298 10.52 -52.28 -53.59
C THR G 298 11.04 -52.08 -55.00
N GLY G 299 11.36 -50.86 -55.40
CA GLY G 299 11.79 -50.61 -56.77
C GLY G 299 10.98 -49.61 -57.59
N SER G 300 9.65 -49.60 -57.42
CA SER G 300 8.82 -48.61 -58.11
C SER G 300 7.44 -48.61 -57.51
N ILE G 301 6.72 -47.54 -57.79
CA ILE G 301 5.34 -47.51 -57.43
C ILE G 301 4.58 -48.48 -58.29
N GLY G 302 5.23 -48.99 -59.32
CA GLY G 302 4.53 -49.94 -60.15
C GLY G 302 4.54 -51.35 -59.62
N MET G 303 4.99 -51.55 -58.39
CA MET G 303 5.10 -52.86 -57.79
C MET G 303 4.08 -53.15 -56.69
N LEU G 304 3.38 -52.14 -56.18
CA LEU G 304 2.48 -52.29 -55.05
C LEU G 304 1.06 -52.54 -55.46
N PRO G 305 0.46 -53.63 -55.04
CA PRO G 305 -0.97 -53.84 -55.22
C PRO G 305 -1.71 -53.44 -53.96
N SER G 306 -3.04 -53.38 -54.03
CA SER G 306 -3.86 -52.98 -52.90
C SER G 306 -5.18 -53.73 -52.89
N ALA G 307 -5.56 -54.20 -51.71
CA ALA G 307 -6.86 -54.81 -51.49
C ALA G 307 -7.66 -53.89 -50.58
N SER G 308 -8.90 -53.61 -50.95
CA SER G 308 -9.79 -52.82 -50.13
C SER G 308 -10.99 -53.69 -49.76
N LEU G 309 -11.11 -54.06 -48.48
CA LEU G 309 -12.01 -55.11 -48.04
C LEU G 309 -13.13 -54.58 -47.16
N SER G 310 -14.23 -55.33 -47.15
CA SER G 310 -15.42 -54.99 -46.37
C SER G 310 -16.03 -56.24 -45.76
N ASP G 311 -16.90 -56.02 -44.78
CA ASP G 311 -17.75 -57.09 -44.25
C ASP G 311 -18.81 -57.45 -45.29
N SER G 312 -18.96 -58.75 -45.55
CA SER G 312 -19.94 -59.24 -46.50
C SER G 312 -19.65 -58.79 -47.94
N GLY G 313 -19.52 -57.49 -48.15
CA GLY G 313 -19.41 -56.97 -49.49
C GLY G 313 -18.18 -57.40 -50.27
N PRO G 314 -18.31 -57.36 -51.59
CA PRO G 314 -17.22 -57.75 -52.50
C PRO G 314 -16.10 -56.75 -52.47
N GLY G 315 -14.90 -57.26 -52.62
CA GLY G 315 -13.74 -56.42 -52.44
C GLY G 315 -13.34 -55.66 -53.67
N LEU G 316 -12.59 -54.58 -53.46
CA LEU G 316 -12.12 -53.71 -54.52
C LEU G 316 -10.60 -53.78 -54.57
N PHE G 317 -10.08 -54.28 -55.67
CA PHE G 317 -8.65 -54.56 -55.81
C PHE G 317 -8.10 -53.66 -56.89
N GLU G 318 -7.07 -52.89 -56.54
CA GLU G 318 -6.53 -51.86 -57.39
C GLU G 318 -5.06 -51.75 -57.10
N PRO G 319 -4.26 -51.33 -58.06
CA PRO G 319 -2.89 -50.95 -57.75
C PRO G 319 -2.87 -49.54 -57.20
N ILE G 320 -1.90 -49.30 -56.30
CA ILE G 320 -1.82 -48.02 -55.62
C ILE G 320 -1.33 -46.93 -56.55
N HIS G 321 -0.63 -47.29 -57.62
CA HIS G 321 -0.21 -46.29 -58.58
C HIS G 321 -1.47 -45.80 -59.27
N GLY G 322 -1.30 -44.87 -60.18
CA GLY G 322 -2.44 -44.41 -60.94
C GLY G 322 -2.09 -43.00 -61.14
N SER G 323 -2.24 -42.50 -62.35
CA SER G 323 -2.73 -43.27 -63.48
C SER G 323 -1.89 -42.91 -64.67
N ALA G 324 -0.57 -42.78 -64.45
CA ALA G 324 0.45 -42.47 -65.45
C ALA G 324 -0.07 -41.60 -66.59
N PRO G 325 -0.56 -40.39 -66.31
CA PRO G 325 -1.05 -39.54 -67.40
C PRO G 325 0.04 -39.18 -68.40
N ASP G 326 1.30 -39.39 -68.03
CA ASP G 326 2.47 -39.04 -68.80
C ASP G 326 3.17 -40.21 -69.47
N ILE G 327 2.65 -41.43 -69.35
CA ILE G 327 3.08 -42.48 -70.25
C ILE G 327 1.86 -43.20 -70.79
N ALA G 328 0.70 -42.56 -70.70
CA ALA G 328 -0.53 -43.18 -71.17
C ALA G 328 -0.42 -43.50 -72.66
N GLY G 329 -0.82 -44.71 -73.03
CA GLY G 329 -0.79 -45.13 -74.40
C GLY G 329 0.57 -45.32 -75.01
N GLN G 330 1.63 -44.94 -74.32
CA GLN G 330 2.97 -45.20 -74.83
C GLN G 330 3.43 -46.63 -74.62
N ASP G 331 2.68 -47.44 -73.87
CA ASP G 331 3.05 -48.83 -73.60
C ASP G 331 4.38 -48.87 -72.87
N LYS G 332 4.58 -47.96 -71.93
CA LYS G 332 5.77 -48.03 -71.09
C LYS G 332 5.47 -48.60 -69.73
N ALA G 333 4.19 -48.60 -69.34
CA ALA G 333 3.79 -48.81 -67.95
C ALA G 333 4.16 -50.18 -67.39
N ASN G 334 4.28 -50.23 -66.08
CA ASN G 334 4.53 -51.47 -65.37
C ASN G 334 3.21 -52.08 -64.95
N PRO G 335 2.88 -53.29 -65.40
CA PRO G 335 1.59 -53.90 -65.07
C PRO G 335 1.62 -54.76 -63.81
N LEU G 336 2.81 -55.10 -63.32
CA LEU G 336 2.96 -56.07 -62.24
C LEU G 336 2.06 -55.76 -61.05
N ALA G 337 2.08 -54.51 -60.59
CA ALA G 337 1.21 -54.12 -59.48
C ALA G 337 -0.24 -54.51 -59.74
N THR G 338 -0.72 -54.27 -60.96
CA THR G 338 -2.10 -54.59 -61.26
C THR G 338 -2.30 -56.10 -61.29
N ILE G 339 -1.34 -56.84 -61.85
CA ILE G 339 -1.43 -58.30 -61.83
C ILE G 339 -1.50 -58.81 -60.40
N LEU G 340 -0.64 -58.28 -59.53
CA LEU G 340 -0.68 -58.75 -58.15
C LEU G 340 -1.96 -58.29 -57.48
N SER G 341 -2.54 -57.19 -57.94
CA SER G 341 -3.86 -56.84 -57.43
C SER G 341 -4.85 -57.94 -57.80
N ALA G 342 -4.63 -58.60 -58.94
CA ALA G 342 -5.44 -59.76 -59.29
C ALA G 342 -5.15 -60.94 -58.36
N ALA G 343 -3.89 -61.11 -57.98
CA ALA G 343 -3.58 -62.13 -56.99
C ALA G 343 -4.29 -61.85 -55.67
N MET G 344 -4.19 -60.61 -55.17
CA MET G 344 -4.87 -60.23 -53.93
C MET G 344 -6.36 -60.41 -54.08
N LEU G 345 -6.86 -60.24 -55.31
CA LEU G 345 -8.26 -60.52 -55.61
C LEU G 345 -8.59 -61.99 -55.40
N LEU G 346 -7.74 -62.88 -55.87
CA LEU G 346 -8.01 -64.30 -55.63
C LEU G 346 -7.80 -64.64 -54.16
N LYS G 347 -6.71 -64.17 -53.57
CA LYS G 347 -6.38 -64.55 -52.21
C LYS G 347 -7.39 -63.96 -51.22
N TYR G 348 -7.59 -62.64 -51.26
CA TYR G 348 -8.37 -62.02 -50.20
C TYR G 348 -9.85 -61.95 -50.52
N GLY G 349 -10.19 -61.78 -51.78
CA GLY G 349 -11.57 -61.52 -52.15
C GLY G 349 -12.32 -62.78 -52.48
N LEU G 350 -11.66 -63.75 -53.11
CA LEU G 350 -12.32 -64.99 -53.50
C LEU G 350 -11.81 -66.22 -52.78
N GLY G 351 -10.70 -66.12 -52.04
CA GLY G 351 -10.20 -67.25 -51.29
C GLY G 351 -9.61 -68.36 -52.12
N GLU G 352 -9.40 -68.13 -53.41
CA GLU G 352 -8.79 -69.15 -54.26
C GLU G 352 -7.28 -68.98 -54.11
N GLU G 353 -6.80 -69.48 -52.97
CA GLU G 353 -5.42 -69.21 -52.60
C GLU G 353 -4.46 -69.81 -53.61
N LYS G 354 -4.81 -71.00 -54.12
CA LYS G 354 -3.93 -71.71 -55.04
C LYS G 354 -3.71 -70.93 -56.32
N ALA G 355 -4.78 -70.46 -56.93
CA ALA G 355 -4.66 -69.66 -58.15
C ALA G 355 -3.84 -68.42 -57.88
N ALA G 356 -4.11 -67.78 -56.74
CA ALA G 356 -3.36 -66.58 -56.39
C ALA G 356 -1.88 -66.87 -56.34
N LYS G 357 -1.49 -68.04 -55.84
CA LYS G 357 -0.07 -68.34 -55.79
C LYS G 357 0.49 -68.55 -57.19
N ARG G 358 -0.32 -69.05 -58.09
CA ARG G 358 0.15 -69.20 -59.46
C ARG G 358 0.49 -67.85 -60.09
N ILE G 359 -0.31 -66.83 -59.82
CA ILE G 359 -0.01 -65.50 -60.35
C ILE G 359 1.30 -65.01 -59.77
N GLU G 360 1.46 -65.10 -58.45
CA GLU G 360 2.68 -64.61 -57.79
C GLU G 360 3.92 -65.30 -58.35
N ASP G 361 3.86 -66.63 -58.46
CA ASP G 361 5.02 -67.39 -58.94
C ASP G 361 5.42 -66.97 -60.34
N ALA G 362 4.45 -66.68 -61.19
CA ALA G 362 4.79 -66.29 -62.55
C ALA G 362 5.55 -64.97 -62.55
N VAL G 363 5.06 -63.98 -61.79
CA VAL G 363 5.75 -62.70 -61.72
C VAL G 363 7.19 -62.92 -61.29
N LEU G 364 7.42 -63.83 -60.34
CA LEU G 364 8.77 -64.16 -59.92
C LEU G 364 9.55 -64.79 -61.07
N VAL G 365 8.92 -65.71 -61.79
CA VAL G 365 9.58 -66.33 -62.94
C VAL G 365 9.98 -65.26 -63.93
N ALA G 366 9.03 -64.43 -64.33
CA ALA G 366 9.29 -63.39 -65.31
C ALA G 366 10.45 -62.54 -64.88
N LEU G 367 10.47 -62.17 -63.60
CA LEU G 367 11.57 -61.35 -63.13
C LEU G 367 12.84 -62.15 -63.12
N ASN G 368 12.78 -63.44 -62.83
CA ASN G 368 13.99 -64.23 -62.88
C ASN G 368 14.57 -64.26 -64.28
N ASN G 369 13.74 -64.12 -65.30
CA ASN G 369 14.24 -64.16 -66.67
C ASN G 369 14.83 -62.84 -67.12
N GLY G 370 14.83 -61.82 -66.28
CA GLY G 370 15.49 -60.57 -66.60
C GLY G 370 14.58 -59.47 -67.10
N PHE G 371 13.29 -59.72 -67.21
CA PHE G 371 12.36 -58.79 -67.81
C PHE G 371 12.02 -57.68 -66.83
N ARG G 372 12.39 -56.46 -67.17
CA ARG G 372 12.04 -55.32 -66.34
C ARG G 372 11.33 -54.30 -67.19
N THR G 373 10.30 -53.67 -66.64
CA THR G 373 9.78 -52.49 -67.31
C THR G 373 10.72 -51.33 -66.98
N GLY G 374 10.44 -50.16 -67.55
CA GLY G 374 11.37 -49.07 -67.42
C GLY G 374 11.64 -48.70 -65.98
N ASP G 375 10.60 -48.66 -65.15
CA ASP G 375 10.78 -48.16 -63.81
C ASP G 375 11.59 -49.10 -62.93
N ILE G 376 11.61 -50.38 -63.26
CA ILE G 376 12.29 -51.38 -62.43
C ILE G 376 13.47 -51.93 -63.19
N TYR G 377 14.00 -51.13 -64.11
CA TYR G 377 15.16 -51.54 -64.88
C TYR G 377 16.42 -51.43 -64.05
N SER G 378 17.20 -52.48 -64.05
CA SER G 378 18.47 -52.55 -63.36
C SER G 378 19.54 -52.83 -64.40
N ALA G 379 20.80 -52.66 -64.02
CA ALA G 379 21.85 -52.90 -64.99
C ALA G 379 21.82 -54.36 -65.43
N GLY G 380 21.99 -54.57 -66.73
CA GLY G 380 22.05 -55.90 -67.25
C GLY G 380 20.72 -56.61 -67.34
N THR G 381 19.61 -55.92 -67.15
CA THR G 381 18.33 -56.58 -67.37
C THR G 381 17.87 -56.30 -68.80
N LYS G 382 16.67 -56.80 -69.12
CA LYS G 382 16.05 -56.68 -70.42
C LYS G 382 14.87 -55.74 -70.31
N LEU G 383 14.99 -54.58 -70.91
CA LEU G 383 13.95 -53.56 -70.81
C LEU G 383 12.79 -53.90 -71.71
N VAL G 384 11.61 -54.09 -71.15
CA VAL G 384 10.43 -54.32 -71.94
C VAL G 384 9.41 -53.27 -71.58
N GLY G 385 8.31 -53.27 -72.31
CA GLY G 385 7.17 -52.41 -72.04
C GLY G 385 6.06 -53.14 -71.32
N CYS G 386 4.81 -52.75 -71.59
CA CYS G 386 3.69 -53.25 -70.81
C CYS G 386 3.06 -54.50 -71.40
N LYS G 387 2.61 -54.43 -72.66
CA LYS G 387 2.02 -55.61 -73.30
C LYS G 387 3.02 -56.74 -73.42
N GLU G 388 4.27 -56.41 -73.60
CA GLU G 388 5.38 -57.29 -73.90
C GLU G 388 5.95 -57.92 -72.66
N MET G 389 5.58 -57.43 -71.48
CA MET G 389 5.82 -58.00 -70.16
C MET G 389 4.69 -58.92 -69.78
N GLY G 390 3.48 -58.39 -69.82
CA GLY G 390 2.31 -59.21 -69.56
C GLY G 390 2.29 -60.47 -70.39
N GLU G 391 2.67 -60.38 -71.66
CA GLU G 391 2.73 -61.58 -72.47
C GLU G 391 3.71 -62.57 -71.85
N GLU G 392 4.96 -62.15 -71.64
CA GLU G 392 5.93 -63.07 -71.08
C GLU G 392 5.78 -63.21 -69.57
N VAL G 393 4.77 -62.57 -68.98
CA VAL G 393 4.24 -63.03 -67.69
C VAL G 393 3.28 -64.18 -67.91
N LEU G 394 2.35 -64.00 -68.85
CA LEU G 394 1.39 -65.04 -69.19
C LEU G 394 2.07 -66.30 -69.70
N LYS G 395 3.28 -66.19 -70.24
CA LYS G 395 4.05 -67.38 -70.58
C LYS G 395 4.23 -68.25 -69.36
N SER G 396 4.60 -67.66 -68.22
CA SER G 396 4.90 -68.46 -67.04
C SER G 396 3.65 -69.09 -66.44
N VAL G 397 2.52 -68.38 -66.46
CA VAL G 397 1.28 -68.99 -65.99
C VAL G 397 0.98 -70.21 -66.83
N ASP G 398 1.11 -70.10 -68.14
CA ASP G 398 0.68 -71.20 -69.00
C ASP G 398 1.68 -72.36 -69.06
N SER G 399 2.82 -72.23 -68.40
CA SER G 399 3.71 -73.37 -68.31
C SER G 399 3.46 -74.10 -66.99
N THR H 44 -47.12 9.34 -37.57
CA THR H 44 -47.93 10.53 -37.38
C THR H 44 -47.05 11.70 -36.93
N ILE H 45 -46.23 12.20 -37.87
CA ILE H 45 -45.15 13.16 -37.62
C ILE H 45 -45.38 14.48 -38.37
N THR H 46 -45.08 15.60 -37.71
CA THR H 46 -45.10 16.94 -38.31
C THR H 46 -43.70 17.37 -38.71
N LEU H 47 -43.47 17.65 -39.98
CA LEU H 47 -42.18 18.17 -40.44
C LEU H 47 -42.26 19.67 -40.68
N LEU H 48 -41.35 20.43 -40.09
CA LEU H 48 -41.33 21.87 -40.31
C LEU H 48 -40.09 22.32 -41.06
N PRO H 49 -40.22 22.84 -42.28
CA PRO H 49 -39.03 23.24 -43.02
C PRO H 49 -38.39 24.39 -42.29
N GLY H 50 -37.09 24.51 -42.40
CA GLY H 50 -36.50 25.62 -41.70
C GLY H 50 -36.51 26.93 -42.47
N ASP H 51 -35.42 27.67 -42.30
CA ASP H 51 -34.91 28.59 -43.29
C ASP H 51 -33.47 28.17 -43.48
N GLY H 52 -32.75 28.86 -44.33
CA GLY H 52 -31.35 28.52 -44.48
C GLY H 52 -31.24 27.06 -44.87
N ILE H 53 -30.48 26.30 -44.08
CA ILE H 53 -30.30 24.89 -44.36
C ILE H 53 -31.37 23.99 -43.77
N GLY H 54 -32.26 24.53 -42.93
CA GLY H 54 -33.29 23.74 -42.30
C GLY H 54 -33.96 22.76 -43.25
N PRO H 55 -34.49 23.27 -44.36
CA PRO H 55 -35.13 22.38 -45.33
C PRO H 55 -34.27 21.23 -45.79
N GLU H 56 -33.08 21.51 -46.29
CA GLU H 56 -32.27 20.42 -46.83
C GLU H 56 -31.93 19.39 -45.77
N VAL H 57 -31.58 19.82 -44.56
CA VAL H 57 -31.19 18.88 -43.52
C VAL H 57 -32.39 18.08 -43.02
N VAL H 58 -33.58 18.68 -42.95
CA VAL H 58 -34.75 17.92 -42.50
C VAL H 58 -35.15 16.90 -43.54
N SER H 59 -35.09 17.27 -44.82
CA SER H 59 -35.36 16.29 -45.87
C SER H 59 -34.52 15.04 -45.69
N ILE H 60 -33.22 15.23 -45.48
CA ILE H 60 -32.34 14.08 -45.31
C ILE H 60 -32.75 13.32 -44.06
N ALA H 61 -33.09 14.03 -42.99
CA ALA H 61 -33.51 13.35 -41.79
C ALA H 61 -34.78 12.55 -42.03
N LYS H 62 -35.70 13.08 -42.83
CA LYS H 62 -36.95 12.40 -43.10
C LYS H 62 -36.73 11.07 -43.80
N ASN H 63 -35.90 11.07 -44.84
CA ASN H 63 -35.65 9.84 -45.56
C ASN H 63 -34.93 8.83 -44.68
N VAL H 64 -34.00 9.29 -43.86
CA VAL H 64 -33.37 8.37 -42.92
C VAL H 64 -34.40 7.84 -41.94
N LEU H 65 -35.27 8.72 -41.46
CA LEU H 65 -36.33 8.29 -40.55
C LEU H 65 -37.25 7.25 -41.20
N GLN H 66 -37.70 7.50 -42.44
CA GLN H 66 -38.62 6.57 -43.10
C GLN H 66 -37.99 5.18 -43.18
N GLN H 67 -36.74 5.13 -43.64
CA GLN H 67 -36.05 3.84 -43.76
C GLN H 67 -35.89 3.20 -42.40
N ALA H 68 -35.62 4.01 -41.38
CA ALA H 68 -35.39 3.43 -40.06
C ALA H 68 -36.66 2.75 -39.55
N GLY H 69 -37.79 3.44 -39.61
CA GLY H 69 -39.03 2.84 -39.17
C GLY H 69 -39.45 1.68 -40.03
N SER H 70 -39.30 1.82 -41.35
CA SER H 70 -39.74 0.77 -42.27
C SER H 70 -39.07 -0.56 -41.96
N LEU H 71 -37.80 -0.54 -41.54
CA LEU H 71 -37.18 -1.82 -41.22
C LEU H 71 -37.73 -2.42 -39.92
N GLU H 72 -38.26 -1.59 -39.03
CA GLU H 72 -38.87 -2.09 -37.80
C GLU H 72 -40.39 -2.09 -37.85
N GLY H 73 -40.97 -2.15 -39.04
CA GLY H 73 -42.40 -2.24 -39.16
C GLY H 73 -43.10 -0.95 -38.78
N VAL H 74 -42.48 0.19 -39.07
CA VAL H 74 -43.05 1.48 -38.69
C VAL H 74 -43.15 2.39 -39.90
N GLU H 75 -44.33 2.96 -40.10
CA GLU H 75 -44.63 4.00 -41.07
C GLU H 75 -45.22 5.18 -40.32
N PHE H 76 -45.19 6.34 -40.97
CA PHE H 76 -45.73 7.57 -40.40
C PHE H 76 -46.20 8.49 -41.52
N ASN H 77 -47.22 9.27 -41.22
CA ASN H 77 -47.77 10.27 -42.14
C ASN H 77 -47.21 11.63 -41.79
N PHE H 78 -46.37 12.17 -42.69
CA PHE H 78 -45.72 13.44 -42.43
C PHE H 78 -46.66 14.59 -42.76
N ARG H 79 -46.20 15.81 -42.44
CA ARG H 79 -46.96 17.01 -42.81
C ARG H 79 -46.02 18.21 -42.68
N GLU H 80 -45.54 18.71 -43.81
CA GLU H 80 -44.84 19.99 -43.79
C GLU H 80 -45.82 21.10 -43.45
N MET H 81 -45.41 21.97 -42.54
CA MET H 81 -46.15 23.15 -42.15
C MET H 81 -45.19 24.32 -42.12
N PRO H 82 -45.65 25.53 -42.37
CA PRO H 82 -44.73 26.66 -42.49
C PRO H 82 -44.37 27.20 -41.13
N ILE H 83 -43.14 27.70 -41.01
CA ILE H 83 -42.69 28.33 -39.78
C ILE H 83 -41.58 29.34 -40.07
N GLY H 84 -41.54 30.41 -39.27
CA GLY H 84 -40.41 31.32 -39.34
C GLY H 84 -40.38 32.07 -40.65
N GLY H 85 -39.20 32.14 -41.25
CA GLY H 85 -39.06 32.87 -42.50
C GLY H 85 -39.95 32.32 -43.59
N ALA H 86 -40.12 31.00 -43.63
CA ALA H 86 -41.07 30.42 -44.57
C ALA H 86 -42.44 31.04 -44.39
N ALA H 87 -42.92 31.07 -43.15
CA ALA H 87 -44.24 31.61 -42.87
C ALA H 87 -44.30 33.14 -43.02
N LEU H 88 -43.23 33.85 -42.64
CA LEU H 88 -43.21 35.30 -42.81
C LEU H 88 -43.42 35.71 -44.26
N ASP H 89 -42.75 35.02 -45.18
CA ASP H 89 -42.96 35.28 -46.59
C ASP H 89 -44.33 34.80 -47.04
N LEU H 90 -44.93 33.88 -46.29
CA LEU H 90 -46.19 33.26 -46.65
C LEU H 90 -47.37 33.98 -46.00
N VAL H 91 -47.84 33.47 -44.87
CA VAL H 91 -49.06 34.00 -44.26
C VAL H 91 -48.78 35.21 -43.39
N GLY H 92 -47.52 35.57 -43.18
CA GLY H 92 -47.23 36.79 -42.46
C GLY H 92 -47.04 36.69 -40.97
N VAL H 93 -47.00 35.49 -40.39
CA VAL H 93 -46.68 35.37 -38.98
C VAL H 93 -45.54 34.36 -38.88
N PRO H 94 -44.69 34.45 -37.87
CA PRO H 94 -43.63 33.44 -37.73
C PRO H 94 -44.19 32.07 -37.45
N LEU H 95 -45.37 31.99 -36.85
CA LEU H 95 -45.95 30.72 -36.44
C LEU H 95 -47.41 30.67 -36.86
N PRO H 96 -47.74 29.94 -37.93
CA PRO H 96 -49.15 29.82 -38.32
C PRO H 96 -49.87 29.01 -37.28
N GLU H 97 -51.09 29.42 -36.97
CA GLU H 97 -51.83 28.72 -35.92
C GLU H 97 -52.08 27.26 -36.33
N GLU H 98 -52.33 27.02 -37.63
CA GLU H 98 -52.56 25.63 -38.05
C GLU H 98 -51.38 24.75 -37.72
N THR H 99 -50.18 25.32 -37.72
CA THR H 99 -49.01 24.52 -37.40
C THR H 99 -49.14 23.98 -35.98
N ILE H 100 -49.63 24.79 -35.04
CA ILE H 100 -49.82 24.29 -33.68
C ILE H 100 -50.79 23.12 -33.70
N SER H 101 -51.96 23.34 -34.31
CA SER H 101 -52.96 22.30 -34.37
C SER H 101 -52.41 21.09 -35.08
N ALA H 102 -51.68 21.32 -36.17
CA ALA H 102 -50.97 20.22 -36.77
C ALA H 102 -49.89 19.68 -35.81
N ALA H 103 -49.25 20.55 -35.04
CA ALA H 103 -48.16 20.05 -34.20
C ALA H 103 -48.66 19.37 -32.94
N LYS H 104 -49.65 19.94 -32.27
CA LYS H 104 -50.12 19.34 -31.03
C LYS H 104 -50.87 18.03 -31.30
N GLU H 105 -51.50 17.93 -32.48
CA GLU H 105 -52.26 16.75 -32.86
C GLU H 105 -51.37 15.64 -33.39
N SER H 106 -50.09 15.89 -33.51
CA SER H 106 -49.16 14.91 -34.03
C SER H 106 -48.67 14.02 -32.92
N ASP H 107 -48.07 12.91 -33.30
CA ASP H 107 -47.40 12.09 -32.31
C ASP H 107 -46.03 12.67 -31.97
N ALA H 108 -45.37 13.30 -32.94
CA ALA H 108 -44.03 13.85 -32.74
C ALA H 108 -43.82 14.97 -33.75
N VAL H 109 -42.91 15.90 -33.41
CA VAL H 109 -42.63 17.09 -34.21
C VAL H 109 -41.13 17.18 -34.53
N LEU H 110 -40.80 17.42 -35.80
CA LEU H 110 -39.42 17.57 -36.26
C LEU H 110 -39.19 18.92 -36.92
N LEU H 111 -38.29 19.72 -36.36
CA LEU H 111 -37.98 21.07 -36.84
C LEU H 111 -36.54 21.14 -37.36
N GLY H 112 -36.31 22.05 -38.31
CA GLY H 112 -34.96 22.31 -38.75
C GLY H 112 -34.27 23.42 -37.98
N ALA H 113 -34.28 24.62 -38.53
CA ALA H 113 -33.74 25.81 -37.89
C ALA H 113 -34.59 26.98 -38.37
N ILE H 114 -34.27 28.18 -37.92
CA ILE H 114 -35.14 29.32 -38.22
C ILE H 114 -34.30 30.56 -38.40
N GLY H 115 -34.76 31.46 -39.25
CA GLY H 115 -34.16 32.76 -39.38
C GLY H 115 -33.38 32.91 -40.67
N GLY H 116 -33.18 34.16 -41.04
CA GLY H 116 -32.48 34.50 -42.26
C GLY H 116 -32.38 35.99 -42.35
N TYR H 117 -31.41 36.44 -43.14
CA TYR H 117 -31.13 37.86 -43.22
C TYR H 117 -32.34 38.62 -43.72
N LYS H 118 -33.14 37.96 -44.58
CA LYS H 118 -34.28 38.61 -45.20
C LYS H 118 -35.14 39.28 -44.15
N TRP H 119 -35.45 38.56 -43.08
CA TRP H 119 -36.40 39.06 -42.10
C TRP H 119 -35.74 39.68 -40.87
N ASP H 120 -34.42 39.87 -40.88
CA ASP H 120 -33.72 40.40 -39.71
C ASP H 120 -34.15 41.82 -39.33
N ASN H 121 -35.00 42.47 -40.13
CA ASN H 121 -35.41 43.85 -39.92
C ASN H 121 -36.84 44.03 -39.42
N ASN H 122 -37.56 42.96 -39.18
CA ASN H 122 -38.98 43.01 -38.88
C ASN H 122 -39.31 43.58 -37.50
N GLU H 123 -40.60 43.85 -37.30
CA GLU H 123 -41.12 44.13 -35.96
C GLU H 123 -40.82 42.93 -35.07
N LYS H 124 -40.60 43.19 -33.78
CA LYS H 124 -40.21 42.12 -32.87
C LYS H 124 -41.17 40.95 -32.94
N HIS H 125 -42.45 41.21 -33.12
CA HIS H 125 -43.42 40.12 -33.17
C HIS H 125 -43.31 39.33 -34.45
N LEU H 126 -42.65 39.89 -35.45
CA LEU H 126 -42.51 39.27 -36.75
C LEU H 126 -41.07 38.85 -36.97
N ARG H 127 -40.45 38.49 -35.96
CA ARG H 127 -39.17 37.83 -36.06
C ARG H 127 -39.41 36.33 -36.18
N PRO H 128 -38.74 35.67 -37.12
CA PRO H 128 -38.80 34.21 -37.15
C PRO H 128 -38.41 33.63 -35.81
N GLU H 129 -37.39 34.22 -35.19
CA GLU H 129 -36.90 33.72 -33.91
C GLU H 129 -38.00 33.68 -32.85
N LYS H 130 -38.91 34.65 -32.86
CA LYS H 130 -40.02 34.63 -31.91
C LYS H 130 -40.97 33.46 -32.17
N GLY H 131 -41.09 33.00 -33.41
CA GLY H 131 -42.00 31.90 -33.66
C GLY H 131 -41.53 30.62 -33.01
N LEU H 132 -40.21 30.39 -33.04
CA LEU H 132 -39.66 29.24 -32.36
C LEU H 132 -39.98 29.33 -30.88
N LEU H 133 -39.83 30.53 -30.32
CA LEU H 133 -40.16 30.73 -28.92
C LEU H 133 -41.61 30.36 -28.66
N GLN H 134 -42.51 30.72 -29.58
CA GLN H 134 -43.93 30.49 -29.37
C GLN H 134 -44.27 29.02 -29.44
N ILE H 135 -43.75 28.31 -30.45
CA ILE H 135 -44.09 26.90 -30.58
C ILE H 135 -43.55 26.06 -29.41
N ARG H 136 -42.45 26.47 -28.79
CA ARG H 136 -41.93 25.73 -27.64
C ARG H 136 -42.90 25.81 -26.47
N ALA H 137 -43.44 27.01 -26.21
CA ALA H 137 -44.44 27.14 -25.17
C ALA H 137 -45.68 26.35 -25.51
N ALA H 138 -46.10 26.39 -26.79
CA ALA H 138 -47.35 25.76 -27.20
C ALA H 138 -47.38 24.27 -26.84
N LEU H 139 -46.28 23.56 -27.07
CA LEU H 139 -46.23 22.14 -26.73
C LEU H 139 -45.96 21.91 -25.26
N LYS H 140 -45.76 22.99 -24.48
CA LYS H 140 -45.49 22.88 -23.04
C LYS H 140 -44.27 22.00 -22.82
N VAL H 141 -43.29 22.16 -23.71
CA VAL H 141 -42.06 21.35 -23.69
C VAL H 141 -41.02 22.15 -22.92
N PHE H 142 -41.06 22.02 -21.60
CA PHE H 142 -40.11 22.70 -20.77
C PHE H 142 -38.77 22.00 -20.73
N ALA H 143 -38.73 20.70 -21.00
CA ALA H 143 -37.53 19.90 -20.82
C ALA H 143 -36.80 19.78 -22.14
N ASN H 144 -35.59 20.34 -22.20
CA ASN H 144 -34.74 20.36 -23.38
C ASN H 144 -33.48 19.54 -23.12
N LEU H 145 -33.17 18.61 -24.00
CA LEU H 145 -32.00 17.76 -23.83
C LEU H 145 -30.97 18.07 -24.91
N ARG H 146 -29.82 18.57 -24.51
CA ARG H 146 -28.77 18.78 -25.48
C ARG H 146 -27.64 17.82 -25.14
N PRO H 147 -27.52 16.66 -25.81
CA PRO H 147 -26.49 15.70 -25.46
C PRO H 147 -25.25 15.80 -26.31
N ALA H 148 -24.11 16.08 -25.68
CA ALA H 148 -22.84 16.19 -26.37
C ALA H 148 -21.90 15.08 -25.91
N THR H 149 -21.66 14.10 -26.76
CA THR H 149 -20.70 13.04 -26.46
C THR H 149 -19.73 12.94 -27.63
N VAL H 150 -18.46 12.77 -27.33
CA VAL H 150 -17.44 12.80 -28.36
C VAL H 150 -17.36 11.43 -28.99
N LEU H 151 -17.64 11.34 -30.28
CA LEU H 151 -17.49 10.09 -30.98
C LEU H 151 -16.03 9.83 -31.25
N PRO H 152 -15.60 8.58 -31.20
CA PRO H 152 -14.19 8.29 -31.38
C PRO H 152 -13.64 8.76 -32.70
N GLN H 153 -14.49 8.84 -33.73
CA GLN H 153 -14.02 9.23 -35.05
C GLN H 153 -13.78 10.73 -35.17
N LEU H 154 -14.45 11.52 -34.34
CA LEU H 154 -14.37 12.97 -34.45
C LEU H 154 -13.49 13.59 -33.39
N VAL H 155 -12.69 12.79 -32.69
CA VAL H 155 -11.81 13.35 -31.68
C VAL H 155 -10.80 14.29 -32.32
N ASP H 156 -10.29 13.93 -33.49
CA ASP H 156 -9.41 14.86 -34.17
C ASP H 156 -10.18 16.03 -34.74
N ALA H 157 -11.50 15.91 -34.84
CA ALA H 157 -12.31 17.00 -35.36
C ALA H 157 -12.53 18.12 -34.36
N SER H 158 -12.47 17.84 -33.06
CA SER H 158 -12.65 18.90 -32.08
C SER H 158 -11.42 19.80 -32.08
N THR H 159 -11.54 20.97 -31.48
CA THR H 159 -10.35 21.81 -31.36
C THR H 159 -9.61 21.56 -30.08
N LEU H 160 -10.24 20.90 -29.10
CA LEU H 160 -9.53 20.54 -27.88
C LEU H 160 -8.62 19.35 -28.14
N LYS H 161 -7.50 19.32 -27.42
CA LYS H 161 -6.52 18.26 -27.57
C LYS H 161 -7.18 16.90 -27.37
N ARG H 162 -6.48 15.88 -27.86
CA ARG H 162 -7.04 14.54 -27.78
C ARG H 162 -7.42 14.22 -26.35
N GLU H 163 -6.44 14.30 -25.45
CA GLU H 163 -6.66 13.93 -24.05
C GLU H 163 -7.75 14.75 -23.42
N VAL H 164 -7.93 15.99 -23.87
CA VAL H 164 -8.97 16.80 -23.27
C VAL H 164 -10.33 16.31 -23.68
N ALA H 165 -10.48 15.93 -24.94
CA ALA H 165 -11.80 15.72 -25.51
C ALA H 165 -12.23 14.27 -25.58
N GLU H 166 -11.35 13.33 -25.29
CA GLU H 166 -11.68 11.95 -25.55
C GLU H 166 -12.60 11.44 -24.47
N GLY H 167 -13.75 10.92 -24.88
CA GLY H 167 -14.67 10.33 -23.93
C GLY H 167 -15.58 11.29 -23.23
N VAL H 168 -15.60 12.56 -23.60
CA VAL H 168 -16.55 13.48 -23.02
C VAL H 168 -17.96 12.96 -23.20
N ASP H 169 -18.81 13.16 -22.20
CA ASP H 169 -20.16 12.64 -22.35
C ASP H 169 -21.11 13.34 -21.38
N LEU H 170 -21.54 14.54 -21.71
CA LEU H 170 -22.42 15.27 -20.81
C LEU H 170 -23.76 15.53 -21.47
N MET H 171 -24.75 15.79 -20.64
CA MET H 171 -26.10 16.10 -21.08
C MET H 171 -26.56 17.39 -20.42
N VAL H 172 -26.98 18.35 -21.24
CA VAL H 172 -27.42 19.65 -20.76
C VAL H 172 -28.95 19.62 -20.73
N VAL H 173 -29.52 19.82 -19.57
CA VAL H 173 -30.97 19.83 -19.42
C VAL H 173 -31.35 21.28 -19.28
N ARG H 174 -32.05 21.80 -20.27
CA ARG H 174 -32.32 23.22 -20.39
C ARG H 174 -33.79 23.53 -20.14
N GLU H 175 -34.04 24.52 -19.31
CA GLU H 175 -35.40 25.01 -19.08
C GLU H 175 -35.82 25.82 -20.28
N LEU H 176 -36.88 25.41 -20.97
CA LEU H 176 -37.16 26.00 -22.27
C LEU H 176 -38.35 26.96 -22.33
N THR H 177 -39.44 26.77 -21.58
CA THR H 177 -40.64 27.59 -21.76
C THR H 177 -40.73 28.73 -20.75
N GLY H 178 -39.61 29.11 -20.16
CA GLY H 178 -39.62 30.20 -19.19
C GLY H 178 -38.32 30.98 -19.21
N GLY H 179 -38.14 31.87 -18.24
CA GLY H 179 -36.88 32.59 -18.11
C GLY H 179 -36.90 33.88 -18.91
N ILE H 180 -35.71 34.44 -19.11
CA ILE H 180 -35.61 35.77 -19.72
C ILE H 180 -36.20 35.80 -21.12
N TYR H 181 -36.27 34.65 -21.78
CA TYR H 181 -36.84 34.60 -23.11
C TYR H 181 -38.37 34.76 -23.09
N PHE H 182 -39.03 34.24 -22.07
CA PHE H 182 -40.47 34.33 -21.98
C PHE H 182 -40.94 35.20 -20.84
N GLY H 183 -40.03 35.92 -20.21
CA GLY H 183 -40.38 36.62 -18.99
C GLY H 183 -41.02 37.93 -19.35
N GLU H 184 -42.14 38.23 -18.68
CA GLU H 184 -42.77 39.53 -18.75
C GLU H 184 -42.52 40.24 -17.42
N PRO H 185 -42.42 41.59 -17.43
CA PRO H 185 -42.57 42.53 -18.53
C PRO H 185 -41.37 42.55 -19.46
N ARG H 186 -41.54 43.26 -20.56
CA ARG H 186 -40.67 43.13 -21.70
C ARG H 186 -40.93 44.31 -22.64
N GLY H 187 -39.92 45.05 -23.04
CA GLY H 187 -40.14 46.06 -24.06
C GLY H 187 -39.06 47.12 -24.09
N ILE H 188 -39.24 48.06 -25.00
CA ILE H 188 -38.40 49.24 -25.12
C ILE H 188 -39.30 50.45 -24.98
N LYS H 189 -39.10 51.21 -23.91
CA LYS H 189 -39.85 52.45 -23.68
C LYS H 189 -38.90 53.64 -23.80
N THR H 190 -39.46 54.83 -23.70
CA THR H 190 -38.71 56.06 -23.79
C THR H 190 -38.93 56.82 -22.49
N ASN H 191 -37.85 56.99 -21.73
CA ASN H 191 -37.91 57.70 -20.46
C ASN H 191 -38.13 59.19 -20.72
N GLU H 192 -38.28 59.94 -19.63
CA GLU H 192 -38.63 61.34 -19.74
C GLU H 192 -37.56 62.16 -20.47
N ASN H 193 -36.31 61.69 -20.48
CA ASN H 193 -35.22 62.44 -21.13
C ASN H 193 -35.22 62.27 -22.65
N GLY H 194 -35.89 61.24 -23.15
CA GLY H 194 -36.01 61.04 -24.58
C GLY H 194 -35.11 59.99 -25.15
N GLU H 195 -34.35 59.29 -24.31
CA GLU H 195 -33.53 58.16 -24.72
C GLU H 195 -34.25 56.86 -24.35
N GLU H 196 -34.11 55.85 -25.21
CA GLU H 196 -34.83 54.59 -25.01
C GLU H 196 -34.21 53.74 -23.91
N VAL H 197 -35.06 52.95 -23.25
CA VAL H 197 -34.65 52.03 -22.21
C VAL H 197 -35.24 50.66 -22.53
N GLY H 198 -34.37 49.67 -22.72
CA GLY H 198 -34.79 48.31 -22.98
C GLY H 198 -34.65 47.49 -21.70
N PHE H 199 -35.57 46.55 -21.51
CA PHE H 199 -35.62 45.83 -20.24
C PHE H 199 -36.19 44.43 -20.40
N ASN H 200 -35.57 43.45 -19.73
CA ASN H 200 -36.16 42.13 -19.61
C ASN H 200 -36.20 41.70 -18.17
N THR H 201 -37.12 40.79 -17.90
CA THR H 201 -37.29 40.25 -16.56
C THR H 201 -37.05 38.75 -16.66
N GLU H 202 -35.97 38.28 -16.04
CA GLU H 202 -35.75 36.85 -15.90
C GLU H 202 -36.56 36.41 -14.68
N VAL H 203 -37.60 35.61 -14.90
CA VAL H 203 -38.56 35.27 -13.87
C VAL H 203 -38.88 33.79 -13.92
N TYR H 204 -38.82 33.14 -12.77
CA TYR H 204 -39.18 31.75 -12.61
C TYR H 204 -40.07 31.57 -11.41
N ALA H 205 -41.19 30.89 -11.63
CA ALA H 205 -42.04 30.45 -10.54
C ALA H 205 -41.47 29.17 -9.97
N ALA H 206 -41.92 28.84 -8.76
CA ALA H 206 -41.31 27.72 -8.05
C ALA H 206 -41.44 26.44 -8.86
N HIS H 207 -42.65 26.16 -9.37
CA HIS H 207 -42.86 24.90 -10.07
C HIS H 207 -41.99 24.79 -11.32
N GLU H 208 -41.65 25.91 -11.95
CA GLU H 208 -40.84 25.86 -13.16
C GLU H 208 -39.49 25.19 -12.91
N ILE H 209 -38.83 25.57 -11.81
CA ILE H 209 -37.54 24.96 -11.48
C ILE H 209 -37.73 23.51 -11.08
N ASP H 210 -38.78 23.23 -10.29
CA ASP H 210 -39.04 21.89 -9.78
C ASP H 210 -39.14 20.87 -10.91
N ARG H 211 -40.02 21.15 -11.87
CA ARG H 211 -40.30 20.18 -12.93
C ARG H 211 -39.07 19.99 -13.81
N ILE H 212 -38.32 21.05 -14.08
CA ILE H 212 -37.08 20.88 -14.84
C ILE H 212 -36.02 20.20 -13.99
N ALA H 213 -36.01 20.44 -12.69
CA ALA H 213 -35.09 19.74 -11.83
C ALA H 213 -35.40 18.26 -11.82
N ARG H 214 -36.68 17.91 -11.72
CA ARG H 214 -37.06 16.51 -11.68
C ARG H 214 -36.55 15.77 -12.90
N VAL H 215 -36.80 16.32 -14.10
CA VAL H 215 -36.30 15.66 -15.31
C VAL H 215 -34.79 15.53 -15.22
N ALA H 216 -34.14 16.55 -14.70
CA ALA H 216 -32.69 16.52 -14.59
C ALA H 216 -32.25 15.40 -13.68
N PHE H 217 -32.83 15.32 -12.48
CA PHE H 217 -32.42 14.29 -11.55
C PHE H 217 -32.64 12.90 -12.13
N GLU H 218 -33.81 12.66 -12.72
CA GLU H 218 -34.05 11.36 -13.35
C GLU H 218 -33.04 11.11 -14.47
N THR H 219 -32.71 12.16 -15.24
CA THR H 219 -31.77 11.97 -16.32
C THR H 219 -30.40 11.61 -15.78
N ALA H 220 -29.95 12.30 -14.74
CA ALA H 220 -28.68 11.92 -14.14
C ALA H 220 -28.72 10.49 -13.61
N ARG H 221 -29.89 10.03 -13.19
CA ARG H 221 -30.01 8.69 -12.65
C ARG H 221 -29.67 7.65 -13.69
N LYS H 222 -30.32 7.70 -14.86
CA LYS H 222 -30.14 6.70 -15.89
C LYS H 222 -28.76 6.76 -16.55
N ARG H 223 -27.96 7.77 -16.21
CA ARG H 223 -26.65 7.96 -16.81
C ARG H 223 -25.58 7.63 -15.80
N ARG H 224 -24.72 8.58 -15.44
CA ARG H 224 -23.64 8.28 -14.51
C ARG H 224 -23.94 8.69 -13.08
N GLY H 225 -25.17 9.09 -12.78
CA GLY H 225 -25.53 9.31 -11.40
C GLY H 225 -24.84 10.52 -10.83
N LYS H 226 -24.50 11.47 -11.68
CA LYS H 226 -23.81 12.70 -11.31
C LYS H 226 -24.57 13.88 -11.90
N LEU H 227 -24.88 14.89 -11.08
CA LEU H 227 -25.61 16.08 -11.51
C LEU H 227 -24.92 17.36 -11.05
N CYS H 228 -24.96 18.37 -11.90
CA CYS H 228 -24.37 19.68 -11.65
C CYS H 228 -25.37 20.76 -12.07
N SER H 229 -25.90 21.51 -11.11
CA SER H 229 -26.78 22.65 -11.40
C SER H 229 -25.95 23.90 -11.62
N VAL H 230 -26.24 24.63 -12.69
CA VAL H 230 -25.47 25.82 -13.06
C VAL H 230 -26.40 27.03 -13.05
N ASP H 231 -26.02 28.05 -12.28
CA ASP H 231 -26.79 29.28 -12.11
C ASP H 231 -25.83 30.42 -11.81
N LYS H 232 -26.38 31.55 -11.41
CA LYS H 232 -25.62 32.71 -10.91
C LYS H 232 -26.23 33.19 -9.60
N ALA H 233 -26.22 32.33 -8.59
CA ALA H 233 -26.83 32.60 -7.28
C ALA H 233 -26.01 33.53 -6.39
N ASN H 234 -24.83 33.96 -6.82
CA ASN H 234 -24.13 34.97 -6.04
C ASN H 234 -24.62 36.36 -6.36
N VAL H 235 -25.41 36.54 -7.41
CA VAL H 235 -25.85 37.87 -7.82
C VAL H 235 -27.36 37.92 -8.06
N LEU H 236 -27.89 36.89 -8.68
CA LEU H 236 -29.24 36.91 -9.23
C LEU H 236 -30.24 36.21 -8.31
N GLU H 237 -31.28 36.93 -7.90
CA GLU H 237 -32.32 36.28 -7.11
C GLU H 237 -33.04 35.17 -7.85
N ALA H 238 -33.06 35.19 -9.18
CA ALA H 238 -33.61 34.06 -9.91
C ALA H 238 -32.78 32.82 -9.67
N SER H 239 -31.46 32.96 -9.77
CA SER H 239 -30.62 31.82 -9.48
C SER H 239 -30.64 31.48 -7.99
N ILE H 240 -30.93 32.46 -7.13
CA ILE H 240 -31.12 32.18 -5.70
C ILE H 240 -32.31 31.24 -5.51
N LEU H 241 -33.44 31.58 -6.13
CA LEU H 241 -34.58 30.68 -6.10
C LEU H 241 -34.28 29.38 -6.81
N TRP H 242 -33.60 29.44 -7.95
CA TRP H 242 -33.26 28.24 -8.70
C TRP H 242 -32.46 27.28 -7.84
N ARG H 243 -31.38 27.78 -7.22
CA ARG H 243 -30.53 26.93 -6.42
C ARG H 243 -31.27 26.40 -5.21
N LYS H 244 -32.14 27.22 -4.61
CA LYS H 244 -32.92 26.77 -3.46
C LYS H 244 -33.79 25.57 -3.83
N ARG H 245 -34.44 25.60 -4.99
CA ARG H 245 -35.36 24.52 -5.31
C ARG H 245 -34.63 23.26 -5.77
N VAL H 246 -33.51 23.42 -6.45
CA VAL H 246 -32.77 22.25 -6.91
C VAL H 246 -32.21 21.51 -5.69
N THR H 247 -31.69 22.26 -4.72
CA THR H 247 -31.19 21.66 -3.49
C THR H 247 -32.27 20.90 -2.75
N ALA H 248 -33.52 21.38 -2.81
CA ALA H 248 -34.61 20.68 -2.13
C ALA H 248 -34.71 19.23 -2.59
N LEU H 249 -34.74 19.03 -3.90
CA LEU H 249 -35.02 17.71 -4.44
C LEU H 249 -33.92 16.69 -4.19
N ALA H 250 -32.77 17.07 -3.65
CA ALA H 250 -31.68 16.11 -3.50
C ALA H 250 -32.02 14.99 -2.54
N SER H 251 -32.85 15.27 -1.53
CA SER H 251 -33.28 14.20 -0.65
C SER H 251 -34.12 13.18 -1.40
N GLU H 252 -34.82 13.62 -2.45
CA GLU H 252 -35.71 12.77 -3.23
C GLU H 252 -35.00 11.86 -4.24
N TYR H 253 -33.76 12.16 -4.60
CA TYR H 253 -32.97 11.34 -5.50
C TYR H 253 -31.62 11.12 -4.85
N PRO H 254 -31.57 10.30 -3.80
CA PRO H 254 -30.31 10.14 -3.07
C PRO H 254 -29.27 9.37 -3.83
N ASP H 255 -29.66 8.59 -4.83
CA ASP H 255 -28.68 7.93 -5.68
C ASP H 255 -27.85 8.93 -6.49
N VAL H 256 -28.36 10.15 -6.67
CA VAL H 256 -27.76 11.13 -7.56
C VAL H 256 -26.87 12.06 -6.75
N GLU H 257 -25.66 12.28 -7.24
CA GLU H 257 -24.68 13.11 -6.56
C GLU H 257 -24.77 14.53 -7.10
N LEU H 258 -25.24 15.46 -6.27
CA LEU H 258 -25.54 16.82 -6.70
C LEU H 258 -24.45 17.81 -6.28
N SER H 259 -24.06 18.68 -7.21
CA SER H 259 -23.13 19.78 -6.97
C SER H 259 -23.62 21.02 -7.70
N HIS H 260 -23.17 22.17 -7.26
CA HIS H 260 -23.60 23.45 -7.81
C HIS H 260 -22.41 24.22 -8.36
N MET H 261 -22.60 24.90 -9.49
CA MET H 261 -21.52 25.64 -10.12
C MET H 261 -22.08 26.93 -10.72
N TYR H 262 -21.34 28.04 -10.59
CA TYR H 262 -21.77 29.29 -11.19
C TYR H 262 -21.52 29.30 -12.68
N VAL H 263 -22.29 30.12 -13.40
CA VAL H 263 -22.20 30.07 -14.85
C VAL H 263 -20.85 30.58 -15.34
N ASP H 264 -20.25 31.55 -14.65
CA ASP H 264 -18.94 32.00 -15.10
C ASP H 264 -17.93 30.86 -15.01
N ASN H 265 -17.99 30.08 -13.93
CA ASN H 265 -17.09 28.94 -13.79
C ASN H 265 -17.40 27.88 -14.82
N ALA H 266 -18.70 27.58 -15.02
CA ALA H 266 -19.07 26.47 -15.89
C ALA H 266 -18.53 26.69 -17.28
N ALA H 267 -18.67 27.90 -17.80
CA ALA H 267 -18.15 28.17 -19.12
C ALA H 267 -16.66 27.88 -19.20
N MET H 268 -15.90 28.25 -18.17
CA MET H 268 -14.49 27.92 -18.19
C MET H 268 -14.27 26.43 -17.96
N GLN H 269 -15.09 25.84 -17.10
CA GLN H 269 -14.89 24.43 -16.83
C GLN H 269 -15.13 23.60 -18.09
N LEU H 270 -16.13 23.96 -18.89
CA LEU H 270 -16.41 23.17 -20.08
C LEU H 270 -15.27 23.12 -21.07
N VAL H 271 -14.22 23.92 -20.90
CA VAL H 271 -13.02 23.82 -21.71
C VAL H 271 -11.83 23.28 -20.91
N ARG H 272 -11.77 23.53 -19.61
CA ARG H 272 -10.65 23.06 -18.79
C ARG H 272 -10.68 21.55 -18.69
N ASP H 273 -11.79 21.00 -18.19
CA ASP H 273 -11.91 19.57 -17.96
C ASP H 273 -13.36 19.20 -18.20
N PRO H 274 -13.78 19.15 -19.46
CA PRO H 274 -15.19 18.89 -19.73
C PRO H 274 -15.61 17.48 -19.42
N LYS H 275 -14.68 16.53 -19.34
CA LYS H 275 -15.08 15.18 -18.99
C LYS H 275 -15.72 15.11 -17.62
N GLN H 276 -15.54 16.14 -16.80
CA GLN H 276 -16.03 16.06 -15.44
C GLN H 276 -17.54 16.04 -15.41
N PHE H 277 -18.19 16.74 -16.31
CA PHE H 277 -19.63 16.86 -16.22
C PHE H 277 -20.28 15.60 -16.74
N ASP H 278 -21.32 15.16 -16.03
CA ASP H 278 -22.19 14.09 -16.50
C ASP H 278 -23.53 14.64 -16.99
N THR H 279 -24.28 15.27 -16.11
CA THR H 279 -25.54 15.93 -16.44
C THR H 279 -25.47 17.33 -15.88
N ILE H 280 -25.93 18.30 -16.68
CA ILE H 280 -26.00 19.70 -16.28
C ILE H 280 -27.44 20.18 -16.43
N VAL H 281 -27.94 20.83 -15.39
CA VAL H 281 -29.26 21.44 -15.44
C VAL H 281 -29.06 22.94 -15.27
N THR H 282 -29.71 23.71 -16.12
CA THR H 282 -29.64 25.15 -16.02
C THR H 282 -30.86 25.74 -16.69
N ASN H 283 -30.94 27.05 -16.67
CA ASN H 283 -32.12 27.75 -17.12
C ASN H 283 -32.01 28.07 -18.61
N ASN H 284 -32.98 28.82 -19.11
CA ASN H 284 -33.11 29.03 -20.54
C ASN H 284 -31.88 29.66 -21.14
N ILE H 285 -31.56 30.89 -20.70
CA ILE H 285 -30.51 31.67 -21.35
C ILE H 285 -29.16 30.97 -21.19
N PHE H 286 -28.85 30.49 -19.99
CA PHE H 286 -27.57 29.81 -19.80
C PHE H 286 -27.53 28.49 -20.56
N GLY H 287 -28.68 27.85 -20.73
CA GLY H 287 -28.71 26.66 -21.56
C GLY H 287 -28.33 26.95 -22.99
N ASP H 288 -28.93 27.99 -23.59
CA ASP H 288 -28.56 28.31 -24.96
C ASP H 288 -27.07 28.54 -25.06
N ILE H 289 -26.51 29.36 -24.16
CA ILE H 289 -25.11 29.76 -24.27
C ILE H 289 -24.19 28.56 -24.13
N LEU H 290 -24.37 27.80 -23.05
CA LEU H 290 -23.42 26.74 -22.73
C LEU H 290 -23.46 25.63 -23.77
N SER H 291 -24.66 25.17 -24.12
CA SER H 291 -24.76 24.01 -25.01
C SER H 291 -24.16 24.34 -26.35
N ASP H 292 -24.39 25.56 -26.81
CA ASP H 292 -23.79 25.98 -28.07
C ASP H 292 -22.28 26.01 -27.90
N GLU H 293 -21.81 26.41 -26.72
CA GLU H 293 -20.39 26.35 -26.46
C GLU H 293 -19.92 24.91 -26.51
N ALA H 294 -20.68 24.03 -25.87
CA ALA H 294 -20.30 22.63 -25.80
C ALA H 294 -20.29 21.97 -27.15
N SER H 295 -21.05 22.48 -28.11
CA SER H 295 -21.14 21.81 -29.40
C SER H 295 -19.77 21.62 -30.01
N MET H 296 -18.87 22.56 -29.79
CA MET H 296 -17.54 22.50 -30.38
C MET H 296 -16.69 21.43 -29.70
N ILE H 297 -17.06 20.95 -28.51
CA ILE H 297 -16.32 19.84 -27.90
C ILE H 297 -16.35 18.64 -28.84
N THR H 298 -17.53 18.34 -29.37
CA THR H 298 -17.76 17.16 -30.19
C THR H 298 -17.23 17.30 -31.61
N GLY H 299 -16.82 18.50 -32.03
CA GLY H 299 -16.26 18.64 -33.36
C GLY H 299 -16.90 19.72 -34.20
N SER H 300 -18.21 19.91 -34.04
CA SER H 300 -18.92 20.92 -34.79
C SER H 300 -20.27 21.14 -34.14
N ILE H 301 -20.87 22.28 -34.46
CA ILE H 301 -22.23 22.49 -33.99
C ILE H 301 -23.21 21.69 -34.81
N GLY H 302 -22.77 21.14 -35.93
CA GLY H 302 -23.63 20.34 -36.76
C GLY H 302 -23.75 18.91 -36.32
N MET H 303 -23.25 18.62 -35.12
CA MET H 303 -23.28 17.30 -34.54
C MET H 303 -24.23 17.21 -33.34
N LEU H 304 -24.54 18.34 -32.72
CA LEU H 304 -25.34 18.36 -31.50
C LEU H 304 -26.82 18.40 -31.82
N PRO H 305 -27.58 17.40 -31.39
CA PRO H 305 -29.04 17.40 -31.58
C PRO H 305 -29.76 17.86 -30.33
N SER H 306 -31.08 18.09 -30.40
CA SER H 306 -31.85 18.54 -29.25
C SER H 306 -33.25 17.95 -29.25
N ALA H 307 -33.67 17.50 -28.08
CA ALA H 307 -35.02 17.03 -27.82
C ALA H 307 -35.70 17.99 -26.87
N SER H 308 -36.94 18.35 -27.18
CA SER H 308 -37.77 19.14 -26.30
C SER H 308 -39.01 18.33 -25.97
N LEU H 309 -39.20 17.98 -24.70
CA LEU H 309 -40.20 17.00 -24.26
C LEU H 309 -41.24 17.65 -23.36
N SER H 310 -42.41 17.03 -23.28
CA SER H 310 -43.50 17.54 -22.46
C SER H 310 -44.16 16.39 -21.71
N ASP H 311 -44.93 16.73 -20.69
CA ASP H 311 -45.81 15.73 -20.11
C ASP H 311 -46.98 15.50 -21.07
N SER H 312 -47.13 14.26 -21.53
CA SER H 312 -48.23 13.88 -22.42
C SER H 312 -48.25 14.63 -23.75
N GLY H 313 -47.85 15.90 -23.80
CA GLY H 313 -47.95 16.66 -25.02
C GLY H 313 -46.85 16.23 -25.97
N PRO H 314 -47.09 16.34 -27.28
CA PRO H 314 -46.14 15.79 -28.26
C PRO H 314 -44.83 16.53 -28.27
N GLY H 315 -43.76 15.78 -28.49
CA GLY H 315 -42.44 16.35 -28.37
C GLY H 315 -41.93 17.03 -29.64
N LEU H 316 -40.95 17.91 -29.43
CA LEU H 316 -40.35 18.72 -30.48
C LEU H 316 -38.85 18.45 -30.56
N PHE H 317 -38.39 18.00 -31.72
CA PHE H 317 -37.02 17.55 -31.90
C PHE H 317 -36.30 18.45 -32.91
N GLU H 318 -35.12 18.91 -32.54
CA GLU H 318 -34.44 19.95 -33.31
C GLU H 318 -32.93 19.80 -33.17
N PRO H 319 -32.18 20.17 -34.20
CA PRO H 319 -30.74 20.29 -34.02
C PRO H 319 -30.43 21.64 -33.40
N ILE H 320 -29.35 21.69 -32.62
CA ILE H 320 -29.10 22.89 -31.85
C ILE H 320 -28.57 24.03 -32.70
N HIS H 321 -28.06 23.74 -33.89
CA HIS H 321 -27.54 24.80 -34.73
C HIS H 321 -28.67 25.63 -35.31
N GLY H 322 -28.30 26.74 -35.96
CA GLY H 322 -29.23 27.70 -36.49
C GLY H 322 -29.35 27.61 -38.00
N SER H 323 -30.00 28.62 -38.58
CA SER H 323 -30.21 28.70 -40.02
C SER H 323 -28.97 28.46 -40.86
N ALA H 324 -27.78 28.58 -40.28
CA ALA H 324 -26.52 28.68 -40.99
C ALA H 324 -26.69 29.48 -42.29
N PRO H 325 -27.16 30.72 -42.19
CA PRO H 325 -27.41 31.49 -43.40
C PRO H 325 -26.18 31.75 -44.24
N ASP H 326 -24.98 31.66 -43.71
CA ASP H 326 -23.89 31.92 -44.62
C ASP H 326 -23.61 30.76 -45.56
N ILE H 327 -24.30 29.63 -45.45
CA ILE H 327 -24.01 28.49 -46.31
C ILE H 327 -25.27 27.85 -46.89
N ALA H 328 -26.41 28.53 -46.76
CA ALA H 328 -27.69 27.98 -47.22
C ALA H 328 -27.66 27.73 -48.72
N GLY H 329 -28.19 26.59 -49.15
CA GLY H 329 -28.22 26.29 -50.55
C GLY H 329 -26.88 26.01 -51.16
N GLN H 330 -25.79 26.20 -50.43
CA GLN H 330 -24.48 25.81 -50.91
C GLN H 330 -24.26 24.31 -50.79
N ASP H 331 -25.16 23.61 -50.10
CA ASP H 331 -25.12 22.16 -49.94
C ASP H 331 -23.84 21.74 -49.24
N LYS H 332 -23.37 22.55 -48.31
CA LYS H 332 -22.23 22.16 -47.50
C LYS H 332 -22.61 21.77 -46.08
N ALA H 333 -23.81 22.13 -45.62
CA ALA H 333 -24.14 22.03 -44.21
C ALA H 333 -24.06 20.61 -43.68
N ASN H 334 -23.86 20.47 -42.37
CA ASN H 334 -23.78 19.16 -41.76
C ASN H 334 -25.17 18.71 -41.33
N PRO H 335 -25.66 17.61 -41.84
CA PRO H 335 -27.01 17.20 -41.46
C PRO H 335 -27.03 16.32 -40.24
N LEU H 336 -25.89 15.77 -39.85
CA LEU H 336 -25.88 14.73 -38.82
C LEU H 336 -26.66 15.13 -37.57
N ALA H 337 -26.45 16.34 -37.07
CA ALA H 337 -27.22 16.78 -35.91
C ALA H 337 -28.72 16.61 -36.15
N THR H 338 -29.18 16.97 -37.34
CA THR H 338 -30.60 16.82 -37.64
C THR H 338 -30.97 15.35 -37.78
N ILE H 339 -30.11 14.55 -38.41
CA ILE H 339 -30.34 13.11 -38.46
C ILE H 339 -30.41 12.54 -37.07
N LEU H 340 -29.50 12.97 -36.19
CA LEU H 340 -29.51 12.48 -34.82
C LEU H 340 -30.70 13.02 -34.07
N SER H 341 -31.22 14.17 -34.45
CA SER H 341 -32.48 14.60 -33.85
C SER H 341 -33.61 13.65 -34.24
N ALA H 342 -33.57 13.10 -35.45
CA ALA H 342 -34.59 12.13 -35.82
C ALA H 342 -34.48 10.87 -35.00
N ALA H 343 -33.27 10.44 -34.72
CA ALA H 343 -33.10 9.33 -33.80
C ALA H 343 -33.62 9.71 -32.42
N MET H 344 -33.31 10.92 -31.96
CA MET H 344 -33.85 11.36 -30.69
C MET H 344 -35.35 11.35 -30.70
N LEU H 345 -35.97 11.60 -31.86
CA LEU H 345 -37.42 11.53 -31.91
C LEU H 345 -37.92 10.11 -31.66
N LEU H 346 -37.28 9.11 -32.26
CA LEU H 346 -37.73 7.74 -32.02
C LEU H 346 -37.48 7.33 -30.58
N LYS H 347 -36.30 7.67 -30.06
CA LYS H 347 -35.92 7.23 -28.72
C LYS H 347 -36.82 7.82 -27.67
N TYR H 348 -37.03 9.12 -27.70
CA TYR H 348 -37.70 9.77 -26.59
C TYR H 348 -39.20 9.92 -26.79
N GLY H 349 -39.64 10.14 -28.02
CA GLY H 349 -41.03 10.46 -28.23
C GLY H 349 -41.87 9.27 -28.60
N LEU H 350 -41.30 8.35 -29.37
CA LEU H 350 -42.05 7.25 -29.92
C LEU H 350 -41.72 5.93 -29.26
N GLY H 351 -40.65 5.87 -28.47
CA GLY H 351 -40.32 4.65 -27.79
C GLY H 351 -39.81 3.55 -28.69
N GLU H 352 -39.54 3.84 -29.96
CA GLU H 352 -38.99 2.83 -30.87
C GLU H 352 -37.48 2.89 -30.71
N GLU H 353 -37.01 2.32 -29.60
CA GLU H 353 -35.60 2.46 -29.28
C GLU H 353 -34.73 1.74 -30.31
N LYS H 354 -35.15 0.55 -30.74
CA LYS H 354 -34.35 -0.19 -31.71
C LYS H 354 -34.21 0.60 -33.01
N ALA H 355 -35.30 1.21 -33.46
CA ALA H 355 -35.24 2.04 -34.65
C ALA H 355 -34.24 3.17 -34.47
N ALA H 356 -34.23 3.82 -33.31
CA ALA H 356 -33.27 4.88 -33.08
C ALA H 356 -31.84 4.36 -33.19
N LYS H 357 -31.59 3.16 -32.70
CA LYS H 357 -30.25 2.62 -32.80
C LYS H 357 -29.90 2.27 -34.23
N ARG H 358 -30.88 1.92 -35.07
CA ARG H 358 -30.56 1.76 -36.49
C ARG H 358 -30.02 3.05 -37.08
N ILE H 359 -30.61 4.20 -36.70
CA ILE H 359 -30.12 5.50 -37.15
C ILE H 359 -28.75 5.77 -36.60
N GLU H 360 -28.61 5.69 -35.28
CA GLU H 360 -27.32 5.96 -34.69
C GLU H 360 -26.26 5.06 -35.28
N ASP H 361 -26.56 3.77 -35.42
CA ASP H 361 -25.58 2.84 -35.95
C ASP H 361 -25.14 3.25 -37.34
N ALA H 362 -26.07 3.77 -38.13
CA ALA H 362 -25.77 4.17 -39.51
C ALA H 362 -24.87 5.38 -39.54
N VAL H 363 -25.18 6.38 -38.71
CA VAL H 363 -24.32 7.56 -38.61
C VAL H 363 -22.91 7.14 -38.22
N LEU H 364 -22.78 6.20 -37.30
CA LEU H 364 -21.46 5.74 -36.90
C LEU H 364 -20.71 5.02 -38.01
N VAL H 365 -21.39 4.13 -38.75
CA VAL H 365 -20.69 3.42 -39.82
C VAL H 365 -20.18 4.40 -40.86
N ALA H 366 -21.06 5.29 -41.30
CA ALA H 366 -20.66 6.24 -42.34
C ALA H 366 -19.40 6.97 -41.93
N LEU H 367 -19.30 7.35 -40.66
CA LEU H 367 -18.11 8.06 -40.20
C LEU H 367 -16.89 7.14 -40.24
N ASN H 368 -17.06 5.84 -40.01
CA ASN H 368 -15.95 4.92 -40.12
C ASN H 368 -15.42 4.85 -41.53
N ASN H 369 -16.26 5.18 -42.50
CA ASN H 369 -15.87 5.20 -43.88
C ASN H 369 -15.14 6.47 -44.28
N GLY H 370 -14.95 7.41 -43.36
CA GLY H 370 -14.18 8.61 -43.64
C GLY H 370 -15.01 9.81 -44.03
N PHE H 371 -16.32 9.68 -44.11
CA PHE H 371 -17.16 10.73 -44.66
C PHE H 371 -17.33 11.83 -43.64
N ARG H 372 -16.82 13.01 -43.93
CA ARG H 372 -16.98 14.16 -43.05
C ARG H 372 -17.55 15.32 -43.87
N THR H 373 -18.45 16.08 -43.28
CA THR H 373 -18.77 17.33 -43.93
C THR H 373 -17.67 18.34 -43.61
N GLY H 374 -17.80 19.53 -44.18
CA GLY H 374 -16.73 20.50 -44.05
C GLY H 374 -16.42 20.80 -42.61
N ASP H 375 -17.44 20.89 -41.76
CA ASP H 375 -17.20 21.30 -40.39
C ASP H 375 -16.51 20.23 -39.57
N ILE H 376 -16.49 18.99 -40.04
CA ILE H 376 -15.78 17.95 -39.31
C ILE H 376 -14.65 17.34 -40.13
N TYR H 377 -14.05 18.09 -41.05
CA TYR H 377 -12.99 17.50 -41.85
C TYR H 377 -11.73 17.36 -41.02
N SER H 378 -11.19 16.16 -40.97
CA SER H 378 -9.90 15.86 -40.37
C SER H 378 -9.02 15.21 -41.41
N ALA H 379 -7.71 15.18 -41.16
CA ALA H 379 -6.76 14.81 -42.20
C ALA H 379 -7.03 13.42 -42.74
N GLY H 380 -7.03 13.29 -44.07
CA GLY H 380 -7.19 11.98 -44.64
C GLY H 380 -8.58 11.42 -44.62
N THR H 381 -9.58 12.23 -44.32
CA THR H 381 -10.95 11.77 -44.44
C THR H 381 -11.49 12.17 -45.81
N LYS H 382 -12.75 11.83 -46.07
CA LYS H 382 -13.39 12.09 -47.35
C LYS H 382 -14.40 13.21 -47.15
N LEU H 383 -14.12 14.37 -47.71
CA LEU H 383 -14.98 15.53 -47.53
C LEU H 383 -16.19 15.44 -48.44
N VAL H 384 -17.38 15.54 -47.87
CA VAL H 384 -18.58 15.57 -48.68
C VAL H 384 -19.36 16.81 -48.34
N GLY H 385 -20.42 17.07 -49.10
CA GLY H 385 -21.20 18.24 -48.81
C GLY H 385 -22.33 17.92 -47.86
N CYS H 386 -23.58 17.97 -48.30
CA CYS H 386 -24.72 17.70 -47.43
C CYS H 386 -25.55 16.54 -47.95
N LYS H 387 -26.10 16.69 -49.15
CA LYS H 387 -26.95 15.67 -49.74
C LYS H 387 -26.21 14.35 -49.88
N GLU H 388 -25.10 14.36 -50.61
CA GLU H 388 -24.24 13.21 -50.81
C GLU H 388 -23.76 12.56 -49.52
N MET H 389 -23.90 13.23 -48.37
CA MET H 389 -23.60 12.64 -47.06
C MET H 389 -24.78 11.87 -46.53
N GLY H 390 -25.94 12.50 -46.41
CA GLY H 390 -27.12 11.77 -46.02
C GLY H 390 -27.37 10.54 -46.89
N GLU H 391 -27.17 10.68 -48.20
CA GLU H 391 -27.31 9.54 -49.10
C GLU H 391 -26.37 8.41 -48.70
N GLU H 392 -25.07 8.65 -48.72
CA GLU H 392 -24.10 7.61 -48.42
C GLU H 392 -23.90 7.41 -46.90
N VAL H 393 -24.84 7.96 -46.13
CA VAL H 393 -25.24 7.42 -44.83
C VAL H 393 -26.28 6.34 -45.01
N LEU H 394 -27.31 6.64 -45.80
CA LEU H 394 -28.43 5.71 -45.97
C LEU H 394 -27.99 4.34 -46.43
N LYS H 395 -26.93 4.24 -47.24
CA LYS H 395 -26.35 2.93 -47.53
C LYS H 395 -26.05 2.17 -46.26
N SER H 396 -25.52 2.87 -45.26
CA SER H 396 -25.21 2.23 -43.98
C SER H 396 -26.46 1.66 -43.32
N VAL H 397 -27.61 2.31 -43.48
CA VAL H 397 -28.83 1.71 -42.97
C VAL H 397 -29.02 0.33 -43.58
N ASP H 398 -28.83 0.22 -44.89
CA ASP H 398 -29.05 -1.02 -45.60
C ASP H 398 -27.79 -1.88 -45.68
PA NAD I . -2.48 -5.47 24.70
O1A NAD I . -3.79 -5.08 24.08
O2A NAD I . -2.89 -6.28 25.92
O5B NAD I . -1.76 -4.25 25.24
C5B NAD I . -2.09 -3.00 24.81
C4B NAD I . -1.49 -1.80 25.47
O4B NAD I . -2.46 -0.85 25.70
C3B NAD I . -0.96 -2.13 26.77
O3B NAD I . 0.10 -1.28 26.99
C2B NAD I . -2.01 -1.85 27.69
O2B NAD I . -1.47 -1.37 28.91
C1B NAD I . -2.86 -0.88 27.05
N9A NAD I . -4.20 -1.30 27.07
C8A NAD I . -4.65 -2.37 26.43
N7A NAD I . -5.96 -2.51 26.66
C5A NAD I . -6.37 -1.51 27.45
C6A NAD I . -7.61 -1.17 27.98
N6A NAD I . -8.74 -1.98 27.69
N1A NAD I . -7.72 -0.10 28.78
C2A NAD I . -6.62 0.62 29.02
N3A NAD I . -5.41 0.32 28.51
C4A NAD I . -5.25 -0.74 27.72
O3 NAD I . -1.51 -6.30 23.83
PN NAD I . -0.15 -6.77 24.45
O1N NAD I . 0.86 -6.88 23.32
O2N NAD I . 0.39 -5.74 25.41
O5D NAD I . -0.14 -8.19 25.22
C5D NAD I . -1.16 -8.67 26.08
C4D NAD I . -1.72 -10.03 25.94
O4D NAD I . -2.98 -10.06 25.24
C3D NAD I . -0.76 -10.79 25.16
O3D NAD I . -0.27 -11.91 25.83
C2D NAD I . -1.45 -11.26 24.01
O2D NAD I . -1.07 -12.61 23.99
C1D NAD I . -2.88 -11.01 24.23
N1N NAD I . -3.64 -10.67 23.01
C2N NAD I . -4.95 -10.72 23.12
C3N NAD I . -5.82 -10.46 22.07
C7N NAD I . -7.27 -10.59 22.51
O7N NAD I . -7.49 -11.32 23.43
N7N NAD I . -8.42 -9.90 21.98
C4N NAD I . -5.34 -10.15 20.76
C5N NAD I . -3.92 -10.12 20.69
C6N NAD I . -3.09 -10.39 21.80
S SO4 J . -6.27 -10.70 18.10
O1 SO4 J . -5.29 -10.50 17.07
O2 SO4 J . -7.52 -10.04 17.78
O3 SO4 J . -6.56 -12.12 18.06
O4 SO4 J . -5.74 -10.31 19.45
MG MG K . -4.91 -7.07 17.85
PA NAD L . 3.06 4.61 -3.11
O1A NAD L . 4.41 4.90 -2.49
O2A NAD L . 3.26 4.52 -4.62
O5B NAD L . 2.13 5.79 -2.77
C5B NAD L . 1.93 6.32 -1.54
C4B NAD L . 1.22 7.63 -1.55
O4B NAD L . 2.12 8.62 -1.25
C3B NAD L . 0.80 7.91 -2.92
O3B NAD L . -0.26 8.78 -2.96
C2B NAD L . 1.92 8.53 -3.52
O2B NAD L . 1.45 9.30 -4.60
C1B NAD L . 2.48 9.29 -2.42
N9A NAD L . 3.90 9.42 -2.56
C8A NAD L . 4.82 8.45 -2.63
N7A NAD L . 6.04 9.01 -2.77
C5A NAD L . 5.89 10.35 -2.78
C6A NAD L . 6.75 11.45 -2.90
N6A NAD L . 8.17 11.25 -3.05
N1A NAD L . 6.26 12.69 -2.90
C2A NAD L . 4.95 12.88 -2.76
N3A NAD L . 4.08 11.87 -2.64
C4A NAD L . 4.53 10.61 -2.65
O3 NAD L . 2.26 3.33 -2.73
PN NAD L . 1.31 2.69 -3.82
O1N NAD L . 0.27 1.80 -3.16
O2N NAD L . 0.59 3.74 -4.62
O5D NAD L . 2.21 1.91 -4.90
C5D NAD L . 2.19 2.29 -6.27
C4D NAD L . 3.14 1.62 -7.16
O4D NAD L . 4.46 1.57 -6.61
C3D NAD L . 2.70 0.23 -7.21
O3D NAD L . 2.74 -0.23 -8.53
C2D NAD L . 3.61 -0.48 -6.36
O2D NAD L . 3.71 -1.75 -6.88
C1D NAD L . 4.88 0.26 -6.39
N1N NAD L . 5.66 0.12 -5.14
C2N NAD L . 7.02 0.10 -5.07
C3N NAD L . 7.66 -0.03 -3.83
C7N NAD L . 9.15 -0.10 -3.59
O7N NAD L . 9.93 0.46 -4.35
N7N NAD L . 9.63 -0.84 -2.40
C4N NAD L . 6.87 -0.14 -2.68
C5N NAD L . 5.50 -0.11 -2.79
C6N NAD L . 4.90 0.03 -4.03
S SO4 M . 9.22 -2.38 -0.14
O1 SO4 M . 9.62 -1.55 -1.31
O2 SO4 M . 7.78 -2.40 -0.02
O3 SO4 M . 9.71 -3.72 -0.30
O4 SO4 M . 9.73 -1.89 1.10
MG MG N . 6.73 -0.02 1.12
PA NAD O . -13.26 30.80 -9.19
O1A NAD O . -13.06 32.07 -9.98
O2A NAD O . -12.91 31.08 -7.72
O5B NAD O . -12.26 29.75 -9.75
C5B NAD O . -12.70 28.58 -10.28
C4B NAD O . -11.75 27.45 -10.21
O4B NAD O . -10.63 27.82 -10.90
C3B NAD O . -11.32 27.30 -8.81
O3B NAD O . -11.92 26.19 -8.23
C2B NAD O . -9.91 27.17 -8.81
O2B NAD O . -9.50 25.84 -8.55
C1B NAD O . -9.49 27.63 -10.10
N9A NAD O . -8.81 28.86 -9.94
C8A NAD O . -9.41 30.05 -9.90
N7A NAD O . -8.46 30.99 -9.74
C5A NAD O . -7.25 30.40 -9.69
C6A NAD O . -5.93 30.86 -9.54
N6A NAD O . -5.66 32.26 -9.40
N1A NAD O . -4.91 29.99 -9.52
C2A NAD O . -5.17 28.68 -9.65
N3A NAD O . -6.42 28.21 -9.78
C4A NAD O . -7.47 29.04 -9.82
O3 NAD O . -14.70 30.26 -9.40
PN NAD O . -15.62 29.97 -8.19
O1N NAD O . -17.08 29.93 -8.62
O2N NAD O . -15.24 28.67 -7.54
O5D NAD O . -15.39 31.13 -7.12
C5D NAD O . -15.74 31.05 -5.77
C4D NAD O . -16.14 32.32 -5.16
O4D NAD O . -15.45 33.44 -5.72
C3D NAD O . -17.55 32.49 -5.47
O3D NAD O . -18.21 32.96 -4.35
C2D NAD O . -17.62 33.54 -6.42
O2D NAD O . -18.77 34.19 -5.99
C1D NAD O . -16.41 34.34 -6.20
N1N NAD O . -15.97 35.08 -7.39
C2N NAD O . -15.30 36.22 -7.24
C3N NAD O . -14.85 36.99 -8.32
C7N NAD O . -14.09 38.27 -8.04
O7N NAD O . -13.78 38.55 -6.88
N7N NAD O . -13.70 39.22 -9.06
C4N NAD O . -15.12 36.55 -9.62
C5N NAD O . -15.83 35.36 -9.74
C6N NAD O . -16.26 34.64 -8.63
S SO4 P . -17.38 38.84 -12.09
O1 SO4 P . -16.82 37.81 -12.97
O2 SO4 P . -17.99 39.86 -12.92
O3 SO4 P . -18.36 38.24 -11.16
O4 SO4 P . -16.29 39.48 -11.40
S SO4 Q . 13.96 30.14 -6.63
O1 SO4 Q . 14.72 30.68 -7.75
O2 SO4 Q . 12.54 30.54 -6.72
O3 SO4 Q . 14.33 28.69 -6.35
O4 SO4 Q . 14.47 30.97 -5.58
MG MG R . -28.20 28.22 -29.58
MG MG S . -16.36 35.80 -13.37
PA NAD T . 7.44 15.58 46.21
O1A NAD T . 6.52 15.71 47.41
O2A NAD T . 7.03 16.65 45.20
O5B NAD T . 7.25 14.20 45.59
C5B NAD T . 7.08 13.08 46.35
C4B NAD T . 6.56 11.92 45.58
O4B NAD T . 5.26 11.72 45.95
C3B NAD T . 6.52 12.31 44.18
O3B NAD T . 7.06 11.30 43.39
C2B NAD T . 5.14 12.53 43.85
O2B NAD T . 4.92 11.89 42.61
C1B NAD T . 4.39 11.87 44.85
N9A NAD T . 3.39 12.67 45.37
C8A NAD T . 3.67 13.73 46.10
N7A NAD T . 2.50 14.27 46.49
C5A NAD T . 1.49 13.53 46.02
C6A NAD T . 0.12 13.61 46.11
N6A NAD T . -0.49 14.69 46.84
N1A NAD T . -0.65 12.71 45.51
C2A NAD T . -0.06 11.73 44.83
N3A NAD T . 1.27 11.61 44.73
C4A NAD T . 2.06 12.50 45.32
O3 NAD T . 8.94 15.73 46.52
PN NAD T . 9.86 15.74 45.28
O1N NAD T . 11.20 15.11 45.61
O2N NAD T . 9.24 15.02 44.12
O5D NAD T . 10.10 17.27 44.84
C5D NAD T . 9.23 18.04 44.02
C4D NAD T . 9.17 19.47 44.31
O4D NAD T . 8.44 19.69 45.53
C3D NAD T . 10.55 19.80 44.57
O3D NAD T . 10.96 20.78 43.69
C2D NAD T . 10.61 20.29 45.91
O2D NAD T . 11.36 21.45 45.82
C1D NAD T . 9.22 20.53 46.33
N1N NAD T . 9.02 20.44 47.79
C2N NAD T . 8.05 21.19 48.33
C3N NAD T . 7.76 21.24 49.70
C7N NAD T . 6.60 22.16 50.00
O7N NAD T . 6.39 23.09 49.24
N7N NAD T . 5.68 22.02 51.10
C4N NAD T . 8.53 20.50 50.66
C5N NAD T . 9.54 19.73 50.03
C6N NAD T . 9.78 19.72 48.64
S SO4 U . 9.52 20.80 53.36
O1 SO4 U . 10.96 21.05 53.27
O2 SO4 U . 8.95 20.67 51.97
O3 SO4 U . 9.32 19.60 54.13
O4 SO4 U . 8.86 21.85 54.11
PA NAD V . 21.68 0.82 68.64
O1A NAD V . 22.35 0.47 67.35
O2A NAD V . 22.72 0.67 69.77
O5B NAD V . 20.48 -0.11 68.82
C5B NAD V . 19.22 0.36 68.53
C4B NAD V . 18.10 -0.62 68.55
O4B NAD V . 18.39 -1.72 67.76
C3B NAD V . 17.94 -1.19 69.88
O3B NAD V . 16.67 -1.70 70.02
C2B NAD V . 18.80 -2.31 69.92
O2B NAD V . 18.24 -3.14 70.89
C1B NAD V . 18.55 -2.84 68.61
N9A NAD V . 19.62 -3.63 68.15
C8A NAD V . 20.80 -3.16 67.72
N7A NAD V . 21.59 -4.17 67.35
C5A NAD V . 20.91 -5.31 67.54
C6A NAD V . 21.22 -6.66 67.33
N6A NAD V . 22.50 -7.05 66.81
N1A NAD V . 20.32 -7.59 67.61
C2A NAD V . 19.13 -7.21 68.09
N3A NAD V . 18.78 -5.94 68.31
C4A NAD V . 19.66 -4.97 68.05
O3 NAD V . 21.10 2.26 68.63
PN NAD V . 21.09 3.19 69.90
O1N NAD V . 20.36 4.49 69.58
O2N NAD V . 20.32 2.56 71.03
O5D NAD V . 22.62 3.46 70.31
C5D NAD V . 23.08 3.13 71.59
C4D NAD V . 24.50 3.34 71.84
O4D NAD V . 25.26 2.83 70.76
C3D NAD V . 24.80 4.77 71.92
O3D NAD V . 25.73 5.03 72.93
C2D NAD V . 25.43 5.11 70.69
O2D NAD V . 26.40 6.03 71.05
C1D NAD V . 26.05 3.85 70.22
N1N NAD V . 26.04 3.76 68.77
C2N NAD V . 27.13 3.33 68.09
C3N NAD V . 27.07 3.26 66.70
C7N NAD V . 28.23 2.82 65.85
O7N NAD V . 29.07 2.07 66.32
N7N NAD V . 28.33 3.35 64.48
C4N NAD V . 25.90 3.64 66.03
C5N NAD V . 24.80 4.08 66.76
C6N NAD V . 24.90 4.13 68.16
S SO4 W . 27.40 5.27 62.69
O1 SO4 W . 28.40 5.57 61.68
O2 SO4 W . 26.20 4.84 62.00
O3 SO4 W . 27.95 4.21 63.57
O4 SO4 W . 27.09 6.47 63.47
MG MG X . 24.35 5.18 63.02
MG MG Y . 9.90 16.99 53.40
PA NAD Z . 12.14 -37.53 -32.86
O1A NAD Z . 12.61 -36.71 -34.01
O2A NAD Z . 12.72 -36.89 -31.58
O5B NAD Z . 12.80 -38.88 -33.07
C5B NAD Z . 13.52 -39.03 -34.18
C4B NAD Z . 14.31 -40.26 -34.17
O4B NAD Z . 15.57 -39.93 -34.56
C3B NAD Z . 14.43 -40.74 -32.79
O3B NAD Z . 14.54 -42.12 -32.77
C2B NAD Z . 15.66 -40.28 -32.28
O2B NAD Z . 16.23 -41.39 -31.61
C1B NAD Z . 16.42 -39.91 -33.44
N9A NAD Z . 16.94 -38.61 -33.31
C8A NAD Z . 16.24 -37.48 -33.16
N7A NAD Z . 17.10 -36.45 -33.08
C5A NAD Z . 18.36 -36.94 -33.18
C6A NAD Z . 19.63 -36.38 -33.16
N6A NAD Z . 19.78 -34.97 -33.01
N1A NAD Z . 20.71 -37.14 -33.29
C2A NAD Z . 20.56 -38.46 -33.43
N3A NAD Z . 19.36 -39.04 -33.46
C4A NAD Z . 18.25 -38.31 -33.33
O3 NAD Z . 10.59 -37.60 -32.86
PN NAD Z . 9.84 -38.57 -31.90
O1N NAD Z . 8.53 -38.95 -32.56
O2N NAD Z . 10.66 -39.83 -31.71
O5D NAD Z . 9.54 -37.98 -30.42
C5D NAD Z . 10.13 -36.86 -29.80
C4D NAD Z . 9.26 -35.80 -29.27
O4D NAD Z . 9.43 -34.59 -30.03
C3D NAD Z . 7.86 -36.17 -29.39
O3D NAD Z . 7.21 -35.90 -28.20
C2D NAD Z . 7.28 -35.28 -30.37
O2D NAD Z . 6.07 -34.95 -29.78
C1D NAD Z . 8.16 -34.11 -30.41
N1N NAD Z . 8.19 -33.20 -31.60
C2N NAD Z . 9.09 -32.22 -31.45
C3N NAD Z . 9.28 -31.25 -32.41
C7N NAD Z . 10.32 -30.21 -32.14
O7N NAD Z . 10.58 -29.92 -30.97
N7N NAD Z . 11.05 -29.51 -33.18
C4N NAD Z . 8.51 -31.26 -33.60
C5N NAD Z . 7.53 -32.27 -33.77
C6N NAD Z . 7.40 -33.24 -32.73
S SO4 AA . 7.02 -30.48 -35.94
O1 SO4 AA . 7.79 -30.81 -37.13
O2 SO4 AA . 5.61 -30.39 -36.26
O3 SO4 AA . 7.20 -31.50 -34.87
O4 SO4 AA . 7.48 -29.16 -35.57
MG MG BA . 8.95 -32.59 -37.46
PA NAD CA . 1.02 -41.22 -60.49
O1A NAD CA . 0.98 -42.62 -59.95
O2A NAD CA . 0.08 -41.11 -61.71
O5B NAD CA . 2.42 -40.90 -61.04
C5B NAD CA . 3.51 -41.43 -60.43
C4B NAD CA . 4.78 -41.49 -61.20
O4B NAD CA . 5.09 -42.81 -61.35
C3B NAD CA . 4.62 -41.01 -62.57
O3B NAD CA . 5.85 -40.88 -63.19
C2B NAD CA . 3.95 -42.09 -63.19
O2B NAD CA . 4.29 -42.02 -64.54
C1B NAD CA . 4.67 -43.19 -62.65
N9A NAD CA . 3.91 -44.38 -62.60
C8A NAD CA . 2.74 -44.62 -62.00
N7A NAD CA . 2.39 -45.91 -62.23
C5A NAD CA . 3.36 -46.47 -62.97
C6A NAD CA . 3.57 -47.74 -63.50
N6A NAD CA . 2.58 -48.77 -63.27
N1A NAD CA . 4.67 -47.98 -64.22
C2A NAD CA . 5.57 -47.00 -64.41
N3A NAD CA . 5.42 -45.76 -63.92
C4A NAD CA . 4.32 -45.50 -63.20
O3 NAD CA . 0.65 -40.14 -59.44
PN NAD CA . 0.25 -38.74 -60.02
O1N NAD CA . 0.48 -37.62 -59.02
O2N NAD CA . 1.05 -38.46 -61.27
O5D NAD CA . -1.31 -38.89 -60.38
C5D NAD CA . -1.76 -38.64 -61.68
C4D NAD CA . -3.21 -38.76 -62.00
O4D NAD CA . -3.79 -39.98 -61.53
C3D NAD CA . -3.94 -37.69 -61.36
O3D NAD CA . -5.00 -37.25 -62.15
C2D NAD CA . -4.48 -38.28 -60.18
O2D NAD CA . -5.64 -37.61 -59.85
C1D NAD CA . -4.71 -39.70 -60.51
N1N NAD CA . -4.43 -40.50 -59.34
C2N NAD CA . -5.10 -41.64 -59.05
C3N NAD CA . -4.76 -42.34 -57.89
C7N NAD CA . -5.40 -43.58 -57.39
O7N NAD CA . -6.06 -44.36 -58.07
N7N NAD CA . -5.23 -43.81 -55.95
C4N NAD CA . -3.78 -41.87 -57.01
C5N NAD CA . -3.11 -40.70 -57.35
C6N NAD CA . -3.45 -40.03 -58.53
S SO4 DA . -4.68 -43.18 -53.34
O1 SO4 DA . -3.52 -43.17 -54.31
O2 SO4 DA . -5.95 -42.86 -54.13
O3 SO4 DA . -4.83 -44.54 -52.94
O4 SO4 DA . -4.49 -42.09 -52.47
PA NAD EA . -25.77 29.49 -36.49
O1A NAD EA . -25.97 28.29 -35.60
O2A NAD EA . -27.01 29.64 -37.41
O5B NAD EA . -24.53 29.24 -37.36
C5B NAD EA . -23.39 29.03 -36.67
C4B NAD EA . -22.12 28.94 -37.43
O4B NAD EA . -21.72 27.65 -37.61
C3B NAD EA . -22.27 29.43 -38.77
O3B NAD EA . -20.99 29.62 -39.23
C2B NAD EA . -22.77 28.33 -39.48
O2B NAD EA . -22.28 28.42 -40.79
C1B NAD EA . -22.13 27.22 -38.88
N9A NAD EA . -23.10 26.22 -38.82
C8A NAD EA . -24.26 26.29 -38.16
N7A NAD EA . -24.93 25.14 -38.35
C5A NAD EA . -24.20 24.34 -39.15
C6A NAD EA . -24.36 23.07 -39.70
N6A NAD EA . -25.55 22.32 -39.42
N1A NAD EA . -23.42 22.52 -40.46
C2A NAD EA . -22.31 23.24 -40.72
N3A NAD EA . -22.11 24.48 -40.23
C4A NAD EA . -23.03 25.04 -39.45
O3 NAD EA . -25.51 30.77 -35.65
PN NAD EA . -25.74 32.21 -36.23
O1N NAD EA . -25.16 33.26 -35.28
O2N NAD EA . -25.11 32.34 -37.60
O5D NAD EA . -27.31 32.46 -36.38
C5D NAD EA . -27.88 32.70 -37.64
C4D NAD EA . -29.29 32.36 -37.72
O4D NAD EA . -29.51 31.15 -36.99
C3D NAD EA . -30.02 33.43 -37.03
O3D NAD EA . -31.12 33.88 -37.78
C2D NAD EA . -30.48 32.85 -35.81
O2D NAD EA . -31.72 33.40 -35.57
C1D NAD EA . -30.55 31.40 -36.08
N1N NAD EA . -30.58 30.59 -34.85
C2N NAD EA . -31.49 29.63 -34.82
C3N NAD EA . -31.68 28.80 -33.72
C7N NAD EA . -32.80 27.83 -33.99
O7N NAD EA . -33.61 28.11 -34.85
N7N NAD EA . -32.93 26.58 -33.28
C4N NAD EA . -30.93 28.93 -32.51
C5N NAD EA . -29.95 29.95 -32.61
C6N NAD EA . -29.79 30.78 -33.76
S SO4 FA . -20.77 7.65 -53.20
O1 SO4 FA . -19.88 8.11 -54.30
O2 SO4 FA . -22.11 8.28 -53.05
O3 SO4 FA . -20.94 6.19 -53.27
O4 SO4 FA . -20.15 8.07 -51.97
S SO4 GA . -31.63 28.53 -29.73
O1 SO4 GA . -31.19 28.77 -31.15
O2 SO4 GA . -33.07 28.68 -29.56
O3 SO4 GA . -31.31 27.17 -29.32
O4 SO4 GA . -30.97 29.45 -28.80
#